data_1YE9
#
_entry.id   1YE9
#
_cell.length_a   111.011
_cell.length_b   152.888
_cell.length_c   135.287
_cell.angle_alpha   90.00
_cell.angle_beta   97.54
_cell.angle_gamma   90.00
#
_symmetry.space_group_name_H-M   'P 1 21 1'
#
loop_
_entity.id
_entity.type
_entity.pdbx_description
1 polymer 'catalase HPII'
2 polymer 'catalase HPII'
3 non-polymer 'CIS-HEME D HYDROXYCHLORIN GAMMA-SPIROLACTONE'
4 water water
#
loop_
_entity_poly.entity_id
_entity_poly.type
_entity_poly.pdbx_seq_one_letter_code
_entity_poly.pdbx_strand_id
1 'polypeptide(L)'
;SENYALTTNQGVRIADDQNSLRAGSRGPTLLEDFILREKITHFDHERIPERIVHARGSAAHGYFQPYKSLSDITKADFLS
DPNKITPVFVRFSTVQGGAGSADTVRDIRGFATKFYTEEGIFDLVGNNTPIFFIQDAHKFPDFVHAVKPEPHWAIPQGQS
AHDTFWDYVSLQPETLHNVMWAMSDRGIPRSYRTMEGFGIHTFRLINAEGKATFVRFHWKPLAGKA
;
A,B,C,D,I,J,K,L
2 'polypeptide(L)'
;KLTGRDPDFHRRELWEAIEAGDFPEYELGFQLIPEEDEFKFDFDLLDPTKLIPEELVPVQRVGKMVLNRNPDNFFAENEQ
AAFHPGHIVPGLDFTNDPLLQGRLFSYTDTQISRLGGPNFHEIPINRPTCPYHNFQRDGMHRMGIDTNPANYEPNSINDN
WPRETPPGPKRGGFESYQERVEGNKVRERSPSFGEYYSHPRLFWLSQTPFEQRHIVDGFSFELSKVVRPYIRERVVDQLA
HIDLTLAQAVAKNLGIELT
;
E,F,G,H,M,N,O,P
#
# COMPACT_ATOMS: atom_id res chain seq x y z
N SER A 1 -14.48 -25.64 -13.01
CA SER A 1 -15.36 -25.87 -11.82
C SER A 1 -14.56 -25.83 -10.50
N GLU A 2 -13.25 -26.05 -10.59
CA GLU A 2 -12.38 -26.08 -9.39
C GLU A 2 -11.10 -25.25 -9.60
N ASN A 3 -11.00 -24.11 -8.95
CA ASN A 3 -9.98 -23.12 -9.28
C ASN A 3 -8.53 -23.42 -8.86
N TYR A 4 -7.66 -23.67 -9.83
CA TYR A 4 -6.23 -23.87 -9.58
C TYR A 4 -5.39 -22.80 -10.25
N ALA A 5 -4.15 -22.62 -9.77
CA ALA A 5 -3.17 -21.76 -10.43
C ALA A 5 -2.66 -22.27 -11.79
N LEU A 6 -2.38 -21.35 -12.70
CA LEU A 6 -1.78 -21.72 -13.95
C LEU A 6 -0.30 -22.01 -13.71
N THR A 7 0.19 -23.14 -14.21
CA THR A 7 1.59 -23.54 -14.01
C THR A 7 2.29 -24.09 -15.22
N THR A 8 3.58 -24.36 -15.08
CA THR A 8 4.29 -25.11 -16.07
C THR A 8 3.96 -26.54 -15.80
N ASN A 9 4.44 -27.43 -16.66
CA ASN A 9 4.19 -28.83 -16.43
C ASN A 9 5.04 -29.28 -15.28
N GLN A 10 5.90 -28.40 -14.80
CA GLN A 10 6.71 -28.76 -13.61
C GLN A 10 6.11 -28.22 -12.33
N GLY A 11 4.93 -27.64 -12.44
CA GLY A 11 4.21 -27.17 -11.28
C GLY A 11 4.65 -25.82 -10.73
N VAL A 12 5.18 -24.96 -11.59
CA VAL A 12 5.75 -23.68 -11.18
C VAL A 12 4.79 -22.60 -11.56
N ARG A 13 4.35 -21.79 -10.62
CA ARG A 13 3.21 -20.92 -10.93
C ARG A 13 3.64 -19.85 -11.92
N ILE A 14 2.76 -19.55 -12.88
CA ILE A 14 3.06 -18.55 -13.91
C ILE A 14 2.51 -17.16 -13.52
N ALA A 15 3.35 -16.15 -13.61
CA ALA A 15 2.95 -14.83 -13.22
C ALA A 15 2.39 -14.09 -14.41
N ASP A 16 3.13 -14.05 -15.51
CA ASP A 16 2.63 -13.43 -16.72
C ASP A 16 2.67 -14.49 -17.81
N ASP A 17 1.51 -14.73 -18.45
CA ASP A 17 1.35 -15.68 -19.54
C ASP A 17 0.87 -14.85 -20.72
N GLN A 18 1.45 -13.66 -20.89
CA GLN A 18 1.08 -12.81 -22.02
C GLN A 18 2.31 -12.30 -22.75
N ASN A 19 3.51 -12.54 -22.22
CA ASN A 19 4.70 -12.04 -22.88
C ASN A 19 5.83 -12.97 -22.74
N SER A 20 6.80 -12.88 -23.62
CA SER A 20 8.01 -13.66 -23.46
C SER A 20 8.93 -12.83 -22.62
N LEU A 21 10.02 -13.44 -22.21
CA LEU A 21 11.05 -12.71 -21.52
C LEU A 21 12.00 -12.11 -22.55
N ARG A 22 12.15 -10.80 -22.52
CA ARG A 22 13.07 -10.12 -23.41
C ARG A 22 13.97 -9.14 -22.62
N ALA A 23 14.97 -8.58 -23.30
CA ALA A 23 15.81 -7.52 -22.76
C ALA A 23 15.17 -6.21 -23.16
N GLY A 24 14.42 -5.61 -22.24
CA GLY A 24 13.68 -4.41 -22.54
C GLY A 24 12.38 -4.71 -23.24
N SER A 25 11.31 -3.99 -22.95
CA SER A 25 10.07 -4.33 -23.57
C SER A 25 10.11 -4.24 -25.09
N ARG A 26 11.24 -3.81 -25.65
CA ARG A 26 11.32 -3.74 -27.09
C ARG A 26 12.48 -4.56 -27.57
N GLY A 27 12.94 -5.46 -26.73
CA GLY A 27 14.17 -6.14 -27.02
C GLY A 27 13.90 -7.52 -27.53
N PRO A 28 14.97 -8.29 -27.71
CA PRO A 28 14.92 -9.64 -28.26
C PRO A 28 14.57 -10.67 -27.17
N THR A 29 13.98 -11.79 -27.56
CA THR A 29 13.62 -12.82 -26.59
C THR A 29 14.82 -13.59 -26.05
N LEU A 30 14.89 -13.77 -24.73
CA LEU A 30 16.03 -14.51 -24.17
C LEU A 30 15.81 -16.01 -24.19
N LEU A 31 16.86 -16.74 -24.50
CA LEU A 31 16.79 -18.17 -24.52
C LEU A 31 16.38 -18.71 -23.13
N GLU A 32 16.67 -17.95 -22.07
CA GLU A 32 16.39 -18.47 -20.74
C GLU A 32 14.94 -18.39 -20.34
N ASP A 33 14.05 -17.96 -21.22
CA ASP A 33 12.66 -17.97 -20.82
C ASP A 33 12.07 -19.37 -20.91
N PHE A 34 12.20 -20.15 -19.85
CA PHE A 34 11.86 -21.57 -19.88
C PHE A 34 10.37 -21.85 -19.92
N ILE A 35 9.60 -20.85 -19.50
CA ILE A 35 8.11 -20.90 -19.51
C ILE A 35 7.58 -20.86 -20.95
N LEU A 36 8.13 -19.95 -21.74
CA LEU A 36 7.95 -19.95 -23.17
C LEU A 36 8.21 -21.30 -23.83
N ARG A 37 9.46 -21.69 -23.85
CA ARG A 37 9.79 -22.87 -24.60
C ARG A 37 8.98 -24.10 -24.18
N GLU A 38 8.67 -24.24 -22.90
CA GLU A 38 7.83 -25.38 -22.53
C GLU A 38 6.50 -25.24 -23.22
N LYS A 39 5.92 -24.06 -23.20
CA LYS A 39 4.59 -23.86 -23.79
C LYS A 39 4.62 -24.13 -25.29
N ILE A 40 5.63 -23.58 -25.96
CA ILE A 40 5.75 -23.73 -27.40
C ILE A 40 6.09 -25.18 -27.68
N THR A 41 7.07 -25.74 -26.97
CA THR A 41 7.42 -27.14 -27.20
C THR A 41 6.21 -28.06 -27.12
N HIS A 42 5.43 -27.93 -26.07
CA HIS A 42 4.27 -28.74 -26.05
C HIS A 42 3.39 -28.49 -27.29
N PHE A 43 3.23 -27.24 -27.66
CA PHE A 43 2.39 -26.95 -28.77
C PHE A 43 3.02 -27.52 -30.05
N ASP A 44 4.35 -27.46 -30.13
CA ASP A 44 5.05 -27.95 -31.31
C ASP A 44 4.95 -29.45 -31.53
N HIS A 45 4.63 -30.21 -30.49
CA HIS A 45 4.54 -31.68 -30.62
C HIS A 45 3.13 -32.24 -30.38
N GLU A 46 2.13 -31.39 -30.62
CA GLU A 46 0.78 -31.74 -30.31
C GLU A 46 0.19 -32.89 -31.15
N ARG A 47 0.58 -33.01 -32.40
CA ARG A 47 -0.08 -33.98 -33.29
C ARG A 47 0.63 -35.30 -33.31
N ILE A 48 -0.17 -36.35 -33.45
CA ILE A 48 0.32 -37.70 -33.65
C ILE A 48 -0.26 -38.21 -34.97
N PRO A 49 0.39 -39.19 -35.58
CA PRO A 49 -0.07 -39.70 -36.87
C PRO A 49 -1.53 -40.07 -36.77
N GLU A 50 -2.32 -39.80 -37.80
CA GLU A 50 -3.71 -40.23 -37.84
C GLU A 50 -3.81 -41.73 -38.20
N ARG A 51 -4.97 -42.34 -38.00
CA ARG A 51 -5.17 -43.72 -38.47
C ARG A 51 -4.90 -43.89 -40.00
N ILE A 52 -4.27 -44.97 -40.41
CA ILE A 52 -3.99 -45.14 -41.84
C ILE A 52 -5.32 -45.10 -42.58
N VAL A 53 -6.33 -45.71 -42.01
CA VAL A 53 -7.67 -45.65 -42.55
C VAL A 53 -8.61 -45.41 -41.39
N HIS A 54 -9.85 -45.06 -41.69
CA HIS A 54 -10.79 -44.61 -40.67
C HIS A 54 -10.18 -43.51 -39.83
N ALA A 55 -9.41 -42.64 -40.43
CA ALA A 55 -8.87 -41.54 -39.68
C ALA A 55 -9.96 -40.63 -39.08
N ARG A 56 -11.14 -40.63 -39.65
CA ARG A 56 -12.17 -39.68 -39.25
C ARG A 56 -13.21 -40.36 -38.38
N GLY A 57 -13.28 -40.00 -37.10
CA GLY A 57 -14.18 -40.71 -36.21
C GLY A 57 -14.88 -39.92 -35.12
N SER A 58 -15.82 -40.56 -34.46
CA SER A 58 -16.58 -39.95 -33.38
C SER A 58 -17.02 -41.05 -32.46
N ALA A 59 -16.85 -40.84 -31.17
CA ALA A 59 -16.92 -41.96 -30.27
C ALA A 59 -17.56 -41.56 -28.96
N ALA A 60 -18.12 -42.55 -28.26
CA ALA A 60 -18.75 -42.30 -26.97
C ALA A 60 -18.72 -43.51 -26.08
N HIS A 61 -18.80 -43.27 -24.78
CA HIS A 61 -18.78 -44.32 -23.76
C HIS A 61 -20.16 -44.83 -23.52
N GLY A 62 -20.28 -46.09 -23.20
CA GLY A 62 -21.57 -46.65 -22.94
C GLY A 62 -21.39 -47.95 -22.19
N TYR A 63 -22.43 -48.78 -22.24
CA TYR A 63 -22.41 -50.08 -21.56
C TYR A 63 -23.15 -51.12 -22.38
N PHE A 64 -23.08 -52.36 -21.93
CA PHE A 64 -23.74 -53.47 -22.60
C PHE A 64 -24.09 -54.58 -21.63
N GLN A 65 -25.14 -55.31 -22.00
CA GLN A 65 -25.56 -56.46 -21.24
C GLN A 65 -26.32 -57.38 -22.16
N PRO A 66 -26.19 -58.68 -21.93
CA PRO A 66 -26.84 -59.68 -22.78
C PRO A 66 -28.21 -59.99 -22.25
N TYR A 67 -29.03 -60.58 -23.07
CA TYR A 67 -30.42 -60.80 -22.68
C TYR A 67 -30.53 -62.05 -21.80
N LYS A 68 -29.68 -63.02 -22.03
CA LYS A 68 -29.70 -64.25 -21.27
C LYS A 68 -28.36 -64.89 -21.41
N SER A 69 -27.97 -65.72 -20.45
CA SER A 69 -26.68 -66.39 -20.54
C SER A 69 -26.49 -67.19 -21.83
N LEU A 70 -25.39 -66.97 -22.55
CA LEU A 70 -25.08 -67.71 -23.76
C LEU A 70 -24.08 -68.83 -23.49
N SER A 71 -24.06 -69.32 -22.25
CA SER A 71 -23.05 -70.27 -21.81
C SER A 71 -23.15 -71.55 -22.60
N ASP A 72 -24.31 -71.77 -23.21
CA ASP A 72 -24.51 -72.96 -24.01
C ASP A 72 -23.70 -72.95 -25.28
N ILE A 73 -23.45 -71.78 -25.84
CA ILE A 73 -22.71 -71.71 -27.09
C ILE A 73 -21.33 -71.09 -27.00
N THR A 74 -21.04 -70.40 -25.88
CA THR A 74 -19.74 -69.77 -25.63
C THR A 74 -19.50 -69.58 -24.16
N LYS A 75 -18.24 -69.70 -23.77
CA LYS A 75 -17.82 -69.53 -22.38
C LYS A 75 -17.35 -68.11 -22.14
N ALA A 76 -17.54 -67.24 -23.11
CA ALA A 76 -17.14 -65.86 -22.99
C ALA A 76 -17.87 -65.12 -21.85
N ASP A 77 -17.10 -64.55 -20.91
CA ASP A 77 -17.68 -64.02 -19.67
C ASP A 77 -18.68 -62.89 -19.85
N PHE A 78 -18.40 -61.99 -20.79
CA PHE A 78 -19.25 -60.81 -20.94
C PHE A 78 -20.65 -61.13 -21.43
N LEU A 79 -20.85 -62.36 -21.86
CA LEU A 79 -22.13 -62.85 -22.37
C LEU A 79 -22.77 -63.91 -21.45
N SER A 80 -22.36 -63.99 -20.19
CA SER A 80 -22.72 -65.13 -19.36
C SER A 80 -23.78 -64.89 -18.32
N ASP A 81 -24.31 -63.68 -18.30
CA ASP A 81 -25.24 -63.30 -17.27
C ASP A 81 -25.78 -61.93 -17.60
N PRO A 82 -27.09 -61.83 -17.75
CA PRO A 82 -27.74 -60.58 -18.11
C PRO A 82 -27.53 -59.48 -17.08
N ASN A 83 -27.11 -59.86 -15.88
CA ASN A 83 -26.89 -58.89 -14.83
C ASN A 83 -25.50 -58.30 -14.89
N LYS A 84 -24.60 -58.95 -15.63
CA LYS A 84 -23.22 -58.46 -15.77
C LYS A 84 -23.11 -57.35 -16.80
N ILE A 85 -22.85 -56.14 -16.33
CA ILE A 85 -22.76 -55.02 -17.23
C ILE A 85 -21.32 -54.77 -17.68
N THR A 86 -21.14 -54.68 -18.98
CA THR A 86 -19.82 -54.44 -19.50
C THR A 86 -19.75 -53.02 -19.99
N PRO A 87 -18.79 -52.23 -19.51
CA PRO A 87 -18.58 -50.90 -20.08
C PRO A 87 -18.13 -50.97 -21.53
N VAL A 88 -18.48 -49.99 -22.33
CA VAL A 88 -17.92 -49.99 -23.68
C VAL A 88 -17.46 -48.62 -24.15
N PHE A 89 -16.70 -48.61 -25.22
CA PHE A 89 -16.33 -47.37 -25.85
C PHE A 89 -16.47 -47.67 -27.33
N VAL A 90 -17.14 -46.79 -28.07
CA VAL A 90 -17.52 -47.10 -29.44
C VAL A 90 -17.12 -45.98 -30.40
N ARG A 91 -16.39 -46.32 -31.46
CA ARG A 91 -15.99 -45.30 -32.41
C ARG A 91 -16.63 -45.55 -33.78
N PHE A 92 -17.35 -44.55 -34.28
CA PHE A 92 -17.85 -44.64 -35.64
C PHE A 92 -16.89 -43.83 -36.48
N SER A 93 -16.75 -44.19 -37.77
CA SER A 93 -15.78 -43.55 -38.67
C SER A 93 -16.19 -43.61 -40.13
N THR A 94 -15.48 -42.88 -40.97
CA THR A 94 -15.54 -43.11 -42.41
C THR A 94 -14.31 -43.93 -42.68
N VAL A 95 -14.00 -44.22 -43.95
CA VAL A 95 -12.81 -45.00 -44.28
C VAL A 95 -11.75 -44.14 -44.95
N GLN A 96 -12.07 -43.58 -46.12
CA GLN A 96 -11.04 -42.96 -46.93
C GLN A 96 -10.33 -41.72 -46.33
N GLY A 97 -11.12 -40.72 -45.95
CA GLY A 97 -10.60 -39.39 -45.64
C GLY A 97 -9.88 -39.28 -44.33
N GLY A 98 -9.17 -38.17 -44.18
CA GLY A 98 -8.31 -37.93 -43.04
C GLY A 98 -9.06 -37.39 -41.85
N ALA A 99 -8.32 -36.99 -40.81
CA ALA A 99 -8.93 -36.63 -39.53
C ALA A 99 -9.86 -35.44 -39.69
N GLY A 100 -9.48 -34.51 -40.56
CA GLY A 100 -10.23 -33.29 -40.75
C GLY A 100 -11.17 -33.31 -41.96
N SER A 101 -11.40 -34.50 -42.53
CA SER A 101 -12.30 -34.68 -43.66
C SER A 101 -13.75 -34.61 -43.18
N ALA A 102 -14.69 -34.70 -44.11
CA ALA A 102 -16.08 -34.51 -43.75
C ALA A 102 -16.77 -35.81 -43.33
N ASP A 103 -17.94 -35.69 -42.73
CA ASP A 103 -18.69 -36.83 -42.20
C ASP A 103 -19.59 -37.30 -43.28
N THR A 104 -20.10 -36.34 -44.04
CA THR A 104 -21.18 -36.63 -44.96
C THR A 104 -20.64 -36.91 -46.35
N VAL A 105 -19.94 -38.02 -46.45
CA VAL A 105 -19.34 -38.42 -47.69
C VAL A 105 -19.94 -39.75 -48.06
N ARG A 106 -19.72 -40.19 -49.30
CA ARG A 106 -20.21 -41.48 -49.73
C ARG A 106 -19.02 -42.39 -49.51
N ASP A 107 -19.15 -43.30 -48.55
CA ASP A 107 -18.08 -44.15 -48.09
C ASP A 107 -18.68 -45.23 -47.23
N ILE A 108 -17.98 -46.34 -47.07
CA ILE A 108 -18.33 -47.27 -46.00
C ILE A 108 -18.16 -46.55 -44.62
N ARG A 109 -18.86 -46.96 -43.59
CA ARG A 109 -18.52 -46.48 -42.26
C ARG A 109 -17.91 -47.54 -41.35
N GLY A 110 -16.99 -47.14 -40.49
CA GLY A 110 -16.59 -48.03 -39.41
C GLY A 110 -17.56 -48.04 -38.22
N PHE A 111 -17.61 -49.14 -37.49
CA PHE A 111 -18.44 -49.22 -36.29
C PHE A 111 -17.71 -50.06 -35.28
N ALA A 112 -16.78 -49.45 -34.52
CA ALA A 112 -15.88 -50.22 -33.68
C ALA A 112 -16.25 -50.14 -32.21
N THR A 113 -16.35 -51.30 -31.59
CA THR A 113 -16.72 -51.40 -30.17
C THR A 113 -15.59 -52.00 -29.30
N LYS A 114 -15.30 -51.37 -28.16
CA LYS A 114 -14.32 -51.90 -27.21
C LYS A 114 -15.07 -52.39 -25.96
N PHE A 115 -15.04 -53.69 -25.72
CA PHE A 115 -15.73 -54.28 -24.58
C PHE A 115 -14.69 -54.51 -23.48
N TYR A 116 -14.83 -53.78 -22.37
CA TYR A 116 -13.96 -53.94 -21.22
C TYR A 116 -14.51 -55.07 -20.34
N THR A 117 -14.21 -56.32 -20.70
CA THR A 117 -14.77 -57.49 -20.00
C THR A 117 -13.95 -57.82 -18.76
N GLU A 118 -14.49 -58.62 -17.87
CA GLU A 118 -13.76 -58.98 -16.68
C GLU A 118 -12.68 -60.00 -16.96
N GLU A 119 -12.62 -60.45 -18.19
CA GLU A 119 -11.68 -61.45 -18.61
C GLU A 119 -10.86 -60.93 -19.79
N GLY A 120 -10.83 -59.63 -19.97
CA GLY A 120 -10.04 -59.02 -21.01
C GLY A 120 -10.80 -58.05 -21.88
N ILE A 121 -10.09 -57.17 -22.57
CA ILE A 121 -10.66 -56.34 -23.62
C ILE A 121 -10.98 -57.14 -24.83
N PHE A 122 -12.21 -57.00 -25.32
CA PHE A 122 -12.63 -57.60 -26.59
C PHE A 122 -12.98 -56.47 -27.51
N ASP A 123 -12.27 -56.31 -28.62
CA ASP A 123 -12.64 -55.32 -29.62
C ASP A 123 -13.35 -55.95 -30.80
N LEU A 124 -14.59 -55.56 -31.03
CA LEU A 124 -15.37 -55.99 -32.18
C LEU A 124 -15.32 -54.85 -33.17
N VAL A 125 -14.48 -54.97 -34.19
CA VAL A 125 -14.22 -53.87 -35.13
C VAL A 125 -14.86 -54.09 -36.51
N GLY A 126 -16.07 -53.58 -36.67
CA GLY A 126 -16.84 -53.77 -37.88
C GLY A 126 -17.02 -52.57 -38.78
N ASN A 127 -17.77 -52.77 -39.88
CA ASN A 127 -18.27 -51.71 -40.76
C ASN A 127 -19.77 -51.80 -40.82
N ASN A 128 -20.34 -51.00 -41.70
CA ASN A 128 -21.79 -50.84 -41.73
C ASN A 128 -22.42 -51.58 -42.88
N THR A 129 -21.63 -52.44 -43.51
CA THR A 129 -22.11 -53.29 -44.58
C THR A 129 -21.64 -54.69 -44.26
N PRO A 130 -22.36 -55.72 -44.65
CA PRO A 130 -22.07 -57.06 -44.16
C PRO A 130 -20.89 -57.77 -44.84
N ILE A 131 -20.23 -57.11 -45.80
CA ILE A 131 -19.10 -57.70 -46.52
C ILE A 131 -18.03 -56.70 -46.83
N PHE A 132 -16.86 -57.19 -47.23
CA PHE A 132 -15.81 -56.26 -47.52
C PHE A 132 -15.51 -56.23 -49.02
N PHE A 133 -14.49 -55.45 -49.41
CA PHE A 133 -14.20 -55.18 -50.79
C PHE A 133 -13.31 -56.23 -51.37
N ILE A 134 -12.51 -56.84 -50.51
CA ILE A 134 -11.47 -57.75 -50.98
C ILE A 134 -11.39 -59.02 -50.13
N GLN A 135 -10.82 -60.08 -50.70
CA GLN A 135 -10.83 -61.39 -50.06
C GLN A 135 -9.58 -61.69 -49.23
N ASP A 136 -8.42 -61.24 -49.68
CA ASP A 136 -7.17 -61.49 -48.94
C ASP A 136 -6.50 -60.21 -48.43
N ALA A 137 -5.97 -60.29 -47.22
CA ALA A 137 -5.41 -59.13 -46.57
C ALA A 137 -4.26 -58.59 -47.38
N HIS A 138 -3.59 -59.48 -48.11
CA HIS A 138 -2.40 -59.09 -48.84
C HIS A 138 -2.70 -57.99 -49.85
N LYS A 139 -3.98 -57.85 -50.18
CA LYS A 139 -4.39 -56.87 -51.17
C LYS A 139 -4.76 -55.56 -50.53
N PHE A 140 -4.93 -55.58 -49.20
CA PHE A 140 -5.38 -54.37 -48.55
C PHE A 140 -4.68 -53.11 -49.04
N PRO A 141 -3.37 -53.07 -48.96
CA PRO A 141 -2.69 -51.83 -49.31
C PRO A 141 -3.02 -51.43 -50.76
N ASP A 142 -3.16 -52.39 -51.67
CA ASP A 142 -3.48 -52.07 -53.09
C ASP A 142 -4.81 -51.38 -53.19
N PHE A 143 -5.84 -52.02 -52.69
CA PHE A 143 -7.14 -51.39 -52.71
C PHE A 143 -7.17 -50.06 -51.95
N VAL A 144 -6.57 -50.02 -50.76
CA VAL A 144 -6.65 -48.77 -49.98
C VAL A 144 -5.95 -47.66 -50.73
N HIS A 145 -4.76 -47.93 -51.25
CA HIS A 145 -4.10 -46.97 -52.13
C HIS A 145 -5.01 -46.56 -53.30
N ALA A 146 -5.69 -47.51 -53.90
CA ALA A 146 -6.60 -47.20 -54.98
C ALA A 146 -7.66 -46.18 -54.58
N VAL A 147 -8.33 -46.40 -53.44
CA VAL A 147 -9.42 -45.50 -53.04
C VAL A 147 -8.93 -44.18 -52.47
N LYS A 148 -7.86 -44.21 -51.67
CA LYS A 148 -7.22 -43.00 -51.14
C LYS A 148 -6.91 -41.93 -52.18
N PRO A 149 -6.70 -40.69 -51.75
CA PRO A 149 -6.32 -39.64 -52.69
C PRO A 149 -5.26 -40.24 -53.60
N GLU A 150 -5.15 -39.78 -54.83
CA GLU A 150 -4.09 -40.33 -55.66
C GLU A 150 -2.72 -39.71 -55.35
N PRO A 151 -1.66 -40.48 -55.55
CA PRO A 151 -0.34 -40.11 -55.05
C PRO A 151 0.16 -38.77 -55.52
N HIS A 152 -0.05 -38.39 -56.79
CA HIS A 152 0.71 -37.28 -57.34
C HIS A 152 0.24 -35.97 -56.68
N TRP A 153 -1.08 -35.76 -56.64
CA TRP A 153 -1.63 -34.50 -56.18
C TRP A 153 -2.49 -34.58 -54.90
N ALA A 154 -2.70 -35.78 -54.37
CA ALA A 154 -3.49 -35.91 -53.16
C ALA A 154 -4.94 -35.43 -53.35
N ILE A 155 -5.57 -35.86 -54.43
CA ILE A 155 -7.01 -35.69 -54.67
C ILE A 155 -7.66 -37.02 -55.09
N PRO A 156 -8.91 -37.28 -54.71
CA PRO A 156 -9.75 -36.42 -53.87
C PRO A 156 -9.91 -36.86 -52.38
N GLN A 157 -10.38 -35.96 -51.53
CA GLN A 157 -10.69 -36.29 -50.14
C GLN A 157 -12.05 -36.89 -50.00
N GLY A 158 -12.14 -37.98 -49.26
CA GLY A 158 -13.40 -38.63 -48.97
C GLY A 158 -14.33 -38.98 -50.14
N GLN A 159 -13.75 -39.41 -51.28
CA GLN A 159 -14.54 -39.85 -52.43
C GLN A 159 -13.94 -41.03 -53.20
N SER A 160 -14.79 -41.99 -53.55
CA SER A 160 -14.32 -43.07 -54.41
C SER A 160 -14.33 -42.66 -55.89
N ALA A 161 -14.91 -41.49 -56.16
CA ALA A 161 -15.12 -41.01 -57.52
C ALA A 161 -13.88 -40.51 -58.23
N HIS A 162 -12.89 -41.35 -58.42
CA HIS A 162 -11.75 -40.97 -59.25
C HIS A 162 -11.21 -42.23 -59.94
N ASP A 163 -10.17 -42.09 -60.76
CA ASP A 163 -9.76 -43.18 -61.64
C ASP A 163 -9.32 -44.43 -60.87
N THR A 164 -8.22 -44.30 -60.15
CA THR A 164 -7.62 -45.44 -59.45
C THR A 164 -8.70 -46.32 -58.79
N PHE A 165 -9.71 -45.73 -58.18
CA PHE A 165 -10.67 -46.58 -57.49
C PHE A 165 -11.44 -47.48 -58.45
N TRP A 166 -11.93 -46.87 -59.51
CA TRP A 166 -12.67 -47.62 -60.50
C TRP A 166 -11.74 -48.44 -61.43
N ASP A 167 -10.48 -48.00 -61.56
CA ASP A 167 -9.52 -48.88 -62.22
C ASP A 167 -9.43 -50.20 -61.47
N TYR A 168 -9.28 -50.10 -60.15
CA TYR A 168 -9.07 -51.25 -59.30
C TYR A 168 -10.36 -52.07 -59.30
N VAL A 169 -11.51 -51.43 -59.17
CA VAL A 169 -12.72 -52.24 -59.09
C VAL A 169 -12.86 -53.07 -60.34
N SER A 170 -12.63 -52.43 -61.50
CA SER A 170 -12.89 -53.02 -62.81
C SER A 170 -12.03 -54.24 -63.08
N LEU A 171 -10.81 -54.24 -62.55
CA LEU A 171 -9.92 -55.38 -62.65
C LEU A 171 -9.94 -56.26 -61.41
N GLN A 172 -10.82 -56.02 -60.45
CA GLN A 172 -10.91 -56.93 -59.33
C GLN A 172 -12.38 -57.08 -59.04
N PRO A 173 -13.01 -57.91 -59.81
CA PRO A 173 -14.44 -58.12 -59.65
C PRO A 173 -14.87 -58.44 -58.20
N GLU A 174 -14.01 -59.12 -57.43
CA GLU A 174 -14.39 -59.49 -56.07
C GLU A 174 -15.06 -58.32 -55.35
N THR A 175 -14.64 -57.09 -55.66
CA THR A 175 -15.10 -55.90 -54.95
C THR A 175 -16.54 -55.52 -55.29
N LEU A 176 -17.07 -56.09 -56.36
CA LEU A 176 -18.35 -55.64 -56.84
C LEU A 176 -19.43 -55.69 -55.79
N HIS A 177 -19.47 -56.72 -54.95
CA HIS A 177 -20.50 -56.80 -53.90
C HIS A 177 -20.51 -55.63 -52.91
N ASN A 178 -19.35 -55.29 -52.40
CA ASN A 178 -19.32 -54.18 -51.47
C ASN A 178 -19.53 -52.86 -52.21
N VAL A 179 -18.92 -52.71 -53.39
CA VAL A 179 -19.22 -51.56 -54.29
C VAL A 179 -20.70 -51.35 -54.52
N MET A 180 -21.41 -52.44 -54.64
CA MET A 180 -22.85 -52.33 -54.74
C MET A 180 -23.40 -51.56 -53.55
N TRP A 181 -23.06 -52.01 -52.34
CA TRP A 181 -23.63 -51.45 -51.11
C TRP A 181 -23.22 -50.02 -50.97
N ALA A 182 -22.01 -49.70 -51.41
CA ALA A 182 -21.49 -48.34 -51.25
C ALA A 182 -22.33 -47.33 -52.02
N MET A 183 -22.77 -47.74 -53.22
CA MET A 183 -23.50 -46.88 -54.16
C MET A 183 -24.97 -46.83 -53.79
N SER A 184 -25.42 -47.83 -53.06
CA SER A 184 -26.72 -47.77 -52.42
C SER A 184 -26.81 -46.58 -51.52
N ASP A 185 -27.88 -46.50 -50.76
CA ASP A 185 -28.03 -45.44 -49.78
C ASP A 185 -27.34 -45.76 -48.46
N ARG A 186 -27.00 -47.03 -48.25
CA ARG A 186 -26.21 -47.36 -47.06
C ARG A 186 -24.84 -46.65 -47.09
N GLY A 187 -24.41 -46.16 -48.24
CA GLY A 187 -23.11 -45.50 -48.36
C GLY A 187 -23.12 -44.02 -48.01
N ILE A 188 -24.29 -43.49 -47.72
CA ILE A 188 -24.47 -42.11 -47.31
C ILE A 188 -25.54 -42.09 -46.23
N PRO A 189 -25.26 -42.71 -45.07
CA PRO A 189 -26.26 -42.82 -44.00
C PRO A 189 -26.51 -41.45 -43.37
N ARG A 190 -27.63 -41.26 -42.69
CA ARG A 190 -27.90 -39.94 -42.14
C ARG A 190 -27.51 -39.70 -40.67
N SER A 191 -27.35 -40.78 -39.91
CA SER A 191 -26.68 -40.63 -38.63
C SER A 191 -26.13 -41.95 -38.14
N TYR A 192 -25.17 -41.88 -37.23
CA TYR A 192 -24.59 -43.08 -36.67
C TYR A 192 -25.67 -43.72 -35.86
N ARG A 193 -26.58 -42.92 -35.33
CA ARG A 193 -27.63 -43.48 -34.49
C ARG A 193 -28.49 -44.52 -35.23
N THR A 194 -28.63 -44.38 -36.55
CA THR A 194 -29.55 -45.23 -37.28
C THR A 194 -28.80 -46.20 -38.17
N MET A 195 -27.54 -46.45 -37.85
CA MET A 195 -26.65 -47.28 -38.67
C MET A 195 -26.61 -48.74 -38.24
N GLU A 196 -26.41 -49.64 -39.21
CA GLU A 196 -26.27 -51.05 -38.92
C GLU A 196 -24.79 -51.29 -38.80
N GLY A 197 -24.41 -52.39 -38.17
CA GLY A 197 -23.00 -52.75 -38.11
C GLY A 197 -22.78 -54.23 -38.30
N PHE A 198 -21.62 -54.59 -38.81
CA PHE A 198 -21.34 -55.98 -39.13
C PHE A 198 -19.91 -56.35 -38.81
N GLY A 199 -19.70 -57.52 -38.25
CA GLY A 199 -18.35 -57.98 -37.98
C GLY A 199 -17.71 -58.48 -39.26
N ILE A 200 -18.57 -58.76 -40.24
CA ILE A 200 -18.20 -59.26 -41.56
C ILE A 200 -17.66 -60.68 -41.53
N HIS A 201 -16.49 -60.87 -40.93
CA HIS A 201 -15.89 -62.21 -40.84
C HIS A 201 -16.76 -63.21 -40.10
N THR A 202 -16.54 -64.49 -40.41
CA THR A 202 -17.11 -65.57 -39.62
C THR A 202 -16.10 -65.82 -38.54
N PHE A 203 -16.53 -65.81 -37.28
CA PHE A 203 -15.64 -66.03 -36.16
C PHE A 203 -16.10 -67.31 -35.55
N ARG A 204 -15.50 -67.70 -34.45
CA ARG A 204 -15.98 -68.83 -33.68
C ARG A 204 -16.37 -68.47 -32.25
N LEU A 205 -17.48 -69.03 -31.79
CA LEU A 205 -17.81 -69.10 -30.37
C LEU A 205 -17.35 -70.48 -29.88
N ILE A 206 -16.74 -70.51 -28.70
CA ILE A 206 -16.29 -71.74 -28.09
C ILE A 206 -16.95 -71.88 -26.72
N ASN A 207 -17.60 -73.01 -26.49
CA ASN A 207 -18.22 -73.21 -25.20
C ASN A 207 -17.35 -73.96 -24.20
N ALA A 208 -17.82 -74.07 -22.97
CA ALA A 208 -17.14 -74.78 -21.92
C ALA A 208 -16.69 -76.19 -22.26
N GLU A 209 -17.33 -76.83 -23.23
CA GLU A 209 -16.98 -78.20 -23.57
C GLU A 209 -15.99 -78.28 -24.71
N GLY A 210 -15.70 -77.15 -25.32
CA GLY A 210 -14.86 -77.10 -26.48
C GLY A 210 -15.60 -77.25 -27.79
N LYS A 211 -16.92 -77.04 -27.78
CA LYS A 211 -17.66 -77.13 -29.03
C LYS A 211 -17.59 -75.79 -29.77
N ALA A 212 -17.24 -75.84 -31.05
CA ALA A 212 -17.09 -74.63 -31.83
C ALA A 212 -18.34 -74.34 -32.63
N THR A 213 -18.82 -73.10 -32.59
CA THR A 213 -19.96 -72.68 -33.40
C THR A 213 -19.60 -71.48 -34.20
N PHE A 214 -19.71 -71.57 -35.51
CA PHE A 214 -19.47 -70.43 -36.38
C PHE A 214 -20.45 -69.28 -36.09
N VAL A 215 -19.96 -68.05 -36.12
CA VAL A 215 -20.80 -66.90 -35.80
C VAL A 215 -20.50 -65.74 -36.72
N ARG A 216 -21.52 -64.91 -36.94
CA ARG A 216 -21.28 -63.61 -37.57
C ARG A 216 -21.92 -62.48 -36.76
N PHE A 217 -21.20 -61.38 -36.58
CA PHE A 217 -21.62 -60.34 -35.63
C PHE A 217 -22.50 -59.29 -36.25
N HIS A 218 -23.64 -59.00 -35.64
CA HIS A 218 -24.50 -57.93 -36.14
C HIS A 218 -24.83 -56.90 -35.08
N TRP A 219 -24.86 -55.63 -35.49
CA TRP A 219 -25.46 -54.58 -34.67
C TRP A 219 -26.68 -54.06 -35.39
N LYS A 220 -27.83 -54.04 -34.71
CA LYS A 220 -29.05 -53.42 -35.22
C LYS A 220 -29.48 -52.23 -34.32
N PRO A 221 -29.73 -51.07 -34.93
CA PRO A 221 -30.07 -49.89 -34.15
C PRO A 221 -31.54 -49.89 -33.80
N LEU A 222 -31.86 -49.72 -32.52
CA LEU A 222 -33.23 -49.62 -32.02
C LEU A 222 -33.82 -48.22 -32.10
N ALA A 223 -33.10 -47.29 -32.70
CA ALA A 223 -33.58 -45.91 -32.77
C ALA A 223 -34.61 -45.72 -33.89
N LYS B 1 -24.76 -31.84 -51.07
CA LYS B 1 -24.01 -32.50 -50.01
C LYS B 1 -23.99 -31.64 -48.74
N LEU B 2 -24.36 -32.24 -47.61
CA LEU B 2 -24.23 -31.58 -46.29
C LEU B 2 -22.71 -31.40 -46.00
N THR B 3 -21.85 -32.02 -46.84
CA THR B 3 -20.38 -31.89 -46.76
C THR B 3 -19.94 -30.39 -46.84
N GLY B 4 -20.84 -29.57 -47.41
CA GLY B 4 -20.70 -28.11 -47.51
C GLY B 4 -21.31 -27.37 -46.33
N ARG B 5 -22.62 -27.54 -46.11
CA ARG B 5 -23.31 -26.92 -44.96
C ARG B 5 -22.63 -27.25 -43.60
N ASP B 6 -22.53 -28.56 -43.27
CA ASP B 6 -21.90 -29.01 -42.00
C ASP B 6 -20.98 -30.25 -42.13
N PRO B 7 -19.69 -30.03 -42.31
CA PRO B 7 -18.75 -31.15 -42.48
C PRO B 7 -18.60 -32.00 -41.23
N ASP B 8 -19.18 -31.54 -40.12
CA ASP B 8 -19.18 -32.31 -38.86
C ASP B 8 -20.55 -32.86 -38.46
N PHE B 9 -21.52 -32.79 -39.36
CA PHE B 9 -22.87 -33.15 -38.98
C PHE B 9 -22.97 -34.40 -38.09
N HIS B 10 -22.36 -35.52 -38.50
CA HIS B 10 -22.62 -36.78 -37.82
C HIS B 10 -22.04 -36.74 -36.45
N ARG B 11 -20.84 -36.16 -36.35
CA ARG B 11 -20.08 -36.03 -35.10
C ARG B 11 -20.90 -35.19 -34.13
N ARG B 12 -21.45 -34.10 -34.64
CA ARG B 12 -22.32 -33.20 -33.90
C ARG B 12 -23.64 -33.84 -33.45
N GLU B 13 -24.29 -34.58 -34.35
CA GLU B 13 -25.57 -35.21 -34.03
C GLU B 13 -25.42 -36.24 -32.95
N LEU B 14 -24.35 -36.99 -32.99
CA LEU B 14 -24.15 -38.02 -32.00
C LEU B 14 -23.93 -37.42 -30.66
N TRP B 15 -23.08 -36.40 -30.60
CA TRP B 15 -22.78 -35.74 -29.33
C TRP B 15 -24.01 -35.09 -28.77
N GLU B 16 -24.75 -34.39 -29.61
CA GLU B 16 -25.83 -33.55 -29.11
C GLU B 16 -26.96 -34.41 -28.59
N ALA B 17 -27.15 -35.58 -29.21
CA ALA B 17 -28.16 -36.55 -28.81
C ALA B 17 -27.83 -37.12 -27.41
N ILE B 18 -26.58 -37.52 -27.23
CA ILE B 18 -26.15 -37.94 -25.90
C ILE B 18 -26.36 -36.83 -24.84
N GLU B 19 -25.87 -35.62 -25.10
CA GLU B 19 -26.18 -34.46 -24.27
C GLU B 19 -27.63 -34.44 -23.83
N ALA B 20 -28.53 -34.67 -24.79
CA ALA B 20 -29.97 -34.48 -24.61
C ALA B 20 -30.64 -35.58 -23.79
N GLY B 21 -30.06 -36.78 -23.81
CA GLY B 21 -30.66 -37.89 -23.14
C GLY B 21 -31.18 -39.00 -24.06
N ASP B 22 -31.27 -38.79 -25.38
CA ASP B 22 -31.61 -39.93 -26.24
C ASP B 22 -30.39 -40.70 -26.65
N PHE B 23 -30.03 -41.64 -25.81
CA PHE B 23 -28.85 -42.43 -25.94
C PHE B 23 -29.09 -43.41 -27.05
N PRO B 24 -28.20 -43.43 -28.02
CA PRO B 24 -28.28 -44.38 -29.11
C PRO B 24 -28.29 -45.76 -28.53
N GLU B 25 -29.07 -46.67 -29.09
CA GLU B 25 -29.17 -48.02 -28.59
C GLU B 25 -28.97 -49.00 -29.74
N TYR B 26 -28.35 -50.14 -29.44
CA TYR B 26 -28.02 -51.14 -30.43
C TYR B 26 -28.24 -52.52 -29.86
N GLU B 27 -28.73 -53.41 -30.70
CA GLU B 27 -28.86 -54.80 -30.32
C GLU B 27 -27.76 -55.60 -31.00
N LEU B 28 -27.00 -56.35 -30.21
CA LEU B 28 -26.00 -57.22 -30.76
C LEU B 28 -26.71 -58.55 -31.06
N GLY B 29 -26.62 -59.00 -32.32
CA GLY B 29 -27.23 -60.25 -32.73
C GLY B 29 -26.24 -61.13 -33.45
N PHE B 30 -26.36 -62.43 -33.23
CA PHE B 30 -25.48 -63.41 -33.88
C PHE B 30 -26.22 -64.17 -34.99
N GLN B 31 -25.51 -64.45 -36.07
CA GLN B 31 -25.91 -65.54 -36.95
C GLN B 31 -25.09 -66.74 -36.54
N LEU B 32 -25.76 -67.83 -36.22
CA LEU B 32 -25.07 -68.99 -35.75
C LEU B 32 -25.12 -70.16 -36.74
N ILE B 33 -23.99 -70.79 -37.00
CA ILE B 33 -23.93 -71.99 -37.85
C ILE B 33 -23.15 -73.15 -37.21
N PRO B 34 -23.78 -74.31 -36.95
CA PRO B 34 -23.05 -75.42 -36.34
C PRO B 34 -21.86 -75.80 -37.20
N GLU B 35 -20.81 -76.34 -36.59
CA GLU B 35 -19.57 -76.65 -37.31
C GLU B 35 -19.76 -77.53 -38.55
N GLU B 36 -20.62 -78.53 -38.44
CA GLU B 36 -20.86 -79.46 -39.52
C GLU B 36 -21.65 -78.93 -40.75
N ASP B 37 -22.24 -77.74 -40.65
CA ASP B 37 -22.90 -77.16 -41.83
C ASP B 37 -21.94 -76.38 -42.68
N GLU B 38 -20.66 -76.40 -42.32
CA GLU B 38 -19.67 -75.53 -42.94
C GLU B 38 -19.72 -75.45 -44.45
N PHE B 39 -20.17 -76.52 -45.10
CA PHE B 39 -20.09 -76.61 -46.58
C PHE B 39 -21.43 -76.73 -47.29
N LYS B 40 -22.53 -76.56 -46.54
CA LYS B 40 -23.88 -76.70 -47.10
C LYS B 40 -24.41 -75.45 -47.81
N PHE B 41 -23.54 -74.56 -48.26
CA PHE B 41 -23.98 -73.26 -48.77
C PHE B 41 -23.50 -73.04 -50.20
N ASP B 42 -24.19 -72.15 -50.91
CA ASP B 42 -23.85 -71.78 -52.27
C ASP B 42 -22.47 -71.16 -52.40
N PHE B 43 -21.86 -70.83 -51.26
CA PHE B 43 -20.66 -69.98 -51.20
C PHE B 43 -19.80 -70.36 -49.99
N ASP B 44 -18.55 -69.87 -49.94
CA ASP B 44 -17.65 -70.17 -48.81
C ASP B 44 -17.79 -69.25 -47.59
N LEU B 45 -18.06 -69.85 -46.43
CA LEU B 45 -18.28 -69.12 -45.19
C LEU B 45 -17.11 -68.22 -44.82
N LEU B 46 -15.91 -68.57 -45.26
CA LEU B 46 -14.74 -67.76 -44.95
C LEU B 46 -14.45 -66.68 -45.99
N ASP B 47 -15.39 -66.41 -46.86
CA ASP B 47 -15.15 -65.43 -47.90
C ASP B 47 -15.83 -64.14 -47.47
N PRO B 48 -15.05 -63.11 -47.22
CA PRO B 48 -15.56 -61.87 -46.63
C PRO B 48 -16.19 -60.95 -47.63
N THR B 49 -16.34 -61.37 -48.88
CA THR B 49 -17.12 -60.65 -49.90
C THR B 49 -18.47 -61.28 -50.07
N LYS B 50 -18.78 -62.24 -49.22
CA LYS B 50 -20.08 -62.87 -49.27
C LYS B 50 -20.81 -62.70 -47.95
N LEU B 51 -22.10 -62.40 -48.04
CA LEU B 51 -22.93 -62.31 -46.85
C LEU B 51 -23.66 -63.65 -46.61
N ILE B 52 -23.94 -63.96 -45.36
CA ILE B 52 -24.84 -65.03 -45.02
C ILE B 52 -26.26 -64.49 -45.06
N PRO B 53 -27.08 -64.91 -46.03
CA PRO B 53 -28.48 -64.48 -46.11
C PRO B 53 -29.29 -64.73 -44.83
N GLU B 54 -30.00 -63.72 -44.34
CA GLU B 54 -30.83 -63.86 -43.15
C GLU B 54 -31.91 -64.93 -43.28
N GLU B 55 -32.48 -65.12 -44.47
CA GLU B 55 -33.55 -66.11 -44.59
C GLU B 55 -33.01 -67.52 -44.51
N LEU B 56 -31.71 -67.69 -44.73
CA LEU B 56 -31.11 -68.98 -44.51
C LEU B 56 -30.68 -69.14 -43.05
N VAL B 57 -29.91 -68.17 -42.53
CA VAL B 57 -29.52 -68.14 -41.11
C VAL B 57 -29.95 -66.86 -40.41
N PRO B 58 -31.00 -66.93 -39.62
CA PRO B 58 -31.58 -65.73 -39.02
C PRO B 58 -30.61 -65.12 -38.01
N VAL B 59 -30.73 -63.82 -37.78
CA VAL B 59 -29.89 -63.11 -36.85
C VAL B 59 -30.58 -63.21 -35.52
N GLN B 60 -29.97 -63.88 -34.55
CA GLN B 60 -30.53 -64.00 -33.20
C GLN B 60 -30.22 -62.84 -32.25
N ARG B 61 -31.25 -62.14 -31.80
CA ARG B 61 -31.09 -61.09 -30.80
C ARG B 61 -30.29 -61.64 -29.59
N VAL B 62 -29.24 -60.93 -29.16
CA VAL B 62 -28.34 -61.45 -28.10
C VAL B 62 -28.02 -60.47 -26.92
N GLY B 63 -27.94 -59.17 -27.22
CA GLY B 63 -27.77 -58.15 -26.21
C GLY B 63 -28.09 -56.73 -26.66
N LYS B 64 -28.10 -55.79 -25.70
CA LYS B 64 -28.35 -54.37 -25.97
C LYS B 64 -27.15 -53.58 -25.48
N MET B 65 -26.70 -52.65 -26.33
CA MET B 65 -25.62 -51.73 -26.01
C MET B 65 -26.15 -50.30 -25.95
N VAL B 66 -25.78 -49.52 -24.94
CA VAL B 66 -26.22 -48.14 -24.85
C VAL B 66 -25.06 -47.15 -24.74
N LEU B 67 -25.05 -46.13 -25.60
CA LEU B 67 -24.02 -45.11 -25.53
C LEU B 67 -24.58 -43.95 -24.75
N ASN B 68 -24.05 -43.69 -23.57
CA ASN B 68 -24.64 -42.69 -22.70
C ASN B 68 -23.74 -41.58 -22.19
N ARG B 69 -22.49 -41.51 -22.65
CA ARG B 69 -21.56 -40.48 -22.18
C ARG B 69 -20.53 -40.04 -23.23
N ASN B 70 -20.56 -38.79 -23.62
CA ASN B 70 -19.54 -38.30 -24.51
C ASN B 70 -18.23 -38.25 -23.77
N PRO B 71 -17.11 -38.35 -24.47
CA PRO B 71 -15.81 -38.35 -23.83
C PRO B 71 -15.54 -37.02 -23.14
N ASP B 72 -14.47 -36.90 -22.40
CA ASP B 72 -14.17 -35.58 -21.85
C ASP B 72 -13.19 -34.79 -22.71
N ASN B 73 -12.22 -35.48 -23.27
CA ASN B 73 -11.33 -34.85 -24.22
C ASN B 73 -11.22 -35.71 -25.47
N PHE B 74 -11.39 -35.10 -26.63
CA PHE B 74 -11.44 -35.83 -27.90
C PHE B 74 -10.13 -36.51 -28.21
N PHE B 75 -9.08 -35.75 -28.36
CA PHE B 75 -7.78 -36.36 -28.49
C PHE B 75 -7.42 -37.45 -27.48
N ALA B 76 -7.45 -37.15 -26.19
CA ALA B 76 -7.05 -38.13 -25.20
C ALA B 76 -7.83 -39.43 -25.27
N GLU B 77 -9.09 -39.36 -25.63
CA GLU B 77 -9.95 -40.53 -25.51
C GLU B 77 -10.26 -41.10 -26.89
N ASN B 78 -10.62 -40.25 -27.84
CA ASN B 78 -11.02 -40.75 -29.14
C ASN B 78 -9.82 -40.95 -30.02
N GLU B 79 -8.99 -39.92 -30.13
CA GLU B 79 -7.90 -40.00 -31.07
C GLU B 79 -6.93 -41.07 -30.66
N GLN B 80 -6.76 -41.27 -29.36
CA GLN B 80 -5.82 -42.28 -28.82
C GLN B 80 -6.38 -43.69 -28.64
N ALA B 81 -7.68 -43.85 -28.76
CA ALA B 81 -8.26 -45.16 -28.56
C ALA B 81 -7.64 -46.12 -29.57
N ALA B 82 -7.48 -47.39 -29.19
CA ALA B 82 -6.93 -48.32 -30.14
C ALA B 82 -7.85 -49.54 -30.29
N PHE B 83 -8.36 -49.78 -31.49
CA PHE B 83 -9.19 -50.96 -31.66
C PHE B 83 -8.47 -52.07 -32.42
N HIS B 84 -8.53 -53.30 -31.96
CA HIS B 84 -7.94 -54.31 -32.80
C HIS B 84 -8.73 -55.61 -32.67
N PRO B 85 -9.19 -56.16 -33.79
CA PRO B 85 -10.03 -57.38 -33.78
C PRO B 85 -9.31 -58.65 -33.29
N GLY B 86 -7.96 -58.64 -33.22
CA GLY B 86 -7.16 -59.69 -32.60
C GLY B 86 -7.34 -59.65 -31.10
N HIS B 87 -8.06 -58.65 -30.63
CA HIS B 87 -8.30 -58.55 -29.21
C HIS B 87 -9.57 -59.30 -28.91
N ILE B 88 -9.48 -60.62 -28.78
CA ILE B 88 -10.64 -61.39 -28.36
C ILE B 88 -10.38 -61.95 -26.99
N VAL B 89 -11.30 -62.78 -26.51
CA VAL B 89 -11.19 -63.34 -25.16
C VAL B 89 -11.66 -64.79 -25.15
N PRO B 90 -11.32 -65.54 -24.13
CA PRO B 90 -11.77 -66.95 -24.02
C PRO B 90 -13.27 -67.19 -24.26
N GLY B 91 -13.60 -68.02 -25.23
CA GLY B 91 -14.98 -68.20 -25.63
C GLY B 91 -15.19 -67.68 -27.03
N LEU B 92 -14.23 -66.87 -27.49
CA LEU B 92 -14.19 -66.47 -28.89
C LEU B 92 -12.92 -67.04 -29.48
N ASP B 93 -12.90 -67.12 -30.81
CA ASP B 93 -11.73 -67.56 -31.55
C ASP B 93 -11.88 -67.16 -32.99
N PHE B 94 -10.85 -67.34 -33.79
CA PHE B 94 -10.91 -66.91 -35.20
C PHE B 94 -11.25 -68.00 -36.21
N THR B 95 -11.18 -67.64 -37.48
CA THR B 95 -11.29 -68.65 -38.50
C THR B 95 -10.29 -68.32 -39.55
N ASN B 96 -10.14 -69.20 -40.52
CA ASN B 96 -9.15 -68.96 -41.54
C ASN B 96 -9.58 -67.92 -42.57
N ASP B 97 -10.65 -67.20 -42.32
CA ASP B 97 -10.98 -66.12 -43.25
C ASP B 97 -9.70 -65.36 -43.55
N PRO B 98 -9.20 -65.37 -44.78
CA PRO B 98 -7.87 -64.81 -45.07
C PRO B 98 -7.78 -63.30 -45.07
N LEU B 99 -8.91 -62.60 -44.97
CA LEU B 99 -8.87 -61.15 -44.74
C LEU B 99 -8.65 -60.88 -43.22
N LEU B 100 -9.44 -61.55 -42.38
CA LEU B 100 -9.31 -61.48 -40.95
C LEU B 100 -7.92 -61.94 -40.47
N GLN B 101 -7.37 -62.92 -41.17
CA GLN B 101 -6.10 -63.44 -40.76
C GLN B 101 -5.06 -62.33 -40.86
N GLY B 102 -5.01 -61.63 -41.99
CA GLY B 102 -4.03 -60.58 -42.18
C GLY B 102 -4.32 -59.44 -41.23
N ARG B 103 -5.61 -59.14 -41.12
CA ARG B 103 -6.06 -58.13 -40.19
C ARG B 103 -5.36 -58.31 -38.85
N LEU B 104 -5.18 -59.56 -38.40
CA LEU B 104 -4.65 -59.85 -37.05
C LEU B 104 -3.24 -59.30 -36.79
N PHE B 105 -2.50 -59.05 -37.86
CA PHE B 105 -1.12 -58.61 -37.78
C PHE B 105 -1.11 -57.10 -37.67
N SER B 106 -1.92 -56.48 -38.50
CA SER B 106 -1.90 -55.06 -38.70
C SER B 106 -2.28 -54.18 -37.47
N TYR B 107 -3.37 -54.49 -36.77
CA TYR B 107 -3.85 -53.61 -35.71
C TYR B 107 -2.89 -53.54 -34.54
N THR B 108 -1.96 -54.48 -34.49
CA THR B 108 -0.94 -54.48 -33.45
C THR B 108 0.25 -53.62 -33.88
N ASP B 109 0.75 -53.95 -35.07
CA ASP B 109 1.94 -53.35 -35.61
C ASP B 109 1.79 -51.83 -35.81
N THR B 110 0.60 -51.39 -36.18
CA THR B 110 0.38 -49.98 -36.47
C THR B 110 0.34 -49.12 -35.22
N GLN B 111 -0.11 -49.67 -34.10
CA GLN B 111 -0.02 -48.97 -32.81
C GLN B 111 1.40 -48.42 -32.46
N ILE B 112 2.46 -49.17 -32.77
CA ILE B 112 3.80 -48.78 -32.40
C ILE B 112 4.17 -47.39 -32.95
N SER B 113 3.78 -47.03 -34.17
CA SER B 113 4.11 -45.68 -34.62
C SER B 113 3.05 -44.65 -34.20
N ARG B 114 1.78 -44.99 -34.35
CA ARG B 114 0.69 -44.06 -34.12
C ARG B 114 0.54 -43.57 -32.69
N LEU B 115 0.89 -44.42 -31.73
CA LEU B 115 0.68 -44.14 -30.32
C LEU B 115 2.02 -44.23 -29.63
N GLY B 116 3.08 -44.39 -30.39
CA GLY B 116 4.41 -44.19 -29.85
C GLY B 116 5.10 -45.33 -29.16
N GLY B 117 4.61 -46.55 -29.25
CA GLY B 117 5.39 -47.64 -28.70
C GLY B 117 4.49 -48.71 -28.11
N PRO B 118 5.07 -49.65 -27.41
CA PRO B 118 4.33 -50.85 -27.04
C PRO B 118 3.62 -50.70 -25.70
N ASN B 119 3.55 -49.50 -25.15
CA ASN B 119 2.87 -49.33 -23.88
C ASN B 119 1.52 -48.66 -24.04
N PHE B 120 0.90 -48.84 -25.19
CA PHE B 120 -0.24 -48.04 -25.57
C PHE B 120 -1.41 -48.49 -24.75
N HIS B 121 -1.33 -49.72 -24.29
CA HIS B 121 -2.38 -50.23 -23.44
C HIS B 121 -2.42 -49.48 -22.13
N GLU B 122 -1.39 -48.70 -21.86
CA GLU B 122 -1.27 -48.02 -20.60
C GLU B 122 -1.96 -46.68 -20.62
N ILE B 123 -2.21 -46.15 -21.81
CA ILE B 123 -3.09 -45.00 -21.93
C ILE B 123 -4.47 -45.33 -21.35
N PRO B 124 -5.07 -44.45 -20.55
CA PRO B 124 -6.36 -44.73 -19.92
C PRO B 124 -7.46 -45.31 -20.82
N ILE B 125 -7.77 -44.74 -21.98
CA ILE B 125 -8.86 -45.33 -22.77
C ILE B 125 -8.69 -46.77 -23.21
N ASN B 126 -7.45 -47.23 -23.37
CA ASN B 126 -7.21 -48.57 -23.82
C ASN B 126 -6.93 -49.57 -22.73
N ARG B 127 -6.82 -49.09 -21.48
CA ARG B 127 -6.41 -49.94 -20.36
C ARG B 127 -7.52 -50.89 -19.93
N PRO B 128 -7.26 -52.17 -19.83
CA PRO B 128 -8.24 -53.10 -19.30
C PRO B 128 -8.77 -52.62 -17.98
N THR B 129 -9.93 -53.10 -17.55
CA THR B 129 -10.45 -52.75 -16.23
C THR B 129 -10.33 -53.91 -15.27
N CYS B 130 -9.98 -55.08 -15.81
CA CYS B 130 -9.61 -56.24 -15.03
C CYS B 130 -8.10 -56.24 -14.74
N PRO B 131 -7.62 -57.21 -13.99
CA PRO B 131 -6.19 -57.30 -13.73
C PRO B 131 -5.42 -57.66 -14.99
N TYR B 132 -4.19 -57.14 -15.10
CA TYR B 132 -3.25 -57.61 -16.11
C TYR B 132 -1.85 -57.61 -15.58
N HIS B 133 -1.17 -58.72 -15.76
CA HIS B 133 0.21 -58.88 -15.28
C HIS B 133 0.93 -59.82 -16.19
N ASN B 134 2.18 -59.50 -16.44
CA ASN B 134 3.03 -60.41 -17.17
C ASN B 134 4.46 -60.00 -16.96
N PHE B 135 5.33 -60.53 -17.79
CA PHE B 135 6.73 -60.32 -17.58
C PHE B 135 7.32 -59.34 -18.58
N GLN B 136 6.48 -58.67 -19.37
CA GLN B 136 6.97 -57.66 -20.30
C GLN B 136 7.50 -56.45 -19.55
N ARG B 137 8.56 -55.84 -20.06
CA ARG B 137 9.03 -54.68 -19.36
C ARG B 137 9.39 -53.54 -20.26
N ASP B 138 9.47 -52.36 -19.69
CA ASP B 138 10.09 -51.27 -20.40
C ASP B 138 9.28 -50.81 -21.60
N GLY B 139 9.99 -50.44 -22.64
CA GLY B 139 9.40 -49.79 -23.79
C GLY B 139 9.08 -48.34 -23.50
N MET B 140 8.91 -47.54 -24.55
CA MET B 140 8.71 -46.09 -24.41
C MET B 140 7.54 -45.73 -23.50
N HIS B 141 7.53 -44.50 -23.01
CA HIS B 141 6.57 -44.05 -22.01
C HIS B 141 6.01 -45.13 -21.06
N ARG B 142 6.85 -45.94 -20.41
CA ARG B 142 6.33 -46.94 -19.50
C ARG B 142 5.78 -46.35 -18.22
N MET B 143 4.52 -46.61 -17.90
CA MET B 143 3.90 -46.10 -16.66
C MET B 143 3.96 -47.10 -15.51
N GLY B 144 3.51 -48.32 -15.77
CA GLY B 144 3.62 -49.36 -14.78
C GLY B 144 4.99 -49.55 -14.17
N ILE B 145 5.08 -49.36 -12.86
CA ILE B 145 6.32 -49.66 -12.14
C ILE B 145 6.32 -51.07 -11.54
N ASP B 146 7.10 -51.96 -12.12
CA ASP B 146 7.09 -53.36 -11.68
C ASP B 146 7.91 -53.69 -10.42
N THR B 147 7.24 -54.29 -9.44
CA THR B 147 7.91 -54.70 -8.20
C THR B 147 8.31 -56.16 -8.17
N ASN B 148 7.87 -56.94 -9.15
CA ASN B 148 8.22 -58.36 -9.18
C ASN B 148 9.72 -58.63 -9.32
N PRO B 149 10.32 -59.33 -8.35
CA PRO B 149 11.73 -59.71 -8.42
C PRO B 149 12.08 -60.37 -9.76
N ALA B 150 11.10 -61.01 -10.40
CA ALA B 150 11.33 -61.67 -11.68
C ALA B 150 10.71 -60.96 -12.89
N ASN B 151 11.39 -61.07 -14.02
CA ASN B 151 10.86 -60.61 -15.30
C ASN B 151 10.86 -61.74 -16.33
N TYR B 152 10.80 -62.97 -15.84
CA TYR B 152 10.87 -64.12 -16.70
C TYR B 152 10.03 -65.25 -16.14
N GLU B 153 9.77 -66.26 -16.94
CA GLU B 153 9.23 -67.47 -16.38
C GLU B 153 9.53 -68.67 -17.29
N PRO B 154 9.81 -69.84 -16.71
CA PRO B 154 9.59 -70.13 -15.29
C PRO B 154 10.58 -69.48 -14.36
N ASN B 155 10.13 -69.11 -13.17
CA ASN B 155 11.00 -68.48 -12.20
C ASN B 155 10.78 -69.08 -10.82
N SER B 156 11.82 -69.20 -10.01
CA SER B 156 11.61 -69.70 -8.64
C SER B 156 11.63 -68.57 -7.60
N ILE B 157 12.18 -67.43 -7.98
CA ILE B 157 12.45 -66.33 -7.05
C ILE B 157 11.20 -65.56 -6.65
N ASN B 158 10.20 -65.59 -7.52
CA ASN B 158 8.85 -65.13 -7.13
C ASN B 158 7.85 -66.27 -7.28
N ASP B 159 8.29 -67.49 -6.97
CA ASP B 159 7.38 -68.63 -6.91
C ASP B 159 6.63 -68.82 -8.19
N ASN B 160 7.24 -68.41 -9.30
CA ASN B 160 6.64 -68.48 -10.62
C ASN B 160 5.38 -67.62 -10.91
N TRP B 161 5.10 -66.67 -10.03
CA TRP B 161 4.02 -65.70 -10.24
C TRP B 161 4.50 -64.49 -11.04
N PRO B 162 3.63 -64.00 -11.90
CA PRO B 162 2.28 -64.54 -12.09
C PRO B 162 2.21 -65.81 -12.94
N ARG B 163 1.33 -66.72 -12.53
CA ARG B 163 1.25 -68.05 -13.12
C ARG B 163 0.28 -68.14 -14.25
N GLU B 164 0.54 -69.10 -15.11
CA GLU B 164 -0.33 -69.40 -16.22
C GLU B 164 -1.58 -70.07 -15.65
N THR B 165 -2.67 -70.04 -16.40
CA THR B 165 -3.94 -70.60 -15.93
C THR B 165 -4.52 -71.53 -16.99
N PRO B 166 -4.89 -72.75 -16.60
CA PRO B 166 -5.37 -73.74 -17.57
C PRO B 166 -6.73 -73.32 -18.10
N PRO B 167 -7.15 -73.85 -19.26
CA PRO B 167 -8.43 -73.44 -19.83
C PRO B 167 -9.55 -74.04 -19.01
N GLY B 168 -10.71 -73.39 -18.98
CA GLY B 168 -11.83 -73.88 -18.20
C GLY B 168 -13.13 -73.13 -18.45
N PRO B 169 -14.23 -73.63 -17.89
CA PRO B 169 -15.55 -73.02 -18.06
C PRO B 169 -15.65 -71.52 -17.82
N LYS B 170 -14.88 -70.99 -16.90
CA LYS B 170 -14.96 -69.58 -16.50
C LYS B 170 -13.61 -69.20 -15.92
N ARG B 171 -13.09 -68.00 -16.23
CA ARG B 171 -11.85 -67.50 -15.58
C ARG B 171 -10.66 -68.37 -15.98
N GLY B 172 -10.74 -68.98 -17.15
CA GLY B 172 -9.71 -69.90 -17.60
C GLY B 172 -8.76 -69.21 -18.52
N GLY B 173 -7.69 -69.89 -18.86
CA GLY B 173 -6.71 -69.39 -19.77
C GLY B 173 -7.22 -69.52 -21.18
N PHE B 174 -6.62 -68.77 -22.09
CA PHE B 174 -7.03 -68.84 -23.49
C PHE B 174 -6.30 -69.98 -24.19
N GLU B 175 -7.09 -70.94 -24.68
CA GLU B 175 -6.60 -72.05 -25.51
C GLU B 175 -7.22 -71.83 -26.88
N SER B 176 -6.50 -72.09 -27.97
CA SER B 176 -7.13 -71.97 -29.30
C SER B 176 -7.98 -73.22 -29.62
N TYR B 177 -9.05 -73.10 -30.38
CA TYR B 177 -9.77 -74.30 -30.77
C TYR B 177 -8.85 -75.15 -31.66
N GLN B 178 -8.87 -76.47 -31.47
CA GLN B 178 -7.87 -77.30 -32.12
C GLN B 178 -8.21 -77.63 -33.56
N GLU B 179 -8.67 -76.66 -34.35
CA GLU B 179 -9.02 -76.85 -35.76
C GLU B 179 -8.07 -77.69 -36.62
N ARG B 180 -8.57 -78.68 -37.36
CA ARG B 180 -7.63 -79.47 -38.18
C ARG B 180 -7.16 -78.73 -39.43
N VAL B 181 -5.86 -78.79 -39.67
CA VAL B 181 -5.30 -78.08 -40.77
C VAL B 181 -4.63 -79.07 -41.71
N GLU B 182 -4.91 -79.01 -43.01
CA GLU B 182 -4.37 -79.99 -43.95
C GLU B 182 -4.18 -79.38 -45.32
N GLY B 183 -2.95 -79.07 -45.65
CA GLY B 183 -2.73 -78.40 -46.91
C GLY B 183 -1.27 -78.25 -47.15
N ASN B 184 -0.94 -77.83 -48.36
CA ASN B 184 0.43 -77.50 -48.72
C ASN B 184 0.67 -76.01 -48.48
N LYS B 185 1.91 -75.61 -48.27
CA LYS B 185 2.21 -74.18 -48.11
C LYS B 185 2.07 -73.47 -49.46
N VAL B 186 1.01 -72.68 -49.61
CA VAL B 186 0.74 -72.06 -50.91
C VAL B 186 0.18 -70.66 -50.85
N ARG B 187 0.65 -69.79 -51.73
CA ARG B 187 -0.03 -68.55 -52.00
C ARG B 187 -1.03 -68.73 -53.16
N GLU B 188 -2.28 -69.01 -52.79
CA GLU B 188 -3.30 -69.40 -53.74
C GLU B 188 -4.68 -69.08 -53.19
N ARG B 189 -5.48 -68.35 -53.96
CA ARG B 189 -6.86 -68.13 -53.56
C ARG B 189 -7.72 -69.40 -53.70
N SER B 190 -8.51 -69.71 -52.65
CA SER B 190 -9.40 -70.87 -52.66
C SER B 190 -10.44 -70.74 -53.75
N PRO B 191 -10.59 -71.78 -54.54
CA PRO B 191 -11.53 -71.74 -55.65
C PRO B 191 -12.95 -71.48 -55.18
N SER B 192 -13.28 -71.78 -53.93
CA SER B 192 -14.64 -71.50 -53.41
C SER B 192 -14.96 -70.01 -53.29
N PHE B 193 -13.96 -69.19 -53.55
CA PHE B 193 -14.10 -67.76 -53.44
C PHE B 193 -14.25 -67.17 -54.86
N GLY B 194 -14.20 -68.03 -55.88
CA GLY B 194 -14.13 -67.58 -57.26
C GLY B 194 -15.39 -66.97 -57.89
N GLU B 195 -16.52 -66.95 -57.20
CA GLU B 195 -17.74 -66.40 -57.80
C GLU B 195 -18.12 -64.97 -57.35
N TYR B 196 -18.11 -64.01 -58.27
CA TYR B 196 -18.18 -62.61 -57.87
C TYR B 196 -19.48 -61.88 -58.13
N TYR B 197 -20.44 -62.51 -58.81
CA TYR B 197 -21.58 -61.73 -59.34
C TYR B 197 -22.97 -62.01 -58.78
N SER B 198 -23.20 -63.18 -58.21
CA SER B 198 -24.53 -63.47 -57.71
C SER B 198 -24.89 -62.79 -56.38
N HIS B 199 -23.90 -62.44 -55.55
CA HIS B 199 -24.24 -61.70 -54.33
C HIS B 199 -24.65 -60.23 -54.65
N PRO B 200 -23.85 -59.57 -55.50
CA PRO B 200 -24.24 -58.30 -56.12
C PRO B 200 -25.64 -58.36 -56.73
N ARG B 201 -25.85 -59.32 -57.61
CA ARG B 201 -27.17 -59.54 -58.21
C ARG B 201 -28.27 -59.75 -57.15
N LEU B 202 -28.01 -60.61 -56.17
CA LEU B 202 -29.04 -60.87 -55.15
C LEU B 202 -29.33 -59.55 -54.44
N PHE B 203 -28.27 -58.77 -54.24
CA PHE B 203 -28.44 -57.51 -53.54
C PHE B 203 -29.36 -56.59 -54.34
N TRP B 204 -28.96 -56.31 -55.59
CA TRP B 204 -29.73 -55.45 -56.51
C TRP B 204 -31.20 -55.87 -56.65
N LEU B 205 -31.39 -57.16 -56.85
CA LEU B 205 -32.72 -57.69 -57.05
C LEU B 205 -33.66 -57.49 -55.87
N SER B 206 -33.15 -57.04 -54.74
CA SER B 206 -34.04 -56.93 -53.60
C SER B 206 -34.25 -55.47 -53.22
N GLN B 207 -33.82 -54.58 -54.10
CA GLN B 207 -33.99 -53.14 -53.89
C GLN B 207 -35.24 -52.57 -54.56
N THR B 208 -36.07 -51.84 -53.82
CA THR B 208 -37.23 -51.17 -54.42
C THR B 208 -36.85 -50.35 -55.70
N PRO B 209 -37.76 -50.25 -56.67
CA PRO B 209 -37.45 -49.52 -57.91
C PRO B 209 -36.82 -48.16 -57.63
N PHE B 210 -37.17 -47.51 -56.51
CA PHE B 210 -36.57 -46.20 -56.28
C PHE B 210 -35.18 -46.22 -55.60
N GLU B 211 -34.92 -47.24 -54.79
CA GLU B 211 -33.53 -47.52 -54.35
C GLU B 211 -32.66 -47.85 -55.56
N GLN B 212 -33.24 -48.61 -56.49
CA GLN B 212 -32.54 -49.05 -57.70
C GLN B 212 -32.12 -47.89 -58.59
N ARG B 213 -32.96 -46.86 -58.65
CA ARG B 213 -32.63 -45.60 -59.34
C ARG B 213 -31.40 -44.98 -58.67
N HIS B 214 -31.42 -44.99 -57.33
CA HIS B 214 -30.37 -44.36 -56.53
C HIS B 214 -29.02 -45.01 -56.78
N ILE B 215 -28.98 -46.35 -56.79
CA ILE B 215 -27.75 -47.05 -57.12
C ILE B 215 -27.23 -46.61 -58.50
N VAL B 216 -28.11 -46.57 -59.48
CA VAL B 216 -27.71 -46.18 -60.82
C VAL B 216 -27.02 -44.82 -60.75
N ASP B 217 -27.69 -43.88 -60.06
CA ASP B 217 -27.22 -42.50 -59.94
C ASP B 217 -25.84 -42.44 -59.29
N GLY B 218 -25.65 -43.26 -58.26
CA GLY B 218 -24.37 -43.38 -57.61
C GLY B 218 -23.29 -43.79 -58.61
N PHE B 219 -23.52 -44.91 -59.27
CA PHE B 219 -22.59 -45.42 -60.26
C PHE B 219 -22.32 -44.40 -61.33
N SER B 220 -23.39 -43.70 -61.74
CA SER B 220 -23.33 -42.73 -62.85
C SER B 220 -22.54 -41.48 -62.42
N PHE B 221 -22.89 -40.98 -61.24
CA PHE B 221 -22.20 -39.82 -60.72
C PHE B 221 -20.72 -40.10 -60.52
N GLU B 222 -20.37 -41.25 -59.96
CA GLU B 222 -18.95 -41.54 -59.69
C GLU B 222 -18.18 -41.79 -60.97
N LEU B 223 -18.76 -42.60 -61.86
CA LEU B 223 -18.04 -42.95 -63.07
C LEU B 223 -17.84 -41.72 -63.91
N SER B 224 -18.83 -40.82 -63.83
CA SER B 224 -18.79 -39.53 -64.52
C SER B 224 -17.56 -38.70 -64.16
N LYS B 225 -17.08 -38.85 -62.94
CA LYS B 225 -15.92 -38.09 -62.53
C LYS B 225 -14.64 -38.81 -62.86
N VAL B 226 -14.74 -39.94 -63.56
CA VAL B 226 -13.55 -40.69 -63.98
C VAL B 226 -12.98 -40.08 -65.26
N VAL B 227 -11.68 -39.81 -65.29
CA VAL B 227 -11.12 -39.17 -66.47
C VAL B 227 -11.01 -40.17 -67.62
N ARG B 228 -10.15 -41.17 -67.45
CA ARG B 228 -9.86 -42.15 -68.49
C ARG B 228 -11.14 -42.87 -68.91
N PRO B 229 -11.56 -42.73 -70.18
CA PRO B 229 -12.88 -43.20 -70.61
C PRO B 229 -13.01 -44.71 -70.56
N TYR B 230 -11.94 -45.42 -70.89
CA TYR B 230 -12.04 -46.87 -70.95
C TYR B 230 -12.35 -47.54 -69.62
N ILE B 231 -11.84 -46.93 -68.54
CA ILE B 231 -12.11 -47.39 -67.20
C ILE B 231 -13.60 -47.35 -67.00
N ARG B 232 -14.20 -46.25 -67.45
CA ARG B 232 -15.66 -46.15 -67.48
C ARG B 232 -16.30 -47.41 -68.08
N GLU B 233 -15.87 -47.81 -69.29
CA GLU B 233 -16.55 -48.89 -70.02
C GLU B 233 -16.30 -50.26 -69.42
N ARG B 234 -15.11 -50.48 -68.89
CA ARG B 234 -14.86 -51.76 -68.26
C ARG B 234 -15.71 -51.96 -67.02
N VAL B 235 -15.88 -50.91 -66.22
CA VAL B 235 -16.76 -51.02 -65.06
C VAL B 235 -18.14 -51.40 -65.55
N VAL B 236 -18.71 -50.57 -66.44
CA VAL B 236 -20.06 -50.81 -66.98
C VAL B 236 -20.14 -52.24 -67.48
N ASP B 237 -19.04 -52.66 -68.08
CA ASP B 237 -18.93 -54.02 -68.56
C ASP B 237 -19.19 -55.04 -67.45
N GLN B 238 -18.56 -54.82 -66.28
CA GLN B 238 -18.71 -55.68 -65.10
C GLN B 238 -20.12 -55.53 -64.55
N LEU B 239 -20.57 -54.30 -64.40
CA LEU B 239 -22.01 -54.10 -64.11
C LEU B 239 -22.83 -55.10 -64.94
N ALA B 240 -22.58 -55.16 -66.24
CA ALA B 240 -23.26 -56.08 -67.14
C ALA B 240 -23.33 -57.53 -66.66
N HIS B 241 -22.26 -58.07 -66.08
CA HIS B 241 -22.37 -59.43 -65.55
C HIS B 241 -23.23 -59.50 -64.29
N ILE B 242 -23.74 -58.38 -63.82
CA ILE B 242 -24.57 -58.40 -62.62
C ILE B 242 -26.05 -58.39 -62.97
N ASP B 243 -26.47 -57.38 -63.72
CA ASP B 243 -27.85 -57.26 -64.22
C ASP B 243 -27.87 -56.31 -65.39
N LEU B 244 -28.59 -56.69 -66.46
CA LEU B 244 -28.56 -55.92 -67.72
C LEU B 244 -29.20 -54.52 -67.64
N THR B 245 -30.31 -54.40 -66.90
CA THR B 245 -30.99 -53.11 -66.71
C THR B 245 -30.01 -52.11 -66.10
N LEU B 246 -29.55 -52.42 -64.88
CA LEU B 246 -28.50 -51.67 -64.21
C LEU B 246 -27.40 -51.24 -65.19
N ALA B 247 -26.74 -52.19 -65.84
CA ALA B 247 -25.61 -51.88 -66.73
C ALA B 247 -25.97 -50.83 -67.75
N GLN B 248 -27.11 -51.03 -68.41
CA GLN B 248 -27.61 -50.13 -69.46
C GLN B 248 -27.89 -48.72 -68.93
N ALA B 249 -28.80 -48.66 -67.95
CA ALA B 249 -29.19 -47.39 -67.33
C ALA B 249 -27.95 -46.53 -67.20
N VAL B 250 -26.94 -47.06 -66.48
CA VAL B 250 -25.70 -46.36 -66.21
C VAL B 250 -24.94 -46.08 -67.49
N ALA B 251 -24.83 -47.08 -68.35
CA ALA B 251 -24.33 -46.87 -69.72
C ALA B 251 -24.99 -45.69 -70.42
N LYS B 252 -26.31 -45.57 -70.28
CA LYS B 252 -27.02 -44.48 -70.91
C LYS B 252 -26.49 -43.12 -70.42
N ASN B 253 -26.48 -42.92 -69.10
CA ASN B 253 -26.06 -41.66 -68.50
C ASN B 253 -24.62 -41.22 -68.82
N LEU B 254 -23.75 -42.18 -69.16
CA LEU B 254 -22.37 -41.86 -69.55
C LEU B 254 -22.14 -41.97 -71.03
N GLY B 255 -23.18 -42.38 -71.76
CA GLY B 255 -23.18 -42.45 -73.22
C GLY B 255 -22.47 -43.60 -73.95
N ILE B 256 -22.98 -44.83 -73.78
CA ILE B 256 -22.47 -45.98 -74.54
C ILE B 256 -23.58 -46.93 -75.05
N SER C 1 40.63 -34.10 -46.32
CA SER C 1 41.29 -34.21 -47.66
C SER C 1 40.67 -33.26 -48.73
N GLU C 2 39.56 -32.58 -48.41
CA GLU C 2 38.88 -31.73 -49.40
C GLU C 2 38.35 -30.34 -48.98
N ASN C 3 38.99 -29.65 -48.05
CA ASN C 3 38.63 -28.23 -47.76
C ASN C 3 37.27 -27.59 -48.20
N TYR C 4 36.23 -27.77 -47.38
CA TYR C 4 34.94 -27.07 -47.52
C TYR C 4 34.72 -26.07 -46.37
N ALA C 5 33.85 -25.10 -46.59
CA ALA C 5 33.42 -24.22 -45.51
C ALA C 5 32.44 -24.92 -44.54
N LEU C 6 32.62 -24.67 -43.25
CA LEU C 6 31.71 -25.11 -42.21
C LEU C 6 30.41 -24.32 -42.29
N THR C 7 29.31 -25.06 -42.45
CA THR C 7 27.93 -24.53 -42.60
C THR C 7 26.86 -25.05 -41.56
N THR C 8 25.69 -24.40 -41.51
CA THR C 8 24.52 -25.01 -40.90
C THR C 8 24.12 -26.13 -41.83
N ASN C 9 23.19 -27.00 -41.42
CA ASN C 9 22.76 -28.03 -42.36
C ASN C 9 21.94 -27.43 -43.51
N GLN C 10 21.63 -26.13 -43.46
CA GLN C 10 20.86 -25.54 -44.53
C GLN C 10 21.88 -25.00 -45.51
N GLY C 11 23.15 -25.36 -45.28
CA GLY C 11 24.28 -24.86 -46.06
C GLY C 11 24.44 -23.36 -45.94
N VAL C 12 24.55 -22.86 -44.72
CA VAL C 12 24.83 -21.44 -44.54
C VAL C 12 26.22 -21.32 -43.89
N ARG C 13 27.16 -20.70 -44.59
CA ARG C 13 28.50 -20.57 -44.03
C ARG C 13 28.48 -19.95 -42.64
N ILE C 14 29.23 -20.55 -41.73
CA ILE C 14 29.27 -20.05 -40.36
C ILE C 14 30.49 -19.15 -40.14
N ALA C 15 30.26 -17.98 -39.57
CA ALA C 15 31.36 -17.06 -39.28
C ALA C 15 32.12 -17.47 -38.02
N ASP C 16 31.41 -17.52 -36.90
CA ASP C 16 32.03 -17.81 -35.61
C ASP C 16 31.39 -19.05 -34.99
N ASP C 17 32.17 -20.11 -34.86
CA ASP C 17 31.68 -21.35 -34.27
C ASP C 17 32.37 -21.55 -32.95
N GLN C 18 32.47 -20.49 -32.15
CA GLN C 18 33.00 -20.60 -30.80
C GLN C 18 32.13 -19.84 -29.83
N ASN C 19 31.13 -19.09 -30.32
CA ASN C 19 30.25 -18.39 -29.37
C ASN C 19 28.75 -18.45 -29.61
N SER C 20 27.97 -18.12 -28.58
CA SER C 20 26.54 -17.96 -28.79
C SER C 20 26.33 -16.49 -29.08
N LEU C 21 25.19 -16.15 -29.66
CA LEU C 21 24.83 -14.78 -29.89
C LEU C 21 24.26 -14.28 -28.58
N ARG C 22 24.82 -13.23 -28.02
CA ARG C 22 24.28 -12.71 -26.76
C ARG C 22 24.10 -11.21 -26.81
N ALA C 23 23.45 -10.65 -25.79
CA ALA C 23 23.28 -9.21 -25.70
C ALA C 23 24.42 -8.55 -24.87
N GLY C 24 25.53 -8.20 -25.52
CA GLY C 24 26.73 -7.77 -24.83
C GLY C 24 27.51 -9.05 -24.59
N SER C 25 28.83 -9.00 -24.64
CA SER C 25 29.62 -10.21 -24.50
C SER C 25 29.38 -10.84 -23.16
N ARG C 26 28.88 -10.06 -22.21
CA ARG C 26 28.57 -10.60 -20.90
C ARG C 26 27.05 -10.86 -20.66
N GLY C 27 26.26 -10.87 -21.71
CA GLY C 27 24.82 -10.83 -21.57
C GLY C 27 24.13 -12.16 -21.86
N PRO C 28 22.80 -12.13 -21.85
CA PRO C 28 21.98 -13.33 -22.03
C PRO C 28 22.00 -13.86 -23.45
N THR C 29 21.94 -15.19 -23.60
CA THR C 29 21.96 -15.78 -24.92
C THR C 29 20.61 -15.50 -25.56
N LEU C 30 20.61 -15.09 -26.83
CA LEU C 30 19.38 -14.72 -27.55
C LEU C 30 18.75 -15.91 -28.21
N LEU C 31 17.44 -15.97 -28.10
CA LEU C 31 16.67 -17.02 -28.77
C LEU C 31 16.93 -17.07 -30.30
N GLU C 32 17.16 -15.91 -30.93
CA GLU C 32 17.36 -15.86 -32.39
C GLU C 32 18.66 -16.46 -32.88
N ASP C 33 19.49 -16.99 -31.99
CA ASP C 33 20.72 -17.61 -32.47
C ASP C 33 20.37 -19.00 -33.05
N PHE C 34 19.88 -18.98 -34.29
CA PHE C 34 19.43 -20.19 -34.98
C PHE C 34 20.57 -21.17 -35.30
N ILE C 35 21.81 -20.67 -35.21
CA ILE C 35 22.95 -21.49 -35.54
C ILE C 35 23.30 -22.28 -34.35
N LEU C 36 23.10 -21.69 -33.17
CA LEU C 36 23.32 -22.43 -31.94
C LEU C 36 22.31 -23.56 -31.89
N ARG C 37 21.03 -23.19 -31.81
CA ARG C 37 19.98 -24.19 -31.67
C ARG C 37 20.07 -25.26 -32.71
N GLU C 38 20.45 -24.94 -33.95
CA GLU C 38 20.65 -26.04 -34.90
C GLU C 38 21.75 -27.01 -34.45
N LYS C 39 22.91 -26.49 -34.09
CA LYS C 39 23.98 -27.35 -33.57
C LYS C 39 23.53 -28.16 -32.36
N ILE C 40 22.88 -27.51 -31.40
CA ILE C 40 22.48 -28.24 -30.18
C ILE C 40 21.40 -29.26 -30.52
N THR C 41 20.30 -28.81 -31.10
CA THR C 41 19.28 -29.74 -31.49
C THR C 41 19.92 -30.99 -32.00
N HIS C 42 20.67 -30.91 -33.10
CA HIS C 42 21.28 -32.13 -33.61
C HIS C 42 21.96 -32.90 -32.51
N PHE C 43 22.78 -32.22 -31.72
CA PHE C 43 23.53 -32.96 -30.73
C PHE C 43 22.54 -33.68 -29.83
N ASP C 44 21.50 -32.93 -29.47
CA ASP C 44 20.42 -33.41 -28.61
C ASP C 44 19.77 -34.68 -29.10
N HIS C 45 19.76 -34.93 -30.40
CA HIS C 45 18.99 -36.08 -30.89
C HIS C 45 19.88 -37.09 -31.58
N GLU C 46 21.15 -37.13 -31.15
CA GLU C 46 22.14 -38.04 -31.75
C GLU C 46 21.89 -39.53 -31.58
N ARG C 47 21.49 -39.93 -30.38
CA ARG C 47 21.33 -41.34 -30.05
C ARG C 47 20.04 -41.96 -30.55
N ILE C 48 20.11 -43.23 -30.96
CA ILE C 48 18.92 -44.01 -31.25
C ILE C 48 18.93 -45.27 -30.38
N PRO C 49 17.80 -45.95 -30.27
CA PRO C 49 17.73 -47.13 -29.41
C PRO C 49 18.75 -48.15 -29.85
N GLU C 50 19.44 -48.76 -28.90
CA GLU C 50 20.38 -49.80 -29.26
C GLU C 50 19.58 -51.07 -29.51
N ARG C 51 20.20 -52.08 -30.11
CA ARG C 51 19.48 -53.34 -30.39
C ARG C 51 19.05 -53.96 -29.06
N ILE C 52 17.93 -54.68 -29.08
CA ILE C 52 17.44 -55.34 -27.87
C ILE C 52 18.48 -56.32 -27.32
N VAL C 53 19.09 -57.05 -28.25
CA VAL C 53 20.15 -58.00 -27.95
C VAL C 53 21.20 -57.83 -29.03
N HIS C 54 22.40 -58.35 -28.79
CA HIS C 54 23.52 -58.04 -29.66
C HIS C 54 23.69 -56.54 -29.84
N ALA C 55 23.58 -55.79 -28.74
CA ALA C 55 23.78 -54.33 -28.82
C ALA C 55 25.20 -54.04 -29.27
N ARG C 56 26.11 -54.82 -28.73
CA ARG C 56 27.51 -54.54 -28.79
C ARG C 56 28.13 -55.22 -30.00
N GLY C 57 28.51 -54.47 -31.03
CA GLY C 57 29.05 -55.10 -32.21
C GLY C 57 30.21 -54.43 -32.91
N SER C 58 30.93 -55.22 -33.71
CA SER C 58 31.90 -54.66 -34.66
C SER C 58 31.70 -55.21 -36.09
N ALA C 59 31.91 -54.36 -37.09
CA ALA C 59 31.45 -54.68 -38.45
C ALA C 59 32.50 -54.39 -39.51
N ALA C 60 32.39 -55.01 -40.67
CA ALA C 60 33.28 -54.66 -41.77
C ALA C 60 32.70 -55.08 -43.09
N HIS C 61 33.10 -54.33 -44.13
CA HIS C 61 32.78 -54.68 -45.54
C HIS C 61 33.71 -55.72 -46.09
N GLY C 62 33.22 -56.49 -47.06
CA GLY C 62 34.00 -57.55 -47.67
C GLY C 62 33.28 -58.05 -48.88
N TYR C 63 33.64 -59.24 -49.31
CA TYR C 63 33.00 -59.78 -50.51
C TYR C 63 33.01 -61.30 -50.39
N PHE C 64 32.32 -61.95 -51.29
CA PHE C 64 32.22 -63.40 -51.22
C PHE C 64 32.10 -63.96 -52.65
N GLN C 65 32.50 -65.21 -52.82
CA GLN C 65 32.32 -65.90 -54.08
C GLN C 65 32.34 -67.39 -53.78
N PRO C 66 31.55 -68.17 -54.53
CA PRO C 66 31.44 -69.61 -54.31
C PRO C 66 32.55 -70.38 -54.99
N TYR C 67 32.77 -71.63 -54.59
CA TYR C 67 33.86 -72.41 -55.15
C TYR C 67 33.47 -72.93 -56.51
N LYS C 68 32.21 -73.34 -56.65
CA LYS C 68 31.64 -73.85 -57.92
C LYS C 68 30.12 -73.66 -57.94
N SER C 69 29.52 -73.55 -59.12
CA SER C 69 28.08 -73.45 -59.21
C SER C 69 27.43 -74.52 -58.34
N LEU C 70 26.54 -74.09 -57.45
CA LEU C 70 25.76 -75.02 -56.64
C LEU C 70 24.39 -75.19 -57.28
N SER C 71 24.27 -74.80 -58.56
CA SER C 71 22.97 -74.82 -59.22
C SER C 71 22.21 -76.15 -59.04
N ASP C 72 22.97 -77.23 -58.87
CA ASP C 72 22.37 -78.55 -58.69
C ASP C 72 21.48 -78.67 -57.44
N ILE C 73 21.85 -78.00 -56.35
CA ILE C 73 21.07 -78.16 -55.13
C ILE C 73 20.16 -76.95 -54.82
N THR C 74 20.56 -75.78 -55.31
CA THR C 74 19.82 -74.53 -55.10
C THR C 74 19.87 -73.59 -56.30
N LYS C 75 18.75 -72.95 -56.59
CA LYS C 75 18.67 -71.97 -57.67
C LYS C 75 19.06 -70.52 -57.25
N ALA C 76 19.73 -70.38 -56.10
CA ALA C 76 20.10 -69.08 -55.52
C ALA C 76 21.22 -68.39 -56.29
N ASP C 77 20.96 -67.21 -56.84
CA ASP C 77 21.91 -66.61 -57.72
C ASP C 77 23.32 -66.52 -57.12
N PHE C 78 23.50 -65.84 -55.99
CA PHE C 78 24.86 -65.59 -55.43
C PHE C 78 25.75 -66.87 -55.33
N LEU C 79 25.12 -68.03 -55.39
CA LEU C 79 25.86 -69.30 -55.37
C LEU C 79 25.98 -70.01 -56.74
N SER C 80 25.54 -69.37 -57.82
CA SER C 80 25.39 -70.07 -59.10
C SER C 80 26.59 -70.11 -60.07
N ASP C 81 27.73 -69.53 -59.68
CA ASP C 81 28.87 -69.39 -60.60
C ASP C 81 30.00 -68.70 -59.81
N PRO C 82 31.19 -69.31 -59.89
CA PRO C 82 32.40 -68.90 -59.13
C PRO C 82 32.95 -67.54 -59.50
N ASN C 83 32.42 -66.95 -60.58
CA ASN C 83 32.85 -65.64 -61.07
C ASN C 83 31.97 -64.47 -60.65
N LYS C 84 30.75 -64.79 -60.20
CA LYS C 84 29.86 -63.85 -59.48
C LYS C 84 30.40 -63.43 -58.09
N ILE C 85 30.84 -62.18 -57.99
CA ILE C 85 31.33 -61.64 -56.73
C ILE C 85 30.22 -60.91 -55.98
N THR C 86 29.88 -61.41 -54.80
CA THR C 86 28.88 -60.76 -53.96
C THR C 86 29.45 -59.88 -52.86
N PRO C 87 29.08 -58.62 -52.86
CA PRO C 87 29.49 -57.73 -51.77
C PRO C 87 28.88 -58.24 -50.47
N VAL C 88 29.62 -58.12 -49.35
CA VAL C 88 29.02 -58.33 -48.03
C VAL C 88 29.44 -57.37 -46.90
N PHE C 89 28.49 -57.12 -46.01
CA PHE C 89 28.77 -56.41 -44.77
C PHE C 89 28.52 -57.38 -43.61
N VAL C 90 29.44 -57.39 -42.64
CA VAL C 90 29.38 -58.36 -41.55
C VAL C 90 29.58 -57.74 -40.17
N ARG C 91 28.66 -58.04 -39.26
CA ARG C 91 28.74 -57.53 -37.89
C ARG C 91 28.95 -58.67 -36.91
N PHE C 92 29.93 -58.57 -36.03
CA PHE C 92 30.06 -59.58 -34.98
C PHE C 92 29.64 -58.91 -33.68
N SER C 93 29.13 -59.70 -32.74
CA SER C 93 28.54 -59.06 -31.58
C SER C 93 28.65 -59.97 -30.39
N THR C 94 28.55 -59.38 -29.19
CA THR C 94 28.12 -60.13 -27.99
C THR C 94 26.58 -60.18 -27.92
N VAL C 95 26.06 -60.71 -26.83
CA VAL C 95 24.61 -60.84 -26.72
C VAL C 95 24.01 -59.91 -25.66
N GLN C 96 24.39 -60.11 -24.42
CA GLN C 96 23.70 -59.50 -23.29
C GLN C 96 23.91 -58.01 -23.16
N GLY C 97 25.17 -57.61 -23.11
CA GLY C 97 25.52 -56.24 -22.79
C GLY C 97 25.05 -55.21 -23.79
N GLY C 98 25.12 -53.94 -23.39
CA GLY C 98 24.72 -52.84 -24.24
C GLY C 98 25.80 -52.40 -25.22
N ALA C 99 25.58 -51.23 -25.83
CA ALA C 99 26.39 -50.68 -26.92
C ALA C 99 27.76 -50.34 -26.44
N GLY C 100 27.85 -50.10 -25.13
CA GLY C 100 29.02 -49.53 -24.47
C GLY C 100 29.56 -50.48 -23.42
N SER C 101 29.05 -51.70 -23.43
CA SER C 101 29.66 -52.80 -22.68
C SER C 101 30.99 -53.31 -23.30
N ALA C 102 31.60 -54.29 -22.64
CA ALA C 102 32.91 -54.79 -23.02
C ALA C 102 32.86 -55.92 -24.07
N ASP C 103 33.86 -56.00 -24.95
CA ASP C 103 34.02 -57.11 -25.92
C ASP C 103 34.43 -58.43 -25.28
N THR C 104 35.07 -58.36 -24.13
CA THR C 104 35.80 -59.51 -23.65
C THR C 104 35.09 -60.08 -22.50
N VAL C 105 33.91 -60.60 -22.77
CA VAL C 105 33.09 -61.12 -21.69
C VAL C 105 32.73 -62.55 -22.04
N ARG C 106 32.32 -63.33 -21.04
CA ARG C 106 31.87 -64.70 -21.29
C ARG C 106 30.45 -64.59 -21.79
N ASP C 107 30.23 -65.04 -23.02
CA ASP C 107 28.95 -64.86 -23.72
C ASP C 107 29.00 -65.55 -25.08
N ILE C 108 27.83 -65.90 -25.60
CA ILE C 108 27.72 -66.22 -27.01
C ILE C 108 28.09 -64.97 -27.79
N ARG C 109 28.53 -65.15 -29.05
CA ARG C 109 28.75 -64.01 -29.95
C ARG C 109 27.92 -64.24 -31.19
N GLY C 110 27.60 -63.14 -31.85
CA GLY C 110 26.83 -63.22 -33.06
C GLY C 110 27.81 -62.99 -34.17
N PHE C 111 27.36 -63.34 -35.37
CA PHE C 111 28.15 -63.34 -36.55
C PHE C 111 27.08 -63.25 -37.62
N ALA C 112 26.76 -62.04 -38.03
CA ALA C 112 25.73 -61.84 -39.00
C ALA C 112 26.30 -61.26 -40.27
N THR C 113 25.72 -61.65 -41.40
CA THR C 113 26.30 -61.37 -42.69
C THR C 113 25.20 -60.94 -43.59
N LYS C 114 25.37 -59.77 -44.19
CA LYS C 114 24.44 -59.29 -45.17
C LYS C 114 25.08 -59.47 -46.55
N PHE C 115 24.40 -60.22 -47.42
CA PHE C 115 24.83 -60.53 -48.79
C PHE C 115 23.98 -59.72 -49.74
N TYR C 116 24.61 -58.75 -50.39
CA TYR C 116 23.90 -57.98 -51.40
C TYR C 116 23.88 -58.76 -52.73
N THR C 117 23.10 -59.82 -52.81
CA THR C 117 23.04 -60.59 -54.06
C THR C 117 22.42 -59.74 -55.18
N GLU C 118 22.42 -60.26 -56.42
CA GLU C 118 21.73 -59.55 -57.52
C GLU C 118 20.26 -59.86 -57.56
N GLU C 119 19.83 -60.76 -56.67
CA GLU C 119 18.43 -61.19 -56.65
C GLU C 119 17.70 -60.86 -55.34
N GLY C 120 18.33 -59.96 -54.58
CA GLY C 120 17.86 -59.49 -53.29
C GLY C 120 18.92 -59.62 -52.23
N ILE C 121 18.64 -59.02 -51.08
CA ILE C 121 19.53 -59.11 -49.94
C ILE C 121 19.31 -60.41 -49.21
N PHE C 122 20.38 -61.11 -48.94
CA PHE C 122 20.25 -62.31 -48.17
C PHE C 122 20.93 -62.05 -46.85
N ASP C 123 20.21 -62.29 -45.76
CA ASP C 123 20.77 -62.10 -44.43
C ASP C 123 20.97 -63.44 -43.72
N LEU C 124 22.22 -63.77 -43.40
CA LEU C 124 22.52 -64.98 -42.66
C LEU C 124 22.92 -64.56 -41.24
N VAL C 125 22.04 -64.85 -40.29
CA VAL C 125 22.20 -64.27 -38.95
C VAL C 125 22.44 -65.37 -37.94
N GLY C 126 23.70 -65.57 -37.61
CA GLY C 126 24.07 -66.70 -36.78
C GLY C 126 24.87 -66.30 -35.57
N ASN C 127 25.12 -67.29 -34.72
CA ASN C 127 26.05 -67.14 -33.63
C ASN C 127 27.29 -68.02 -33.84
N ASN C 128 28.19 -67.95 -32.85
CA ASN C 128 29.42 -68.71 -32.82
C ASN C 128 29.34 -70.06 -32.14
N THR C 129 28.13 -70.56 -31.91
CA THR C 129 27.97 -71.94 -31.45
C THR C 129 26.90 -72.58 -32.29
N PRO C 130 26.88 -73.90 -32.37
CA PRO C 130 26.01 -74.58 -33.33
C PRO C 130 24.58 -74.74 -32.85
N ILE C 131 24.29 -74.46 -31.58
CA ILE C 131 22.90 -74.49 -31.14
C ILE C 131 22.52 -73.28 -30.36
N PHE C 132 21.25 -73.19 -30.00
CA PHE C 132 20.81 -72.10 -29.16
C PHE C 132 20.29 -72.60 -27.86
N PHE C 133 19.87 -71.64 -27.03
CA PHE C 133 19.49 -71.90 -25.65
C PHE C 133 18.13 -72.54 -25.51
N ILE C 134 17.15 -72.08 -26.31
CA ILE C 134 15.75 -72.47 -26.17
C ILE C 134 15.14 -72.98 -27.49
N GLN C 135 14.02 -73.67 -27.41
CA GLN C 135 13.47 -74.30 -28.61
C GLN C 135 12.37 -73.47 -29.31
N ASP C 136 11.49 -72.82 -28.54
CA ASP C 136 10.40 -72.06 -29.13
C ASP C 136 10.63 -70.57 -28.98
N ALA C 137 10.44 -69.82 -30.06
CA ALA C 137 10.61 -68.37 -30.03
C ALA C 137 9.75 -67.61 -28.98
N HIS C 138 8.70 -68.25 -28.52
CA HIS C 138 7.85 -67.67 -27.48
C HIS C 138 8.64 -67.49 -26.22
N LYS C 139 9.69 -68.26 -26.02
CA LYS C 139 10.41 -68.17 -24.77
C LYS C 139 11.54 -67.16 -24.82
N PHE C 140 11.80 -66.64 -26.01
CA PHE C 140 12.84 -65.64 -26.16
C PHE C 140 12.85 -64.57 -25.08
N PRO C 141 11.79 -63.79 -24.92
CA PRO C 141 11.83 -62.70 -23.96
C PRO C 141 12.05 -63.23 -22.57
N ASP C 142 11.49 -64.37 -22.20
CA ASP C 142 11.83 -64.86 -20.86
C ASP C 142 13.32 -65.13 -20.68
N PHE C 143 13.94 -65.82 -21.64
CA PHE C 143 15.34 -66.11 -21.49
C PHE C 143 16.19 -64.84 -21.46
N VAL C 144 15.95 -63.97 -22.41
CA VAL C 144 16.74 -62.80 -22.57
C VAL C 144 16.59 -61.94 -21.33
N HIS C 145 15.38 -61.86 -20.81
CA HIS C 145 15.19 -61.08 -19.61
C HIS C 145 15.99 -61.68 -18.48
N ALA C 146 16.08 -63.00 -18.44
CA ALA C 146 16.77 -63.72 -17.35
C ALA C 146 18.29 -63.52 -17.37
N VAL C 147 18.83 -63.37 -18.58
CA VAL C 147 20.26 -63.33 -18.75
C VAL C 147 20.71 -61.92 -18.55
N LYS C 148 19.83 -60.99 -18.95
CA LYS C 148 20.09 -59.55 -19.00
C LYS C 148 20.18 -59.03 -17.59
N PRO C 149 20.72 -57.84 -17.38
CA PRO C 149 20.77 -57.25 -16.05
C PRO C 149 19.42 -57.43 -15.35
N GLU C 150 19.41 -57.56 -14.04
CA GLU C 150 18.16 -57.84 -13.37
C GLU C 150 17.37 -56.55 -13.23
N PRO C 151 16.05 -56.66 -13.24
CA PRO C 151 15.15 -55.51 -13.38
C PRO C 151 15.22 -54.47 -12.28
N HIS C 152 15.64 -54.84 -11.07
CA HIS C 152 15.54 -53.87 -9.97
C HIS C 152 16.68 -52.87 -9.94
N TRP C 153 17.88 -53.33 -10.30
CA TRP C 153 19.07 -52.51 -10.11
C TRP C 153 19.99 -52.39 -11.33
N ALA C 154 19.66 -53.16 -12.38
CA ALA C 154 20.40 -53.17 -13.66
C ALA C 154 21.81 -53.71 -13.56
N ILE C 155 21.94 -54.88 -12.92
CA ILE C 155 23.21 -55.54 -12.71
C ILE C 155 23.02 -57.05 -12.89
N PRO C 156 23.98 -57.76 -13.49
CA PRO C 156 25.25 -57.23 -14.04
C PRO C 156 25.31 -56.97 -15.56
N GLN C 157 26.20 -56.09 -16.02
CA GLN C 157 26.44 -55.90 -17.43
C GLN C 157 27.34 -57.01 -18.00
N GLY C 158 26.99 -57.55 -19.18
CA GLY C 158 27.74 -58.62 -19.83
C GLY C 158 28.16 -59.81 -18.96
N GLN C 159 27.21 -60.41 -18.26
CA GLN C 159 27.54 -61.56 -17.47
C GLN C 159 26.29 -62.40 -17.32
N SER C 160 26.44 -63.70 -17.49
CA SER C 160 25.39 -64.62 -17.13
C SER C 160 25.48 -64.95 -15.64
N ALA C 161 26.36 -64.29 -14.91
CA ALA C 161 26.68 -64.73 -13.55
C ALA C 161 25.86 -64.04 -12.47
N HIS C 162 24.57 -64.28 -12.52
CA HIS C 162 23.62 -63.86 -11.47
C HIS C 162 22.43 -64.82 -11.42
N ASP C 163 21.58 -64.61 -10.44
CA ASP C 163 20.64 -65.62 -10.06
C ASP C 163 19.64 -65.99 -11.13
N THR C 164 19.04 -64.99 -11.75
CA THR C 164 17.98 -65.23 -12.69
C THR C 164 18.46 -66.11 -13.82
N PHE C 165 19.59 -65.78 -14.41
CA PHE C 165 20.08 -66.61 -15.50
C PHE C 165 20.07 -68.06 -15.13
N TRP C 166 20.63 -68.40 -13.99
CA TRP C 166 20.75 -69.80 -13.58
C TRP C 166 19.43 -70.34 -13.02
N ASP C 167 18.61 -69.44 -12.52
CA ASP C 167 17.31 -69.87 -12.08
C ASP C 167 16.60 -70.37 -13.31
N TYR C 168 16.67 -69.60 -14.41
CA TYR C 168 16.05 -70.00 -15.67
C TYR C 168 16.69 -71.27 -16.20
N VAL C 169 18.01 -71.32 -16.22
CA VAL C 169 18.72 -72.50 -16.70
C VAL C 169 18.33 -73.72 -15.89
N SER C 170 18.28 -73.58 -14.58
CA SER C 170 17.95 -74.69 -13.68
C SER C 170 16.55 -75.24 -13.80
N LEU C 171 15.66 -74.50 -14.45
CA LEU C 171 14.27 -74.91 -14.59
C LEU C 171 13.92 -75.06 -16.05
N GLN C 172 14.92 -74.90 -16.93
CA GLN C 172 14.69 -75.10 -18.37
C GLN C 172 15.81 -75.89 -19.01
N PRO C 173 15.85 -77.17 -18.71
CA PRO C 173 16.95 -78.06 -19.12
C PRO C 173 17.30 -77.99 -20.62
N GLU C 174 16.33 -77.72 -21.47
CA GLU C 174 16.64 -77.47 -22.88
C GLU C 174 17.86 -76.54 -23.03
N THR C 175 18.09 -75.65 -22.08
CA THR C 175 19.20 -74.69 -22.18
C THR C 175 20.58 -75.29 -22.01
N LEU C 176 20.68 -76.39 -21.27
CA LEU C 176 21.98 -76.97 -20.90
C LEU C 176 22.94 -77.09 -22.07
N HIS C 177 22.49 -77.63 -23.21
CA HIS C 177 23.38 -77.72 -24.36
C HIS C 177 24.10 -76.43 -24.66
N ASN C 178 23.43 -75.30 -24.79
CA ASN C 178 24.19 -74.10 -25.18
C ASN C 178 25.04 -73.61 -24.02
N VAL C 179 24.50 -73.77 -22.82
CA VAL C 179 25.18 -73.30 -21.63
C VAL C 179 26.51 -74.01 -21.60
N MET C 180 26.48 -75.29 -21.92
CA MET C 180 27.73 -76.04 -21.97
C MET C 180 28.71 -75.23 -22.81
N TRP C 181 28.41 -75.08 -24.10
CA TRP C 181 29.27 -74.34 -24.99
C TRP C 181 29.66 -73.01 -24.39
N ALA C 182 28.77 -72.40 -23.64
CA ALA C 182 29.04 -71.06 -23.11
C ALA C 182 30.14 -71.08 -22.08
N MET C 183 30.08 -72.11 -21.24
CA MET C 183 31.08 -72.27 -20.20
C MET C 183 32.39 -72.83 -20.76
N SER C 184 32.38 -73.30 -22.01
CA SER C 184 33.60 -73.80 -22.65
C SER C 184 34.51 -72.63 -22.95
N ASP C 185 35.54 -72.86 -23.74
CA ASP C 185 36.36 -71.73 -24.19
C ASP C 185 35.81 -71.06 -25.44
N ARG C 186 34.77 -71.64 -26.02
CA ARG C 186 34.09 -71.02 -27.14
C ARG C 186 33.32 -69.79 -26.67
N GLY C 187 33.18 -69.67 -25.35
CA GLY C 187 32.42 -68.61 -24.74
C GLY C 187 33.24 -67.36 -24.48
N ILE C 188 34.55 -67.50 -24.59
CA ILE C 188 35.44 -66.37 -24.41
C ILE C 188 36.48 -66.43 -25.50
N PRO C 189 36.09 -66.25 -26.77
CA PRO C 189 37.03 -66.34 -27.88
C PRO C 189 38.02 -65.19 -27.80
N ARG C 190 39.15 -65.29 -28.50
CA ARG C 190 40.15 -64.25 -28.37
C ARG C 190 40.10 -63.25 -29.54
N SER C 191 39.50 -63.63 -30.64
CA SER C 191 39.16 -62.63 -31.66
C SER C 191 38.07 -63.09 -32.66
N TYR C 192 37.45 -62.11 -33.31
CA TYR C 192 36.46 -62.44 -34.33
C TYR C 192 37.15 -63.17 -35.49
N ARG C 193 38.42 -62.80 -35.70
CA ARG C 193 39.21 -63.34 -36.79
C ARG C 193 39.36 -64.87 -36.70
N THR C 194 39.40 -65.38 -35.47
CA THR C 194 39.45 -66.83 -35.28
C THR C 194 38.16 -67.45 -34.74
N MET C 195 37.00 -66.98 -35.19
CA MET C 195 35.74 -67.48 -34.63
C MET C 195 34.93 -68.32 -35.60
N GLU C 196 34.24 -69.34 -35.08
CA GLU C 196 33.35 -70.11 -35.91
C GLU C 196 31.98 -69.43 -36.00
N GLY C 197 31.18 -69.87 -36.96
CA GLY C 197 29.84 -69.36 -37.18
C GLY C 197 28.86 -70.45 -37.53
N PHE C 198 27.63 -70.33 -37.04
CA PHE C 198 26.55 -71.25 -37.35
C PHE C 198 25.23 -70.53 -37.56
N GLY C 199 24.39 -71.11 -38.43
CA GLY C 199 23.10 -70.55 -38.80
C GLY C 199 22.11 -71.17 -37.87
N ILE C 200 22.64 -72.02 -37.01
CA ILE C 200 21.87 -72.87 -36.11
C ILE C 200 20.72 -73.61 -36.72
N HIS C 201 19.73 -72.91 -37.29
CA HIS C 201 18.56 -73.61 -37.87
C HIS C 201 18.82 -74.47 -39.10
N THR C 202 18.01 -75.48 -39.27
CA THR C 202 17.97 -76.19 -40.52
C THR C 202 17.14 -75.38 -41.46
N PHE C 203 17.78 -74.87 -42.50
CA PHE C 203 17.05 -74.19 -43.57
C PHE C 203 16.80 -75.13 -44.76
N ARG C 204 16.25 -74.59 -45.83
CA ARG C 204 16.10 -75.37 -47.03
C ARG C 204 16.83 -74.68 -48.17
N LEU C 205 17.49 -75.50 -49.00
CA LEU C 205 17.95 -75.16 -50.35
C LEU C 205 16.99 -75.73 -51.38
N ILE C 206 16.56 -74.87 -52.28
CA ILE C 206 15.62 -75.22 -53.32
C ILE C 206 16.30 -74.96 -54.65
N ASN C 207 16.46 -76.02 -55.44
CA ASN C 207 17.04 -75.95 -56.80
C ASN C 207 15.98 -75.67 -57.82
N ALA C 208 16.43 -75.46 -59.05
CA ALA C 208 15.56 -75.09 -60.16
C ALA C 208 14.37 -76.02 -60.37
N GLU C 209 14.42 -77.27 -59.92
CA GLU C 209 13.33 -78.22 -60.16
C GLU C 209 12.35 -78.27 -59.00
N GLY C 210 12.60 -77.41 -58.01
CA GLY C 210 11.84 -77.40 -56.77
C GLY C 210 12.15 -78.61 -55.89
N LYS C 211 13.37 -79.11 -55.94
CA LYS C 211 13.74 -80.21 -55.06
C LYS C 211 14.31 -79.60 -53.74
N ALA C 212 13.67 -79.93 -52.63
CA ALA C 212 14.13 -79.43 -51.33
C ALA C 212 15.31 -80.20 -50.77
N THR C 213 16.32 -79.46 -50.30
CA THR C 213 17.41 -80.06 -49.53
C THR C 213 17.61 -79.37 -48.17
N PHE C 214 17.48 -80.11 -47.07
CA PHE C 214 17.77 -79.51 -45.76
C PHE C 214 19.23 -79.06 -45.64
N VAL C 215 19.46 -77.86 -45.12
CA VAL C 215 20.81 -77.35 -45.01
C VAL C 215 21.13 -76.76 -43.63
N ARG C 216 22.39 -76.68 -43.24
CA ARG C 216 22.73 -75.93 -42.05
C ARG C 216 24.00 -75.14 -42.23
N PHE C 217 23.93 -73.84 -42.01
CA PHE C 217 25.07 -73.00 -42.38
C PHE C 217 26.24 -72.91 -41.36
N HIS C 218 27.45 -73.07 -41.89
CA HIS C 218 28.65 -72.99 -41.10
C HIS C 218 29.49 -71.94 -41.74
N TRP C 219 30.36 -71.35 -40.94
CA TRP C 219 31.34 -70.41 -41.42
C TRP C 219 32.53 -70.94 -40.72
N LYS C 220 33.59 -71.28 -41.45
CA LYS C 220 34.88 -71.60 -40.78
C LYS C 220 35.95 -70.58 -41.07
N PRO C 221 36.67 -70.14 -40.04
CA PRO C 221 37.73 -69.14 -40.20
C PRO C 221 39.01 -69.77 -40.82
N LEU C 222 39.56 -69.13 -41.84
CA LEU C 222 40.80 -69.60 -42.48
C LEU C 222 42.07 -68.98 -41.87
N ALA C 223 41.88 -68.16 -40.83
CA ALA C 223 43.01 -67.59 -40.07
C ALA C 223 43.57 -68.60 -39.06
N LYS D 1 40.56 -60.54 -16.44
CA LYS D 1 39.72 -60.06 -17.54
C LYS D 1 40.43 -58.95 -18.37
N LEU D 2 40.50 -59.17 -19.69
CA LEU D 2 40.90 -58.12 -20.65
C LEU D 2 39.76 -57.09 -20.75
N THR D 3 38.66 -57.34 -20.00
CA THR D 3 37.52 -56.40 -19.81
C THR D 3 37.92 -55.12 -19.01
N GLY D 4 38.98 -55.25 -18.20
CA GLY D 4 39.64 -54.15 -17.50
C GLY D 4 40.77 -53.49 -18.30
N ARG D 5 41.75 -54.27 -18.78
CA ARG D 5 42.79 -53.72 -19.65
C ARG D 5 42.20 -53.01 -20.90
N ASP D 6 41.51 -53.75 -21.78
CA ASP D 6 40.91 -53.11 -22.98
C ASP D 6 39.46 -53.57 -23.34
N PRO D 7 38.46 -52.84 -22.87
CA PRO D 7 37.08 -53.26 -23.09
C PRO D 7 36.77 -53.37 -24.57
N ASP D 8 37.61 -52.79 -25.44
CA ASP D 8 37.33 -52.75 -26.90
C ASP D 8 38.23 -53.71 -27.70
N PHE D 9 38.90 -54.62 -27.02
CA PHE D 9 39.92 -55.42 -27.70
C PHE D 9 39.46 -55.89 -29.08
N HIS D 10 38.45 -56.77 -29.09
CA HIS D 10 38.03 -57.45 -30.31
C HIS D 10 37.67 -56.53 -31.43
N ARG D 11 37.02 -55.42 -31.09
CA ARG D 11 36.63 -54.38 -32.03
C ARG D 11 37.89 -53.79 -32.67
N ARG D 12 38.92 -53.60 -31.85
CA ARG D 12 40.16 -52.95 -32.21
C ARG D 12 41.03 -53.89 -33.03
N GLU D 13 41.09 -55.14 -32.59
CA GLU D 13 41.86 -56.15 -33.31
C GLU D 13 41.33 -56.39 -34.72
N LEU D 14 40.00 -56.40 -34.86
CA LEU D 14 39.44 -56.58 -36.18
C LEU D 14 39.77 -55.36 -37.05
N TRP D 15 39.49 -54.17 -36.57
CA TRP D 15 39.72 -52.99 -37.40
C TRP D 15 41.19 -52.94 -37.81
N GLU D 16 42.09 -53.25 -36.87
CA GLU D 16 43.52 -52.99 -37.06
C GLU D 16 44.13 -54.02 -38.00
N ALA D 17 43.58 -55.22 -37.92
CA ALA D 17 43.90 -56.25 -38.89
C ALA D 17 43.55 -55.72 -40.30
N ILE D 18 42.32 -55.28 -40.53
CA ILE D 18 41.96 -54.85 -41.89
C ILE D 18 42.82 -53.68 -42.42
N GLU D 19 43.20 -52.78 -41.50
CA GLU D 19 44.11 -51.66 -41.77
C GLU D 19 45.42 -52.19 -42.34
N ALA D 20 46.10 -53.00 -41.51
CA ALA D 20 47.35 -53.68 -41.88
C ALA D 20 47.32 -54.53 -43.20
N GLY D 21 46.16 -55.02 -43.63
CA GLY D 21 46.14 -55.92 -44.78
C GLY D 21 45.74 -57.38 -44.54
N ASP D 22 46.00 -57.97 -43.37
CA ASP D 22 45.56 -59.34 -43.09
C ASP D 22 44.06 -59.46 -42.90
N PHE D 23 43.35 -59.38 -44.02
CA PHE D 23 41.90 -59.53 -44.11
C PHE D 23 41.45 -60.87 -43.54
N PRO D 24 40.51 -60.85 -42.60
CA PRO D 24 39.88 -62.08 -42.09
C PRO D 24 39.18 -62.84 -43.19
N GLU D 25 39.32 -64.15 -43.20
CA GLU D 25 38.72 -64.92 -44.27
C GLU D 25 37.90 -65.96 -43.57
N TYR D 26 36.87 -66.42 -44.26
CA TYR D 26 35.98 -67.43 -43.73
C TYR D 26 35.54 -68.33 -44.87
N GLU D 27 35.34 -69.60 -44.56
CA GLU D 27 34.76 -70.51 -45.54
C GLU D 27 33.32 -70.86 -45.15
N LEU D 28 32.42 -70.61 -46.09
CA LEU D 28 31.03 -70.96 -45.91
C LEU D 28 30.80 -72.42 -46.31
N GLY D 29 30.42 -73.27 -45.37
CA GLY D 29 30.05 -74.64 -45.69
C GLY D 29 28.61 -75.05 -45.31
N PHE D 30 28.05 -76.02 -46.02
CA PHE D 30 26.68 -76.48 -45.80
C PHE D 30 26.70 -77.90 -45.31
N GLN D 31 25.96 -78.21 -44.25
CA GLN D 31 25.62 -79.62 -44.05
C GLN D 31 24.33 -79.86 -44.82
N LEU D 32 24.35 -80.79 -45.78
CA LEU D 32 23.17 -81.13 -46.58
C LEU D 32 22.53 -82.41 -46.12
N ILE D 33 21.21 -82.41 -46.06
CA ILE D 33 20.44 -83.63 -45.83
C ILE D 33 19.26 -83.76 -46.81
N PRO D 34 19.19 -84.85 -47.57
CA PRO D 34 18.06 -85.06 -48.48
C PRO D 34 16.73 -85.07 -47.72
N GLU D 35 15.66 -84.62 -48.40
CA GLU D 35 14.35 -84.49 -47.77
C GLU D 35 13.88 -85.76 -47.09
N GLU D 36 14.30 -86.91 -47.60
CA GLU D 36 13.77 -88.18 -47.11
C GLU D 36 14.53 -88.75 -45.90
N ASP D 37 15.70 -88.19 -45.60
CA ASP D 37 16.43 -88.57 -44.39
C ASP D 37 15.91 -87.87 -43.15
N GLU D 38 14.86 -87.05 -43.32
CA GLU D 38 14.33 -86.18 -42.26
C GLU D 38 14.19 -86.84 -40.88
N PHE D 39 13.81 -88.11 -40.84
CA PHE D 39 13.57 -88.76 -39.55
C PHE D 39 14.59 -89.83 -39.18
N LYS D 40 15.77 -89.77 -39.79
CA LYS D 40 16.70 -90.87 -39.67
C LYS D 40 17.66 -90.73 -38.51
N PHE D 41 17.42 -89.77 -37.63
CA PHE D 41 18.43 -89.36 -36.65
C PHE D 41 17.95 -89.50 -35.23
N ASP D 42 18.92 -89.51 -34.31
CA ASP D 42 18.68 -89.67 -32.88
C ASP D 42 17.77 -88.57 -32.33
N PHE D 43 17.56 -87.54 -33.12
CA PHE D 43 16.95 -86.29 -32.65
C PHE D 43 16.15 -85.62 -33.81
N ASP D 44 15.44 -84.57 -33.50
CA ASP D 44 14.65 -83.89 -34.50
C ASP D 44 15.42 -82.77 -35.19
N LEU D 45 15.51 -82.84 -36.50
CA LEU D 45 16.29 -81.88 -37.28
C LEU D 45 15.93 -80.44 -37.01
N LEU D 46 14.67 -80.19 -36.61
CA LEU D 46 14.15 -78.83 -36.40
C LEU D 46 14.33 -78.29 -34.96
N ASP D 47 15.03 -79.02 -34.13
CA ASP D 47 15.22 -78.61 -32.78
C ASP D 47 16.58 -77.92 -32.67
N PRO D 48 16.59 -76.63 -32.34
CA PRO D 48 17.79 -75.81 -32.44
C PRO D 48 18.70 -75.91 -31.18
N THR D 49 18.35 -76.80 -30.26
CA THR D 49 19.21 -77.05 -29.12
C THR D 49 19.95 -78.34 -29.40
N LYS D 50 19.90 -78.76 -30.67
CA LYS D 50 20.63 -79.94 -31.14
C LYS D 50 21.47 -79.61 -32.37
N LEU D 51 22.69 -80.11 -32.36
CA LEU D 51 23.59 -79.99 -33.52
C LEU D 51 23.52 -81.25 -34.40
N ILE D 52 23.69 -81.09 -35.69
CA ILE D 52 23.94 -82.24 -36.53
C ILE D 52 25.43 -82.52 -36.42
N PRO D 53 25.78 -83.71 -35.92
CA PRO D 53 27.20 -84.10 -35.74
C PRO D 53 27.93 -84.18 -37.08
N GLU D 54 29.19 -83.80 -37.12
CA GLU D 54 29.88 -83.77 -38.41
C GLU D 54 30.18 -85.15 -38.95
N GLU D 55 30.43 -86.12 -38.07
CA GLU D 55 30.70 -87.49 -38.54
C GLU D 55 29.47 -88.18 -39.17
N LEU D 56 28.27 -87.71 -38.91
CA LEU D 56 27.12 -88.24 -39.65
C LEU D 56 26.92 -87.45 -40.94
N VAL D 57 26.81 -86.13 -40.81
CA VAL D 57 26.74 -85.23 -41.98
C VAL D 57 27.91 -84.26 -42.02
N PRO D 58 28.83 -84.48 -42.95
CA PRO D 58 30.04 -83.65 -43.07
C PRO D 58 29.74 -82.23 -43.60
N VAL D 59 30.56 -81.28 -43.16
CA VAL D 59 30.43 -79.88 -43.60
C VAL D 59 31.15 -79.67 -44.92
N GLN D 60 30.39 -79.37 -45.98
CA GLN D 60 30.92 -79.28 -47.32
C GLN D 60 31.34 -77.90 -47.72
N ARG D 61 32.66 -77.71 -47.81
CA ARG D 61 33.25 -76.47 -48.33
C ARG D 61 32.51 -75.94 -49.57
N VAL D 62 32.14 -74.65 -49.53
CA VAL D 62 31.22 -74.08 -50.51
C VAL D 62 31.56 -72.67 -51.00
N GLY D 63 32.24 -71.89 -50.16
CA GLY D 63 32.67 -70.57 -50.61
C GLY D 63 33.68 -69.88 -49.69
N LYS D 64 34.20 -68.76 -50.17
CA LYS D 64 35.15 -67.99 -49.39
C LYS D 64 34.63 -66.58 -49.18
N MET D 65 34.72 -66.11 -47.95
CA MET D 65 34.38 -64.71 -47.69
C MET D 65 35.60 -63.97 -47.14
N VAL D 66 35.77 -62.75 -47.64
CA VAL D 66 36.88 -61.89 -47.19
C VAL D 66 36.36 -60.51 -46.77
N LEU D 67 36.84 -60.05 -45.61
CA LEU D 67 36.48 -58.74 -45.07
C LEU D 67 37.63 -57.78 -45.33
N ASN D 68 37.46 -56.83 -46.24
CA ASN D 68 38.61 -56.02 -46.66
C ASN D 68 38.55 -54.50 -46.37
N ARG D 69 37.49 -54.05 -45.73
CA ARG D 69 37.29 -52.62 -45.62
C ARG D 69 36.47 -52.30 -44.39
N ASN D 70 37.12 -51.65 -43.42
CA ASN D 70 36.45 -51.10 -42.28
C ASN D 70 35.48 -50.06 -42.81
N PRO D 71 34.35 -49.87 -42.12
CA PRO D 71 33.36 -48.85 -42.50
C PRO D 71 33.94 -47.44 -42.45
N ASP D 72 33.24 -46.47 -43.02
CA ASP D 72 33.69 -45.08 -42.91
C ASP D 72 33.26 -44.44 -41.59
N ASN D 73 31.96 -44.55 -41.27
CA ASN D 73 31.36 -44.01 -40.08
C ASN D 73 30.70 -45.13 -39.29
N PHE D 74 31.11 -45.29 -38.03
CA PHE D 74 30.59 -46.37 -37.20
C PHE D 74 29.07 -46.34 -37.06
N PHE D 75 28.55 -45.18 -36.71
CA PHE D 75 27.14 -45.07 -36.49
C PHE D 75 26.39 -45.35 -37.81
N ALA D 76 26.80 -44.65 -38.85
CA ALA D 76 25.97 -44.62 -40.05
C ALA D 76 25.87 -45.99 -40.74
N GLU D 77 26.89 -46.83 -40.54
CA GLU D 77 27.03 -48.06 -41.30
C GLU D 77 26.91 -49.27 -40.39
N ASN D 78 27.54 -49.22 -39.21
CA ASN D 78 27.44 -50.28 -38.20
C ASN D 78 26.13 -50.20 -37.43
N GLU D 79 26.03 -49.19 -36.56
CA GLU D 79 24.89 -49.08 -35.65
C GLU D 79 23.62 -49.30 -36.41
N GLN D 80 23.41 -48.54 -37.50
CA GLN D 80 22.14 -48.57 -38.24
C GLN D 80 21.99 -49.79 -39.14
N ALA D 81 22.95 -50.72 -39.17
CA ALA D 81 22.79 -51.90 -40.03
C ALA D 81 21.61 -52.75 -39.55
N ALA D 82 20.80 -53.27 -40.46
CA ALA D 82 19.63 -54.10 -40.12
C ALA D 82 19.69 -55.50 -40.75
N PHE D 83 20.01 -56.52 -39.96
CA PHE D 83 20.15 -57.88 -40.43
C PHE D 83 18.90 -58.59 -39.99
N HIS D 84 18.30 -59.43 -40.84
CA HIS D 84 17.13 -60.17 -40.42
C HIS D 84 17.01 -61.49 -41.19
N PRO D 85 16.90 -62.60 -40.46
CA PRO D 85 16.97 -63.93 -41.10
C PRO D 85 15.83 -64.21 -42.07
N GLY D 86 14.77 -63.42 -42.01
CA GLY D 86 13.68 -63.63 -42.92
C GLY D 86 14.07 -63.02 -44.25
N HIS D 87 15.22 -62.38 -44.29
CA HIS D 87 15.64 -61.77 -45.54
C HIS D 87 16.36 -62.85 -46.31
N ILE D 88 15.61 -63.62 -47.07
CA ILE D 88 16.19 -64.64 -47.92
C ILE D 88 15.84 -64.35 -49.39
N VAL D 89 16.32 -65.20 -50.29
CA VAL D 89 16.20 -64.98 -51.74
C VAL D 89 15.76 -66.27 -52.35
N PRO D 90 15.20 -66.26 -53.57
CA PRO D 90 14.82 -67.52 -54.23
C PRO D 90 16.01 -68.46 -54.27
N GLY D 91 15.77 -69.74 -53.97
CA GLY D 91 16.85 -70.70 -53.84
C GLY D 91 17.01 -71.15 -52.40
N LEU D 92 16.53 -70.32 -51.46
CA LEU D 92 16.55 -70.65 -50.04
C LEU D 92 15.13 -70.69 -49.59
N ASP D 93 14.90 -71.31 -48.44
CA ASP D 93 13.58 -71.30 -47.82
C ASP D 93 13.70 -71.79 -46.40
N PHE D 94 12.66 -71.56 -45.60
CA PHE D 94 12.71 -71.88 -44.18
C PHE D 94 12.25 -73.29 -43.87
N THR D 95 12.26 -73.65 -42.60
CA THR D 95 11.57 -74.85 -42.19
C THR D 95 10.79 -74.48 -40.97
N ASN D 96 10.04 -75.46 -40.45
CA ASN D 96 9.18 -75.24 -39.29
C ASN D 96 9.90 -75.22 -37.93
N ASP D 97 11.22 -75.02 -37.97
CA ASP D 97 11.98 -74.84 -36.76
C ASP D 97 11.23 -73.74 -35.99
N PRO D 98 10.74 -74.02 -34.79
CA PRO D 98 9.91 -73.05 -34.07
C PRO D 98 10.70 -71.87 -33.52
N LEU D 99 12.00 -72.01 -33.31
CA LEU D 99 12.76 -70.82 -32.94
C LEU D 99 12.82 -69.88 -34.14
N LEU D 100 13.21 -70.43 -35.28
CA LEU D 100 13.29 -69.71 -36.53
C LEU D 100 11.97 -69.02 -36.91
N GLN D 101 10.88 -69.75 -36.79
CA GLN D 101 9.59 -69.18 -37.16
C GLN D 101 9.32 -67.87 -36.46
N GLY D 102 9.54 -67.82 -35.15
CA GLY D 102 9.29 -66.62 -34.37
C GLY D 102 10.30 -65.54 -34.71
N ARG D 103 11.56 -65.93 -34.83
CA ARG D 103 12.55 -64.97 -35.31
C ARG D 103 11.96 -64.22 -36.49
N LEU D 104 11.32 -64.93 -37.39
CA LEU D 104 10.91 -64.30 -38.62
C LEU D 104 10.10 -63.05 -38.40
N PHE D 105 9.39 -62.98 -37.28
CA PHE D 105 8.47 -61.87 -37.06
C PHE D 105 9.20 -60.67 -36.53
N SER D 106 10.17 -60.95 -35.66
CA SER D 106 10.85 -59.95 -34.83
C SER D 106 11.83 -59.01 -35.51
N TYR D 107 12.77 -59.50 -36.29
CA TYR D 107 13.73 -58.59 -36.89
C TYR D 107 13.09 -57.50 -37.76
N THR D 108 11.88 -57.75 -38.28
CA THR D 108 11.16 -56.74 -39.06
C THR D 108 10.57 -55.72 -38.11
N ASP D 109 9.83 -56.21 -37.15
CA ASP D 109 9.07 -55.40 -36.26
C ASP D 109 9.96 -54.46 -35.47
N THR D 110 11.17 -54.93 -35.17
CA THR D 110 12.01 -54.18 -34.24
C THR D 110 12.73 -53.03 -34.94
N GLN D 111 12.88 -53.09 -36.25
CA GLN D 111 13.41 -51.93 -36.94
C GLN D 111 12.51 -50.69 -36.78
N ILE D 112 11.20 -50.85 -36.81
CA ILE D 112 10.31 -49.68 -36.81
C ILE D 112 10.54 -48.63 -35.72
N SER D 113 10.90 -49.07 -34.52
CA SER D 113 11.26 -48.14 -33.46
C SER D 113 12.74 -47.88 -33.48
N ARG D 114 13.53 -48.94 -33.64
CA ARG D 114 14.99 -48.79 -33.66
C ARG D 114 15.54 -47.91 -34.75
N LEU D 115 14.95 -47.90 -35.93
CA LEU D 115 15.56 -47.14 -37.02
C LEU D 115 14.64 -46.10 -37.54
N GLY D 116 13.50 -45.96 -36.86
CA GLY D 116 12.61 -44.82 -37.03
C GLY D 116 11.46 -44.98 -37.99
N GLY D 117 11.24 -46.17 -38.55
CA GLY D 117 10.07 -46.37 -39.41
C GLY D 117 10.30 -47.37 -40.50
N PRO D 118 9.36 -47.51 -41.43
CA PRO D 118 9.41 -48.59 -42.43
C PRO D 118 10.29 -48.29 -43.66
N ASN D 119 11.09 -47.25 -43.61
CA ASN D 119 11.97 -46.92 -44.73
C ASN D 119 13.44 -47.11 -44.33
N PHE D 120 13.69 -47.97 -43.36
CA PHE D 120 15.07 -48.24 -42.99
C PHE D 120 15.88 -48.80 -44.16
N HIS D 121 15.19 -49.41 -45.15
CA HIS D 121 15.91 -50.01 -46.26
C HIS D 121 16.53 -48.92 -47.14
N GLU D 122 16.05 -47.69 -46.98
CA GLU D 122 16.55 -46.65 -47.84
C GLU D 122 17.82 -46.16 -47.28
N ILE D 123 18.22 -46.64 -46.11
CA ILE D 123 19.50 -46.22 -45.53
C ILE D 123 20.59 -46.95 -46.29
N PRO D 124 21.58 -46.21 -46.77
CA PRO D 124 22.72 -46.80 -47.51
C PRO D 124 23.12 -48.23 -47.11
N ILE D 125 23.68 -48.40 -45.91
CA ILE D 125 24.11 -49.73 -45.55
C ILE D 125 23.03 -50.82 -45.64
N ASN D 126 21.73 -50.48 -45.62
CA ASN D 126 20.70 -51.56 -45.86
C ASN D 126 20.11 -51.69 -47.31
N ARG D 127 20.35 -50.66 -48.14
CA ARG D 127 19.79 -50.58 -49.50
C ARG D 127 20.28 -51.72 -50.41
N PRO D 128 19.37 -52.41 -51.07
CA PRO D 128 19.76 -53.42 -52.06
C PRO D 128 20.65 -52.78 -53.10
N THR D 129 21.55 -53.55 -53.71
CA THR D 129 22.34 -53.05 -54.83
C THR D 129 21.65 -53.45 -56.14
N CYS D 130 20.69 -54.37 -56.10
CA CYS D 130 19.85 -54.64 -57.26
C CYS D 130 18.60 -53.76 -57.31
N PRO D 131 17.90 -53.76 -58.44
CA PRO D 131 16.65 -53.00 -58.55
C PRO D 131 15.61 -53.48 -57.54
N TYR D 132 14.84 -52.55 -56.97
CA TYR D 132 13.70 -52.85 -56.11
C TYR D 132 12.60 -51.85 -56.40
N HIS D 133 11.38 -52.36 -56.48
CA HIS D 133 10.24 -51.59 -56.95
C HIS D 133 8.99 -52.36 -56.47
N ASN D 134 8.06 -51.63 -55.82
CA ASN D 134 6.72 -52.14 -55.50
C ASN D 134 5.63 -51.03 -55.52
N PHE D 135 4.50 -51.29 -54.91
CA PHE D 135 3.59 -50.18 -54.76
C PHE D 135 3.51 -49.60 -53.34
N GLN D 136 4.59 -49.70 -52.54
CA GLN D 136 4.49 -49.18 -51.17
C GLN D 136 4.71 -47.71 -51.29
N ARG D 137 4.22 -46.93 -50.35
CA ARG D 137 4.44 -45.50 -50.43
C ARG D 137 4.56 -44.83 -49.08
N ASP D 138 5.23 -43.68 -49.06
CA ASP D 138 5.23 -42.85 -47.89
C ASP D 138 5.99 -43.51 -46.78
N GLY D 139 5.60 -43.20 -45.54
CA GLY D 139 6.35 -43.63 -44.38
C GLY D 139 7.36 -42.56 -43.99
N MET D 140 7.68 -42.48 -42.70
CA MET D 140 8.64 -41.52 -42.21
C MET D 140 9.93 -41.63 -43.06
N HIS D 141 10.51 -40.48 -43.33
CA HIS D 141 11.81 -40.39 -44.01
C HIS D 141 11.84 -41.12 -45.34
N ARG D 142 10.76 -41.02 -46.07
CA ARG D 142 10.79 -41.57 -47.39
C ARG D 142 11.71 -40.70 -48.23
N MET D 143 12.71 -41.32 -48.86
CA MET D 143 13.66 -40.65 -49.76
C MET D 143 13.24 -40.84 -51.20
N GLY D 144 12.91 -42.07 -51.56
CA GLY D 144 12.35 -42.37 -52.86
C GLY D 144 11.11 -41.57 -53.27
N ILE D 145 11.30 -40.77 -54.31
CA ILE D 145 10.22 -40.03 -54.89
C ILE D 145 9.67 -40.90 -56.03
N ASP D 146 8.49 -41.43 -55.83
CA ASP D 146 7.89 -42.28 -56.85
C ASP D 146 7.18 -41.51 -57.95
N THR D 147 7.51 -41.80 -59.21
CA THR D 147 6.79 -41.20 -60.34
C THR D 147 5.65 -42.08 -60.87
N ASN D 148 5.62 -43.35 -60.49
CA ASN D 148 4.66 -44.24 -61.08
C ASN D 148 3.21 -43.76 -60.94
N PRO D 149 2.49 -43.59 -62.04
CA PRO D 149 1.11 -43.10 -61.94
C PRO D 149 0.27 -43.97 -60.97
N ALA D 150 0.71 -45.17 -60.69
CA ALA D 150 -0.12 -46.04 -59.90
C ALA D 150 0.59 -46.44 -58.64
N ASN D 151 -0.15 -46.49 -57.51
CA ASN D 151 0.37 -47.02 -56.25
C ASN D 151 -0.34 -48.30 -55.84
N TYR D 152 -0.94 -48.97 -56.81
CA TYR D 152 -1.69 -50.17 -56.54
C TYR D 152 -1.47 -51.19 -57.68
N GLU D 153 -2.08 -52.35 -57.53
CA GLU D 153 -1.99 -53.39 -58.53
C GLU D 153 -2.98 -54.49 -58.16
N PRO D 154 -3.81 -54.94 -59.11
CA PRO D 154 -3.55 -54.75 -60.52
C PRO D 154 -3.90 -53.34 -60.88
N ASN D 155 -3.22 -52.76 -61.87
CA ASN D 155 -3.54 -51.43 -62.34
C ASN D 155 -3.43 -51.39 -63.86
N SER D 156 -4.21 -50.54 -64.51
CA SER D 156 -4.13 -50.41 -65.97
C SER D 156 -3.46 -49.08 -66.34
N ILE D 157 -3.53 -48.10 -65.45
CA ILE D 157 -2.96 -46.83 -65.79
C ILE D 157 -1.45 -46.86 -66.02
N ASN D 158 -0.74 -47.86 -65.52
CA ASN D 158 0.69 -47.96 -65.82
C ASN D 158 0.95 -49.34 -66.41
N ASP D 159 -0.02 -49.86 -67.16
CA ASP D 159 0.18 -51.15 -67.79
C ASP D 159 0.59 -52.16 -66.74
N ASN D 160 0.00 -52.05 -65.56
CA ASN D 160 0.28 -52.94 -64.45
C ASN D 160 1.75 -53.10 -64.04
N TRP D 161 2.61 -52.10 -64.28
CA TRP D 161 4.03 -52.18 -63.86
C TRP D 161 4.19 -51.47 -62.52
N PRO D 162 5.09 -51.97 -61.68
CA PRO D 162 5.88 -53.16 -62.00
C PRO D 162 5.03 -54.43 -61.85
N ARG D 163 5.38 -55.45 -62.62
CA ARG D 163 4.63 -56.69 -62.72
C ARG D 163 5.32 -57.71 -61.87
N GLU D 164 4.54 -58.61 -61.33
CA GLU D 164 5.04 -59.78 -60.66
C GLU D 164 5.92 -60.54 -61.67
N THR D 165 6.52 -61.66 -61.24
CA THR D 165 7.37 -62.47 -62.10
C THR D 165 7.31 -63.92 -61.65
N PRO D 166 7.02 -64.84 -62.56
CA PRO D 166 6.77 -66.23 -62.18
C PRO D 166 8.07 -66.89 -61.74
N PRO D 167 7.96 -67.92 -60.90
CA PRO D 167 9.15 -68.59 -60.39
C PRO D 167 9.90 -69.23 -61.58
N GLY D 168 11.23 -69.18 -61.55
CA GLY D 168 12.03 -69.69 -62.65
C GLY D 168 13.36 -70.24 -62.15
N PRO D 169 14.14 -70.77 -63.08
CA PRO D 169 15.48 -71.29 -62.77
C PRO D 169 16.48 -70.19 -62.41
N LYS D 170 16.24 -68.99 -62.92
CA LYS D 170 17.15 -67.87 -62.70
C LYS D 170 16.31 -66.59 -62.85
N ARG D 171 16.55 -65.57 -62.04
CA ARG D 171 15.74 -64.36 -62.15
C ARG D 171 14.26 -64.68 -61.95
N GLY D 172 13.96 -65.75 -61.20
CA GLY D 172 12.59 -66.09 -60.86
C GLY D 172 12.03 -65.35 -59.66
N GLY D 173 10.70 -65.23 -59.63
CA GLY D 173 10.03 -64.72 -58.45
C GLY D 173 10.09 -65.75 -57.33
N PHE D 174 9.69 -65.35 -56.12
CA PHE D 174 9.81 -66.19 -54.94
C PHE D 174 8.53 -66.94 -54.67
N GLU D 175 8.67 -68.24 -54.53
CA GLU D 175 7.52 -69.08 -54.29
C GLU D 175 7.90 -70.07 -53.22
N SER D 176 7.08 -70.23 -52.20
CA SER D 176 7.51 -71.10 -51.11
C SER D 176 7.44 -72.55 -51.54
N TYR D 177 8.39 -73.33 -51.09
CA TYR D 177 8.29 -74.76 -51.27
C TYR D 177 6.98 -75.26 -50.66
N GLN D 178 6.18 -75.99 -51.43
CA GLN D 178 4.89 -76.51 -50.97
C GLN D 178 4.86 -77.68 -49.98
N GLU D 179 5.63 -77.57 -48.91
CA GLU D 179 5.67 -78.52 -47.80
C GLU D 179 4.28 -78.98 -47.38
N ARG D 180 4.04 -80.28 -47.22
CA ARG D 180 2.73 -80.67 -46.75
C ARG D 180 2.61 -80.29 -45.27
N VAL D 181 1.44 -79.80 -44.84
CA VAL D 181 1.16 -79.53 -43.43
C VAL D 181 -0.05 -80.31 -42.96
N GLU D 182 0.05 -80.95 -41.82
CA GLU D 182 -1.03 -81.76 -41.33
C GLU D 182 -0.99 -81.76 -39.81
N GLY D 183 -2.13 -81.50 -39.18
CA GLY D 183 -2.16 -81.40 -37.75
C GLY D 183 -3.21 -80.42 -37.26
N ASN D 184 -3.31 -80.30 -35.94
CA ASN D 184 -4.31 -79.44 -35.31
C ASN D 184 -3.66 -78.17 -34.85
N LYS D 185 -4.51 -77.17 -34.60
CA LYS D 185 -4.01 -75.90 -34.10
C LYS D 185 -3.65 -76.10 -32.63
N VAL D 186 -2.38 -76.03 -32.31
CA VAL D 186 -2.00 -76.31 -30.96
C VAL D 186 -0.77 -75.56 -30.52
N ARG D 187 -0.80 -75.24 -29.24
CA ARG D 187 0.34 -74.72 -28.53
C ARG D 187 0.93 -75.86 -27.73
N GLU D 188 1.96 -76.48 -28.28
CA GLU D 188 2.48 -77.75 -27.80
C GLU D 188 3.90 -77.96 -28.34
N ARG D 189 4.77 -78.44 -27.46
CA ARG D 189 6.15 -78.71 -27.83
C ARG D 189 6.19 -80.09 -28.46
N SER D 190 6.75 -80.20 -29.66
CA SER D 190 6.93 -81.54 -30.29
C SER D 190 7.65 -82.51 -29.36
N PRO D 191 7.07 -83.67 -29.06
CA PRO D 191 7.72 -84.58 -28.11
C PRO D 191 9.13 -84.96 -28.56
N SER D 192 9.42 -84.87 -29.86
CA SER D 192 10.75 -85.19 -30.38
C SER D 192 11.86 -84.25 -29.92
N PHE D 193 11.47 -83.19 -29.21
CA PHE D 193 12.37 -82.12 -28.77
C PHE D 193 12.73 -82.36 -27.33
N GLY D 194 12.11 -83.34 -26.71
CA GLY D 194 12.11 -83.46 -25.27
C GLY D 194 13.23 -84.23 -24.62
N GLU D 195 14.35 -84.39 -25.33
CA GLU D 195 15.54 -85.00 -24.73
C GLU D 195 16.68 -83.99 -24.57
N TYR D 196 16.98 -83.62 -23.32
CA TYR D 196 17.89 -82.49 -23.08
C TYR D 196 19.39 -82.76 -22.73
N TYR D 197 19.78 -84.00 -22.49
CA TYR D 197 21.06 -84.25 -21.85
C TYR D 197 22.13 -84.90 -22.72
N SER D 198 21.73 -85.70 -23.70
CA SER D 198 22.70 -86.45 -24.48
C SER D 198 23.51 -85.59 -25.45
N HIS D 199 23.01 -84.43 -25.85
CA HIS D 199 23.85 -83.53 -26.62
C HIS D 199 24.93 -82.83 -25.78
N PRO D 200 24.54 -82.33 -24.61
CA PRO D 200 25.49 -81.81 -23.62
C PRO D 200 26.58 -82.82 -23.30
N ARG D 201 26.17 -84.06 -23.07
CA ARG D 201 27.07 -85.17 -22.75
C ARG D 201 28.05 -85.45 -23.89
N LEU D 202 27.54 -85.62 -25.11
CA LEU D 202 28.40 -85.87 -26.25
C LEU D 202 29.45 -84.76 -26.34
N PHE D 203 29.05 -83.53 -26.03
CA PHE D 203 29.96 -82.39 -26.10
C PHE D 203 31.06 -82.51 -25.05
N TRP D 204 30.67 -82.74 -23.80
CA TRP D 204 31.64 -82.85 -22.72
C TRP D 204 32.61 -84.01 -22.96
N LEU D 205 32.05 -85.13 -23.39
CA LEU D 205 32.83 -86.33 -23.62
C LEU D 205 33.94 -86.13 -24.66
N SER D 206 33.90 -85.04 -25.40
CA SER D 206 34.83 -84.89 -26.50
C SER D 206 35.76 -83.73 -26.24
N GLN D 207 35.87 -83.36 -24.97
CA GLN D 207 36.77 -82.30 -24.54
C GLN D 207 38.02 -82.90 -23.91
N THR D 208 39.19 -82.37 -24.25
CA THR D 208 40.45 -82.78 -23.61
C THR D 208 40.44 -82.47 -22.10
N PRO D 209 41.00 -83.34 -21.26
CA PRO D 209 40.91 -83.18 -19.81
C PRO D 209 41.16 -81.73 -19.36
N PHE D 210 42.01 -80.99 -20.05
CA PHE D 210 42.18 -79.60 -19.64
C PHE D 210 41.05 -78.66 -20.16
N GLU D 211 40.45 -78.95 -21.32
CA GLU D 211 39.21 -78.27 -21.74
C GLU D 211 38.05 -78.53 -20.76
N GLN D 212 37.98 -79.76 -20.26
CA GLN D 212 36.98 -80.11 -19.28
C GLN D 212 37.17 -79.37 -17.97
N ARG D 213 38.42 -79.19 -17.53
CA ARG D 213 38.69 -78.44 -16.31
C ARG D 213 38.17 -77.01 -16.44
N HIS D 214 38.34 -76.42 -17.63
CA HIS D 214 37.91 -75.05 -17.94
C HIS D 214 36.40 -74.85 -17.82
N ILE D 215 35.63 -75.79 -18.35
CA ILE D 215 34.20 -75.83 -18.19
C ILE D 215 33.78 -75.98 -16.72
N VAL D 216 34.50 -76.78 -15.95
CA VAL D 216 34.23 -76.86 -14.51
C VAL D 216 34.50 -75.48 -13.87
N ASP D 217 35.52 -74.78 -14.34
CA ASP D 217 35.82 -73.48 -13.79
C ASP D 217 34.75 -72.47 -14.16
N GLY D 218 34.30 -72.54 -15.40
CA GLY D 218 33.23 -71.68 -15.86
C GLY D 218 32.01 -71.85 -14.95
N PHE D 219 31.51 -73.08 -14.86
CA PHE D 219 30.35 -73.34 -14.03
C PHE D 219 30.58 -72.86 -12.61
N SER D 220 31.80 -73.03 -12.11
CA SER D 220 32.08 -72.84 -10.71
C SER D 220 32.19 -71.38 -10.37
N PHE D 221 32.70 -70.59 -11.29
CA PHE D 221 32.84 -69.18 -11.03
C PHE D 221 31.46 -68.51 -11.12
N GLU D 222 30.70 -68.89 -12.15
CA GLU D 222 29.39 -68.32 -12.34
C GLU D 222 28.47 -68.73 -11.19
N LEU D 223 28.36 -70.03 -10.91
CA LEU D 223 27.42 -70.44 -9.91
C LEU D 223 27.76 -69.81 -8.57
N SER D 224 29.03 -69.46 -8.38
CA SER D 224 29.50 -68.92 -7.12
C SER D 224 28.96 -67.53 -6.94
N LYS D 225 28.73 -66.82 -8.04
CA LYS D 225 28.24 -65.46 -7.94
C LYS D 225 26.72 -65.43 -7.77
N VAL D 226 26.10 -66.61 -7.77
CA VAL D 226 24.66 -66.69 -7.54
C VAL D 226 24.40 -66.57 -6.05
N VAL D 227 23.57 -65.62 -5.67
CA VAL D 227 23.33 -65.37 -4.26
C VAL D 227 22.48 -66.49 -3.63
N ARG D 228 21.38 -66.87 -4.27
CA ARG D 228 20.48 -67.86 -3.70
C ARG D 228 21.06 -69.29 -3.78
N PRO D 229 21.29 -69.92 -2.62
CA PRO D 229 22.06 -71.15 -2.58
C PRO D 229 21.35 -72.29 -3.25
N TYR D 230 20.03 -72.37 -3.11
CA TYR D 230 19.26 -73.48 -3.69
C TYR D 230 19.28 -73.45 -5.22
N ILE D 231 19.49 -72.29 -5.80
CA ILE D 231 19.67 -72.25 -7.24
C ILE D 231 20.94 -72.99 -7.60
N ARG D 232 22.01 -72.69 -6.88
CA ARG D 232 23.26 -73.40 -7.09
C ARG D 232 23.04 -74.92 -7.12
N GLU D 233 22.37 -75.45 -6.09
CA GLU D 233 22.23 -76.91 -6.01
C GLU D 233 21.32 -77.52 -7.12
N ARG D 234 20.41 -76.74 -7.68
CA ARG D 234 19.52 -77.25 -8.70
C ARG D 234 20.23 -77.32 -10.03
N VAL D 235 21.09 -76.35 -10.27
CA VAL D 235 21.95 -76.42 -11.45
C VAL D 235 22.88 -77.66 -11.39
N VAL D 236 23.63 -77.76 -10.31
CA VAL D 236 24.57 -78.85 -10.13
C VAL D 236 23.82 -80.13 -10.31
N ASP D 237 22.62 -80.12 -9.76
CA ASP D 237 21.70 -81.23 -9.87
C ASP D 237 21.44 -81.60 -11.30
N GLN D 238 21.13 -80.59 -12.13
CA GLN D 238 20.94 -80.77 -13.55
C GLN D 238 22.21 -81.26 -14.20
N LEU D 239 23.32 -80.66 -13.80
CA LEU D 239 24.61 -81.10 -14.29
C LEU D 239 24.81 -82.61 -14.14
N ALA D 240 24.34 -83.19 -13.04
CA ALA D 240 24.45 -84.63 -12.84
C ALA D 240 23.73 -85.47 -13.94
N HIS D 241 22.57 -85.03 -14.38
CA HIS D 241 21.99 -85.78 -15.48
C HIS D 241 22.89 -85.69 -16.69
N ILE D 242 23.93 -84.86 -16.66
CA ILE D 242 24.81 -84.85 -17.82
C ILE D 242 26.01 -85.78 -17.69
N ASP D 243 26.74 -85.69 -16.58
CA ASP D 243 27.89 -86.52 -16.31
C ASP D 243 28.27 -86.36 -14.89
N LEU D 244 28.36 -87.48 -14.18
CA LEU D 244 28.70 -87.43 -12.77
C LEU D 244 30.01 -86.71 -12.41
N THR D 245 31.10 -86.91 -13.15
CA THR D 245 32.35 -86.24 -12.80
C THR D 245 32.11 -84.76 -12.72
N LEU D 246 31.64 -84.20 -13.83
CA LEU D 246 31.38 -82.76 -14.00
C LEU D 246 30.57 -82.21 -12.84
N ALA D 247 29.44 -82.84 -12.58
CA ALA D 247 28.60 -82.49 -11.46
C ALA D 247 29.37 -82.36 -10.18
N GLN D 248 30.13 -83.39 -9.86
CA GLN D 248 30.89 -83.44 -8.61
C GLN D 248 32.00 -82.38 -8.56
N ALA D 249 32.74 -82.23 -9.64
CA ALA D 249 33.86 -81.30 -9.63
C ALA D 249 33.33 -79.95 -9.22
N VAL D 250 32.27 -79.56 -9.89
CA VAL D 250 31.62 -78.28 -9.63
C VAL D 250 31.06 -78.27 -8.20
N ALA D 251 30.30 -79.29 -7.84
CA ALA D 251 29.75 -79.38 -6.49
C ALA D 251 30.79 -79.15 -5.41
N LYS D 252 31.96 -79.76 -5.60
CA LYS D 252 33.08 -79.61 -4.68
C LYS D 252 33.47 -78.12 -4.56
N ASN D 253 33.72 -77.45 -5.68
CA ASN D 253 34.12 -76.06 -5.61
C ASN D 253 33.10 -75.17 -4.89
N LEU D 254 31.85 -75.61 -4.76
CA LEU D 254 30.82 -74.76 -4.18
C LEU D 254 30.38 -75.30 -2.83
N GLY D 255 30.90 -76.47 -2.46
CA GLY D 255 30.60 -77.04 -1.17
C GLY D 255 29.28 -77.79 -1.04
N ILE D 256 29.12 -78.91 -1.76
CA ILE D 256 27.93 -79.76 -1.59
C ILE D 256 28.18 -81.28 -1.61
N SER E 1 4.64 -61.35 -4.37
CA SER E 1 4.04 -61.37 -2.99
C SER E 1 2.51 -61.25 -3.02
N GLU E 2 1.96 -61.02 -4.21
CA GLU E 2 0.50 -60.99 -4.41
C GLU E 2 0.21 -61.91 -5.64
N ASN E 3 -0.66 -62.90 -5.55
CA ASN E 3 -0.73 -63.91 -6.62
C ASN E 3 -1.72 -63.71 -7.82
N TYR E 4 -1.23 -63.14 -8.92
CA TYR E 4 -2.11 -62.84 -10.06
C TYR E 4 -1.94 -63.77 -11.25
N ALA E 5 -2.93 -63.78 -12.13
CA ALA E 5 -2.84 -64.58 -13.32
C ALA E 5 -1.93 -63.93 -14.34
N LEU E 6 -1.19 -64.75 -15.08
CA LEU E 6 -0.40 -64.29 -16.22
C LEU E 6 -1.31 -63.96 -17.42
N THR E 7 -1.29 -62.71 -17.87
CA THR E 7 -2.17 -62.25 -18.95
C THR E 7 -1.45 -61.56 -20.10
N THR E 8 -2.14 -61.36 -21.22
CA THR E 8 -1.70 -60.39 -22.23
C THR E 8 -1.80 -59.01 -21.62
N ASN E 9 -1.34 -57.99 -22.33
CA ASN E 9 -1.59 -56.63 -21.86
C ASN E 9 -3.06 -56.21 -21.94
N GLN E 10 -3.92 -57.01 -22.57
CA GLN E 10 -5.33 -56.64 -22.66
C GLN E 10 -6.13 -57.30 -21.53
N GLY E 11 -5.44 -58.08 -20.69
CA GLY E 11 -5.99 -58.67 -19.50
C GLY E 11 -6.51 -60.07 -19.74
N VAL E 12 -5.95 -60.76 -20.71
CA VAL E 12 -6.54 -62.00 -21.12
C VAL E 12 -5.65 -63.09 -20.61
N ARG E 13 -6.23 -64.01 -19.85
CA ARG E 13 -5.47 -65.03 -19.17
C ARG E 13 -4.75 -65.95 -20.15
N ILE E 14 -3.47 -66.17 -19.91
CA ILE E 14 -2.67 -67.03 -20.79
C ILE E 14 -2.61 -68.47 -20.27
N ALA E 15 -2.70 -69.46 -21.15
CA ALA E 15 -2.82 -70.82 -20.65
C ALA E 15 -1.50 -71.56 -20.83
N ASP E 16 -0.84 -71.30 -21.93
CA ASP E 16 0.42 -71.95 -22.17
C ASP E 16 1.39 -70.89 -22.65
N ASP E 17 2.24 -70.43 -21.73
CA ASP E 17 3.25 -69.44 -22.06
C ASP E 17 4.55 -70.10 -22.44
N GLN E 18 4.46 -71.29 -23.02
CA GLN E 18 5.64 -72.03 -23.38
C GLN E 18 5.73 -72.29 -24.87
N ASN E 19 4.62 -72.17 -25.60
CA ASN E 19 4.64 -72.49 -27.04
C ASN E 19 3.96 -71.53 -28.02
N SER E 20 4.52 -71.40 -29.22
CA SER E 20 3.82 -70.70 -30.28
C SER E 20 2.62 -71.55 -30.69
N LEU E 21 1.56 -70.91 -31.19
CA LEU E 21 0.50 -71.66 -31.85
C LEU E 21 1.04 -72.11 -33.23
N ARG E 22 1.03 -73.40 -33.48
CA ARG E 22 1.40 -73.93 -34.80
C ARG E 22 0.40 -74.98 -35.36
N ALA E 23 0.57 -75.35 -36.62
CA ALA E 23 -0.29 -76.39 -37.19
C ALA E 23 0.36 -77.79 -37.08
N GLY E 24 -0.09 -78.58 -36.10
CA GLY E 24 0.67 -79.73 -35.66
C GLY E 24 1.81 -79.28 -34.76
N SER E 25 2.30 -80.19 -33.90
CA SER E 25 3.42 -79.86 -33.04
C SER E 25 4.69 -79.65 -33.83
N ARG E 26 4.72 -80.11 -35.06
CA ARG E 26 5.92 -79.94 -35.85
C ARG E 26 5.71 -78.94 -36.97
N GLY E 27 4.62 -78.19 -36.87
CA GLY E 27 4.18 -77.34 -37.95
C GLY E 27 4.67 -75.93 -37.88
N PRO E 28 4.23 -75.12 -38.84
CA PRO E 28 4.59 -73.70 -38.90
C PRO E 28 3.82 -72.89 -37.87
N THR E 29 4.30 -71.69 -37.64
CA THR E 29 3.70 -70.86 -36.64
C THR E 29 2.63 -69.96 -37.29
N LEU E 30 1.46 -69.87 -36.67
CA LEU E 30 0.30 -69.19 -37.25
C LEU E 30 0.25 -67.69 -36.96
N LEU E 31 0.02 -66.88 -37.98
CA LEU E 31 -0.10 -65.46 -37.78
C LEU E 31 -1.15 -65.11 -36.71
N GLU E 32 -2.18 -65.93 -36.54
CA GLU E 32 -3.20 -65.67 -35.51
C GLU E 32 -2.74 -65.87 -34.04
N ASP E 33 -1.46 -66.13 -33.83
CA ASP E 33 -1.03 -66.24 -32.46
C ASP E 33 -0.84 -64.85 -31.92
N PHE E 34 -1.94 -64.26 -31.46
CA PHE E 34 -1.89 -62.91 -30.95
C PHE E 34 -1.12 -62.79 -29.63
N ILE E 35 -1.06 -63.86 -28.85
CA ILE E 35 -0.35 -63.83 -27.60
C ILE E 35 1.14 -63.72 -27.80
N LEU E 36 1.65 -64.51 -28.75
CA LEU E 36 3.04 -64.44 -29.17
C LEU E 36 3.46 -63.03 -29.63
N ARG E 37 2.73 -62.48 -30.58
CA ARG E 37 3.17 -61.25 -31.20
C ARG E 37 3.09 -60.12 -30.18
N GLU E 38 2.16 -60.20 -29.24
CA GLU E 38 2.15 -59.15 -28.21
C GLU E 38 3.44 -59.28 -27.38
N LYS E 39 3.69 -60.45 -26.82
CA LYS E 39 4.93 -60.75 -26.13
C LYS E 39 6.19 -60.36 -26.90
N ILE E 40 6.28 -60.77 -28.17
CA ILE E 40 7.47 -60.45 -28.97
C ILE E 40 7.50 -58.98 -29.32
N THR E 41 6.37 -58.42 -29.73
CA THR E 41 6.32 -56.99 -30.01
C THR E 41 6.88 -56.16 -28.88
N HIS E 42 6.36 -56.35 -27.67
CA HIS E 42 6.85 -55.58 -26.54
C HIS E 42 8.32 -55.79 -26.29
N PHE E 43 8.76 -57.03 -26.31
CA PHE E 43 10.18 -57.27 -26.26
C PHE E 43 10.87 -56.50 -27.37
N ASP E 44 10.29 -56.50 -28.56
CA ASP E 44 10.94 -55.88 -29.71
C ASP E 44 11.11 -54.39 -29.57
N HIS E 45 10.28 -53.74 -28.77
CA HIS E 45 10.43 -52.30 -28.63
C HIS E 45 10.78 -51.89 -27.22
N GLU E 46 11.49 -52.75 -26.51
CA GLU E 46 11.88 -52.48 -25.14
C GLU E 46 12.78 -51.25 -25.01
N ARG E 47 13.66 -50.99 -25.98
CA ARG E 47 14.76 -50.04 -25.77
C ARG E 47 14.41 -48.64 -26.14
N ILE E 48 15.00 -47.67 -25.45
CA ILE E 48 14.86 -46.26 -25.80
C ILE E 48 16.22 -45.60 -25.91
N PRO E 49 16.33 -44.50 -26.60
CA PRO E 49 17.65 -43.91 -26.74
C PRO E 49 18.23 -43.61 -25.33
N GLU E 50 19.54 -43.81 -25.17
CA GLU E 50 20.16 -43.44 -23.92
C GLU E 50 20.45 -41.95 -23.90
N ARG E 51 20.77 -41.42 -22.72
CA ARG E 51 21.15 -40.03 -22.70
C ARG E 51 22.30 -39.77 -23.67
N ILE E 52 22.35 -38.58 -24.25
CA ILE E 52 23.52 -38.20 -25.06
C ILE E 52 24.84 -38.20 -24.24
N VAL E 53 24.77 -37.63 -23.03
CA VAL E 53 25.87 -37.73 -22.07
C VAL E 53 25.37 -38.20 -20.69
N HIS E 54 26.28 -38.70 -19.86
CA HIS E 54 25.83 -39.31 -18.61
C HIS E 54 24.83 -40.44 -18.89
N ALA E 55 25.07 -41.23 -19.91
CA ALA E 55 24.17 -42.35 -20.13
C ALA E 55 24.24 -43.29 -18.94
N ARG E 56 25.40 -43.38 -18.30
CA ARG E 56 25.62 -44.39 -17.28
C ARG E 56 25.37 -43.87 -15.84
N GLY E 57 24.33 -44.36 -15.19
CA GLY E 57 23.87 -43.77 -13.93
C GLY E 57 23.27 -44.71 -12.90
N SER E 58 23.24 -44.26 -11.66
CA SER E 58 22.60 -44.98 -10.59
C SER E 58 21.85 -43.99 -9.74
N ALA E 59 20.61 -44.31 -9.42
CA ALA E 59 19.78 -43.39 -8.65
C ALA E 59 19.16 -43.97 -7.37
N ALA E 60 18.57 -43.10 -6.57
CA ALA E 60 17.90 -43.50 -5.35
C ALA E 60 17.02 -42.39 -4.86
N HIS E 61 15.92 -42.76 -4.23
CA HIS E 61 14.99 -41.84 -3.66
C HIS E 61 15.49 -41.43 -2.33
N GLY E 62 15.12 -40.23 -1.91
CA GLY E 62 15.52 -39.74 -0.61
C GLY E 62 14.69 -38.56 -0.15
N TYR E 63 15.24 -37.81 0.77
CA TYR E 63 14.53 -36.62 1.22
C TYR E 63 15.48 -35.52 1.65
N PHE E 64 14.97 -34.31 1.73
CA PHE E 64 15.81 -33.22 2.13
C PHE E 64 15.05 -32.31 3.07
N GLN E 65 15.76 -31.69 4.01
CA GLN E 65 15.19 -30.65 4.85
C GLN E 65 16.29 -29.66 5.17
N PRO E 66 15.96 -28.39 5.29
CA PRO E 66 16.95 -27.35 5.59
C PRO E 66 17.22 -27.22 7.08
N TYR E 67 18.31 -26.58 7.43
CA TYR E 67 18.62 -26.41 8.83
C TYR E 67 17.81 -25.27 9.46
N LYS E 68 17.59 -24.20 8.71
CA LYS E 68 16.85 -23.05 9.22
C LYS E 68 16.19 -22.32 8.06
N SER E 69 15.21 -21.48 8.33
CA SER E 69 14.59 -20.78 7.23
C SER E 69 15.61 -19.87 6.55
N LEU E 70 15.67 -19.92 5.22
CA LEU E 70 16.57 -19.06 4.46
C LEU E 70 15.78 -17.86 3.92
N SER E 71 14.63 -17.61 4.52
CA SER E 71 13.65 -16.74 3.90
C SER E 71 14.30 -15.42 3.62
N ASP E 72 15.29 -15.09 4.43
CA ASP E 72 16.01 -13.85 4.28
C ASP E 72 16.76 -13.69 2.97
N ILE E 73 17.25 -14.79 2.41
CA ILE E 73 17.96 -14.64 1.14
C ILE E 73 17.22 -15.13 -0.12
N THR E 74 16.23 -16.00 0.08
CA THR E 74 15.48 -16.54 -1.03
C THR E 74 14.03 -16.82 -0.66
N LYS E 75 13.13 -16.47 -1.55
CA LYS E 75 11.73 -16.80 -1.34
C LYS E 75 11.33 -18.23 -1.76
N ALA E 76 12.30 -19.11 -1.96
CA ALA E 76 12.05 -20.46 -2.40
C ALA E 76 11.45 -21.34 -1.30
N ASP E 77 10.27 -21.87 -1.55
CA ASP E 77 9.56 -22.64 -0.54
C ASP E 77 10.33 -23.77 0.10
N PHE E 78 11.05 -24.59 -0.65
CA PHE E 78 11.71 -25.76 -0.03
C PHE E 78 12.79 -25.44 1.00
N LEU E 79 13.13 -24.16 1.10
CA LEU E 79 14.21 -23.70 1.94
C LEU E 79 13.68 -22.76 3.02
N SER E 80 12.37 -22.75 3.20
CA SER E 80 11.71 -21.77 4.03
C SER E 80 11.32 -22.22 5.41
N ASP E 81 11.79 -23.36 5.86
CA ASP E 81 11.36 -23.86 7.16
C ASP E 81 11.95 -25.25 7.37
N PRO E 82 12.59 -25.48 8.51
CA PRO E 82 13.33 -26.73 8.76
C PRO E 82 12.43 -27.92 8.94
N ASN E 83 11.13 -27.65 9.08
CA ASN E 83 10.14 -28.68 9.26
C ASN E 83 9.56 -29.16 7.97
N LYS E 84 9.94 -28.50 6.87
CA LYS E 84 9.42 -28.86 5.56
C LYS E 84 10.30 -29.97 5.03
N ILE E 85 9.69 -31.12 4.80
CA ILE E 85 10.36 -32.20 4.09
C ILE E 85 10.05 -32.20 2.60
N THR E 86 11.11 -32.21 1.81
CA THR E 86 11.01 -32.28 0.38
C THR E 86 11.53 -33.62 -0.06
N PRO E 87 10.75 -34.36 -0.82
CA PRO E 87 11.23 -35.63 -1.37
C PRO E 87 12.31 -35.36 -2.37
N VAL E 88 13.25 -36.27 -2.52
CA VAL E 88 14.15 -36.18 -3.67
C VAL E 88 14.45 -37.47 -4.46
N PHE E 89 14.80 -37.31 -5.72
CA PHE E 89 15.37 -38.42 -6.47
C PHE E 89 16.72 -37.96 -6.95
N VAL E 90 17.73 -38.81 -6.82
CA VAL E 90 19.10 -38.41 -7.13
C VAL E 90 19.72 -39.40 -8.09
N ARG E 91 20.41 -38.90 -9.11
CA ARG E 91 21.09 -39.81 -10.02
C ARG E 91 22.56 -39.44 -10.15
N PHE E 92 23.44 -40.40 -9.91
CA PHE E 92 24.87 -40.20 -10.09
C PHE E 92 25.24 -40.89 -11.40
N SER E 93 26.23 -40.37 -12.11
CA SER E 93 26.56 -40.84 -13.43
C SER E 93 28.03 -40.60 -13.80
N THR E 94 28.52 -41.33 -14.80
CA THR E 94 29.74 -40.94 -15.48
C THR E 94 29.33 -40.03 -16.61
N VAL E 95 30.30 -39.52 -17.40
CA VAL E 95 29.95 -38.67 -18.51
C VAL E 95 30.09 -39.33 -19.85
N GLN E 96 31.25 -39.94 -20.13
CA GLN E 96 31.50 -40.32 -21.53
C GLN E 96 30.80 -41.56 -21.99
N GLY E 97 30.94 -42.66 -21.25
CA GLY E 97 30.44 -43.94 -21.72
C GLY E 97 28.95 -44.14 -21.76
N GLY E 98 28.53 -45.21 -22.45
CA GLY E 98 27.14 -45.60 -22.61
C GLY E 98 26.44 -46.24 -21.40
N ALA E 99 25.16 -46.56 -21.55
CA ALA E 99 24.36 -47.15 -20.46
C ALA E 99 25.01 -48.42 -19.93
N GLY E 100 25.66 -49.19 -20.82
CA GLY E 100 26.33 -50.41 -20.41
C GLY E 100 27.83 -50.32 -20.12
N SER E 101 28.38 -49.11 -20.05
CA SER E 101 29.81 -48.95 -19.80
C SER E 101 30.11 -49.09 -18.32
N ALA E 102 31.39 -49.04 -17.96
CA ALA E 102 31.80 -49.36 -16.60
C ALA E 102 31.62 -48.17 -15.65
N ASP E 103 31.52 -48.47 -14.36
CA ASP E 103 31.33 -47.44 -13.35
C ASP E 103 32.67 -46.78 -13.03
N THR E 104 33.67 -47.64 -12.89
CA THR E 104 34.99 -47.27 -12.43
C THR E 104 35.88 -46.91 -13.58
N VAL E 105 35.74 -45.69 -14.06
CA VAL E 105 36.58 -45.25 -15.16
C VAL E 105 37.05 -43.92 -14.72
N ARG E 106 38.06 -43.38 -15.39
CA ARG E 106 38.50 -42.04 -15.07
C ARG E 106 37.59 -41.13 -15.85
N ASP E 107 36.91 -40.25 -15.12
CA ASP E 107 35.91 -39.41 -15.76
C ASP E 107 35.32 -38.46 -14.73
N ILE E 108 34.79 -37.34 -15.22
CA ILE E 108 33.87 -36.55 -14.43
C ILE E 108 32.61 -37.34 -14.01
N ARG E 109 32.04 -37.02 -12.84
CA ARG E 109 30.80 -37.65 -12.41
C ARG E 109 29.66 -36.65 -12.32
N GLY E 110 28.47 -37.10 -12.72
CA GLY E 110 27.28 -36.27 -12.59
C GLY E 110 26.70 -36.50 -11.22
N PHE E 111 25.92 -35.55 -10.72
CA PHE E 111 25.31 -35.66 -9.42
C PHE E 111 24.08 -34.78 -9.50
N ALA E 112 22.99 -35.37 -9.96
CA ALA E 112 21.74 -34.68 -10.29
C ALA E 112 20.69 -34.98 -9.25
N THR E 113 19.96 -33.95 -8.83
CA THR E 113 18.99 -34.04 -7.77
C THR E 113 17.67 -33.43 -8.19
N LYS E 114 16.62 -34.23 -8.23
CA LYS E 114 15.31 -33.69 -8.48
C LYS E 114 14.59 -33.42 -7.14
N PHE E 115 14.24 -32.17 -6.90
CA PHE E 115 13.59 -31.76 -5.66
C PHE E 115 12.13 -31.59 -5.98
N TYR E 116 11.26 -32.43 -5.40
CA TYR E 116 9.82 -32.23 -5.58
C TYR E 116 9.24 -31.22 -4.55
N THR E 117 9.39 -29.92 -4.79
CA THR E 117 8.93 -28.90 -3.85
C THR E 117 7.46 -28.66 -4.02
N GLU E 118 6.83 -27.96 -3.08
CA GLU E 118 5.41 -27.69 -3.13
C GLU E 118 5.08 -26.61 -4.12
N GLU E 119 6.11 -26.01 -4.66
CA GLU E 119 5.96 -24.89 -5.53
C GLU E 119 6.62 -25.18 -6.86
N GLY E 120 6.94 -26.45 -7.11
CA GLY E 120 7.41 -26.91 -8.39
C GLY E 120 8.60 -27.84 -8.25
N ILE E 121 8.97 -28.47 -9.36
CA ILE E 121 10.15 -29.30 -9.39
C ILE E 121 11.37 -28.43 -9.62
N PHE E 122 12.37 -28.63 -8.77
CA PHE E 122 13.63 -27.95 -8.90
C PHE E 122 14.71 -28.97 -9.15
N ASP E 123 15.34 -28.91 -10.31
CA ASP E 123 16.40 -29.86 -10.63
C ASP E 123 17.73 -29.18 -10.50
N LEU E 124 18.55 -29.69 -9.59
CA LEU E 124 19.89 -29.18 -9.44
C LEU E 124 20.87 -30.17 -10.03
N VAL E 125 21.37 -29.86 -11.23
CA VAL E 125 22.12 -30.81 -12.05
C VAL E 125 23.57 -30.42 -12.16
N GLY E 126 24.40 -31.05 -11.33
CA GLY E 126 25.81 -30.75 -11.21
C GLY E 126 26.72 -31.91 -11.48
N ASN E 127 28.03 -31.65 -11.49
CA ASN E 127 29.03 -32.70 -11.49
C ASN E 127 29.71 -32.73 -10.12
N ASN E 128 30.75 -33.58 -10.04
CA ASN E 128 31.60 -33.76 -8.86
C ASN E 128 32.92 -32.94 -8.82
N THR E 129 33.09 -32.01 -9.75
CA THR E 129 34.19 -31.05 -9.67
C THR E 129 33.54 -29.70 -9.74
N PRO E 130 34.19 -28.68 -9.25
CA PRO E 130 33.55 -27.37 -9.12
C PRO E 130 33.59 -26.55 -10.41
N ILE E 131 34.10 -27.11 -11.51
CA ILE E 131 34.05 -26.37 -12.76
C ILE E 131 33.90 -27.25 -13.98
N PHE E 132 33.46 -26.61 -15.06
CA PHE E 132 33.42 -27.33 -16.29
C PHE E 132 34.68 -27.22 -17.20
N PHE E 133 34.61 -27.92 -18.33
CA PHE E 133 35.67 -28.00 -19.30
C PHE E 133 35.63 -26.81 -20.23
N ILE E 134 34.45 -26.25 -20.42
CA ILE E 134 34.27 -25.24 -21.46
C ILE E 134 33.43 -24.08 -21.01
N GLN E 135 33.51 -22.97 -21.75
CA GLN E 135 32.94 -21.72 -21.26
C GLN E 135 31.61 -21.36 -21.90
N ASP E 136 31.43 -21.71 -23.17
CA ASP E 136 30.20 -21.37 -23.90
C ASP E 136 29.50 -22.65 -24.37
N ALA E 137 28.18 -22.67 -24.20
CA ALA E 137 27.41 -23.85 -24.55
C ALA E 137 27.65 -24.29 -25.96
N HIS E 138 28.01 -23.34 -26.80
CA HIS E 138 28.12 -23.60 -28.24
C HIS E 138 29.22 -24.58 -28.61
N LYS E 139 30.18 -24.78 -27.70
CA LYS E 139 31.25 -25.76 -27.94
C LYS E 139 30.89 -27.14 -27.38
N PHE E 140 29.77 -27.23 -26.65
CA PHE E 140 29.44 -28.51 -26.05
C PHE E 140 29.61 -29.66 -27.02
N PRO E 141 28.87 -29.62 -28.12
CA PRO E 141 28.93 -30.71 -29.10
C PRO E 141 30.35 -31.02 -29.61
N ASP E 142 31.14 -29.99 -29.89
CA ASP E 142 32.58 -30.20 -30.18
C ASP E 142 33.36 -30.93 -29.07
N PHE E 143 33.37 -30.40 -27.85
CA PHE E 143 34.09 -31.06 -26.76
C PHE E 143 33.60 -32.47 -26.50
N VAL E 144 32.27 -32.65 -26.59
CA VAL E 144 31.70 -33.94 -26.26
C VAL E 144 32.11 -34.88 -27.39
N HIS E 145 32.01 -34.43 -28.64
CA HIS E 145 32.36 -35.31 -29.73
C HIS E 145 33.80 -35.75 -29.62
N ALA E 146 34.62 -34.85 -29.06
CA ALA E 146 36.04 -35.08 -28.98
C ALA E 146 36.29 -36.10 -27.89
N VAL E 147 35.70 -35.93 -26.72
CA VAL E 147 35.91 -36.87 -25.62
C VAL E 147 35.31 -38.25 -25.92
N LYS E 148 34.21 -38.28 -26.69
CA LYS E 148 33.45 -39.53 -27.03
C LYS E 148 34.27 -40.50 -27.83
N PRO E 149 33.77 -41.74 -28.00
CA PRO E 149 34.42 -42.72 -28.90
C PRO E 149 34.59 -42.06 -30.24
N GLU E 150 35.70 -42.29 -30.92
CA GLU E 150 35.92 -41.63 -32.20
C GLU E 150 35.01 -42.18 -33.36
N PRO E 151 34.60 -41.29 -34.26
CA PRO E 151 33.53 -41.59 -35.20
C PRO E 151 33.81 -42.74 -36.17
N HIS E 152 35.07 -43.03 -36.50
CA HIS E 152 35.33 -44.08 -37.48
C HIS E 152 35.11 -45.46 -36.91
N TRP E 153 35.61 -45.71 -35.71
CA TRP E 153 35.57 -47.06 -35.16
C TRP E 153 34.85 -47.23 -33.81
N ALA E 154 34.43 -46.12 -33.18
CA ALA E 154 33.71 -46.13 -31.90
C ALA E 154 34.53 -46.72 -30.77
N ILE E 155 35.73 -46.18 -30.61
CA ILE E 155 36.66 -46.53 -29.54
C ILE E 155 37.31 -45.22 -29.10
N PRO E 156 37.60 -45.07 -27.81
CA PRO E 156 37.30 -46.05 -26.75
C PRO E 156 36.01 -45.83 -25.89
N GLN E 157 35.60 -46.86 -25.13
CA GLN E 157 34.51 -46.69 -24.16
C GLN E 157 35.04 -46.10 -22.85
N GLY E 158 34.42 -45.02 -22.36
CA GLY E 158 34.68 -44.53 -21.00
C GLY E 158 36.11 -44.13 -20.70
N GLN E 159 36.75 -43.48 -21.67
CA GLN E 159 38.13 -43.06 -21.55
C GLN E 159 38.38 -41.79 -22.32
N SER E 160 39.00 -40.82 -21.67
CA SER E 160 39.50 -39.66 -22.37
C SER E 160 40.82 -40.01 -23.11
N ALA E 161 41.44 -41.15 -22.79
CA ALA E 161 42.76 -41.54 -23.35
C ALA E 161 42.77 -41.88 -24.85
N HIS E 162 42.57 -40.87 -25.70
CA HIS E 162 42.73 -41.04 -27.11
C HIS E 162 42.95 -39.66 -27.72
N ASP E 163 43.17 -39.64 -29.03
CA ASP E 163 43.72 -38.45 -29.64
C ASP E 163 42.82 -37.23 -29.52
N THR E 164 41.63 -37.37 -30.12
CA THR E 164 40.63 -36.31 -30.23
C THR E 164 40.44 -35.46 -28.94
N PHE E 165 40.38 -36.14 -27.79
CA PHE E 165 40.26 -35.46 -26.51
C PHE E 165 41.42 -34.52 -26.22
N TRP E 166 42.63 -35.03 -26.37
CA TRP E 166 43.80 -34.24 -26.05
C TRP E 166 44.13 -33.37 -27.25
N ASP E 167 43.63 -33.78 -28.44
CA ASP E 167 43.72 -32.82 -29.51
C ASP E 167 42.97 -31.61 -29.10
N TYR E 168 41.74 -31.79 -28.65
CA TYR E 168 40.89 -30.64 -28.33
C TYR E 168 41.47 -29.91 -27.09
N VAL E 169 41.83 -30.68 -26.07
CA VAL E 169 42.29 -30.00 -24.88
C VAL E 169 43.39 -29.04 -25.35
N SER E 170 44.27 -29.58 -26.19
CA SER E 170 45.53 -28.91 -26.53
C SER E 170 45.24 -27.58 -27.16
N LEU E 171 44.19 -27.55 -27.98
CA LEU E 171 43.80 -26.37 -28.72
C LEU E 171 42.77 -25.53 -28.02
N GLN E 172 42.30 -25.97 -26.87
CA GLN E 172 41.31 -25.19 -26.13
C GLN E 172 41.73 -25.13 -24.67
N PRO E 173 42.70 -24.25 -24.41
CA PRO E 173 43.33 -24.13 -23.09
C PRO E 173 42.27 -23.95 -22.01
N GLU E 174 41.11 -23.38 -22.35
CA GLU E 174 40.06 -23.19 -21.36
C GLU E 174 39.81 -24.48 -20.57
N THR E 175 40.04 -25.63 -21.22
CA THR E 175 39.69 -26.91 -20.63
C THR E 175 40.65 -27.36 -19.55
N LEU E 176 41.87 -26.82 -19.57
CA LEU E 176 42.93 -27.24 -18.63
C LEU E 176 42.47 -27.36 -17.17
N HIS E 177 41.78 -26.37 -16.62
CA HIS E 177 41.35 -26.44 -15.22
C HIS E 177 40.61 -27.70 -14.87
N ASN E 178 39.52 -28.00 -15.55
CA ASN E 178 38.82 -29.25 -15.27
C ASN E 178 39.71 -30.46 -15.52
N VAL E 179 40.44 -30.43 -16.64
CA VAL E 179 41.31 -31.55 -17.02
C VAL E 179 42.19 -31.86 -15.83
N MET E 180 42.62 -30.80 -15.16
CA MET E 180 43.44 -30.95 -13.96
C MET E 180 42.69 -31.82 -12.96
N TRP E 181 41.49 -31.39 -12.58
CA TRP E 181 40.70 -32.20 -11.66
C TRP E 181 40.50 -33.60 -12.17
N ALA E 182 40.32 -33.78 -13.48
CA ALA E 182 40.01 -35.12 -13.99
C ALA E 182 41.16 -36.07 -13.77
N MET E 183 42.38 -35.58 -14.01
CA MET E 183 43.60 -36.37 -13.82
C MET E 183 43.93 -36.57 -12.32
N SER E 184 43.22 -35.85 -11.46
CA SER E 184 43.39 -35.97 -10.01
C SER E 184 42.74 -37.24 -9.53
N ASP E 185 42.74 -37.45 -8.23
CA ASP E 185 42.03 -38.61 -7.71
C ASP E 185 40.51 -38.41 -7.61
N ARG E 186 40.07 -37.16 -7.80
CA ARG E 186 38.65 -36.90 -7.88
C ARG E 186 38.06 -37.52 -9.17
N GLY E 187 38.93 -37.87 -10.12
CA GLY E 187 38.48 -38.35 -11.41
C GLY E 187 38.17 -39.83 -11.40
N ILE E 188 38.54 -40.46 -10.29
CA ILE E 188 38.35 -41.91 -10.11
C ILE E 188 37.85 -42.27 -8.72
N PRO E 189 36.75 -41.67 -8.27
CA PRO E 189 36.33 -41.74 -6.86
C PRO E 189 35.97 -43.15 -6.47
N ARG E 190 35.88 -43.46 -5.19
CA ARG E 190 35.67 -44.87 -4.87
C ARG E 190 34.23 -45.26 -4.51
N SER E 191 33.39 -44.27 -4.29
CA SER E 191 31.99 -44.54 -4.21
C SER E 191 31.22 -43.24 -4.29
N TYR E 192 29.96 -43.31 -4.74
CA TYR E 192 29.11 -42.14 -4.80
C TYR E 192 28.82 -41.62 -3.41
N ARG E 193 28.69 -42.53 -2.45
CA ARG E 193 28.43 -42.09 -1.08
C ARG E 193 29.47 -41.08 -0.59
N THR E 194 30.71 -41.16 -1.06
CA THR E 194 31.77 -40.26 -0.60
C THR E 194 32.19 -39.24 -1.64
N MET E 195 31.26 -38.78 -2.47
CA MET E 195 31.59 -37.86 -3.53
C MET E 195 31.16 -36.45 -3.18
N GLU E 196 31.89 -35.47 -3.70
CA GLU E 196 31.47 -34.09 -3.61
C GLU E 196 30.53 -33.74 -4.80
N GLY E 197 29.72 -32.70 -4.65
CA GLY E 197 28.86 -32.23 -5.72
C GLY E 197 28.86 -30.73 -5.84
N PHE E 198 28.86 -30.24 -7.07
CA PHE E 198 28.90 -28.80 -7.37
C PHE E 198 27.93 -28.53 -8.47
N GLY E 199 27.25 -27.39 -8.43
CA GLY E 199 26.37 -26.97 -9.49
C GLY E 199 27.16 -26.17 -10.51
N ILE E 200 28.43 -25.89 -10.17
CA ILE E 200 29.33 -25.16 -11.06
C ILE E 200 28.94 -23.70 -11.35
N HIS E 201 27.82 -23.47 -12.05
CA HIS E 201 27.37 -22.10 -12.39
C HIS E 201 27.05 -21.24 -11.18
N THR E 202 27.09 -19.94 -11.39
CA THR E 202 26.66 -19.01 -10.40
C THR E 202 25.22 -18.78 -10.72
N PHE E 203 24.35 -18.91 -9.74
CA PHE E 203 22.93 -18.76 -9.97
C PHE E 203 22.53 -17.58 -9.14
N ARG E 204 21.23 -17.26 -9.10
CA ARG E 204 20.73 -16.22 -8.21
C ARG E 204 19.73 -16.73 -7.20
N LEU E 205 19.75 -16.16 -6.01
CA LEU E 205 18.73 -16.39 -5.01
C LEU E 205 17.99 -15.09 -4.99
N ILE E 206 16.68 -15.16 -4.85
CA ILE E 206 15.83 -13.99 -4.91
C ILE E 206 14.92 -14.01 -3.70
N ASN E 207 14.96 -12.96 -2.89
CA ASN E 207 14.15 -12.95 -1.69
C ASN E 207 12.82 -12.23 -1.87
N ALA E 208 11.99 -12.25 -0.86
CA ALA E 208 10.64 -11.68 -0.95
C ALA E 208 10.60 -10.20 -1.31
N GLU E 209 11.72 -9.49 -1.16
CA GLU E 209 11.81 -8.08 -1.56
C GLU E 209 12.38 -7.82 -2.94
N GLY E 210 12.77 -8.87 -3.67
CA GLY E 210 13.40 -8.69 -4.96
C GLY E 210 14.90 -8.51 -4.88
N LYS E 211 15.51 -8.79 -3.73
CA LYS E 211 16.96 -8.62 -3.58
C LYS E 211 17.63 -9.87 -4.13
N ALA E 212 18.54 -9.69 -5.09
CA ALA E 212 19.24 -10.83 -5.68
C ALA E 212 20.55 -11.08 -4.93
N THR E 213 20.89 -12.36 -4.72
CA THR E 213 22.18 -12.73 -4.15
C THR E 213 22.79 -13.77 -5.03
N PHE E 214 24.03 -13.60 -5.43
CA PHE E 214 24.68 -14.64 -6.22
C PHE E 214 24.87 -15.89 -5.37
N VAL E 215 24.80 -17.06 -6.01
CA VAL E 215 24.99 -18.33 -5.28
C VAL E 215 25.68 -19.40 -6.11
N ARG E 216 26.40 -20.29 -5.42
CA ARG E 216 26.95 -21.49 -6.03
C ARG E 216 26.59 -22.67 -5.14
N PHE E 217 26.25 -23.79 -5.76
CA PHE E 217 25.71 -24.89 -5.00
C PHE E 217 26.77 -25.93 -4.76
N HIS E 218 26.80 -26.40 -3.52
CA HIS E 218 27.70 -27.45 -3.09
C HIS E 218 26.95 -28.57 -2.42
N TRP E 219 27.33 -29.81 -2.74
CA TRP E 219 26.92 -30.98 -1.96
C TRP E 219 28.17 -31.57 -1.27
N LYS E 220 28.13 -31.71 0.05
CA LYS E 220 29.27 -32.25 0.82
C LYS E 220 28.89 -33.53 1.57
N PRO E 221 29.55 -34.65 1.28
CA PRO E 221 29.14 -35.93 1.85
C PRO E 221 29.51 -36.06 3.33
N LEU E 222 28.58 -36.40 4.21
CA LEU E 222 28.86 -36.62 5.64
C LEU E 222 29.31 -38.03 6.00
N ALA E 223 29.43 -38.88 4.99
CA ALA E 223 29.90 -40.25 5.20
C ALA E 223 31.43 -40.25 5.30
N LYS F 1 42.43 -51.72 -12.83
CA LYS F 1 41.04 -51.29 -12.94
C LYS F 1 40.05 -52.27 -12.28
N LEU F 2 39.16 -51.73 -11.43
CA LEU F 2 37.98 -52.47 -10.95
C LEU F 2 36.98 -52.55 -12.12
N THR F 3 37.30 -51.86 -13.24
CA THR F 3 36.57 -51.96 -14.54
C THR F 3 36.62 -53.37 -15.18
N GLY F 4 37.60 -54.16 -14.73
CA GLY F 4 37.71 -55.58 -15.05
C GLY F 4 37.02 -56.48 -14.02
N ARG F 5 37.46 -56.41 -12.76
CA ARG F 5 36.82 -57.16 -11.67
C ARG F 5 35.28 -56.90 -11.55
N ASP F 6 34.84 -55.64 -11.36
CA ASP F 6 33.40 -55.30 -11.26
C ASP F 6 32.99 -54.00 -11.97
N PRO F 7 32.46 -54.09 -13.20
CA PRO F 7 32.07 -52.89 -13.95
C PRO F 7 30.83 -52.18 -13.37
N ASP F 8 30.17 -52.79 -12.41
CA ASP F 8 28.98 -52.22 -11.74
C ASP F 8 29.22 -51.77 -10.29
N PHE F 9 30.48 -51.75 -9.87
CA PHE F 9 30.85 -51.54 -8.46
C PHE F 9 30.11 -50.39 -7.77
N HIS F 10 30.16 -49.21 -8.36
CA HIS F 10 29.54 -48.06 -7.74
C HIS F 10 28.05 -48.25 -7.65
N ARG F 11 27.47 -48.75 -8.72
CA ARG F 11 26.02 -48.98 -8.76
C ARG F 11 25.64 -49.93 -7.64
N ARG F 12 26.48 -50.93 -7.47
CA ARG F 12 26.24 -52.00 -6.54
C ARG F 12 26.37 -51.54 -5.08
N GLU F 13 27.46 -50.83 -4.77
CA GLU F 13 27.70 -50.27 -3.43
C GLU F 13 26.58 -49.35 -2.96
N LEU F 14 26.15 -48.46 -3.83
CA LEU F 14 25.06 -47.55 -3.48
C LEU F 14 23.79 -48.34 -3.11
N TRP F 15 23.46 -49.32 -3.92
CA TRP F 15 22.27 -50.07 -3.67
C TRP F 15 22.41 -50.78 -2.35
N GLU F 16 23.48 -51.55 -2.22
CA GLU F 16 23.62 -52.42 -1.08
C GLU F 16 23.70 -51.59 0.19
N ALA F 17 24.40 -50.47 0.13
CA ALA F 17 24.38 -49.49 1.20
C ALA F 17 22.96 -49.17 1.68
N ILE F 18 22.08 -48.84 0.74
CA ILE F 18 20.72 -48.44 1.10
C ILE F 18 19.91 -49.63 1.64
N GLU F 19 20.14 -50.80 1.07
CA GLU F 19 19.51 -52.03 1.57
C GLU F 19 19.85 -52.18 3.03
N ALA F 20 21.13 -52.01 3.32
CA ALA F 20 21.66 -52.31 4.62
C ALA F 20 21.12 -51.34 5.63
N GLY F 21 20.86 -50.12 5.18
CA GLY F 21 20.44 -49.08 6.09
C GLY F 21 21.42 -47.93 6.25
N ASP F 22 22.68 -47.99 5.77
CA ASP F 22 23.60 -46.82 5.89
C ASP F 22 23.32 -45.79 4.82
N PHE F 23 22.38 -44.93 5.12
CA PHE F 23 21.87 -44.07 4.10
C PHE F 23 22.85 -43.01 3.81
N PRO F 24 23.32 -42.94 2.58
CA PRO F 24 24.24 -41.86 2.16
C PRO F 24 23.69 -40.54 2.62
N GLU F 25 24.51 -39.65 3.18
CA GLU F 25 23.98 -38.35 3.57
C GLU F 25 24.78 -37.29 2.86
N TYR F 26 24.17 -36.14 2.60
CA TYR F 26 24.85 -35.03 1.95
C TYR F 26 24.40 -33.71 2.54
N GLU F 27 25.31 -32.74 2.62
CA GLU F 27 24.97 -31.40 3.09
C GLU F 27 25.00 -30.47 1.92
N LEU F 28 23.91 -29.75 1.74
CA LEU F 28 23.86 -28.75 0.70
C LEU F 28 24.36 -27.49 1.40
N GLY F 29 25.35 -26.82 0.82
CA GLY F 29 25.77 -25.52 1.32
C GLY F 29 25.81 -24.55 0.17
N PHE F 30 25.60 -23.27 0.45
CA PHE F 30 25.70 -22.20 -0.57
C PHE F 30 26.94 -21.35 -0.38
N GLN F 31 27.64 -21.04 -1.47
CA GLN F 31 28.61 -19.94 -1.46
C GLN F 31 27.82 -18.71 -1.85
N LEU F 32 27.81 -17.68 -1.00
CA LEU F 32 26.97 -16.49 -1.23
C LEU F 32 27.74 -15.20 -1.43
N ILE F 33 27.35 -14.43 -2.43
CA ILE F 33 28.06 -13.21 -2.81
C ILE F 33 27.05 -12.14 -3.14
N PRO F 34 27.03 -11.04 -2.41
CA PRO F 34 26.06 -9.97 -2.69
C PRO F 34 26.23 -9.37 -4.12
N GLU F 35 25.17 -8.75 -4.63
CA GLU F 35 25.19 -8.22 -6.00
C GLU F 35 26.34 -7.28 -6.29
N GLU F 36 26.67 -6.47 -5.30
CA GLU F 36 27.65 -5.44 -5.58
C GLU F 36 29.07 -5.97 -5.60
N ASP F 37 29.29 -7.15 -5.03
CA ASP F 37 30.62 -7.72 -5.06
C ASP F 37 30.88 -8.38 -6.40
N GLU F 38 29.95 -8.24 -7.34
CA GLU F 38 30.10 -8.90 -8.64
C GLU F 38 31.51 -8.84 -9.25
N PHE F 39 32.15 -7.67 -9.21
CA PHE F 39 33.45 -7.54 -9.88
C PHE F 39 34.65 -7.32 -8.96
N LYS F 40 34.57 -7.83 -7.74
CA LYS F 40 35.68 -7.67 -6.79
C LYS F 40 36.66 -8.84 -6.77
N PHE F 41 36.68 -9.67 -7.81
CA PHE F 41 37.51 -10.88 -7.81
C PHE F 41 38.49 -10.91 -8.96
N ASP F 42 39.50 -11.75 -8.79
CA ASP F 42 40.55 -11.94 -9.79
C ASP F 42 40.01 -12.35 -11.12
N PHE F 43 38.77 -12.84 -11.15
CA PHE F 43 38.20 -13.59 -12.29
C PHE F 43 36.71 -13.32 -12.41
N ASP F 44 36.11 -13.81 -13.49
CA ASP F 44 34.70 -13.48 -13.76
C ASP F 44 33.76 -14.51 -13.12
N LEU F 45 32.87 -14.04 -12.26
CA LEU F 45 31.87 -14.93 -11.64
C LEU F 45 31.10 -15.85 -12.61
N LEU F 46 30.85 -15.43 -13.84
CA LEU F 46 30.02 -16.20 -14.77
C LEU F 46 30.85 -17.10 -15.65
N ASP F 47 32.10 -17.33 -15.22
CA ASP F 47 33.03 -18.17 -15.97
C ASP F 47 33.05 -19.58 -15.36
N PRO F 48 32.37 -20.52 -16.02
CA PRO F 48 32.18 -21.85 -15.45
C PRO F 48 33.46 -22.66 -15.49
N THR F 49 34.58 -22.05 -15.90
CA THR F 49 35.91 -22.72 -15.82
C THR F 49 36.75 -22.16 -14.71
N LYS F 50 36.12 -21.40 -13.82
CA LYS F 50 36.76 -20.82 -12.66
C LYS F 50 35.93 -21.15 -11.43
N LEU F 51 36.58 -21.54 -10.33
CA LEU F 51 35.91 -21.84 -9.07
C LEU F 51 36.00 -20.67 -8.14
N ILE F 52 34.97 -20.46 -7.34
CA ILE F 52 35.08 -19.48 -6.27
C ILE F 52 35.86 -20.10 -5.11
N PRO F 53 37.03 -19.57 -4.76
CA PRO F 53 37.82 -20.16 -3.66
C PRO F 53 37.12 -20.04 -2.30
N GLU F 54 37.15 -21.12 -1.53
CA GLU F 54 36.45 -21.17 -0.26
C GLU F 54 37.00 -20.16 0.76
N GLU F 55 38.32 -19.98 0.82
CA GLU F 55 38.90 -18.99 1.76
C GLU F 55 38.46 -17.56 1.49
N LEU F 56 38.07 -17.24 0.25
CA LEU F 56 37.44 -15.96 -0.04
C LEU F 56 35.95 -15.95 0.31
N VAL F 57 35.17 -16.87 -0.27
CA VAL F 57 33.75 -16.98 0.08
C VAL F 57 33.42 -18.37 0.61
N PRO F 58 33.28 -18.50 1.93
CA PRO F 58 33.08 -19.81 2.58
C PRO F 58 31.76 -20.49 2.13
N VAL F 59 31.74 -21.81 2.12
CA VAL F 59 30.52 -22.55 1.85
C VAL F 59 29.68 -22.64 3.12
N GLN F 60 28.52 -22.01 3.15
CA GLN F 60 27.63 -22.08 4.31
C GLN F 60 26.68 -23.29 4.31
N ARG F 61 26.88 -24.18 5.27
CA ARG F 61 25.94 -25.29 5.52
C ARG F 61 24.50 -24.80 5.48
N VAL F 62 23.62 -25.52 4.80
CA VAL F 62 22.25 -25.06 4.56
C VAL F 62 21.16 -26.16 4.69
N GLY F 63 21.53 -27.42 4.48
CA GLY F 63 20.58 -28.50 4.73
C GLY F 63 21.16 -29.89 4.57
N LYS F 64 20.36 -30.90 4.91
CA LYS F 64 20.81 -32.28 4.84
C LYS F 64 19.90 -33.05 3.90
N MET F 65 20.49 -33.84 2.99
CA MET F 65 19.74 -34.71 2.09
C MET F 65 20.14 -36.10 2.42
N VAL F 66 19.18 -37.02 2.37
CA VAL F 66 19.37 -38.41 2.76
C VAL F 66 18.74 -39.30 1.72
N LEU F 67 19.50 -40.26 1.23
CA LEU F 67 19.03 -41.20 0.23
C LEU F 67 18.64 -42.48 0.93
N ASN F 68 17.37 -42.85 0.89
CA ASN F 68 16.90 -43.92 1.77
C ASN F 68 16.08 -44.99 1.12
N ARG F 69 15.89 -44.94 -0.19
CA ARG F 69 15.11 -45.98 -0.88
C ARG F 69 15.60 -46.20 -2.27
N ASN F 70 15.95 -47.43 -2.60
CA ASN F 70 16.32 -47.75 -3.95
C ASN F 70 15.06 -47.70 -4.76
N PRO F 71 15.14 -47.49 -6.04
CA PRO F 71 13.94 -47.52 -6.88
C PRO F 71 13.37 -48.93 -6.91
N ASP F 72 12.19 -49.11 -7.47
CA ASP F 72 11.68 -50.48 -7.62
C ASP F 72 12.03 -51.08 -8.94
N ASN F 73 11.97 -50.27 -10.00
CA ASN F 73 12.28 -50.73 -11.33
C ASN F 73 13.25 -49.80 -12.02
N PHE F 74 14.43 -50.33 -12.39
CA PHE F 74 15.51 -49.48 -12.89
C PHE F 74 15.07 -48.65 -14.10
N PHE F 75 14.65 -49.34 -15.15
CA PHE F 75 14.23 -48.62 -16.33
C PHE F 75 13.18 -47.58 -16.02
N ALA F 76 12.08 -48.00 -15.41
CA ALA F 76 10.90 -47.13 -15.19
C ALA F 76 11.22 -45.82 -14.49
N GLU F 77 12.02 -45.90 -13.44
CA GLU F 77 12.33 -44.80 -12.57
C GLU F 77 13.70 -44.15 -12.84
N ASN F 78 14.75 -44.96 -13.02
CA ASN F 78 16.09 -44.43 -13.29
C ASN F 78 16.25 -44.01 -14.72
N GLU F 79 16.14 -44.93 -15.65
CA GLU F 79 16.39 -44.58 -17.03
C GLU F 79 15.46 -43.49 -17.48
N GLN F 80 14.19 -43.54 -17.12
CA GLN F 80 13.22 -42.53 -17.58
C GLN F 80 13.23 -41.19 -16.89
N ALA F 81 13.99 -41.05 -15.82
CA ALA F 81 14.02 -39.76 -15.13
C ALA F 81 14.65 -38.73 -16.05
N ALA F 82 14.12 -37.51 -15.96
CA ALA F 82 14.63 -36.40 -16.73
C ALA F 82 15.00 -35.31 -15.80
N PHE F 83 16.27 -34.91 -15.77
CA PHE F 83 16.67 -33.81 -14.90
C PHE F 83 16.97 -32.68 -15.81
N HIS F 84 16.68 -31.46 -15.42
CA HIS F 84 17.06 -30.33 -16.25
C HIS F 84 17.16 -29.08 -15.41
N PRO F 85 18.28 -28.38 -15.52
CA PRO F 85 18.57 -27.18 -14.75
C PRO F 85 17.68 -26.00 -15.08
N GLY F 86 16.98 -26.01 -16.20
CA GLY F 86 15.96 -24.99 -16.43
C GLY F 86 14.81 -25.13 -15.45
N HIS F 87 14.74 -26.27 -14.80
CA HIS F 87 13.65 -26.51 -13.91
C HIS F 87 14.02 -25.92 -12.60
N ILE F 88 13.75 -24.64 -12.45
CA ILE F 88 13.87 -23.95 -11.16
C ILE F 88 12.50 -23.45 -10.67
N VAL F 89 12.45 -22.83 -9.50
CA VAL F 89 11.21 -22.44 -8.84
C VAL F 89 11.35 -21.02 -8.35
N PRO F 90 10.26 -20.31 -8.09
CA PRO F 90 10.35 -18.96 -7.50
C PRO F 90 11.27 -18.89 -6.27
N GLY F 91 12.21 -17.95 -6.23
CA GLY F 91 13.20 -17.87 -5.18
C GLY F 91 14.56 -18.12 -5.77
N LEU F 92 14.57 -18.77 -6.93
CA LEU F 92 15.78 -19.05 -7.68
C LEU F 92 15.72 -18.32 -8.99
N ASP F 93 16.84 -18.28 -9.69
CA ASP F 93 16.94 -17.66 -11.00
C ASP F 93 18.32 -17.85 -11.61
N PHE F 94 18.42 -17.53 -12.89
CA PHE F 94 19.70 -17.74 -13.56
C PHE F 94 20.61 -16.55 -13.53
N THR F 95 21.74 -16.73 -14.19
CA THR F 95 22.61 -15.63 -14.54
C THR F 95 23.01 -15.82 -15.97
N ASN F 96 23.79 -14.88 -16.48
CA ASN F 96 24.27 -14.98 -17.84
C ASN F 96 25.47 -15.93 -18.04
N ASP F 97 25.74 -16.82 -17.10
CA ASP F 97 26.84 -17.72 -17.36
C ASP F 97 26.54 -18.42 -18.71
N PRO F 98 27.36 -18.20 -19.72
CA PRO F 98 27.02 -18.60 -21.06
C PRO F 98 27.07 -20.10 -21.27
N LEU F 99 27.53 -20.85 -20.28
CA LEU F 99 27.51 -22.31 -20.41
C LEU F 99 26.14 -22.77 -19.97
N LEU F 100 25.64 -22.21 -18.87
CA LEU F 100 24.30 -22.46 -18.36
C LEU F 100 23.19 -21.98 -19.31
N GLN F 101 23.34 -20.78 -19.84
CA GLN F 101 22.35 -20.26 -20.78
C GLN F 101 22.06 -21.31 -21.87
N GLY F 102 23.09 -21.87 -22.48
CA GLY F 102 22.83 -22.87 -23.50
C GLY F 102 22.16 -24.12 -22.94
N ARG F 103 22.56 -24.48 -21.72
CA ARG F 103 22.07 -25.72 -21.13
C ARG F 103 20.57 -25.59 -21.15
N LEU F 104 20.13 -24.37 -20.87
CA LEU F 104 18.73 -24.18 -20.62
C LEU F 104 17.88 -24.66 -21.78
N PHE F 105 18.45 -24.59 -22.98
CA PHE F 105 17.73 -24.97 -24.19
C PHE F 105 17.73 -26.49 -24.36
N SER F 106 18.85 -27.14 -24.05
CA SER F 106 19.05 -28.55 -24.38
C SER F 106 18.31 -29.60 -23.55
N TYR F 107 18.23 -29.46 -22.23
CA TYR F 107 17.59 -30.50 -21.41
C TYR F 107 16.11 -30.65 -21.73
N THR F 108 15.53 -29.64 -22.35
CA THR F 108 14.12 -29.71 -22.70
C THR F 108 14.02 -30.42 -24.01
N ASP F 109 14.64 -29.85 -25.02
CA ASP F 109 14.73 -30.42 -26.34
C ASP F 109 15.04 -31.92 -26.38
N THR F 110 16.01 -32.37 -25.61
CA THR F 110 16.48 -33.76 -25.73
C THR F 110 15.48 -34.80 -25.19
N GLN F 111 14.56 -34.36 -24.33
CA GLN F 111 13.46 -35.21 -23.85
C GLN F 111 12.52 -35.67 -24.94
N ILE F 112 12.29 -34.81 -25.94
CA ILE F 112 11.32 -35.06 -26.99
C ILE F 112 11.60 -36.35 -27.76
N SER F 113 12.86 -36.74 -27.95
CA SER F 113 13.12 -37.96 -28.70
C SER F 113 13.38 -39.13 -27.72
N ARG F 114 14.09 -38.82 -26.63
CA ARG F 114 14.46 -39.79 -25.60
C ARG F 114 13.28 -40.31 -24.84
N LEU F 115 12.35 -39.47 -24.48
CA LEU F 115 11.22 -39.98 -23.74
C LEU F 115 9.98 -39.99 -24.61
N GLY F 116 10.18 -39.70 -25.89
CA GLY F 116 9.17 -39.91 -26.89
C GLY F 116 8.11 -38.86 -26.96
N GLY F 117 8.44 -37.65 -26.54
CA GLY F 117 7.56 -36.52 -26.75
C GLY F 117 7.36 -35.59 -25.59
N PRO F 118 6.43 -34.67 -25.72
CA PRO F 118 6.28 -33.61 -24.75
C PRO F 118 5.42 -33.95 -23.55
N ASN F 119 5.12 -35.22 -23.32
CA ASN F 119 4.33 -35.55 -22.15
C ASN F 119 5.16 -36.28 -21.10
N PHE F 120 6.48 -36.14 -21.20
CA PHE F 120 7.38 -36.88 -20.32
C PHE F 120 7.20 -36.59 -18.83
N HIS F 121 6.59 -35.45 -18.51
CA HIS F 121 6.37 -35.08 -17.13
C HIS F 121 5.20 -35.88 -16.55
N GLU F 122 4.49 -36.60 -17.43
CA GLU F 122 3.42 -37.50 -16.97
C GLU F 122 3.90 -38.87 -16.52
N ILE F 123 5.08 -39.30 -16.97
CA ILE F 123 5.78 -40.47 -16.36
C ILE F 123 5.98 -40.22 -14.88
N PRO F 124 5.63 -41.19 -14.05
CA PRO F 124 5.62 -41.01 -12.58
C PRO F 124 6.85 -40.36 -12.02
N ILE F 125 8.01 -40.96 -12.14
CA ILE F 125 9.18 -40.33 -11.60
C ILE F 125 9.35 -38.84 -11.86
N ASN F 126 8.88 -38.32 -12.99
CA ASN F 126 9.04 -36.89 -13.28
C ASN F 126 7.87 -36.06 -12.81
N ARG F 127 6.78 -36.71 -12.40
CA ARG F 127 5.55 -35.97 -12.22
C ARG F 127 5.70 -35.11 -10.98
N PRO F 128 5.42 -33.82 -11.04
CA PRO F 128 5.42 -33.00 -9.84
C PRO F 128 4.57 -33.65 -8.82
N THR F 129 4.78 -33.33 -7.55
CA THR F 129 3.86 -33.84 -6.52
C THR F 129 2.93 -32.73 -6.06
N CYS F 130 3.16 -31.50 -6.50
CA CYS F 130 2.24 -30.40 -6.25
C CYS F 130 1.24 -30.34 -7.39
N PRO F 131 0.26 -29.43 -7.31
CA PRO F 131 -0.66 -29.23 -8.44
C PRO F 131 0.04 -28.67 -9.68
N TYR F 132 -0.48 -29.04 -10.84
CA TYR F 132 -0.10 -28.47 -12.11
C TYR F 132 -1.28 -28.47 -13.06
N HIS F 133 -1.52 -27.32 -13.68
CA HIS F 133 -2.63 -27.12 -14.58
C HIS F 133 -2.31 -26.02 -15.54
N ASN F 134 -2.67 -26.20 -16.79
CA ASN F 134 -2.36 -25.18 -17.76
C ASN F 134 -3.17 -25.46 -18.98
N PHE F 135 -2.87 -24.80 -20.09
CA PHE F 135 -3.70 -24.94 -21.27
C PHE F 135 -3.03 -25.77 -22.37
N GLN F 136 -1.95 -26.50 -22.06
CA GLN F 136 -1.33 -27.38 -23.03
C GLN F 136 -2.18 -28.59 -23.23
N ARG F 137 -2.16 -29.17 -24.42
CA ARG F 137 -3.03 -30.32 -24.67
C ARG F 137 -2.36 -31.28 -25.58
N ASP F 138 -2.91 -32.48 -25.66
CA ASP F 138 -2.46 -33.53 -26.59
C ASP F 138 -1.00 -33.87 -26.46
N GLY F 139 -0.37 -34.20 -27.60
CA GLY F 139 0.98 -34.71 -27.59
C GLY F 139 0.99 -36.22 -27.39
N MET F 140 2.06 -36.89 -27.79
CA MET F 140 2.09 -38.33 -27.72
C MET F 140 1.99 -38.89 -26.31
N HIS F 141 1.33 -40.03 -26.19
CA HIS F 141 1.08 -40.65 -24.91
C HIS F 141 0.56 -39.71 -23.83
N ARG F 142 -0.50 -38.98 -24.15
CA ARG F 142 -1.11 -38.08 -23.20
C ARG F 142 -1.95 -38.82 -22.22
N MET F 143 -1.69 -38.65 -20.93
CA MET F 143 -2.39 -39.37 -19.89
C MET F 143 -3.49 -38.55 -19.26
N GLY F 144 -3.16 -37.32 -18.91
CA GLY F 144 -4.14 -36.42 -18.34
C GLY F 144 -5.36 -36.27 -19.21
N ILE F 145 -6.53 -36.52 -18.67
CA ILE F 145 -7.73 -36.23 -19.42
C ILE F 145 -8.29 -34.90 -18.93
N ASP F 146 -8.27 -33.89 -19.80
CA ASP F 146 -8.67 -32.55 -19.42
C ASP F 146 -10.15 -32.30 -19.48
N THR F 147 -10.72 -31.74 -18.41
CA THR F 147 -12.16 -31.46 -18.38
C THR F 147 -12.50 -30.00 -18.65
N ASN F 148 -11.46 -29.17 -18.64
CA ASN F 148 -11.64 -27.74 -18.82
C ASN F 148 -12.27 -27.36 -20.17
N PRO F 149 -13.36 -26.61 -20.11
CA PRO F 149 -14.04 -26.19 -21.35
C PRO F 149 -13.10 -25.37 -22.24
N ALA F 150 -12.07 -24.82 -21.64
CA ALA F 150 -11.16 -23.96 -22.37
C ALA F 150 -9.76 -24.56 -22.48
N ASN F 151 -9.11 -24.34 -23.63
CA ASN F 151 -7.73 -24.69 -23.82
C ASN F 151 -6.91 -23.49 -24.25
N TYR F 152 -7.36 -22.34 -23.81
CA TYR F 152 -6.72 -21.08 -24.13
C TYR F 152 -6.99 -20.09 -22.99
N GLU F 153 -6.21 -19.03 -22.96
CA GLU F 153 -6.53 -17.91 -22.10
C GLU F 153 -6.01 -16.67 -22.81
N PRO F 154 -6.68 -15.55 -22.62
CA PRO F 154 -7.76 -15.44 -21.63
C PRO F 154 -8.99 -16.14 -22.16
N ASN F 155 -9.86 -16.59 -21.27
CA ASN F 155 -11.10 -17.21 -21.67
C ASN F 155 -12.16 -16.76 -20.70
N SER F 156 -13.40 -16.71 -21.12
CA SER F 156 -14.47 -16.36 -20.21
C SER F 156 -15.34 -17.57 -19.96
N ILE F 157 -15.24 -18.61 -20.80
CA ILE F 157 -16.13 -19.78 -20.70
C ILE F 157 -15.84 -20.64 -19.48
N ASN F 158 -14.62 -20.52 -18.95
CA ASN F 158 -14.25 -21.13 -17.67
C ASN F 158 -13.76 -20.03 -16.71
N ASP F 159 -14.31 -18.82 -16.81
CA ASP F 159 -13.89 -17.74 -15.95
C ASP F 159 -12.37 -17.56 -15.92
N ASN F 160 -11.70 -17.93 -16.99
CA ASN F 160 -10.28 -17.69 -17.09
C ASN F 160 -9.38 -18.62 -16.26
N TRP F 161 -9.96 -19.62 -15.62
CA TRP F 161 -9.18 -20.61 -14.85
C TRP F 161 -8.63 -21.73 -15.71
N PRO F 162 -7.40 -22.17 -15.51
CA PRO F 162 -6.53 -21.67 -14.44
C PRO F 162 -6.05 -20.25 -14.68
N ARG F 163 -6.00 -19.49 -13.60
CA ARG F 163 -5.52 -18.10 -13.67
C ARG F 163 -4.03 -18.00 -13.31
N GLU F 164 -3.38 -16.99 -13.87
CA GLU F 164 -2.02 -16.60 -13.51
C GLU F 164 -2.00 -16.12 -12.07
N THR F 165 -0.83 -16.09 -11.50
CA THR F 165 -0.68 -15.68 -10.11
C THR F 165 0.45 -14.67 -10.02
N PRO F 166 0.17 -13.49 -9.50
CA PRO F 166 1.21 -12.46 -9.37
C PRO F 166 2.28 -12.87 -8.35
N PRO F 167 3.47 -12.35 -8.53
CA PRO F 167 4.63 -12.75 -7.70
C PRO F 167 4.48 -12.26 -6.26
N GLY F 168 4.93 -13.05 -5.29
CA GLY F 168 4.75 -12.75 -3.89
C GLY F 168 5.76 -13.46 -3.00
N PRO F 169 5.76 -13.11 -1.72
CA PRO F 169 6.61 -13.78 -0.72
C PRO F 169 6.50 -15.33 -0.68
N LYS F 170 5.32 -15.89 -0.88
CA LYS F 170 5.09 -17.32 -0.76
C LYS F 170 3.92 -17.73 -1.68
N ARG F 171 4.08 -18.79 -2.46
CA ARG F 171 3.00 -19.24 -3.31
C ARG F 171 2.78 -18.25 -4.45
N GLY F 172 3.83 -17.58 -4.89
CA GLY F 172 3.68 -16.60 -5.97
C GLY F 172 4.02 -17.13 -7.35
N GLY F 173 3.70 -16.35 -8.37
CA GLY F 173 4.01 -16.72 -9.72
C GLY F 173 5.44 -16.38 -10.02
N PHE F 174 6.04 -16.99 -11.04
CA PHE F 174 7.43 -16.75 -11.33
C PHE F 174 7.60 -15.49 -12.18
N GLU F 175 8.44 -14.58 -11.73
CA GLU F 175 8.90 -13.43 -12.53
C GLU F 175 10.44 -13.37 -12.45
N SER F 176 11.09 -13.01 -13.55
CA SER F 176 12.54 -13.01 -13.59
C SER F 176 13.13 -11.79 -12.92
N TYR F 177 14.27 -11.96 -12.27
CA TYR F 177 14.90 -10.81 -11.67
C TYR F 177 15.20 -9.83 -12.81
N GLN F 178 14.93 -8.54 -12.62
CA GLN F 178 15.00 -7.59 -13.75
C GLN F 178 16.41 -7.09 -14.06
N GLU F 179 17.37 -8.00 -14.11
CA GLU F 179 18.75 -7.67 -14.47
C GLU F 179 18.85 -6.65 -15.61
N ARG F 180 19.66 -5.60 -15.45
CA ARG F 180 19.82 -4.66 -16.54
C ARG F 180 20.67 -5.30 -17.61
N VAL F 181 20.33 -5.08 -18.87
CA VAL F 181 21.13 -5.66 -19.94
C VAL F 181 21.60 -4.54 -20.85
N GLU F 182 22.90 -4.48 -21.10
CA GLU F 182 23.40 -3.46 -22.02
C GLU F 182 24.48 -3.99 -22.90
N GLY F 183 24.28 -3.89 -24.21
CA GLY F 183 25.31 -4.33 -25.15
C GLY F 183 24.79 -4.61 -26.56
N ASN F 184 25.73 -4.93 -27.43
CA ASN F 184 25.41 -5.23 -28.82
C ASN F 184 25.19 -6.74 -29.07
N LYS F 185 24.32 -7.06 -30.00
CA LYS F 185 24.13 -8.44 -30.41
C LYS F 185 25.44 -8.97 -30.98
N VAL F 186 26.14 -9.83 -30.23
CA VAL F 186 27.43 -10.29 -30.68
C VAL F 186 27.75 -11.73 -30.32
N ARG F 187 28.38 -12.44 -31.22
CA ARG F 187 29.01 -13.67 -30.84
C ARG F 187 30.45 -13.32 -30.50
N GLU F 188 30.80 -13.41 -29.23
CA GLU F 188 32.12 -12.96 -28.77
C GLU F 188 32.36 -13.37 -27.33
N ARG F 189 33.50 -14.01 -27.06
CA ARG F 189 33.79 -14.39 -25.68
C ARG F 189 34.19 -13.15 -24.84
N SER F 190 33.58 -13.01 -23.65
CA SER F 190 33.95 -11.91 -22.75
C SER F 190 35.45 -12.00 -22.50
N PRO F 191 36.16 -10.91 -22.68
CA PRO F 191 37.60 -10.90 -22.42
C PRO F 191 37.91 -11.32 -20.97
N SER F 192 37.04 -10.99 -20.01
CA SER F 192 37.19 -11.47 -18.61
C SER F 192 37.33 -13.00 -18.45
N PHE F 193 36.99 -13.74 -19.49
CA PHE F 193 37.09 -15.20 -19.49
C PHE F 193 38.44 -15.63 -20.00
N GLY F 194 39.24 -14.64 -20.42
CA GLY F 194 40.48 -14.90 -21.14
C GLY F 194 41.68 -15.55 -20.42
N GLU F 195 41.57 -15.88 -19.14
CA GLU F 195 42.71 -16.44 -18.40
C GLU F 195 42.55 -17.92 -17.96
N TYR F 196 43.32 -18.79 -18.61
CA TYR F 196 43.18 -20.23 -18.47
C TYR F 196 44.13 -20.99 -17.55
N TYR F 197 45.13 -20.31 -17.01
CA TYR F 197 46.19 -21.02 -16.32
C TYR F 197 46.25 -20.88 -14.79
N SER F 198 45.81 -19.77 -14.23
CA SER F 198 46.05 -19.64 -12.81
C SER F 198 45.17 -20.51 -11.94
N HIS F 199 43.99 -20.86 -12.41
CA HIS F 199 43.17 -21.73 -11.58
C HIS F 199 43.80 -23.13 -11.56
N PRO F 200 44.11 -23.66 -12.74
CA PRO F 200 44.83 -24.94 -12.83
C PRO F 200 46.07 -24.95 -11.93
N ARG F 201 46.83 -23.84 -11.89
CA ARG F 201 48.02 -23.64 -11.01
C ARG F 201 47.64 -23.70 -9.54
N LEU F 202 46.72 -22.81 -9.13
CA LEU F 202 46.27 -22.81 -7.75
C LEU F 202 45.90 -24.23 -7.31
N PHE F 203 45.20 -24.95 -8.18
CA PHE F 203 44.81 -26.33 -7.90
C PHE F 203 46.05 -27.20 -7.61
N TRP F 204 46.95 -27.29 -8.58
CA TRP F 204 48.16 -28.09 -8.40
C TRP F 204 48.92 -27.69 -7.10
N LEU F 205 49.24 -26.41 -7.00
CA LEU F 205 49.93 -25.91 -5.84
C LEU F 205 49.36 -26.42 -4.50
N SER F 206 48.06 -26.66 -4.42
CA SER F 206 47.58 -27.12 -3.14
C SER F 206 47.40 -28.62 -3.04
N GLN F 207 48.09 -29.38 -3.88
CA GLN F 207 48.05 -30.84 -3.76
C GLN F 207 49.24 -31.41 -3.00
N THR F 208 49.03 -32.37 -2.10
CA THR F 208 50.17 -33.05 -1.45
C THR F 208 51.15 -33.70 -2.46
N PRO F 209 52.43 -33.79 -2.10
CA PRO F 209 53.43 -34.32 -3.04
C PRO F 209 52.96 -35.66 -3.60
N PHE F 210 52.24 -36.45 -2.82
CA PHE F 210 51.82 -37.72 -3.39
C PHE F 210 50.51 -37.65 -4.22
N GLU F 211 49.63 -36.71 -3.92
CA GLU F 211 48.57 -36.40 -4.88
C GLU F 211 49.15 -35.91 -6.25
N GLN F 212 50.17 -35.06 -6.17
CA GLN F 212 50.82 -34.51 -7.38
C GLN F 212 51.45 -35.61 -8.22
N ARG F 213 52.05 -36.58 -7.56
CA ARG F 213 52.56 -37.72 -8.29
C ARG F 213 51.41 -38.36 -9.11
N HIS F 214 50.25 -38.53 -8.47
CA HIS F 214 49.10 -39.18 -9.11
C HIS F 214 48.67 -38.43 -10.37
N ILE F 215 48.63 -37.11 -10.27
CA ILE F 215 48.25 -36.27 -11.39
C ILE F 215 49.22 -36.44 -12.56
N VAL F 216 50.50 -36.47 -12.21
CA VAL F 216 51.51 -36.69 -13.23
C VAL F 216 51.20 -38.00 -13.95
N ASP F 217 51.01 -39.08 -13.18
CA ASP F 217 50.69 -40.42 -13.72
C ASP F 217 49.43 -40.44 -14.61
N GLY F 218 48.37 -39.76 -14.16
CA GLY F 218 47.21 -39.53 -14.98
C GLY F 218 47.59 -38.99 -16.35
N PHE F 219 48.10 -37.76 -16.40
CA PHE F 219 48.52 -37.21 -17.68
C PHE F 219 49.40 -38.16 -18.51
N SER F 220 50.22 -38.93 -17.79
CA SER F 220 51.29 -39.70 -18.41
C SER F 220 50.61 -40.83 -19.10
N PHE F 221 49.78 -41.54 -18.32
CA PHE F 221 49.11 -42.72 -18.83
C PHE F 221 48.23 -42.35 -20.04
N GLU F 222 47.44 -41.29 -19.90
CA GLU F 222 46.49 -40.92 -20.92
C GLU F 222 47.25 -40.47 -22.18
N LEU F 223 48.26 -39.64 -21.98
CA LEU F 223 48.98 -39.11 -23.13
C LEU F 223 49.71 -40.24 -23.86
N SER F 224 50.16 -41.22 -23.09
CA SER F 224 50.86 -42.35 -23.66
C SER F 224 49.97 -43.07 -24.64
N LYS F 225 48.66 -42.95 -24.49
CA LYS F 225 47.74 -43.71 -25.33
C LYS F 225 47.31 -42.93 -26.58
N VAL F 226 47.69 -41.66 -26.62
CA VAL F 226 47.55 -40.87 -27.83
C VAL F 226 48.55 -41.36 -28.88
N VAL F 227 48.08 -41.60 -30.10
CA VAL F 227 48.94 -42.12 -31.16
C VAL F 227 49.80 -40.99 -31.80
N ARG F 228 49.16 -39.97 -32.33
CA ARG F 228 49.89 -38.87 -32.92
C ARG F 228 50.81 -38.22 -31.87
N PRO F 229 52.11 -38.18 -32.17
CA PRO F 229 53.09 -37.72 -31.20
C PRO F 229 53.02 -36.22 -30.92
N TYR F 230 52.71 -35.41 -31.94
CA TYR F 230 52.76 -33.96 -31.76
C TYR F 230 51.72 -33.43 -30.77
N ILE F 231 50.59 -34.14 -30.72
CA ILE F 231 49.49 -33.83 -29.81
C ILE F 231 50.04 -33.94 -28.40
N ARG F 232 50.68 -35.09 -28.14
CA ARG F 232 51.46 -35.32 -26.94
C ARG F 232 52.28 -34.06 -26.56
N GLU F 233 53.21 -33.65 -27.42
CA GLU F 233 54.04 -32.47 -27.11
C GLU F 233 53.23 -31.19 -26.85
N ARG F 234 52.24 -30.94 -27.71
CA ARG F 234 51.44 -29.74 -27.59
C ARG F 234 50.73 -29.69 -26.24
N VAL F 235 50.30 -30.84 -25.74
CA VAL F 235 49.65 -30.86 -24.44
C VAL F 235 50.65 -30.43 -23.39
N VAL F 236 51.70 -31.24 -23.24
CA VAL F 236 52.79 -30.96 -22.30
C VAL F 236 53.13 -29.48 -22.35
N ASP F 237 53.15 -28.95 -23.57
CA ASP F 237 53.45 -27.55 -23.81
C ASP F 237 52.54 -26.67 -23.01
N GLN F 238 51.26 -27.01 -23.00
CA GLN F 238 50.27 -26.27 -22.25
C GLN F 238 50.55 -26.54 -20.78
N LEU F 239 50.77 -27.80 -20.47
CA LEU F 239 51.11 -28.17 -19.11
C LEU F 239 52.14 -27.24 -18.54
N ALA F 240 53.06 -26.84 -19.42
CA ALA F 240 54.15 -25.93 -19.09
C ALA F 240 53.69 -24.53 -18.65
N HIS F 241 52.67 -23.99 -19.30
CA HIS F 241 52.18 -22.67 -18.86
C HIS F 241 51.51 -22.73 -17.50
N ILE F 242 51.55 -23.89 -16.85
CA ILE F 242 50.83 -24.11 -15.60
C ILE F 242 51.81 -24.23 -14.47
N ASP F 243 52.76 -25.16 -14.59
CA ASP F 243 53.80 -25.30 -13.58
C ASP F 243 54.90 -26.14 -14.19
N LEU F 244 56.13 -25.67 -14.08
CA LEU F 244 57.24 -26.33 -14.74
C LEU F 244 57.50 -27.79 -14.28
N THR F 245 57.41 -28.06 -12.97
CA THR F 245 57.69 -29.42 -12.46
C THR F 245 56.78 -30.42 -13.16
N LEU F 246 55.48 -30.15 -13.08
CA LEU F 246 54.46 -31.00 -13.65
C LEU F 246 54.81 -31.27 -15.10
N ALA F 247 54.96 -30.21 -15.89
CA ALA F 247 55.24 -30.34 -17.32
C ALA F 247 56.40 -31.28 -17.61
N GLN F 248 57.48 -31.11 -16.84
CA GLN F 248 58.71 -31.89 -17.05
C GLN F 248 58.50 -33.35 -16.66
N ALA F 249 57.97 -33.56 -15.45
CA ALA F 249 57.77 -34.90 -14.91
C ALA F 249 57.10 -35.71 -16.00
N VAL F 250 55.98 -35.17 -16.49
CA VAL F 250 55.16 -35.82 -17.50
C VAL F 250 55.98 -35.99 -18.75
N ALA F 251 56.49 -34.87 -19.27
CA ALA F 251 57.37 -34.90 -20.43
C ALA F 251 58.45 -35.99 -20.31
N LYS F 252 59.05 -36.15 -19.12
CA LYS F 252 60.07 -37.18 -18.88
C LYS F 252 59.49 -38.55 -19.19
N ASN F 253 58.33 -38.82 -18.61
CA ASN F 253 57.63 -40.09 -18.81
C ASN F 253 57.25 -40.41 -20.29
N LEU F 254 57.10 -39.38 -21.11
CA LEU F 254 56.81 -39.62 -22.52
C LEU F 254 58.05 -39.43 -23.38
N GLY F 255 59.13 -39.02 -22.72
CA GLY F 255 60.42 -38.76 -23.36
C GLY F 255 60.53 -37.54 -24.26
N ILE F 256 60.58 -36.35 -23.68
CA ILE F 256 60.95 -35.13 -24.42
C ILE F 256 61.91 -34.22 -23.59
N SER G 1 6.51 -46.09 -67.33
CA SER G 1 7.31 -45.74 -68.55
C SER G 1 8.59 -46.61 -68.71
N GLU G 2 8.99 -47.28 -67.63
CA GLU G 2 10.17 -48.15 -67.65
C GLU G 2 9.91 -49.46 -66.90
N ASN G 3 9.82 -50.58 -67.60
CA ASN G 3 9.29 -51.81 -67.00
C ASN G 3 10.21 -52.60 -66.06
N TYR G 4 9.83 -52.65 -64.78
CA TYR G 4 10.59 -53.40 -63.76
C TYR G 4 9.78 -54.51 -63.06
N ALA G 5 10.46 -55.50 -62.51
CA ALA G 5 9.81 -56.48 -61.62
C ALA G 5 9.28 -55.89 -60.30
N LEU G 6 8.10 -56.34 -59.88
CA LEU G 6 7.59 -56.04 -58.56
C LEU G 6 8.35 -56.83 -57.49
N THR G 7 8.94 -56.13 -56.52
CA THR G 7 9.76 -56.79 -55.47
C THR G 7 9.42 -56.38 -54.03
N THR G 8 9.91 -57.14 -53.04
CA THR G 8 10.02 -56.62 -51.67
C THR G 8 11.03 -55.45 -51.69
N ASN G 9 11.00 -54.60 -50.66
CA ASN G 9 12.02 -53.56 -50.52
C ASN G 9 13.44 -54.13 -50.44
N GLN G 10 13.57 -55.45 -50.31
CA GLN G 10 14.91 -56.01 -50.27
C GLN G 10 15.32 -56.45 -51.70
N GLY G 11 14.57 -55.97 -52.69
CA GLY G 11 14.76 -56.36 -54.09
C GLY G 11 14.53 -57.84 -54.44
N VAL G 12 13.53 -58.48 -53.84
CA VAL G 12 13.33 -59.88 -54.06
C VAL G 12 12.06 -59.99 -54.89
N ARG G 13 12.22 -60.43 -56.14
CA ARG G 13 11.09 -60.54 -57.06
C ARG G 13 9.91 -61.29 -56.43
N ILE G 14 8.73 -60.69 -56.50
CA ILE G 14 7.53 -61.37 -55.99
C ILE G 14 6.81 -62.18 -57.08
N ALA G 15 6.39 -63.40 -56.76
CA ALA G 15 5.66 -64.23 -57.74
C ALA G 15 4.18 -63.93 -57.76
N ASP G 16 3.53 -64.18 -56.64
CA ASP G 16 2.11 -63.97 -56.49
C ASP G 16 1.82 -62.78 -55.50
N ASP G 17 1.34 -61.66 -56.01
CA ASP G 17 1.00 -60.53 -55.15
C ASP G 17 -0.53 -60.45 -55.02
N GLN G 18 -1.19 -61.61 -54.99
CA GLN G 18 -2.64 -61.68 -54.78
C GLN G 18 -3.03 -62.55 -53.59
N ASN G 19 -2.06 -63.19 -52.93
CA ASN G 19 -2.40 -64.01 -51.76
C ASN G 19 -1.35 -64.02 -50.66
N SER G 20 -1.83 -64.39 -49.49
CA SER G 20 -0.98 -64.61 -48.34
C SER G 20 -0.55 -66.03 -48.48
N LEU G 21 0.57 -66.41 -47.86
CA LEU G 21 0.93 -67.80 -47.73
C LEU G 21 0.06 -68.43 -46.67
N ARG G 22 -0.45 -69.63 -46.91
CA ARG G 22 -1.29 -70.33 -45.93
C ARG G 22 -1.16 -71.84 -46.00
N ALA G 23 -1.59 -72.53 -44.98
CA ALA G 23 -1.55 -73.97 -45.02
C ALA G 23 -2.84 -74.49 -45.68
N GLY G 24 -2.74 -74.70 -47.00
CA GLY G 24 -3.89 -75.08 -47.81
C GLY G 24 -4.63 -73.82 -48.18
N SER G 25 -5.31 -73.83 -49.31
CA SER G 25 -5.99 -72.62 -49.82
C SER G 25 -7.11 -72.09 -48.89
N ARG G 26 -7.42 -72.83 -47.83
CA ARG G 26 -8.56 -72.50 -47.01
C ARG G 26 -8.12 -72.58 -45.56
N GLY G 27 -6.81 -72.46 -45.36
CA GLY G 27 -6.20 -72.64 -44.06
C GLY G 27 -5.63 -71.34 -43.50
N PRO G 28 -4.96 -71.40 -42.34
CA PRO G 28 -4.48 -70.21 -41.62
C PRO G 28 -3.30 -69.57 -42.28
N THR G 29 -3.12 -68.27 -42.10
CA THR G 29 -1.98 -67.59 -42.70
C THR G 29 -0.73 -67.84 -41.89
N LEU G 30 0.39 -68.07 -42.59
CA LEU G 30 1.62 -68.51 -41.93
C LEU G 30 2.51 -67.36 -41.63
N LEU G 31 3.02 -67.31 -40.41
CA LEU G 31 3.83 -66.20 -39.91
C LEU G 31 5.07 -66.00 -40.75
N GLU G 32 5.58 -67.08 -41.32
CA GLU G 32 6.72 -66.96 -42.25
C GLU G 32 6.38 -66.31 -43.62
N ASP G 33 5.16 -65.81 -43.84
CA ASP G 33 4.96 -65.08 -45.08
C ASP G 33 5.57 -63.69 -45.01
N PHE G 34 6.89 -63.61 -45.11
CA PHE G 34 7.61 -62.34 -44.96
C PHE G 34 7.31 -61.28 -46.04
N ILE G 35 6.62 -61.68 -47.11
CA ILE G 35 6.35 -60.69 -48.11
C ILE G 35 5.11 -59.93 -47.67
N LEU G 36 4.18 -60.65 -47.04
CA LEU G 36 2.94 -60.08 -46.54
C LEU G 36 3.27 -59.02 -45.53
N ARG G 37 3.93 -59.46 -44.46
CA ARG G 37 4.25 -58.56 -43.36
C ARG G 37 4.99 -57.34 -43.87
N GLU G 38 6.02 -57.52 -44.68
CA GLU G 38 6.66 -56.33 -45.24
C GLU G 38 5.65 -55.36 -45.83
N LYS G 39 4.92 -55.78 -46.86
CA LYS G 39 3.82 -55.00 -47.45
C LYS G 39 2.91 -54.34 -46.43
N ILE G 40 2.33 -55.13 -45.51
CA ILE G 40 1.42 -54.59 -44.47
C ILE G 40 2.10 -53.67 -43.47
N THR G 41 3.32 -54.02 -43.08
CA THR G 41 4.12 -53.20 -42.19
C THR G 41 4.31 -51.79 -42.72
N HIS G 42 4.81 -51.68 -43.92
CA HIS G 42 4.92 -50.37 -44.52
C HIS G 42 3.55 -49.75 -44.62
N PHE G 43 2.52 -50.52 -44.97
CA PHE G 43 1.20 -49.89 -45.10
C PHE G 43 0.79 -49.36 -43.73
N ASP G 44 0.98 -50.21 -42.71
CA ASP G 44 0.74 -49.92 -41.31
C ASP G 44 1.39 -48.62 -40.89
N HIS G 45 2.56 -48.30 -41.41
CA HIS G 45 3.30 -47.15 -40.92
C HIS G 45 3.39 -45.95 -41.87
N GLU G 46 2.38 -45.81 -42.73
CA GLU G 46 2.45 -44.83 -43.81
C GLU G 46 2.41 -43.38 -43.30
N ARG G 47 1.66 -43.13 -42.23
CA ARG G 47 1.38 -41.74 -41.90
C ARG G 47 2.42 -41.12 -40.96
N ILE G 48 2.64 -39.83 -41.13
CA ILE G 48 3.35 -39.05 -40.13
C ILE G 48 2.47 -37.94 -39.57
N PRO G 49 2.89 -37.32 -38.50
CA PRO G 49 2.07 -36.24 -37.92
C PRO G 49 1.92 -35.17 -38.96
N GLU G 50 0.76 -34.54 -39.00
CA GLU G 50 0.53 -33.39 -39.89
C GLU G 50 0.95 -32.13 -39.17
N ARG G 51 1.24 -31.11 -39.94
CA ARG G 51 1.60 -29.84 -39.38
C ARG G 51 0.69 -29.41 -38.20
N ILE G 52 1.27 -28.81 -37.17
CA ILE G 52 0.39 -28.34 -36.12
C ILE G 52 -0.69 -27.41 -36.68
N VAL G 53 -0.25 -26.43 -37.47
CA VAL G 53 -1.08 -25.48 -38.21
C VAL G 53 -0.68 -25.46 -39.69
N HIS G 54 -1.55 -24.94 -40.54
CA HIS G 54 -1.31 -25.03 -41.98
C HIS G 54 -1.10 -26.48 -42.40
N ALA G 55 -1.90 -27.41 -41.86
CA ALA G 55 -1.79 -28.85 -42.21
C ALA G 55 -2.28 -29.06 -43.65
N ARG G 56 -3.22 -28.22 -44.06
CA ARG G 56 -3.82 -28.35 -45.37
C ARG G 56 -3.11 -27.52 -46.46
N GLY G 57 -2.51 -28.20 -47.44
CA GLY G 57 -1.72 -27.49 -48.44
C GLY G 57 -1.55 -28.09 -49.83
N SER G 58 -1.15 -27.24 -50.78
CA SER G 58 -0.74 -27.64 -52.13
C SER G 58 0.47 -26.89 -52.49
N ALA G 59 1.40 -27.51 -53.20
CA ALA G 59 2.68 -26.85 -53.47
C ALA G 59 3.06 -27.16 -54.89
N ALA G 60 4.13 -26.51 -55.38
CA ALA G 60 4.68 -26.73 -56.72
C ALA G 60 6.07 -26.13 -56.79
N HIS G 61 6.89 -26.68 -57.70
CA HIS G 61 8.26 -26.22 -57.97
C HIS G 61 8.25 -25.08 -58.98
N GLY G 62 9.36 -24.35 -59.09
CA GLY G 62 9.42 -23.14 -59.89
C GLY G 62 10.80 -22.51 -59.75
N TYR G 63 10.88 -21.22 -60.03
CA TYR G 63 12.15 -20.53 -59.99
C TYR G 63 11.91 -19.05 -59.79
N PHE G 64 13.00 -18.36 -59.49
CA PHE G 64 12.95 -16.92 -59.20
C PHE G 64 14.23 -16.24 -59.70
N GLN G 65 14.06 -15.01 -60.18
CA GLN G 65 15.20 -14.14 -60.48
C GLN G 65 14.84 -12.69 -60.20
N PRO G 66 15.85 -11.93 -59.80
CA PRO G 66 15.68 -10.50 -59.52
C PRO G 66 15.78 -9.62 -60.77
N TYR G 67 15.00 -8.54 -60.78
CA TYR G 67 15.03 -7.60 -61.86
C TYR G 67 16.41 -6.92 -62.07
N LYS G 68 17.14 -6.66 -60.96
CA LYS G 68 18.48 -6.01 -61.02
C LYS G 68 19.21 -6.28 -59.71
N SER G 69 20.54 -6.33 -59.74
CA SER G 69 21.35 -6.44 -58.51
C SER G 69 20.91 -5.49 -57.34
N LEU G 70 20.54 -6.09 -56.20
CA LEU G 70 20.19 -5.29 -55.03
C LEU G 70 21.42 -5.11 -54.16
N SER G 71 22.56 -5.53 -54.69
CA SER G 71 23.82 -5.43 -53.98
C SER G 71 23.92 -4.14 -53.15
N ASP G 72 23.22 -3.09 -53.55
CA ASP G 72 23.32 -1.84 -52.81
C ASP G 72 22.68 -1.91 -51.43
N ILE G 73 21.61 -2.67 -51.28
CA ILE G 73 20.93 -2.64 -49.99
C ILE G 73 21.09 -3.93 -49.18
N THR G 74 21.57 -4.97 -49.86
CA THR G 74 21.69 -6.28 -49.22
C THR G 74 22.73 -7.17 -49.88
N LYS G 75 23.55 -7.80 -49.06
CA LYS G 75 24.63 -8.61 -49.58
C LYS G 75 24.16 -10.02 -49.86
N ALA G 76 22.85 -10.18 -49.97
CA ALA G 76 22.25 -11.49 -50.22
C ALA G 76 22.52 -11.96 -51.65
N ASP G 77 23.28 -13.02 -51.79
CA ASP G 77 23.49 -13.64 -53.09
C ASP G 77 22.24 -13.76 -53.99
N PHE G 78 21.19 -14.48 -53.55
CA PHE G 78 20.11 -14.82 -54.50
C PHE G 78 19.43 -13.60 -55.16
N LEU G 79 19.72 -12.41 -54.63
CA LEU G 79 19.24 -11.17 -55.18
C LEU G 79 20.29 -10.35 -55.96
N SER G 80 21.53 -10.86 -56.08
CA SER G 80 22.71 -10.03 -56.48
C SER G 80 23.03 -9.89 -58.00
N ASP G 81 22.17 -10.44 -58.85
CA ASP G 81 22.42 -10.47 -60.29
C ASP G 81 21.19 -11.08 -61.00
N PRO G 82 20.61 -10.38 -61.99
CA PRO G 82 19.32 -10.79 -62.57
C PRO G 82 19.45 -12.06 -63.46
N ASN G 83 20.68 -12.51 -63.64
CA ASN G 83 20.96 -13.68 -64.47
C ASN G 83 21.03 -14.94 -63.66
N LYS G 84 21.21 -14.78 -62.34
CA LYS G 84 21.26 -15.88 -61.37
C LYS G 84 19.81 -16.29 -61.13
N ILE G 85 19.54 -17.57 -61.38
CA ILE G 85 18.22 -18.16 -61.18
C ILE G 85 18.25 -19.03 -59.93
N THR G 86 17.28 -18.78 -59.06
CA THR G 86 17.14 -19.57 -57.84
C THR G 86 15.93 -20.45 -57.95
N PRO G 87 16.13 -21.76 -57.78
CA PRO G 87 15.00 -22.68 -57.74
C PRO G 87 14.15 -22.40 -56.50
N VAL G 88 12.83 -22.52 -56.65
CA VAL G 88 11.97 -22.46 -55.47
C VAL G 88 10.92 -23.57 -55.40
N PHE G 89 10.46 -23.80 -54.17
CA PHE G 89 9.34 -24.71 -53.93
C PHE G 89 8.36 -23.91 -53.09
N VAL G 90 7.09 -23.92 -53.45
CA VAL G 90 6.18 -23.02 -52.80
C VAL G 90 4.98 -23.74 -52.28
N ARG G 91 4.60 -23.50 -51.02
CA ARG G 91 3.50 -24.23 -50.43
C ARG G 91 2.42 -23.26 -50.01
N PHE G 92 1.21 -23.44 -50.54
CA PHE G 92 0.09 -22.61 -50.11
C PHE G 92 -0.71 -23.47 -49.17
N SER G 93 -1.45 -22.85 -48.25
CA SER G 93 -2.12 -23.63 -47.21
C SER G 93 -3.30 -22.88 -46.63
N THR G 94 -4.19 -23.59 -45.93
CA THR G 94 -5.07 -22.92 -44.95
C THR G 94 -4.39 -22.90 -43.56
N VAL G 95 -5.11 -22.46 -42.54
CA VAL G 95 -4.54 -22.48 -41.20
C VAL G 95 -5.16 -23.51 -40.25
N GLN G 96 -6.48 -23.47 -40.08
CA GLN G 96 -7.09 -24.23 -39.02
C GLN G 96 -7.18 -25.74 -39.28
N GLY G 97 -7.76 -26.10 -40.41
CA GLY G 97 -8.11 -27.49 -40.67
C GLY G 97 -6.98 -28.45 -41.00
N GLY G 98 -7.25 -29.75 -40.85
CA GLY G 98 -6.25 -30.77 -41.01
C GLY G 98 -5.85 -31.03 -42.46
N ALA G 99 -4.94 -31.98 -42.65
CA ALA G 99 -4.48 -32.39 -43.97
C ALA G 99 -5.61 -32.74 -44.91
N GLY G 100 -6.76 -33.13 -44.37
CA GLY G 100 -7.85 -33.57 -45.19
C GLY G 100 -9.09 -32.70 -45.04
N SER G 101 -8.89 -31.44 -44.70
CA SER G 101 -10.02 -30.54 -44.66
C SER G 101 -10.15 -29.84 -46.00
N ALA G 102 -11.21 -29.04 -46.13
CA ALA G 102 -11.58 -28.38 -47.37
C ALA G 102 -10.69 -27.20 -47.64
N ASP G 103 -10.51 -26.88 -48.93
CA ASP G 103 -9.63 -25.78 -49.38
C ASP G 103 -10.40 -24.50 -49.26
N THR G 104 -11.72 -24.61 -49.33
CA THR G 104 -12.58 -23.48 -49.59
C THR G 104 -13.32 -23.03 -48.35
N VAL G 105 -12.56 -22.45 -47.44
CA VAL G 105 -13.07 -22.13 -46.12
C VAL G 105 -12.66 -20.69 -45.89
N ARG G 106 -13.39 -19.99 -45.02
CA ARG G 106 -13.00 -18.68 -44.55
C ARG G 106 -11.86 -18.93 -43.58
N ASP G 107 -10.71 -18.33 -43.84
CA ASP G 107 -9.50 -18.60 -43.09
C ASP G 107 -8.37 -17.84 -43.71
N ILE G 108 -7.38 -17.48 -42.91
CA ILE G 108 -6.12 -16.95 -43.42
C ILE G 108 -5.48 -17.99 -44.34
N ARG G 109 -4.68 -17.58 -45.31
CA ARG G 109 -3.90 -18.55 -46.09
C ARG G 109 -2.44 -18.36 -45.82
N GLY G 110 -1.69 -19.44 -45.95
CA GLY G 110 -0.27 -19.36 -45.81
C GLY G 110 0.27 -19.37 -47.20
N PHE G 111 1.43 -18.71 -47.35
CA PHE G 111 2.21 -18.55 -48.58
C PHE G 111 3.68 -18.72 -48.25
N ALA G 112 4.19 -19.92 -48.38
CA ALA G 112 5.52 -20.14 -47.95
C ALA G 112 6.39 -20.51 -49.13
N THR G 113 7.62 -20.05 -49.14
CA THR G 113 8.49 -20.34 -50.26
C THR G 113 9.90 -20.71 -49.84
N LYS G 114 10.43 -21.76 -50.46
CA LYS G 114 11.77 -22.18 -50.22
C LYS G 114 12.67 -21.77 -51.36
N PHE G 115 13.60 -20.88 -51.06
CA PHE G 115 14.62 -20.45 -51.98
C PHE G 115 15.91 -21.25 -51.76
N TYR G 116 16.28 -22.07 -52.74
CA TYR G 116 17.52 -22.80 -52.63
C TYR G 116 18.70 -21.98 -53.16
N THR G 117 19.14 -20.96 -52.41
CA THR G 117 20.20 -20.07 -52.89
C THR G 117 21.49 -20.83 -52.92
N GLU G 118 22.51 -20.23 -53.51
CA GLU G 118 23.83 -20.83 -53.56
C GLU G 118 24.60 -20.53 -52.28
N GLU G 119 23.93 -19.85 -51.36
CA GLU G 119 24.57 -19.49 -50.12
C GLU G 119 23.73 -19.93 -48.92
N GLY G 120 22.78 -20.83 -49.22
CA GLY G 120 21.97 -21.52 -48.25
C GLY G 120 20.53 -21.54 -48.70
N ILE G 121 19.72 -22.30 -47.99
CA ILE G 121 18.27 -22.17 -48.12
C ILE G 121 17.74 -20.93 -47.41
N PHE G 122 16.90 -20.19 -48.12
CA PHE G 122 16.20 -19.09 -47.50
C PHE G 122 14.69 -19.37 -47.58
N ASP G 123 14.05 -19.54 -46.41
CA ASP G 123 12.60 -19.76 -46.37
C ASP G 123 11.86 -18.46 -46.06
N LEU G 124 10.88 -18.13 -46.87
CA LEU G 124 10.14 -16.93 -46.60
C LEU G 124 8.72 -17.35 -46.26
N VAL G 125 8.41 -17.41 -44.97
CA VAL G 125 7.16 -18.01 -44.56
C VAL G 125 6.05 -17.00 -44.26
N GLY G 126 5.07 -16.83 -45.16
CA GLY G 126 4.15 -15.73 -45.04
C GLY G 126 2.72 -16.14 -45.18
N ASN G 127 1.81 -15.21 -44.94
CA ASN G 127 0.40 -15.45 -45.14
C ASN G 127 -0.08 -14.43 -46.13
N ASN G 128 -1.38 -14.51 -46.42
CA ASN G 128 -2.00 -13.73 -47.48
C ASN G 128 -2.66 -12.45 -46.98
N THR G 129 -2.42 -12.10 -45.70
CA THR G 129 -2.82 -10.80 -45.17
C THR G 129 -1.58 -10.13 -44.61
N PRO G 130 -1.54 -8.80 -44.55
CA PRO G 130 -0.31 -8.07 -44.19
C PRO G 130 -0.01 -8.02 -42.67
N ILE G 131 -0.91 -8.55 -41.87
CA ILE G 131 -0.67 -8.64 -40.42
C ILE G 131 -1.16 -9.94 -39.80
N PHE G 132 -0.61 -10.28 -38.65
CA PHE G 132 -1.14 -11.40 -37.91
C PHE G 132 -2.17 -11.04 -36.82
N PHE G 133 -2.58 -12.06 -36.09
CA PHE G 133 -3.63 -11.92 -35.12
C PHE G 133 -3.10 -11.38 -33.83
N ILE G 134 -1.87 -11.79 -33.48
CA ILE G 134 -1.31 -11.52 -32.16
C ILE G 134 0.09 -10.94 -32.20
N GLN G 135 0.49 -10.33 -31.09
CA GLN G 135 1.77 -9.63 -31.00
C GLN G 135 2.97 -10.44 -30.47
N ASP G 136 2.75 -11.22 -29.41
CA ASP G 136 3.84 -11.96 -28.79
C ASP G 136 3.72 -13.46 -29.10
N ALA G 137 4.81 -14.08 -29.50
CA ALA G 137 4.74 -15.51 -29.78
C ALA G 137 4.17 -16.32 -28.63
N HIS G 138 4.28 -15.82 -27.41
CA HIS G 138 3.89 -16.58 -26.24
C HIS G 138 2.43 -16.91 -26.28
N LYS G 139 1.65 -16.14 -27.01
CA LYS G 139 0.22 -16.38 -26.99
C LYS G 139 -0.19 -17.33 -28.10
N PHE G 140 0.74 -17.70 -28.97
CA PHE G 140 0.38 -18.52 -30.14
C PHE G 140 -0.51 -19.72 -29.78
N PRO G 141 -0.02 -20.55 -28.88
CA PRO G 141 -0.74 -21.73 -28.47
C PRO G 141 -2.05 -21.34 -27.93
N ASP G 142 -2.18 -20.15 -27.36
CA ASP G 142 -3.50 -19.80 -26.90
C ASP G 142 -4.44 -19.54 -28.08
N PHE G 143 -4.08 -18.62 -28.97
CA PHE G 143 -4.91 -18.27 -30.09
C PHE G 143 -5.19 -19.48 -31.00
N VAL G 144 -4.17 -20.24 -31.31
CA VAL G 144 -4.41 -21.42 -32.09
C VAL G 144 -5.38 -22.33 -31.40
N HIS G 145 -5.26 -22.51 -30.10
CA HIS G 145 -6.18 -23.44 -29.48
C HIS G 145 -7.57 -22.90 -29.63
N ALA G 146 -7.70 -21.59 -29.59
CA ALA G 146 -9.02 -20.99 -29.58
C ALA G 146 -9.66 -21.07 -30.98
N VAL G 147 -8.87 -21.04 -32.05
CA VAL G 147 -9.45 -21.13 -33.40
C VAL G 147 -9.68 -22.55 -33.86
N LYS G 148 -8.85 -23.46 -33.33
CA LYS G 148 -8.92 -24.89 -33.64
C LYS G 148 -10.23 -25.54 -33.17
N PRO G 149 -10.54 -26.71 -33.69
CA PRO G 149 -11.75 -27.41 -33.23
C PRO G 149 -11.69 -27.48 -31.71
N GLU G 150 -12.82 -27.30 -31.02
CA GLU G 150 -12.80 -27.24 -29.57
C GLU G 150 -12.52 -28.61 -28.96
N PRO G 151 -11.86 -28.60 -27.78
CA PRO G 151 -11.23 -29.79 -27.17
C PRO G 151 -12.13 -30.90 -26.75
N HIS G 152 -13.37 -30.63 -26.36
CA HIS G 152 -14.30 -31.69 -25.95
C HIS G 152 -14.82 -32.56 -27.11
N TRP G 153 -15.27 -31.94 -28.19
CA TRP G 153 -15.84 -32.73 -29.26
C TRP G 153 -15.10 -32.69 -30.61
N ALA G 154 -14.07 -31.86 -30.75
CA ALA G 154 -13.37 -31.70 -32.03
C ALA G 154 -14.21 -31.08 -33.15
N ILE G 155 -14.91 -29.99 -32.84
CA ILE G 155 -15.69 -29.28 -33.83
C ILE G 155 -15.52 -27.78 -33.59
N PRO G 156 -15.46 -26.96 -34.65
CA PRO G 156 -15.58 -27.40 -36.06
C PRO G 156 -14.27 -27.53 -36.87
N GLN G 157 -14.35 -28.18 -38.02
CA GLN G 157 -13.27 -28.22 -39.02
C GLN G 157 -13.25 -26.99 -39.98
N GLY G 158 -12.12 -26.27 -40.02
CA GLY G 158 -11.90 -25.18 -40.94
C GLY G 158 -12.86 -24.02 -40.78
N GLN G 159 -13.14 -23.67 -39.52
CA GLN G 159 -14.05 -22.57 -39.22
C GLN G 159 -13.65 -21.76 -37.97
N SER G 160 -13.71 -20.43 -38.06
CA SER G 160 -13.50 -19.58 -36.90
C SER G 160 -14.84 -19.25 -36.31
N ALA G 161 -15.88 -19.92 -36.80
CA ALA G 161 -17.23 -19.63 -36.36
C ALA G 161 -17.72 -20.47 -35.16
N HIS G 162 -17.04 -20.35 -34.03
CA HIS G 162 -17.47 -21.00 -32.78
C HIS G 162 -16.99 -20.20 -31.55
N ASP G 163 -17.49 -20.54 -30.38
CA ASP G 163 -17.35 -19.68 -29.26
C ASP G 163 -15.94 -19.32 -28.91
N THR G 164 -15.06 -20.31 -28.87
CA THR G 164 -13.71 -20.08 -28.36
C THR G 164 -12.93 -19.10 -29.22
N PHE G 165 -13.08 -19.17 -30.53
CA PHE G 165 -12.43 -18.15 -31.34
C PHE G 165 -12.87 -16.74 -30.96
N TRP G 166 -14.18 -16.53 -30.95
CA TRP G 166 -14.69 -15.20 -30.69
C TRP G 166 -14.62 -14.80 -29.27
N ASP G 167 -14.51 -15.77 -28.35
CA ASP G 167 -14.29 -15.48 -26.93
C ASP G 167 -12.93 -14.83 -26.88
N TYR G 168 -11.97 -15.47 -27.53
CA TYR G 168 -10.60 -15.00 -27.50
C TYR G 168 -10.53 -13.64 -28.18
N VAL G 169 -11.23 -13.51 -29.29
CA VAL G 169 -11.14 -12.26 -30.01
C VAL G 169 -11.63 -11.14 -29.10
N SER G 170 -12.74 -11.35 -28.43
CA SER G 170 -13.36 -10.33 -27.62
C SER G 170 -12.51 -9.91 -26.43
N LEU G 171 -11.67 -10.80 -25.93
CA LEU G 171 -10.83 -10.43 -24.84
C LEU G 171 -9.43 -10.10 -25.29
N GLN G 172 -9.17 -10.18 -26.59
CA GLN G 172 -7.86 -9.83 -27.12
C GLN G 172 -7.95 -8.88 -28.32
N PRO G 173 -8.12 -7.59 -28.05
CA PRO G 173 -8.42 -6.63 -29.12
C PRO G 173 -7.30 -6.56 -30.16
N GLU G 174 -6.06 -6.79 -29.76
CA GLU G 174 -5.01 -6.82 -30.75
C GLU G 174 -5.49 -7.54 -32.01
N THR G 175 -6.24 -8.64 -31.86
CA THR G 175 -6.62 -9.50 -32.99
C THR G 175 -7.48 -8.80 -34.05
N LEU G 176 -8.29 -7.86 -33.59
CA LEU G 176 -9.23 -7.19 -34.44
C LEU G 176 -8.67 -6.80 -35.80
N HIS G 177 -7.39 -6.46 -35.92
CA HIS G 177 -6.95 -6.07 -37.24
C HIS G 177 -7.00 -7.20 -38.26
N ASN G 178 -6.29 -8.29 -37.97
CA ASN G 178 -6.38 -9.48 -38.82
C ASN G 178 -7.78 -10.10 -38.89
N VAL G 179 -8.58 -10.00 -37.83
CA VAL G 179 -9.96 -10.47 -37.92
C VAL G 179 -10.66 -9.76 -39.08
N MET G 180 -10.37 -8.48 -39.20
CA MET G 180 -11.06 -7.67 -40.18
C MET G 180 -10.73 -8.27 -41.52
N TRP G 181 -9.45 -8.41 -41.78
CA TRP G 181 -9.02 -8.98 -43.03
C TRP G 181 -9.69 -10.29 -43.22
N ALA G 182 -9.79 -11.09 -42.17
CA ALA G 182 -10.33 -12.43 -42.34
C ALA G 182 -11.78 -12.39 -42.78
N MET G 183 -12.51 -11.39 -42.31
CA MET G 183 -13.94 -11.37 -42.55
C MET G 183 -14.19 -10.74 -43.89
N SER G 184 -13.16 -10.09 -44.43
CA SER G 184 -13.26 -9.54 -45.79
C SER G 184 -13.31 -10.66 -46.77
N ASP G 185 -13.22 -10.31 -48.05
CA ASP G 185 -13.14 -11.29 -49.14
C ASP G 185 -11.73 -11.85 -49.34
N ARG G 186 -10.71 -11.28 -48.70
CA ARG G 186 -9.38 -11.87 -48.75
C ARG G 186 -9.33 -13.14 -47.92
N GLY G 187 -10.33 -13.28 -47.05
CA GLY G 187 -10.49 -14.45 -46.19
C GLY G 187 -11.02 -15.68 -46.90
N ILE G 188 -11.46 -15.51 -48.13
CA ILE G 188 -12.05 -16.57 -48.95
C ILE G 188 -11.65 -16.36 -50.39
N PRO G 189 -10.36 -16.42 -50.66
CA PRO G 189 -9.83 -16.09 -51.99
C PRO G 189 -10.28 -17.16 -52.97
N ARG G 190 -10.35 -16.84 -54.25
CA ARG G 190 -10.86 -17.84 -55.19
C ARG G 190 -9.75 -18.72 -55.80
N SER G 191 -8.51 -18.25 -55.75
CA SER G 191 -7.44 -19.15 -56.07
C SER G 191 -6.08 -18.72 -55.54
N TYR G 192 -5.17 -19.68 -55.41
CA TYR G 192 -3.79 -19.39 -55.04
C TYR G 192 -3.13 -18.57 -56.13
N ARG G 193 -3.54 -18.78 -57.40
CA ARG G 193 -2.95 -18.02 -58.53
C ARG G 193 -3.20 -16.51 -58.43
N THR G 194 -4.29 -16.10 -57.76
CA THR G 194 -4.56 -14.69 -57.58
C THR G 194 -4.47 -14.24 -56.14
N MET G 195 -3.53 -14.79 -55.38
CA MET G 195 -3.42 -14.41 -53.97
C MET G 195 -2.21 -13.54 -53.70
N GLU G 196 -2.38 -12.47 -52.94
CA GLU G 196 -1.23 -11.73 -52.42
C GLU G 196 -0.52 -12.52 -51.32
N GLY G 197 0.70 -12.09 -50.98
CA GLY G 197 1.53 -12.70 -49.96
C GLY G 197 2.13 -11.60 -49.11
N PHE G 198 2.45 -11.88 -47.84
CA PHE G 198 3.11 -10.93 -46.95
C PHE G 198 3.97 -11.69 -45.98
N GLY G 199 5.13 -11.13 -45.64
CA GLY G 199 6.08 -11.75 -44.72
C GLY G 199 5.80 -11.23 -43.32
N ILE G 200 4.83 -10.33 -43.29
CA ILE G 200 4.34 -9.70 -42.08
C ILE G 200 5.38 -8.98 -41.20
N HIS G 201 6.44 -9.66 -40.82
CA HIS G 201 7.42 -9.08 -39.88
C HIS G 201 8.29 -8.04 -40.58
N THR G 202 8.71 -7.02 -39.85
CA THR G 202 9.77 -6.22 -40.38
C THR G 202 11.07 -6.98 -40.13
N PHE G 203 11.82 -7.23 -41.20
CA PHE G 203 13.09 -7.97 -41.12
C PHE G 203 14.15 -6.93 -41.41
N ARG G 204 15.40 -7.37 -41.53
CA ARG G 204 16.45 -6.47 -41.97
C ARG G 204 17.12 -6.95 -43.26
N LEU G 205 17.74 -6.01 -43.97
CA LEU G 205 18.57 -6.30 -45.14
C LEU G 205 19.91 -5.77 -44.73
N ILE G 206 20.95 -6.55 -44.91
CA ILE G 206 22.29 -6.08 -44.54
C ILE G 206 23.14 -6.08 -45.79
N ASN G 207 23.73 -4.93 -46.13
CA ASN G 207 24.56 -4.84 -47.33
C ASN G 207 26.01 -5.08 -46.95
N ALA G 208 26.90 -5.18 -47.95
CA ALA G 208 28.30 -5.59 -47.70
C ALA G 208 29.05 -4.65 -46.72
N GLU G 209 28.54 -3.43 -46.51
CA GLU G 209 29.17 -2.47 -45.60
C GLU G 209 28.62 -2.58 -44.20
N GLY G 210 27.66 -3.47 -44.01
CA GLY G 210 27.02 -3.62 -42.73
C GLY G 210 26.03 -2.52 -42.41
N LYS G 211 25.46 -1.94 -43.48
CA LYS G 211 24.40 -0.93 -43.32
C LYS G 211 23.15 -1.74 -43.21
N ALA G 212 22.30 -1.42 -42.23
CA ALA G 212 21.07 -2.16 -42.09
C ALA G 212 19.88 -1.38 -42.64
N THR G 213 19.00 -2.08 -43.35
CA THR G 213 17.75 -1.48 -43.85
C THR G 213 16.59 -2.34 -43.40
N PHE G 214 15.56 -1.75 -42.78
CA PHE G 214 14.30 -2.45 -42.52
C PHE G 214 13.51 -2.79 -43.78
N VAL G 215 12.94 -3.99 -43.82
CA VAL G 215 12.26 -4.46 -45.01
C VAL G 215 10.99 -5.18 -44.61
N ARG G 216 10.00 -5.15 -45.49
CA ARG G 216 8.87 -6.04 -45.34
C ARG G 216 8.60 -6.76 -46.68
N PHE G 217 8.19 -8.04 -46.62
CA PHE G 217 8.13 -8.84 -47.84
C PHE G 217 6.73 -8.98 -48.45
N HIS G 218 6.64 -8.70 -49.73
CA HIS G 218 5.37 -8.69 -50.39
C HIS G 218 5.49 -9.58 -51.63
N TRP G 219 4.46 -10.39 -51.86
CA TRP G 219 4.31 -11.10 -53.12
C TRP G 219 3.08 -10.47 -53.75
N LYS G 220 3.19 -10.12 -55.04
CA LYS G 220 2.01 -9.67 -55.81
C LYS G 220 1.81 -10.59 -57.01
N PRO G 221 0.57 -11.04 -57.19
CA PRO G 221 0.24 -11.95 -58.29
C PRO G 221 0.07 -11.24 -59.64
N LEU G 222 0.83 -11.67 -60.62
CA LEU G 222 0.80 -11.02 -61.91
C LEU G 222 -0.34 -11.50 -62.83
N ALA G 223 -1.03 -12.56 -62.43
CA ALA G 223 -2.12 -13.12 -63.25
C ALA G 223 -3.36 -12.26 -63.08
N LYS H 1 -21.28 -22.83 -50.34
CA LYS H 1 -19.86 -23.13 -50.25
C LYS H 1 -19.47 -24.15 -51.32
N LEU H 2 -18.34 -23.88 -52.00
CA LEU H 2 -17.65 -24.85 -52.88
C LEU H 2 -16.92 -25.93 -52.03
N THR H 3 -16.92 -25.74 -50.69
CA THR H 3 -16.48 -26.76 -49.69
C THR H 3 -17.33 -28.07 -49.76
N GLY H 4 -18.52 -27.94 -50.35
CA GLY H 4 -19.45 -29.03 -50.66
C GLY H 4 -19.36 -29.57 -52.09
N ARG H 5 -19.40 -28.71 -53.11
CA ARG H 5 -19.16 -29.18 -54.49
C ARG H 5 -17.72 -29.73 -54.71
N ASP H 6 -16.68 -28.94 -54.39
CA ASP H 6 -15.29 -29.47 -54.46
C ASP H 6 -14.34 -29.03 -53.32
N PRO H 7 -14.16 -29.89 -52.32
CA PRO H 7 -13.28 -29.58 -51.19
C PRO H 7 -11.85 -29.41 -51.65
N ASP H 8 -11.51 -29.93 -52.82
CA ASP H 8 -10.12 -29.81 -53.31
C ASP H 8 -9.93 -28.72 -54.38
N PHE H 9 -10.91 -27.83 -54.53
CA PHE H 9 -10.84 -26.81 -55.57
C PHE H 9 -9.46 -26.18 -55.80
N HIS H 10 -8.94 -25.46 -54.81
CA HIS H 10 -7.69 -24.71 -54.98
C HIS H 10 -6.54 -25.60 -55.33
N ARG H 11 -6.47 -26.73 -54.64
CA ARG H 11 -5.40 -27.68 -54.80
C ARG H 11 -5.42 -28.08 -56.26
N ARG H 12 -6.64 -28.35 -56.74
CA ARG H 12 -6.93 -28.83 -58.09
C ARG H 12 -6.62 -27.80 -59.16
N GLU H 13 -7.26 -26.63 -59.07
CA GLU H 13 -6.95 -25.51 -59.96
C GLU H 13 -5.45 -25.23 -60.12
N LEU H 14 -4.74 -25.05 -59.01
CA LEU H 14 -3.32 -24.81 -59.09
C LEU H 14 -2.57 -25.88 -59.89
N TRP H 15 -2.87 -27.15 -59.66
CA TRP H 15 -2.14 -28.20 -60.36
C TRP H 15 -2.51 -28.14 -61.85
N GLU H 16 -3.81 -28.10 -62.12
CA GLU H 16 -4.25 -28.14 -63.48
C GLU H 16 -3.71 -26.95 -64.27
N ALA H 17 -3.66 -25.77 -63.66
CA ALA H 17 -3.00 -24.66 -64.34
C ALA H 17 -1.61 -25.11 -64.83
N ILE H 18 -0.76 -25.59 -63.94
CA ILE H 18 0.64 -25.84 -64.34
C ILE H 18 0.78 -26.90 -65.42
N GLU H 19 0.06 -28.01 -65.24
CA GLU H 19 -0.22 -28.99 -66.30
C GLU H 19 -0.38 -28.22 -67.63
N ALA H 20 -1.48 -27.48 -67.74
CA ALA H 20 -1.87 -26.76 -68.94
C ALA H 20 -0.81 -25.79 -69.51
N GLY H 21 0.05 -25.22 -68.66
CA GLY H 21 1.03 -24.24 -69.12
C GLY H 21 0.94 -22.81 -68.57
N ASP H 22 -0.26 -22.33 -68.19
CA ASP H 22 -0.32 -21.00 -67.52
C ASP H 22 0.28 -21.02 -66.13
N PHE H 23 1.61 -20.94 -66.08
CA PHE H 23 2.35 -20.84 -64.85
C PHE H 23 1.95 -19.61 -64.04
N PRO H 24 1.55 -19.80 -62.79
CA PRO H 24 1.30 -18.67 -61.88
C PRO H 24 2.57 -17.87 -61.71
N GLU H 25 2.43 -16.56 -61.82
CA GLU H 25 3.58 -15.69 -61.64
C GLU H 25 3.41 -14.77 -60.41
N TYR H 26 4.52 -14.42 -59.78
CA TYR H 26 4.48 -13.57 -58.58
C TYR H 26 5.64 -12.60 -58.58
N GLU H 27 5.34 -11.37 -58.22
CA GLU H 27 6.36 -10.36 -58.13
C GLU H 27 6.70 -10.13 -56.66
N LEU H 28 7.94 -10.44 -56.28
CA LEU H 28 8.43 -10.16 -54.93
C LEU H 28 8.72 -8.69 -54.88
N GLY H 29 8.21 -8.00 -53.86
CA GLY H 29 8.48 -6.59 -53.64
C GLY H 29 8.78 -6.31 -52.19
N PHE H 30 9.73 -5.40 -51.94
CA PHE H 30 10.18 -4.95 -50.61
C PHE H 30 9.65 -3.56 -50.21
N GLN H 31 9.03 -3.42 -49.04
CA GLN H 31 8.86 -2.08 -48.50
C GLN H 31 10.17 -1.80 -47.78
N LEU H 32 10.81 -0.66 -48.06
CA LEU H 32 12.10 -0.33 -47.46
C LEU H 32 12.06 0.90 -46.57
N ILE H 33 12.76 0.84 -45.44
CA ILE H 33 12.77 1.92 -44.45
C ILE H 33 14.15 2.03 -43.79
N PRO H 34 14.81 3.18 -43.96
CA PRO H 34 16.16 3.37 -43.43
C PRO H 34 16.15 3.27 -41.89
N GLU H 35 17.25 2.76 -41.34
CA GLU H 35 17.33 2.50 -39.92
C GLU H 35 16.81 3.69 -39.11
N GLU H 36 17.12 4.89 -39.58
CA GLU H 36 16.89 6.05 -38.73
C GLU H 36 15.45 6.50 -38.71
N ASP H 37 14.65 6.01 -39.65
CA ASP H 37 13.23 6.35 -39.67
C ASP H 37 12.45 5.44 -38.74
N GLU H 38 13.15 4.61 -37.96
CA GLU H 38 12.47 3.61 -37.13
C GLU H 38 11.27 4.15 -36.31
N PHE H 39 11.36 5.38 -35.78
CA PHE H 39 10.33 5.89 -34.86
C PHE H 39 9.51 7.04 -35.41
N LYS H 40 9.58 7.21 -36.73
CA LYS H 40 8.83 8.25 -37.40
C LYS H 40 7.36 7.89 -37.75
N PHE H 41 6.84 6.80 -37.20
CA PHE H 41 5.51 6.36 -37.64
C PHE H 41 4.44 6.45 -36.56
N ASP H 42 3.17 6.38 -36.97
CA ASP H 42 2.04 6.42 -36.04
C ASP H 42 2.07 5.26 -35.04
N PHE H 43 2.87 4.26 -35.37
CA PHE H 43 2.82 2.93 -34.75
C PHE H 43 4.23 2.32 -34.73
N ASP H 44 4.35 1.14 -34.12
CA ASP H 44 5.64 0.48 -33.96
C ASP H 44 5.98 -0.46 -35.11
N LEU H 45 7.17 -0.34 -35.67
CA LEU H 45 7.52 -1.13 -36.83
C LEU H 45 7.51 -2.64 -36.53
N LEU H 46 7.75 -2.96 -35.27
CA LEU H 46 7.92 -4.34 -34.88
C LEU H 46 6.63 -4.97 -34.41
N ASP H 47 5.52 -4.25 -34.50
CA ASP H 47 4.24 -4.75 -34.04
C ASP H 47 3.50 -5.43 -35.18
N PRO H 48 3.48 -6.76 -35.21
CA PRO H 48 2.98 -7.48 -36.39
C PRO H 48 1.45 -7.42 -36.51
N THR H 49 0.77 -6.64 -35.70
CA THR H 49 -0.66 -6.44 -35.89
C THR H 49 -0.92 -5.16 -36.68
N LYS H 50 0.18 -4.56 -37.17
CA LYS H 50 0.13 -3.28 -37.87
C LYS H 50 0.77 -3.41 -39.22
N LEU H 51 0.12 -2.85 -40.25
CA LEU H 51 0.69 -2.86 -41.61
C LEU H 51 1.41 -1.54 -41.92
N ILE H 52 2.51 -1.60 -42.64
CA ILE H 52 3.12 -0.39 -43.14
C ILE H 52 2.32 0.05 -44.36
N PRO H 53 1.60 1.19 -44.26
CA PRO H 53 0.70 1.63 -45.35
C PRO H 53 1.46 2.00 -46.61
N GLU H 54 0.98 1.52 -47.75
CA GLU H 54 1.75 1.73 -48.98
C GLU H 54 2.01 3.21 -49.29
N GLU H 55 1.03 4.08 -49.02
CA GLU H 55 1.16 5.52 -49.37
C GLU H 55 2.19 6.25 -48.54
N LEU H 56 2.70 5.61 -47.49
CA LEU H 56 3.85 6.14 -46.76
C LEU H 56 5.12 5.48 -47.28
N VAL H 57 5.14 4.17 -47.31
CA VAL H 57 6.27 3.43 -47.88
C VAL H 57 5.80 2.55 -49.03
N PRO H 58 6.12 2.94 -50.25
CA PRO H 58 5.65 2.22 -51.41
C PRO H 58 6.32 0.85 -51.46
N VAL H 59 5.65 -0.13 -52.10
CA VAL H 59 6.21 -1.46 -52.35
C VAL H 59 7.07 -1.53 -53.61
N GLN H 60 8.37 -1.75 -53.46
CA GLN H 60 9.30 -1.71 -54.58
C GLN H 60 9.44 -3.02 -55.32
N ARG H 61 8.92 -3.08 -56.54
CA ARG H 61 9.18 -4.21 -57.43
C ARG H 61 10.68 -4.62 -57.33
N VAL H 62 10.93 -5.92 -57.15
CA VAL H 62 12.27 -6.43 -56.88
C VAL H 62 12.57 -7.76 -57.59
N GLY H 63 11.51 -8.56 -57.84
CA GLY H 63 11.66 -9.84 -58.55
C GLY H 63 10.42 -10.59 -59.11
N LYS H 64 10.67 -11.61 -59.94
CA LYS H 64 9.55 -12.41 -60.47
C LYS H 64 9.80 -13.84 -60.14
N MET H 65 8.74 -14.54 -59.75
CA MET H 65 8.86 -15.94 -59.35
C MET H 65 7.82 -16.68 -60.15
N VAL H 66 8.18 -17.88 -60.59
CA VAL H 66 7.33 -18.68 -61.49
C VAL H 66 7.20 -20.16 -61.04
N LEU H 67 5.96 -20.60 -60.89
CA LEU H 67 5.79 -21.97 -60.51
C LEU H 67 5.48 -22.68 -61.80
N ASN H 68 6.39 -23.56 -62.23
CA ASN H 68 6.23 -24.24 -63.50
C ASN H 68 6.15 -25.77 -63.48
N ARG H 69 6.14 -26.39 -62.30
CA ARG H 69 6.23 -27.85 -62.23
C ARG H 69 5.56 -28.43 -60.98
N ASN H 70 4.53 -29.24 -61.16
CA ASN H 70 3.89 -29.94 -60.05
C ASN H 70 4.93 -30.90 -59.50
N PRO H 71 4.86 -31.25 -58.21
CA PRO H 71 5.77 -32.26 -57.64
C PRO H 71 5.45 -33.59 -58.26
N ASP H 72 6.36 -34.54 -58.15
CA ASP H 72 6.08 -35.89 -58.61
C ASP H 72 5.22 -36.70 -57.63
N ASN H 73 5.48 -36.53 -56.33
CA ASN H 73 4.79 -37.29 -55.26
C ASN H 73 4.36 -36.41 -54.11
N PHE H 74 3.05 -36.26 -53.96
CA PHE H 74 2.56 -35.31 -52.97
C PHE H 74 3.22 -35.58 -51.63
N PHE H 75 3.05 -36.78 -51.08
CA PHE H 75 3.62 -37.05 -49.75
C PHE H 75 5.10 -36.74 -49.70
N ALA H 76 5.87 -37.39 -50.57
CA ALA H 76 7.32 -37.32 -50.49
C ALA H 76 7.86 -35.89 -50.50
N GLU H 77 7.15 -35.01 -51.22
CA GLU H 77 7.65 -33.68 -51.56
C GLU H 77 6.87 -32.52 -50.89
N ASN H 78 5.54 -32.56 -50.94
CA ASN H 78 4.72 -31.57 -50.27
C ASN H 78 4.68 -31.86 -48.78
N GLU H 79 4.15 -33.01 -48.39
CA GLU H 79 3.89 -33.28 -46.97
C GLU H 79 5.15 -33.13 -46.19
N GLN H 80 6.23 -33.72 -46.70
CA GLN H 80 7.52 -33.71 -46.04
C GLN H 80 8.37 -32.45 -46.17
N ALA H 81 7.92 -31.41 -46.87
CA ALA H 81 8.71 -30.19 -46.95
C ALA H 81 8.64 -29.47 -45.63
N ALA H 82 9.73 -28.80 -45.26
CA ALA H 82 9.87 -28.09 -44.01
C ALA H 82 10.34 -26.66 -44.19
N PHE H 83 9.40 -25.73 -44.00
CA PHE H 83 9.67 -24.31 -44.15
C PHE H 83 9.88 -23.67 -42.78
N HIS H 84 10.87 -22.78 -42.67
CA HIS H 84 11.13 -22.15 -41.40
C HIS H 84 11.77 -20.78 -41.63
N PRO H 85 11.17 -19.74 -41.04
CA PRO H 85 11.67 -18.35 -41.16
C PRO H 85 13.03 -18.13 -40.52
N GLY H 86 13.42 -19.01 -39.62
CA GLY H 86 14.74 -18.86 -39.06
C GLY H 86 15.75 -19.22 -40.11
N HIS H 87 15.26 -19.72 -41.23
CA HIS H 87 16.13 -20.18 -42.31
C HIS H 87 16.41 -19.00 -43.21
N ILE H 88 17.51 -18.29 -42.89
CA ILE H 88 17.90 -17.09 -43.62
C ILE H 88 19.31 -17.23 -44.11
N VAL H 89 19.79 -16.22 -44.82
CA VAL H 89 21.11 -16.27 -45.43
C VAL H 89 21.80 -14.94 -45.18
N PRO H 90 23.12 -14.87 -45.29
CA PRO H 90 23.80 -13.58 -45.07
C PRO H 90 23.20 -12.50 -46.00
N GLY H 91 22.86 -11.37 -45.41
CA GLY H 91 22.26 -10.30 -46.19
C GLY H 91 20.89 -10.03 -45.64
N LEU H 92 20.27 -11.08 -45.10
CA LEU H 92 19.05 -10.95 -44.35
C LEU H 92 19.40 -11.05 -42.89
N ASP H 93 18.51 -10.52 -42.06
CA ASP H 93 18.60 -10.64 -40.62
C ASP H 93 17.26 -10.31 -40.01
N PHE H 94 17.10 -10.62 -38.72
CA PHE H 94 15.82 -10.47 -38.05
C PHE H 94 15.78 -9.16 -37.37
N THR H 95 14.67 -8.89 -36.70
CA THR H 95 14.54 -7.77 -35.81
C THR H 95 13.86 -8.27 -34.56
N ASN H 96 13.60 -7.36 -33.62
CA ASN H 96 13.06 -7.76 -32.32
C ASN H 96 11.57 -7.94 -32.28
N ASP H 97 10.94 -8.11 -33.45
CA ASP H 97 9.49 -8.35 -33.57
C ASP H 97 9.19 -9.58 -32.73
N PRO H 98 8.43 -9.44 -31.66
CA PRO H 98 8.29 -10.54 -30.68
C PRO H 98 7.42 -11.71 -31.17
N LEU H 99 6.73 -11.54 -32.28
CA LEU H 99 6.04 -12.66 -32.87
C LEU H 99 7.07 -13.52 -33.60
N LEU H 100 7.76 -12.89 -34.56
CA LEU H 100 8.87 -13.52 -35.26
C LEU H 100 9.87 -14.17 -34.30
N GLN H 101 10.25 -13.48 -33.21
CA GLN H 101 11.29 -13.95 -32.29
C GLN H 101 10.99 -15.35 -31.84
N GLY H 102 9.76 -15.58 -31.43
CA GLY H 102 9.35 -16.89 -30.96
C GLY H 102 9.26 -17.80 -32.14
N ARG H 103 8.74 -17.28 -33.25
CA ARG H 103 8.60 -18.14 -34.41
C ARG H 103 9.90 -18.89 -34.59
N LEU H 104 10.98 -18.21 -34.19
CA LEU H 104 12.29 -18.65 -34.58
C LEU H 104 12.68 -19.91 -33.84
N PHE H 105 11.95 -20.24 -32.77
CA PHE H 105 12.27 -21.38 -31.95
C PHE H 105 11.48 -22.59 -32.43
N SER H 106 10.25 -22.35 -32.84
CA SER H 106 9.31 -23.40 -33.16
C SER H 106 9.51 -24.14 -34.48
N TYR H 107 9.90 -23.46 -35.55
CA TYR H 107 9.96 -24.15 -36.85
C TYR H 107 11.07 -25.19 -36.85
N THR H 108 11.82 -25.24 -35.78
CA THR H 108 12.94 -26.14 -35.80
C THR H 108 12.55 -27.30 -34.91
N ASP H 109 11.98 -26.93 -33.79
CA ASP H 109 11.60 -27.88 -32.76
C ASP H 109 10.64 -28.90 -33.37
N THR H 110 9.68 -28.39 -34.11
CA THR H 110 8.53 -29.18 -34.51
C THR H 110 8.90 -30.25 -35.51
N GLN H 111 9.97 -30.03 -36.26
CA GLN H 111 10.42 -30.98 -37.26
C GLN H 111 10.84 -32.29 -36.60
N ILE H 112 11.32 -32.20 -35.36
CA ILE H 112 11.88 -33.37 -34.71
C ILE H 112 10.83 -34.49 -34.54
N SER H 113 9.59 -34.13 -34.26
CA SER H 113 8.56 -35.16 -34.15
C SER H 113 7.84 -35.37 -35.49
N ARG H 114 7.64 -34.30 -36.23
CA ARG H 114 6.99 -34.40 -37.53
C ARG H 114 7.81 -35.18 -38.58
N LEU H 115 9.12 -35.04 -38.57
CA LEU H 115 9.90 -35.66 -39.66
C LEU H 115 10.88 -36.64 -39.08
N GLY H 116 10.66 -36.94 -37.81
CA GLY H 116 11.27 -38.08 -37.15
C GLY H 116 12.72 -37.93 -36.84
N GLY H 117 13.20 -36.72 -36.58
CA GLY H 117 14.59 -36.57 -36.16
C GLY H 117 15.31 -35.41 -36.79
N PRO H 118 16.56 -35.20 -36.45
CA PRO H 118 17.29 -33.98 -36.83
C PRO H 118 18.01 -34.14 -38.18
N ASN H 119 17.64 -35.17 -38.94
CA ASN H 119 18.22 -35.32 -40.26
C ASN H 119 17.17 -35.02 -41.34
N PHE H 120 16.22 -34.17 -41.00
CA PHE H 120 15.14 -33.89 -41.94
C PHE H 120 15.66 -33.08 -43.12
N HIS H 121 16.81 -32.46 -42.95
CA HIS H 121 17.41 -31.71 -44.02
C HIS H 121 17.95 -32.67 -45.10
N GLU H 122 18.03 -33.95 -44.77
CA GLU H 122 18.63 -34.88 -45.69
C GLU H 122 17.56 -35.36 -46.62
N ILE H 123 16.29 -35.10 -46.30
CA ILE H 123 15.21 -35.52 -47.22
C ILE H 123 15.36 -34.62 -48.45
N PRO H 124 15.12 -35.17 -49.66
CA PRO H 124 15.29 -34.45 -50.94
C PRO H 124 14.67 -33.07 -51.00
N ILE H 125 13.39 -32.94 -50.77
CA ILE H 125 12.86 -31.61 -50.97
C ILE H 125 13.46 -30.56 -50.02
N ASN H 126 14.05 -30.96 -48.89
CA ASN H 126 14.64 -29.96 -47.98
C ASN H 126 16.15 -29.78 -48.16
N ARG H 127 16.78 -30.77 -48.78
CA ARG H 127 18.21 -30.75 -48.93
C ARG H 127 18.60 -29.51 -49.71
N PRO H 128 19.50 -28.71 -49.18
CA PRO H 128 20.05 -27.57 -49.92
C PRO H 128 20.64 -28.08 -51.22
N THR H 129 20.77 -27.20 -52.22
CA THR H 129 21.52 -27.54 -53.44
C THR H 129 22.98 -27.07 -53.43
N CYS H 130 23.35 -26.24 -52.45
CA CYS H 130 24.74 -25.82 -52.37
C CYS H 130 25.46 -26.86 -51.56
N PRO H 131 26.74 -26.64 -51.26
CA PRO H 131 27.44 -27.52 -50.31
C PRO H 131 26.96 -27.24 -48.86
N TYR H 132 26.88 -28.31 -48.08
CA TYR H 132 26.76 -28.17 -46.63
C TYR H 132 27.68 -29.13 -45.90
N HIS H 133 28.51 -28.57 -45.00
CA HIS H 133 29.37 -29.37 -44.16
C HIS H 133 29.48 -28.83 -42.73
N ASN H 134 29.58 -29.74 -41.76
CA ASN H 134 29.78 -29.37 -40.35
C ASN H 134 30.32 -30.55 -39.55
N PHE H 135 30.27 -30.46 -38.22
CA PHE H 135 30.74 -31.60 -37.40
C PHE H 135 29.62 -32.31 -36.65
N GLN H 136 28.39 -32.05 -37.07
CA GLN H 136 27.26 -32.72 -36.53
C GLN H 136 27.29 -34.17 -36.96
N ARG H 137 26.88 -35.09 -36.08
CA ARG H 137 26.87 -36.51 -36.48
C ARG H 137 25.60 -37.26 -36.09
N ASP H 138 25.33 -38.35 -36.78
CA ASP H 138 24.36 -39.32 -36.29
C ASP H 138 22.97 -38.77 -36.34
N GLY H 139 22.09 -39.27 -35.48
CA GLY H 139 20.69 -38.88 -35.50
C GLY H 139 19.82 -39.85 -36.31
N MET H 140 18.56 -40.02 -35.97
CA MET H 140 17.77 -41.02 -36.65
C MET H 140 17.75 -40.83 -38.17
N HIS H 141 17.71 -41.93 -38.91
CA HIS H 141 17.70 -41.90 -40.37
C HIS H 141 18.88 -41.12 -40.93
N ARG H 142 20.10 -41.29 -40.40
CA ARG H 142 21.22 -40.61 -41.09
C ARG H 142 21.57 -41.14 -42.51
N MET H 143 21.62 -40.24 -43.49
CA MET H 143 21.94 -40.66 -44.87
C MET H 143 23.41 -40.40 -45.23
N GLY H 144 23.85 -39.15 -45.04
CA GLY H 144 25.26 -38.80 -45.20
C GLY H 144 26.25 -39.64 -44.40
N ILE H 145 27.19 -40.26 -45.12
CA ILE H 145 28.22 -41.10 -44.51
C ILE H 145 29.53 -40.33 -44.43
N ASP H 146 29.79 -39.68 -43.30
CA ASP H 146 30.93 -38.76 -43.11
C ASP H 146 32.26 -39.48 -43.12
N THR H 147 33.22 -38.94 -43.87
CA THR H 147 34.56 -39.54 -43.93
C THR H 147 35.60 -38.73 -43.18
N ASN H 148 35.22 -37.57 -42.65
CA ASN H 148 36.15 -36.72 -41.90
C ASN H 148 36.78 -37.45 -40.70
N PRO H 149 38.11 -37.38 -40.57
CA PRO H 149 38.71 -38.01 -39.41
C PRO H 149 38.21 -37.28 -38.15
N ALA H 150 37.79 -36.02 -38.28
CA ALA H 150 37.35 -35.22 -37.12
C ALA H 150 35.86 -34.88 -37.10
N ASN H 151 35.21 -35.10 -35.95
CA ASN H 151 33.82 -34.68 -35.74
C ASN H 151 33.72 -33.48 -34.78
N TYR H 152 34.87 -32.85 -34.49
CA TYR H 152 34.92 -31.67 -33.63
C TYR H 152 35.81 -30.59 -34.26
N GLU H 153 35.97 -29.46 -33.54
CA GLU H 153 36.71 -28.29 -34.01
C GLU H 153 36.73 -27.25 -32.88
N PRO H 154 37.90 -26.70 -32.60
CA PRO H 154 39.08 -26.82 -33.47
C PRO H 154 39.67 -28.20 -33.39
N ASN H 155 40.15 -28.70 -34.54
CA ASN H 155 40.79 -30.00 -34.65
C ASN H 155 42.03 -29.86 -35.51
N SER H 156 43.11 -30.53 -35.11
CA SER H 156 44.30 -30.53 -35.94
C SER H 156 44.41 -31.77 -36.85
N ILE H 157 43.55 -32.77 -36.68
CA ILE H 157 43.69 -34.04 -37.41
C ILE H 157 43.10 -33.99 -38.82
N ASN H 158 42.36 -32.96 -39.14
CA ASN H 158 41.99 -32.75 -40.54
C ASN H 158 42.21 -31.28 -40.84
N ASP H 159 43.32 -30.74 -40.36
CA ASP H 159 43.69 -29.35 -40.68
C ASP H 159 42.54 -28.38 -40.36
N ASN H 160 41.75 -28.74 -39.36
CA ASN H 160 40.61 -27.93 -38.96
C ASN H 160 39.46 -27.78 -39.96
N TRP H 161 39.43 -28.61 -41.00
CA TRP H 161 38.36 -28.53 -42.00
C TRP H 161 37.20 -29.42 -41.56
N PRO H 162 35.96 -29.01 -41.81
CA PRO H 162 35.68 -27.77 -42.53
C PRO H 162 35.88 -26.57 -41.66
N ARG H 163 36.50 -25.52 -42.23
CA ARG H 163 36.84 -24.28 -41.54
C ARG H 163 35.69 -23.30 -41.58
N GLU H 164 35.68 -22.36 -40.63
CA GLU H 164 34.71 -21.28 -40.58
C GLU H 164 35.03 -20.32 -41.71
N THR H 165 34.14 -19.36 -42.00
CA THR H 165 34.42 -18.31 -42.98
C THR H 165 34.12 -16.90 -42.43
N PRO H 166 35.05 -15.94 -42.53
CA PRO H 166 34.79 -14.59 -42.05
C PRO H 166 33.72 -13.90 -42.91
N PRO H 167 32.96 -12.96 -42.33
CA PRO H 167 31.90 -12.29 -43.07
C PRO H 167 32.52 -11.51 -44.22
N GLY H 168 31.84 -11.48 -45.37
CA GLY H 168 32.37 -10.81 -46.55
C GLY H 168 31.27 -10.36 -47.49
N PRO H 169 31.63 -9.51 -48.46
CA PRO H 169 30.68 -9.00 -49.45
C PRO H 169 29.89 -10.13 -50.14
N LYS H 170 30.52 -11.28 -50.33
CA LYS H 170 29.88 -12.37 -51.08
C LYS H 170 30.59 -13.69 -50.69
N ARG H 171 29.84 -14.78 -50.50
CA ARG H 171 30.43 -16.05 -50.07
C ARG H 171 30.98 -15.97 -48.62
N GLY H 172 30.41 -15.04 -47.85
CA GLY H 172 30.88 -14.77 -46.51
C GLY H 172 30.18 -15.63 -45.46
N GLY H 173 30.72 -15.59 -44.24
CA GLY H 173 30.07 -16.20 -43.10
C GLY H 173 28.91 -15.34 -42.62
N PHE H 174 27.98 -15.97 -41.91
CA PHE H 174 26.88 -15.25 -41.32
C PHE H 174 27.25 -14.61 -39.98
N GLU H 175 27.03 -13.31 -39.87
CA GLU H 175 27.27 -12.65 -38.62
C GLU H 175 26.06 -11.77 -38.43
N SER H 176 25.65 -11.56 -37.19
CA SER H 176 24.41 -10.86 -36.99
C SER H 176 24.73 -9.39 -36.92
N TYR H 177 23.76 -8.58 -37.28
CA TYR H 177 23.91 -7.14 -37.22
C TYR H 177 24.01 -6.76 -35.76
N GLN H 178 25.02 -5.98 -35.39
CA GLN H 178 25.27 -5.60 -33.98
C GLN H 178 24.30 -4.60 -33.38
N GLU H 179 23.02 -4.84 -33.54
CA GLU H 179 21.97 -3.99 -32.97
C GLU H 179 22.21 -3.70 -31.48
N ARG H 180 22.13 -2.45 -31.07
CA ARG H 180 22.38 -2.15 -29.67
C ARG H 180 21.18 -2.57 -28.86
N VAL H 181 21.40 -3.33 -27.81
CA VAL H 181 20.34 -3.73 -26.91
C VAL H 181 20.43 -3.05 -25.53
N GLU H 182 19.36 -2.36 -25.11
CA GLU H 182 19.35 -1.75 -23.80
C GLU H 182 18.03 -1.97 -23.07
N GLY H 183 18.10 -2.31 -21.80
CA GLY H 183 16.89 -2.55 -21.02
C GLY H 183 17.02 -3.67 -19.99
N ASN H 184 15.96 -3.88 -19.23
CA ASN H 184 15.98 -4.90 -18.20
C ASN H 184 15.30 -6.16 -18.68
N LYS H 185 15.70 -7.31 -18.11
CA LYS H 185 14.99 -8.55 -18.33
C LYS H 185 13.59 -8.39 -17.81
N VAL H 186 12.59 -8.45 -18.71
CA VAL H 186 11.21 -8.35 -18.31
C VAL H 186 10.27 -9.01 -19.31
N ARG H 187 9.12 -9.39 -18.78
CA ARG H 187 8.04 -9.96 -19.54
C ARG H 187 6.96 -8.87 -19.51
N GLU H 188 6.93 -8.08 -20.56
CA GLU H 188 6.08 -6.92 -20.64
C GLU H 188 5.91 -6.57 -22.11
N ARG H 189 4.71 -6.14 -22.47
CA ARG H 189 4.40 -5.77 -23.85
C ARG H 189 4.85 -4.31 -24.02
N SER H 190 5.59 -4.00 -25.07
CA SER H 190 5.94 -2.59 -25.30
C SER H 190 4.69 -1.71 -25.34
N PRO H 191 4.66 -0.59 -24.61
CA PRO H 191 3.50 0.31 -24.72
C PRO H 191 3.22 0.73 -26.19
N SER H 192 4.23 0.80 -27.05
CA SER H 192 4.02 1.21 -28.43
C SER H 192 3.09 0.28 -29.23
N PHE H 193 2.75 -0.87 -28.67
CA PHE H 193 1.94 -1.88 -29.37
C PHE H 193 0.53 -1.77 -28.87
N GLY H 194 0.28 -0.82 -27.98
CA GLY H 194 -0.97 -0.78 -27.25
C GLY H 194 -2.19 -0.16 -27.89
N GLU H 195 -2.17 0.10 -29.19
CA GLU H 195 -3.35 0.68 -29.82
C GLU H 195 -3.95 -0.31 -30.83
N TYR H 196 -5.20 -0.69 -30.60
CA TYR H 196 -5.78 -1.80 -31.37
C TYR H 196 -6.76 -1.46 -32.48
N TYR H 197 -7.34 -0.27 -32.46
CA TYR H 197 -8.48 -0.04 -33.35
C TYR H 197 -8.25 0.79 -34.62
N SER H 198 -7.14 1.46 -34.77
CA SER H 198 -7.09 2.42 -35.85
C SER H 198 -6.69 1.77 -37.18
N HIS H 199 -5.83 0.77 -37.15
CA HIS H 199 -5.54 0.09 -38.39
C HIS H 199 -6.79 -0.69 -38.91
N PRO H 200 -7.54 -1.34 -38.02
CA PRO H 200 -8.85 -1.93 -38.38
C PRO H 200 -9.82 -0.93 -39.04
N ARG H 201 -9.96 0.25 -38.44
CA ARG H 201 -10.80 1.29 -39.01
C ARG H 201 -10.20 1.87 -40.28
N LEU H 202 -8.89 1.99 -40.37
CA LEU H 202 -8.29 2.41 -41.64
C LEU H 202 -8.63 1.38 -42.71
N PHE H 203 -8.66 0.10 -42.32
CA PHE H 203 -9.00 -0.93 -43.27
C PHE H 203 -10.44 -0.86 -43.73
N TRP H 204 -11.36 -0.78 -42.78
CA TRP H 204 -12.77 -0.68 -43.06
C TRP H 204 -13.09 0.51 -43.94
N LEU H 205 -12.48 1.66 -43.61
CA LEU H 205 -12.77 2.93 -44.28
C LEU H 205 -12.36 2.91 -45.74
N SER H 206 -11.48 2.01 -46.11
CA SER H 206 -11.03 1.99 -47.49
C SER H 206 -11.65 0.85 -48.31
N GLN H 207 -12.78 0.30 -47.87
CA GLN H 207 -13.51 -0.74 -48.60
C GLN H 207 -14.70 -0.12 -49.32
N THR H 208 -14.95 -0.56 -50.56
CA THR H 208 -16.12 -0.12 -51.33
C THR H 208 -17.45 -0.48 -50.62
N PRO H 209 -18.49 0.35 -50.72
CA PRO H 209 -19.77 0.00 -50.10
C PRO H 209 -20.15 -1.47 -50.24
N PHE H 210 -19.83 -2.13 -51.35
CA PHE H 210 -20.24 -3.53 -51.39
C PHE H 210 -19.24 -4.51 -50.75
N GLU H 211 -17.97 -4.12 -50.68
CA GLU H 211 -16.99 -4.85 -49.86
C GLU H 211 -17.27 -4.78 -48.35
N GLN H 212 -17.88 -3.68 -47.90
CA GLN H 212 -18.21 -3.45 -46.52
C GLN H 212 -19.41 -4.30 -46.10
N ARG H 213 -20.39 -4.41 -47.00
CA ARG H 213 -21.51 -5.31 -46.80
C ARG H 213 -20.99 -6.75 -46.57
N HIS H 214 -19.96 -7.15 -47.32
CA HIS H 214 -19.39 -8.48 -47.20
C HIS H 214 -18.79 -8.76 -45.83
N ILE H 215 -17.99 -7.82 -45.33
CA ILE H 215 -17.44 -7.85 -43.99
C ILE H 215 -18.51 -7.97 -42.88
N VAL H 216 -19.53 -7.11 -42.92
CA VAL H 216 -20.69 -7.28 -42.05
C VAL H 216 -21.25 -8.70 -42.15
N ASP H 217 -21.35 -9.23 -43.37
CA ASP H 217 -21.92 -10.57 -43.57
C ASP H 217 -21.06 -11.64 -42.92
N GLY H 218 -19.73 -11.49 -43.06
CA GLY H 218 -18.79 -12.42 -42.47
C GLY H 218 -19.01 -12.44 -40.98
N PHE H 219 -18.85 -11.28 -40.36
CA PHE H 219 -19.02 -11.15 -38.93
C PHE H 219 -20.37 -11.65 -38.48
N SER H 220 -21.37 -11.40 -39.29
CA SER H 220 -22.71 -11.72 -38.86
C SER H 220 -22.93 -13.22 -38.93
N PHE H 221 -22.42 -13.82 -40.00
CA PHE H 221 -22.55 -15.27 -40.18
C PHE H 221 -21.78 -16.03 -39.10
N GLU H 222 -20.54 -15.64 -38.87
CA GLU H 222 -19.76 -16.22 -37.80
C GLU H 222 -20.39 -16.02 -36.43
N LEU H 223 -20.75 -14.81 -36.07
CA LEU H 223 -21.20 -14.62 -34.69
C LEU H 223 -22.54 -15.29 -34.44
N SER H 224 -23.27 -15.53 -35.51
CA SER H 224 -24.56 -16.21 -35.41
C SER H 224 -24.37 -17.66 -35.01
N LYS H 225 -23.17 -18.19 -35.21
CA LYS H 225 -22.89 -19.58 -34.91
C LYS H 225 -22.31 -19.76 -33.50
N VAL H 226 -22.12 -18.65 -32.80
CA VAL H 226 -21.61 -18.67 -31.44
C VAL H 226 -22.76 -18.90 -30.47
N VAL H 227 -22.61 -19.81 -29.54
CA VAL H 227 -23.77 -20.28 -28.79
C VAL H 227 -24.02 -19.32 -27.65
N ARG H 228 -22.96 -19.05 -26.91
CA ARG H 228 -23.03 -18.16 -25.77
C ARG H 228 -23.31 -16.69 -26.20
N PRO H 229 -24.51 -16.19 -25.93
CA PRO H 229 -24.93 -14.85 -26.37
C PRO H 229 -24.04 -13.66 -25.93
N TYR H 230 -23.54 -13.69 -24.72
CA TYR H 230 -22.72 -12.59 -24.25
C TYR H 230 -21.42 -12.44 -25.04
N ILE H 231 -20.96 -13.50 -25.69
CA ILE H 231 -19.75 -13.39 -26.51
C ILE H 231 -20.11 -12.56 -27.71
N ARG H 232 -21.24 -12.88 -28.33
CA ARG H 232 -21.69 -12.09 -29.45
C ARG H 232 -21.59 -10.61 -29.10
N GLU H 233 -22.24 -10.21 -27.99
CA GLU H 233 -22.37 -8.80 -27.66
C GLU H 233 -21.03 -8.11 -27.36
N ARG H 234 -20.10 -8.83 -26.75
CA ARG H 234 -18.80 -8.31 -26.41
C ARG H 234 -18.00 -8.02 -27.63
N VAL H 235 -18.13 -8.88 -28.63
CA VAL H 235 -17.46 -8.72 -29.94
C VAL H 235 -18.00 -7.49 -30.61
N VAL H 236 -19.31 -7.49 -30.87
CA VAL H 236 -19.97 -6.34 -31.45
C VAL H 236 -19.53 -5.05 -30.71
N ASP H 237 -19.38 -5.16 -29.41
CA ASP H 237 -18.93 -4.08 -28.57
C ASP H 237 -17.56 -3.58 -29.00
N GLN H 238 -16.68 -4.52 -29.35
CA GLN H 238 -15.34 -4.19 -29.82
C GLN H 238 -15.41 -3.62 -31.21
N LEU H 239 -16.43 -4.05 -31.95
CA LEU H 239 -16.62 -3.58 -33.32
C LEU H 239 -16.89 -2.10 -33.24
N ALA H 240 -17.72 -1.73 -32.28
CA ALA H 240 -18.00 -0.33 -31.97
C ALA H 240 -16.73 0.54 -31.90
N HIS H 241 -15.77 0.24 -31.03
CA HIS H 241 -14.55 1.02 -31.04
C HIS H 241 -13.89 1.17 -32.45
N ILE H 242 -14.37 0.43 -33.45
CA ILE H 242 -13.77 0.47 -34.79
C ILE H 242 -14.53 1.40 -35.72
N ASP H 243 -15.86 1.24 -35.79
CA ASP H 243 -16.70 2.12 -36.60
C ASP H 243 -18.16 1.89 -36.24
N LEU H 244 -18.92 2.93 -35.97
CA LEU H 244 -20.26 2.68 -35.47
C LEU H 244 -21.21 1.99 -36.45
N THR H 245 -21.05 2.26 -37.74
CA THR H 245 -21.97 1.70 -38.74
C THR H 245 -21.77 0.19 -38.78
N LEU H 246 -20.55 -0.24 -39.02
CA LEU H 246 -20.22 -1.65 -38.93
C LEU H 246 -20.90 -2.27 -37.71
N ALA H 247 -20.55 -1.79 -36.51
CA ALA H 247 -21.09 -2.34 -35.27
C ALA H 247 -22.59 -2.49 -35.33
N GLN H 248 -23.28 -1.43 -35.71
CA GLN H 248 -24.74 -1.48 -35.77
C GLN H 248 -25.30 -2.42 -36.85
N ALA H 249 -24.70 -2.43 -38.04
CA ALA H 249 -25.15 -3.32 -39.11
C ALA H 249 -25.20 -4.75 -38.57
N VAL H 250 -24.10 -5.13 -37.95
CA VAL H 250 -23.90 -6.46 -37.40
C VAL H 250 -24.83 -6.69 -36.22
N ALA H 251 -24.80 -5.78 -35.25
CA ALA H 251 -25.74 -5.80 -34.14
C ALA H 251 -27.18 -6.09 -34.58
N LYS H 252 -27.66 -5.34 -35.57
CA LYS H 252 -29.00 -5.53 -36.14
C LYS H 252 -29.22 -6.98 -36.53
N ASN H 253 -28.34 -7.51 -37.37
CA ASN H 253 -28.44 -8.90 -37.80
C ASN H 253 -28.52 -9.91 -36.66
N LEU H 254 -27.90 -9.63 -35.52
CA LEU H 254 -27.95 -10.58 -34.40
C LEU H 254 -28.93 -10.16 -33.34
N GLY H 255 -29.56 -9.02 -33.52
CA GLY H 255 -30.60 -8.58 -32.60
C GLY H 255 -30.12 -7.96 -31.28
N ILE H 256 -29.52 -6.77 -31.36
CA ILE H 256 -29.14 -5.98 -30.20
C ILE H 256 -29.33 -4.47 -30.42
N SER I 1 23.31 43.09 20.50
CA SER I 1 24.03 42.61 19.26
C SER I 1 23.76 43.53 18.05
N GLU I 2 22.79 44.42 18.19
CA GLU I 2 22.50 45.37 17.15
C GLU I 2 22.08 46.64 17.88
N ASN I 3 22.77 47.76 17.68
CA ASN I 3 22.54 48.98 18.50
C ASN I 3 21.33 49.89 18.11
N TYR I 4 20.38 50.01 19.04
CA TYR I 4 19.20 50.86 18.85
C TYR I 4 19.01 51.91 19.92
N ALA I 5 18.25 52.92 19.54
CA ALA I 5 17.93 54.02 20.45
C ALA I 5 16.91 53.57 21.47
N LEU I 6 17.10 54.01 22.73
CA LEU I 6 16.14 53.73 23.82
C LEU I 6 14.91 54.63 23.63
N THR I 7 13.72 54.01 23.55
CA THR I 7 12.51 54.79 23.24
C THR I 7 11.33 54.52 24.19
N THR I 8 10.31 55.37 24.09
CA THR I 8 9.02 55.01 24.65
C THR I 8 8.55 53.91 23.73
N ASN I 9 7.44 53.26 24.12
CA ASN I 9 6.74 52.32 23.23
C ASN I 9 6.04 53.05 22.07
N GLN I 10 5.98 54.38 22.11
CA GLN I 10 5.52 55.09 20.91
C GLN I 10 6.69 55.42 19.95
N GLY I 11 7.83 54.80 20.15
CA GLY I 11 9.00 55.07 19.33
C GLY I 11 9.54 56.50 19.45
N VAL I 12 9.80 56.96 20.67
CA VAL I 12 10.23 58.34 20.88
C VAL I 12 11.51 58.31 21.70
N ARG I 13 12.54 58.95 21.17
CA ARG I 13 13.85 58.72 21.75
C ARG I 13 13.92 59.33 23.15
N ILE I 14 14.43 58.58 24.10
CA ILE I 14 14.53 59.13 25.43
C ILE I 14 15.89 59.79 25.54
N ALA I 15 15.93 60.96 26.16
CA ALA I 15 17.19 61.67 26.33
C ALA I 15 17.78 61.54 27.75
N ASP I 16 16.91 61.52 28.76
CA ASP I 16 17.37 61.20 30.09
C ASP I 16 16.47 60.10 30.67
N ASP I 17 17.07 58.93 30.85
CA ASP I 17 16.40 57.82 31.49
C ASP I 17 17.01 57.58 32.88
N GLN I 18 17.29 58.67 33.61
CA GLN I 18 17.71 58.55 35.02
C GLN I 18 16.91 59.44 35.96
N ASN I 19 16.15 60.38 35.40
CA ASN I 19 15.32 61.29 36.24
C ASN I 19 13.84 61.49 35.85
N SER I 20 13.01 61.81 36.85
CA SER I 20 11.65 62.22 36.51
C SER I 20 11.71 63.69 36.20
N LEU I 21 10.79 64.14 35.35
CA LEU I 21 10.61 65.56 35.14
C LEU I 21 10.06 66.19 36.41
N ARG I 22 10.80 67.09 37.06
CA ARG I 22 10.27 67.82 38.20
C ARG I 22 10.41 69.33 38.03
N ALA I 23 9.73 70.11 38.88
CA ALA I 23 9.88 71.55 38.91
C ALA I 23 11.08 71.97 39.79
N GLY I 24 12.22 72.16 39.14
CA GLY I 24 13.46 72.41 39.87
C GLY I 24 14.00 71.09 40.35
N SER I 25 15.31 70.90 40.24
CA SER I 25 15.94 69.65 40.66
C SER I 25 15.48 69.07 42.06
N ARG I 26 14.96 69.94 42.91
CA ARG I 26 14.55 69.51 44.24
C ARG I 26 13.03 69.66 44.44
N GLY I 27 12.33 69.80 43.31
CA GLY I 27 10.92 70.08 43.29
C GLY I 27 10.08 68.84 43.01
N PRO I 28 8.78 69.04 42.99
CA PRO I 28 7.81 67.95 42.90
C PRO I 28 7.74 67.39 41.49
N THR I 29 7.30 66.15 41.35
CA THR I 29 7.25 65.51 40.05
C THR I 29 6.02 65.99 39.33
N LEU I 30 6.17 66.30 38.05
CA LEU I 30 5.08 66.81 37.23
C LEU I 30 4.30 65.67 36.65
N LEU I 31 2.99 65.83 36.62
CA LEU I 31 2.09 64.88 35.92
C LEU I 31 2.34 64.77 34.37
N GLU I 32 2.86 65.82 33.74
CA GLU I 32 3.10 65.73 32.30
C GLU I 32 4.29 64.81 31.94
N ASP I 33 5.09 64.36 32.91
CA ASP I 33 6.20 63.48 32.52
C ASP I 33 5.68 62.15 31.95
N PHE I 34 5.21 62.21 30.71
CA PHE I 34 4.56 61.06 30.05
C PHE I 34 5.51 59.90 29.83
N ILE I 35 6.81 60.16 29.91
CA ILE I 35 7.82 59.10 29.78
C ILE I 35 7.90 58.20 31.02
N LEU I 36 7.94 58.85 32.20
CA LEU I 36 7.95 58.18 33.50
C LEU I 36 6.72 57.31 33.72
N ARG I 37 5.56 57.93 33.53
CA ARG I 37 4.31 57.21 33.66
C ARG I 37 4.28 56.00 32.70
N GLU I 38 4.69 56.17 31.42
CA GLU I 38 4.71 55.00 30.50
C GLU I 38 5.66 53.92 31.01
N LYS I 39 6.82 54.31 31.52
CA LYS I 39 7.74 53.29 32.01
C LYS I 39 7.09 52.58 33.21
N ILE I 40 6.60 53.35 34.16
CA ILE I 40 6.05 52.77 35.39
C ILE I 40 4.80 51.91 35.11
N THR I 41 3.86 52.52 34.40
CA THR I 41 2.65 51.84 34.00
C THR I 41 2.97 50.47 33.44
N HIS I 42 4.02 50.38 32.61
CA HIS I 42 4.33 49.08 32.07
C HIS I 42 4.74 48.18 33.20
N PHE I 43 5.64 48.68 34.03
CA PHE I 43 6.14 47.92 35.18
C PHE I 43 4.93 47.52 35.96
N ASP I 44 4.07 48.50 36.25
CA ASP I 44 2.89 48.25 37.06
C ASP I 44 2.02 47.11 36.61
N HIS I 45 2.07 46.76 35.32
CA HIS I 45 1.14 45.75 34.76
C HIS I 45 1.87 44.59 34.12
N GLU I 46 3.04 44.34 34.69
CA GLU I 46 3.90 43.28 34.20
C GLU I 46 3.23 41.90 34.42
N ARG I 47 2.76 41.60 35.66
CA ARG I 47 2.35 40.24 36.03
C ARG I 47 1.00 39.74 35.53
N ILE I 48 0.94 38.47 35.13
CA ILE I 48 -0.34 37.86 34.85
C ILE I 48 -0.60 36.68 35.80
N PRO I 49 -1.82 36.19 35.82
CA PRO I 49 -2.17 35.14 36.79
C PRO I 49 -1.29 33.95 36.45
N GLU I 50 -0.74 33.26 37.45
CA GLU I 50 -0.01 32.01 37.21
C GLU I 50 -1.02 30.87 36.96
N ARG I 51 -0.59 29.79 36.31
CA ARG I 51 -1.52 28.64 36.09
C ARG I 51 -2.18 28.18 37.43
N ILE I 52 -3.40 27.70 37.37
CA ILE I 52 -3.99 27.31 38.63
C ILE I 52 -3.09 26.22 39.24
N VAL I 53 -2.78 25.21 38.45
CA VAL I 53 -1.86 24.12 38.83
C VAL I 53 -0.69 24.06 37.83
N HIS I 54 0.39 23.35 38.18
CA HIS I 54 1.63 23.38 37.36
C HIS I 54 2.10 24.83 37.20
N ALA I 55 1.95 25.64 38.22
CA ALA I 55 2.36 27.02 38.06
C ALA I 55 3.81 26.94 37.64
N ARG I 56 4.60 26.20 38.42
CA ARG I 56 6.05 26.21 38.35
C ARG I 56 6.64 25.41 37.17
N GLY I 57 7.20 26.07 36.16
CA GLY I 57 7.62 25.34 34.96
C GLY I 57 8.90 25.72 34.25
N SER I 58 9.41 24.80 33.43
CA SER I 58 10.56 25.05 32.57
C SER I 58 10.37 24.41 31.20
N ALA I 59 10.66 25.16 30.16
CA ALA I 59 10.32 24.70 28.82
C ALA I 59 11.50 24.90 27.89
N ALA I 60 11.40 24.29 26.69
CA ALA I 60 12.44 24.40 25.68
C ALA I 60 11.86 24.03 24.37
N HIS I 61 12.36 24.63 23.28
CA HIS I 61 11.97 24.24 21.90
C HIS I 61 12.77 23.04 21.42
N GLY I 62 12.22 22.34 20.44
CA GLY I 62 12.90 21.18 19.87
C GLY I 62 12.09 20.66 18.70
N TYR I 63 12.30 19.37 18.37
CA TYR I 63 11.64 18.78 17.19
C TYR I 63 11.40 17.28 17.33
N PHE I 64 10.58 16.78 16.42
CA PHE I 64 10.16 15.40 16.51
C PHE I 64 9.88 14.79 15.12
N GLN I 65 10.23 13.50 15.00
CA GLN I 65 9.98 12.72 13.81
C GLN I 65 9.76 11.24 14.15
N PRO I 66 8.81 10.61 13.43
CA PRO I 66 8.46 9.22 13.69
C PRO I 66 9.54 8.26 13.18
N TYR I 67 9.48 7.04 13.63
CA TYR I 67 10.45 6.12 13.13
C TYR I 67 9.99 5.67 11.72
N LYS I 68 8.66 5.56 11.53
CA LYS I 68 8.04 4.95 10.33
C LYS I 68 6.56 5.31 10.20
N SER I 69 6.08 5.39 8.96
CA SER I 69 4.69 5.75 8.75
C SER I 69 3.80 4.88 9.63
N LEU I 70 3.03 5.50 10.52
CA LEU I 70 2.01 4.77 11.28
C LEU I 70 0.67 4.83 10.52
N SER I 71 0.74 5.14 9.22
CA SER I 71 -0.51 5.43 8.54
C SER I 71 -1.53 4.25 8.65
N ASP I 72 -1.02 3.07 9.02
CA ASP I 72 -1.86 1.87 9.16
C ASP I 72 -2.85 2.02 10.35
N ILE I 73 -2.36 2.61 11.44
CA ILE I 73 -3.19 2.66 12.65
C ILE I 73 -3.80 4.02 12.91
N THR I 74 -3.13 5.08 12.43
CA THR I 74 -3.73 6.41 12.46
C THR I 74 -3.46 7.26 11.23
N LYS I 75 -4.50 7.99 10.80
CA LYS I 75 -4.36 8.95 9.71
C LYS I 75 -3.69 10.30 10.10
N ALA I 76 -2.98 10.34 11.23
CA ALA I 76 -2.50 11.63 11.72
C ALA I 76 -1.25 12.06 11.01
N ASP I 77 -1.30 13.22 10.40
CA ASP I 77 -0.16 13.73 9.67
C ASP I 77 1.20 13.62 10.36
N PHE I 78 1.42 14.28 11.49
CA PHE I 78 2.80 14.36 12.05
C PHE I 78 3.47 12.99 12.24
N LEU I 79 2.63 11.95 12.17
CA LEU I 79 3.04 10.57 12.32
C LEU I 79 3.15 9.74 10.99
N SER I 80 2.84 10.34 9.82
CA SER I 80 2.68 9.56 8.58
C SER I 80 3.96 9.31 7.70
N ASP I 81 5.13 9.71 8.20
CA ASP I 81 6.36 9.72 7.39
C ASP I 81 7.61 10.21 8.19
N PRO I 82 8.66 9.38 8.24
CA PRO I 82 9.82 9.62 9.10
C PRO I 82 10.66 10.78 8.59
N ASN I 83 10.29 11.26 7.41
CA ASN I 83 10.89 12.48 6.85
C ASN I 83 10.17 13.80 7.21
N LYS I 84 8.95 13.68 7.76
CA LYS I 84 8.25 14.84 8.35
C LYS I 84 8.84 15.19 9.77
N ILE I 85 9.54 16.33 9.84
CA ILE I 85 10.01 16.91 11.09
C ILE I 85 8.93 17.85 11.65
N THR I 86 8.44 17.53 12.86
CA THR I 86 7.51 18.45 13.56
C THR I 86 8.21 19.29 14.66
N PRO I 87 8.00 20.59 14.64
CA PRO I 87 8.60 21.41 15.68
C PRO I 87 7.80 21.18 16.98
N VAL I 88 8.45 21.35 18.12
CA VAL I 88 7.77 21.20 19.39
C VAL I 88 8.30 22.11 20.47
N PHE I 89 7.38 22.49 21.34
CA PHE I 89 7.73 23.25 22.52
C PHE I 89 7.28 22.41 23.71
N VAL I 90 8.15 22.34 24.72
CA VAL I 90 7.93 21.39 25.82
C VAL I 90 8.08 21.97 27.22
N ARG I 91 7.03 21.84 28.02
CA ARG I 91 7.05 22.41 29.37
C ARG I 91 6.98 21.31 30.40
N PHE I 92 7.99 21.25 31.28
CA PHE I 92 7.99 20.37 32.45
C PHE I 92 7.66 21.23 33.64
N SER I 93 7.04 20.62 34.67
CA SER I 93 6.45 21.37 35.79
C SER I 93 6.24 20.53 37.05
N THR I 94 6.24 21.17 38.22
CA THR I 94 5.63 20.56 39.42
C THR I 94 4.11 20.80 39.41
N VAL I 95 3.44 20.42 40.48
CA VAL I 95 1.98 20.57 40.47
C VAL I 95 1.53 21.63 41.46
N GLN I 96 1.90 21.44 42.73
CA GLN I 96 1.29 22.21 43.80
C GLN I 96 1.70 23.68 43.90
N GLY I 97 3.00 23.93 43.86
CA GLY I 97 3.56 25.24 44.14
C GLY I 97 3.34 26.34 43.12
N GLY I 98 3.65 27.55 43.57
CA GLY I 98 3.52 28.73 42.76
C GLY I 98 4.62 28.82 41.70
N ALA I 99 4.52 29.85 40.84
CA ALA I 99 5.51 30.13 39.80
C ALA I 99 6.88 30.30 40.40
N GLY I 100 6.94 30.63 41.68
CA GLY I 100 8.17 30.97 42.35
C GLY I 100 8.51 30.01 43.46
N SER I 101 7.96 28.82 43.40
CA SER I 101 8.34 27.80 44.37
C SER I 101 9.53 26.99 43.85
N ALA I 102 10.08 26.16 44.74
CA ALA I 102 11.23 25.30 44.42
C ALA I 102 10.93 24.20 43.36
N ASP I 103 11.98 23.77 42.63
CA ASP I 103 11.88 22.66 41.65
C ASP I 103 11.99 21.31 42.33
N THR I 104 12.67 21.31 43.48
CA THR I 104 13.10 20.09 44.10
C THR I 104 12.20 19.70 45.24
N VAL I 105 10.96 19.37 44.91
CA VAL I 105 10.01 19.08 45.95
C VAL I 105 9.51 17.71 45.66
N ARG I 106 8.86 17.11 46.64
CA ARG I 106 8.21 15.83 46.44
C ARG I 106 6.86 16.17 45.89
N ASP I 107 6.55 15.66 44.71
CA ASP I 107 5.35 16.03 43.99
C ASP I 107 5.35 15.34 42.63
N ILE I 108 4.19 15.29 41.98
CA ILE I 108 4.10 14.82 40.61
C ILE I 108 4.79 15.90 39.80
N ARG I 109 5.33 15.55 38.64
CA ARG I 109 5.68 16.55 37.64
C ARG I 109 4.85 16.35 36.37
N GLY I 110 4.73 17.42 35.61
CA GLY I 110 3.90 17.39 34.42
C GLY I 110 4.93 17.46 33.33
N PHE I 111 4.49 17.13 32.12
CA PHE I 111 5.39 16.93 31.01
C PHE I 111 4.49 17.08 29.77
N ALA I 112 4.46 18.31 29.30
CA ALA I 112 3.46 18.69 28.35
C ALA I 112 4.17 19.12 27.09
N THR I 113 3.63 18.71 25.96
CA THR I 113 4.35 18.88 24.71
C THR I 113 3.47 19.46 23.62
N LYS I 114 3.89 20.57 23.06
CA LYS I 114 3.11 21.16 22.01
C LYS I 114 3.70 20.79 20.64
N PHE I 115 2.92 20.07 19.83
CA PHE I 115 3.36 19.58 18.51
C PHE I 115 2.80 20.50 17.47
N TYR I 116 3.65 21.18 16.74
CA TYR I 116 3.14 22.06 15.69
C TYR I 116 2.95 21.37 14.32
N THR I 117 2.01 20.42 14.24
CA THR I 117 1.77 19.67 13.00
C THR I 117 1.30 20.52 11.79
N GLU I 118 1.36 19.94 10.60
CA GLU I 118 0.87 20.67 9.40
C GLU I 118 -0.65 20.61 9.26
N GLU I 119 -1.27 19.91 10.21
CA GLU I 119 -2.72 19.75 10.21
C GLU I 119 -3.34 20.23 11.55
N GLY I 120 -2.59 21.09 12.24
CA GLY I 120 -3.05 21.67 13.48
C GLY I 120 -2.13 21.43 14.68
N ILE I 121 -2.40 22.13 15.76
CA ILE I 121 -1.62 21.92 16.96
C ILE I 121 -2.15 20.69 17.69
N PHE I 122 -1.23 19.86 18.16
CA PHE I 122 -1.59 18.74 19.00
C PHE I 122 -0.74 18.81 20.28
N ASP I 123 -1.42 18.93 21.43
CA ASP I 123 -0.75 19.13 22.71
C ASP I 123 -0.89 17.86 23.49
N LEU I 124 0.22 17.29 23.90
CA LEU I 124 0.10 16.04 24.58
C LEU I 124 0.49 16.35 26.02
N VAL I 125 -0.54 16.64 26.81
CA VAL I 125 -0.36 17.11 28.16
C VAL I 125 -0.40 15.98 29.18
N GLY I 126 0.75 15.59 29.73
CA GLY I 126 0.73 14.52 30.73
C GLY I 126 1.70 14.68 31.88
N ASN I 127 1.70 13.73 32.80
CA ASN I 127 2.63 13.80 33.92
C ASN I 127 3.60 12.67 33.88
N ASN I 128 4.41 12.61 34.93
CA ASN I 128 5.48 11.68 34.99
C ASN I 128 5.10 10.38 35.71
N THR I 129 3.84 10.22 36.07
CA THR I 129 3.46 8.87 36.50
C THR I 129 2.32 8.37 35.64
N PRO I 130 2.14 7.05 35.55
CA PRO I 130 1.19 6.48 34.55
C PRO I 130 -0.30 6.65 34.87
N ILE I 131 -0.64 7.00 36.11
CA ILE I 131 -2.04 7.26 36.46
C ILE I 131 -2.19 8.55 37.21
N PHE I 132 -3.44 8.98 37.32
CA PHE I 132 -3.74 10.15 38.19
C PHE I 132 -4.26 9.81 39.60
N PHE I 133 -4.55 10.86 40.38
CA PHE I 133 -5.09 10.71 41.73
C PHE I 133 -6.56 10.35 41.78
N ILE I 134 -7.33 10.78 40.78
CA ILE I 134 -8.81 10.72 40.87
C ILE I 134 -9.48 10.28 39.56
N GLN I 135 -10.70 9.77 39.69
CA GLN I 135 -11.36 9.21 38.53
C GLN I 135 -12.17 10.26 37.79
N ASP I 136 -13.01 11.00 38.51
CA ASP I 136 -13.89 11.96 37.85
C ASP I 136 -13.39 13.43 37.98
N ALA I 137 -13.37 14.16 36.86
CA ALA I 137 -12.87 15.54 36.82
C ALA I 137 -13.59 16.42 37.83
N HIS I 138 -14.89 16.14 38.03
CA HIS I 138 -15.66 16.90 39.01
C HIS I 138 -14.92 17.02 40.35
N LYS I 139 -14.10 16.04 40.72
CA LYS I 139 -13.42 16.14 42.01
C LYS I 139 -12.10 16.84 41.91
N PHE I 140 -11.71 17.26 40.74
CA PHE I 140 -10.42 17.95 40.62
C PHE I 140 -10.25 19.11 41.63
N PRO I 141 -11.20 20.04 41.66
CA PRO I 141 -11.02 21.18 42.53
C PRO I 141 -10.99 20.75 44.00
N ASP I 142 -11.69 19.69 44.39
CA ASP I 142 -11.55 19.23 45.78
C ASP I 142 -10.13 18.74 46.04
N PHE I 143 -9.67 17.80 45.22
CA PHE I 143 -8.34 17.26 45.41
C PHE I 143 -7.27 18.35 45.36
N VAL I 144 -7.36 19.17 44.33
CA VAL I 144 -6.37 20.19 44.16
C VAL I 144 -6.40 21.07 45.39
N HIS I 145 -7.59 21.43 45.86
CA HIS I 145 -7.68 22.25 47.06
C HIS I 145 -7.02 21.63 48.28
N ALA I 146 -7.16 20.32 48.43
CA ALA I 146 -6.60 19.55 49.55
C ALA I 146 -5.05 19.48 49.53
N VAL I 147 -4.47 19.35 48.34
CA VAL I 147 -3.02 19.28 48.21
C VAL I 147 -2.39 20.64 48.33
N LYS I 148 -3.09 21.67 47.83
CA LYS I 148 -2.59 23.06 47.83
C LYS I 148 -2.46 23.56 49.25
N PRO I 149 -1.82 24.72 49.40
CA PRO I 149 -1.69 25.34 50.72
C PRO I 149 -3.11 25.47 51.31
N GLU I 150 -3.21 25.36 52.64
CA GLU I 150 -4.54 25.40 53.24
C GLU I 150 -5.05 26.85 53.25
N PRO I 151 -6.36 27.02 53.26
CA PRO I 151 -6.95 28.32 52.95
C PRO I 151 -6.83 29.35 54.05
N HIS I 152 -6.63 28.97 55.31
CA HIS I 152 -6.59 29.99 56.30
C HIS I 152 -5.27 30.72 56.23
N TRP I 153 -4.17 29.97 56.17
CA TRP I 153 -2.85 30.59 56.32
C TRP I 153 -1.93 30.47 55.13
N ALA I 154 -2.35 29.76 54.07
CA ALA I 154 -1.52 29.52 52.87
C ALA I 154 -0.18 28.78 53.11
N ILE I 155 -0.24 27.63 53.76
CA ILE I 155 0.90 26.79 54.10
C ILE I 155 0.46 25.33 53.99
N PRO I 156 1.31 24.43 53.50
CA PRO I 156 2.65 24.74 53.00
C PRO I 156 2.78 24.93 51.48
N GLN I 157 3.92 25.48 51.06
CA GLN I 157 4.25 25.57 49.66
C GLN I 157 4.96 24.27 49.19
N GLY I 158 4.51 23.71 48.05
CA GLY I 158 5.13 22.56 47.38
C GLY I 158 5.28 21.32 48.25
N GLN I 159 4.23 20.99 48.99
CA GLN I 159 4.27 19.88 49.93
C GLN I 159 2.91 19.20 50.00
N SER I 160 2.90 17.87 50.17
CA SER I 160 1.65 17.14 50.39
C SER I 160 1.53 16.94 51.89
N ALA I 161 2.54 17.39 52.60
CA ALA I 161 2.72 16.98 53.98
C ALA I 161 1.87 17.78 54.96
N HIS I 162 0.56 17.76 54.78
CA HIS I 162 -0.32 18.46 55.69
C HIS I 162 -1.71 17.81 55.71
N ASP I 163 -2.49 18.18 56.71
CA ASP I 163 -3.70 17.46 57.02
C ASP I 163 -4.66 17.33 55.87
N THR I 164 -5.03 18.43 55.23
CA THR I 164 -6.07 18.32 54.24
C THR I 164 -5.74 17.33 53.17
N PHE I 165 -4.49 17.31 52.69
CA PHE I 165 -4.10 16.32 51.67
C PHE I 165 -4.41 14.91 52.09
N TRP I 166 -3.91 14.54 53.27
CA TRP I 166 -4.00 13.19 53.79
C TRP I 166 -5.41 12.86 54.32
N ASP I 167 -6.19 13.89 54.61
CA ASP I 167 -7.61 13.74 54.93
C ASP I 167 -8.29 13.28 53.64
N TYR I 168 -8.07 14.02 52.59
CA TYR I 168 -8.70 13.70 51.34
C TYR I 168 -8.28 12.31 50.91
N VAL I 169 -6.98 12.02 51.04
CA VAL I 169 -6.46 10.71 50.64
C VAL I 169 -7.14 9.60 51.45
N SER I 170 -7.31 9.83 52.74
CA SER I 170 -7.84 8.81 53.61
C SER I 170 -9.29 8.51 53.33
N LEU I 171 -10.00 9.42 52.68
CA LEU I 171 -11.45 9.25 52.47
C LEU I 171 -11.76 9.06 51.01
N GLN I 172 -10.72 9.07 50.18
CA GLN I 172 -10.84 8.78 48.78
C GLN I 172 -9.80 7.76 48.35
N PRO I 173 -10.00 6.50 48.71
CA PRO I 173 -9.06 5.41 48.38
C PRO I 173 -8.56 5.39 46.92
N GLU I 174 -9.41 5.69 45.95
CA GLU I 174 -8.99 5.84 44.56
C GLU I 174 -7.62 6.50 44.39
N THR I 175 -7.28 7.45 45.25
CA THR I 175 -5.99 8.15 45.17
C THR I 175 -4.76 7.32 45.54
N LEU I 176 -4.96 6.24 46.28
CA LEU I 176 -3.83 5.47 46.77
C LEU I 176 -2.82 5.09 45.67
N HIS I 177 -3.28 4.71 44.48
CA HIS I 177 -2.34 4.31 43.46
C HIS I 177 -1.31 5.37 43.17
N ASN I 178 -1.76 6.58 42.85
CA ASN I 178 -0.82 7.65 42.50
C ASN I 178 -0.09 8.16 43.71
N VAL I 179 -0.69 8.01 44.89
CA VAL I 179 -0.02 8.44 46.12
C VAL I 179 1.25 7.62 46.27
N MET I 180 1.10 6.32 46.02
CA MET I 180 2.18 5.33 46.08
C MET I 180 3.36 5.85 45.30
N TRP I 181 3.14 6.06 44.00
CA TRP I 181 4.16 6.60 43.12
C TRP I 181 4.72 7.88 43.70
N ALA I 182 3.84 8.74 44.17
CA ALA I 182 4.29 10.00 44.74
C ALA I 182 5.30 9.76 45.84
N MET I 183 5.07 8.72 46.66
CA MET I 183 5.92 8.51 47.83
C MET I 183 7.15 7.73 47.42
N SER I 184 7.06 7.11 46.23
CA SER I 184 8.20 6.42 45.64
C SER I 184 9.28 7.45 45.38
N ASP I 185 10.30 7.07 44.63
CA ASP I 185 11.36 8.00 44.21
C ASP I 185 11.03 8.63 42.87
N ARG I 186 9.93 8.20 42.24
CA ARG I 186 9.49 8.87 41.02
C ARG I 186 8.90 10.24 41.38
N GLY I 187 8.67 10.43 42.69
CA GLY I 187 8.16 11.68 43.23
C GLY I 187 9.19 12.75 43.51
N ILE I 188 10.46 12.37 43.38
CA ILE I 188 11.55 13.30 43.60
C ILE I 188 12.66 13.10 42.56
N PRO I 189 12.34 13.23 41.28
CA PRO I 189 13.30 12.91 40.21
C PRO I 189 14.46 13.87 40.28
N ARG I 190 15.62 13.52 39.74
CA ARG I 190 16.76 14.43 39.87
C ARG I 190 16.99 15.41 38.66
N SER I 191 16.45 15.08 37.50
CA SER I 191 16.31 16.05 36.42
C SER I 191 15.17 15.70 35.47
N TYR I 192 14.74 16.68 34.68
CA TYR I 192 13.73 16.42 33.64
C TYR I 192 14.38 15.54 32.53
N ARG I 193 15.68 15.77 32.29
CA ARG I 193 16.52 14.96 31.38
C ARG I 193 16.22 13.46 31.50
N THR I 194 16.08 12.99 32.73
CA THR I 194 15.93 11.56 33.02
C THR I 194 14.52 11.21 33.43
N MET I 195 13.50 11.92 32.99
CA MET I 195 12.14 11.68 33.48
C MET I 195 11.21 10.92 32.52
N GLU I 196 10.38 10.04 33.08
CA GLU I 196 9.37 9.37 32.27
C GLU I 196 8.18 10.31 32.07
N GLY I 197 7.26 9.96 31.15
CA GLY I 197 6.10 10.79 30.81
C GLY I 197 4.94 9.94 30.32
N PHE I 198 3.70 10.30 30.67
CA PHE I 198 2.51 9.47 30.40
C PHE I 198 1.25 10.27 30.12
N GLY I 199 0.64 10.06 28.95
CA GLY I 199 -0.60 10.72 28.61
C GLY I 199 -1.75 10.27 29.51
N ILE I 200 -1.39 9.51 30.56
CA ILE I 200 -2.34 8.80 31.44
C ILE I 200 -3.64 8.20 30.83
N HIS I 201 -4.39 8.98 30.05
CA HIS I 201 -5.67 8.48 29.56
C HIS I 201 -5.52 7.52 28.41
N THR I 202 -6.49 6.65 28.28
CA THR I 202 -6.60 5.88 27.07
C THR I 202 -7.27 6.76 26.02
N PHE I 203 -6.56 7.06 24.92
CA PHE I 203 -7.11 7.87 23.80
C PHE I 203 -7.39 6.91 22.65
N ARG I 204 -7.75 7.46 21.50
CA ARG I 204 -7.92 6.60 20.33
C ARG I 204 -7.03 7.06 19.21
N LEU I 205 -6.59 6.07 18.42
CA LEU I 205 -5.98 6.27 17.11
C LEU I 205 -6.99 5.91 16.01
N ILE I 206 -7.16 6.83 15.07
CA ILE I 206 -8.11 6.65 14.00
C ILE I 206 -7.33 6.65 12.70
N ASN I 207 -7.36 5.49 12.00
CA ASN I 207 -6.78 5.35 10.65
C ASN I 207 -7.75 5.76 9.52
N ALA I 208 -7.20 5.89 8.30
CA ALA I 208 -7.95 6.43 7.15
C ALA I 208 -9.22 5.65 6.76
N GLU I 209 -9.38 4.44 7.31
CA GLU I 209 -10.62 3.68 7.14
C GLU I 209 -11.58 3.86 8.30
N GLY I 210 -11.17 4.63 9.32
CA GLY I 210 -12.02 4.86 10.50
C GLY I 210 -12.07 3.66 11.45
N LYS I 211 -10.99 2.90 11.44
CA LYS I 211 -10.85 1.81 12.40
C LYS I 211 -10.15 2.42 13.60
N ALA I 212 -10.78 2.26 14.76
CA ALA I 212 -10.29 2.92 15.95
C ALA I 212 -9.42 1.99 16.74
N THR I 213 -8.31 2.53 17.22
CA THR I 213 -7.42 1.76 18.10
C THR I 213 -7.14 2.49 19.40
N PHE I 214 -7.36 1.83 20.53
CA PHE I 214 -7.05 2.43 21.80
C PHE I 214 -5.53 2.60 21.91
N VAL I 215 -5.09 3.73 22.43
CA VAL I 215 -3.66 4.02 22.69
C VAL I 215 -3.42 4.70 24.05
N ARG I 216 -2.28 4.45 24.66
CA ARG I 216 -1.85 5.23 25.80
C ARG I 216 -0.45 5.73 25.54
N PHE I 217 -0.21 6.99 25.87
CA PHE I 217 0.97 7.67 25.42
C PHE I 217 2.08 7.59 26.48
N HIS I 218 3.30 7.26 26.04
CA HIS I 218 4.50 7.21 26.90
C HIS I 218 5.65 8.05 26.34
N TRP I 219 6.43 8.66 27.22
CA TRP I 219 7.66 9.29 26.78
C TRP I 219 8.73 8.56 27.52
N LYS I 220 9.78 8.14 26.81
CA LYS I 220 10.84 7.36 27.42
C LYS I 220 12.18 8.05 27.17
N PRO I 221 12.87 8.43 28.26
CA PRO I 221 14.10 9.23 28.13
C PRO I 221 15.32 8.40 27.75
N LEU I 222 15.99 8.81 26.69
CA LEU I 222 17.17 8.12 26.18
C LEU I 222 18.49 8.62 26.77
N ALA I 223 18.42 9.52 27.74
CA ALA I 223 19.64 10.05 28.34
C ALA I 223 20.10 9.16 29.48
N LYS J 1 17.11 18.47 51.56
CA LYS J 1 16.51 18.89 50.30
C LYS J 1 17.44 19.84 49.51
N LEU J 2 17.48 19.67 48.18
CA LEU J 2 18.13 20.66 47.30
C LEU J 2 17.22 21.92 47.14
N THR J 3 16.03 21.85 47.77
CA THR J 3 15.08 22.99 47.90
C THR J 3 15.66 24.23 48.68
N GLY J 4 16.66 23.98 49.54
CA GLY J 4 17.45 25.03 50.21
C GLY J 4 18.69 25.50 49.43
N ARG J 5 19.65 24.59 49.18
CA ARG J 5 20.78 24.90 48.31
C ARG J 5 20.30 25.61 47.00
N ASP J 6 19.54 24.92 46.15
CA ASP J 6 19.16 25.51 44.84
C ASP J 6 17.72 25.21 44.36
N PRO J 7 16.80 26.11 44.71
CA PRO J 7 15.38 25.96 44.36
C PRO J 7 15.16 26.00 42.85
N ASP J 8 16.21 26.30 42.08
CA ASP J 8 16.01 26.36 40.63
C ASP J 8 16.64 25.21 39.85
N PHE J 9 17.10 24.19 40.59
CA PHE J 9 17.97 23.15 40.04
C PHE J 9 17.52 22.59 38.67
N HIS J 10 16.30 22.06 38.61
CA HIS J 10 15.87 21.37 37.42
C HIS J 10 15.75 22.34 36.29
N ARG J 11 15.41 23.57 36.64
CA ARG J 11 15.18 24.60 35.64
C ARG J 11 16.52 24.98 35.03
N ARG J 12 17.48 25.20 35.95
CA ARG J 12 18.86 25.46 35.64
C ARG J 12 19.54 24.35 34.80
N GLU J 13 19.54 23.12 35.34
CA GLU J 13 20.12 21.95 34.69
C GLU J 13 19.61 21.76 33.29
N LEU J 14 18.31 21.96 33.12
CA LEU J 14 17.75 21.70 31.81
C LEU J 14 18.26 22.72 30.83
N TRP J 15 18.39 23.96 31.30
CA TRP J 15 18.81 25.07 30.44
C TRP J 15 20.26 24.80 30.05
N GLU J 16 21.10 24.52 31.06
CA GLU J 16 22.55 24.39 30.89
C GLU J 16 23.00 23.24 29.95
N ALA J 17 22.32 22.10 30.09
CA ALA J 17 22.47 21.04 29.12
C ALA J 17 22.17 21.55 27.70
N ILE J 18 21.09 22.30 27.49
CA ILE J 18 20.81 22.67 26.11
C ILE J 18 21.88 23.61 25.53
N GLU J 19 22.32 24.58 26.34
CA GLU J 19 23.53 25.39 26.10
C GLU J 19 24.70 24.49 25.66
N ALA J 20 25.19 23.69 26.62
CA ALA J 20 26.33 22.77 26.44
C ALA J 20 26.32 22.00 25.14
N GLY J 21 25.16 21.49 24.72
CA GLY J 21 25.11 20.61 23.58
C GLY J 21 24.35 19.31 23.83
N ASP J 22 24.46 18.71 25.02
CA ASP J 22 23.70 17.47 25.28
C ASP J 22 22.18 17.69 25.34
N PHE J 23 21.58 17.75 24.15
CA PHE J 23 20.15 17.83 23.98
C PHE J 23 19.42 16.65 24.60
N PRO J 24 18.37 16.91 25.38
CA PRO J 24 17.55 15.82 25.95
C PRO J 24 16.75 15.15 24.84
N GLU J 25 16.66 13.84 24.94
CA GLU J 25 16.06 13.02 23.89
C GLU J 25 14.97 12.18 24.51
N TYR J 26 13.83 12.12 23.83
CA TYR J 26 12.74 11.33 24.39
C TYR J 26 12.15 10.41 23.34
N GLU J 27 11.77 9.20 23.74
CA GLU J 27 11.14 8.32 22.77
C GLU J 27 9.66 8.20 23.09
N LEU J 28 8.84 8.53 22.09
CA LEU J 28 7.41 8.48 22.22
C LEU J 28 6.94 7.09 21.82
N GLY J 29 6.40 6.33 22.79
CA GLY J 29 5.79 5.05 22.51
C GLY J 29 4.29 5.00 22.81
N PHE J 30 3.55 4.22 22.01
CA PHE J 30 2.15 3.89 22.24
C PHE J 30 1.97 2.49 22.86
N GLN J 31 1.00 2.32 23.78
CA GLN J 31 0.53 0.99 24.17
C GLN J 31 -0.72 0.79 23.37
N LEU J 32 -0.76 -0.18 22.47
CA LEU J 32 -1.94 -0.26 21.59
C LEU J 32 -2.86 -1.40 22.00
N ILE J 33 -4.16 -1.18 21.81
CA ILE J 33 -5.16 -2.18 22.17
C ILE J 33 -6.35 -2.12 21.22
N PRO J 34 -6.55 -3.20 20.47
CA PRO J 34 -7.67 -3.23 19.49
C PRO J 34 -9.00 -2.98 20.20
N GLU J 35 -9.95 -2.42 19.45
CA GLU J 35 -11.23 -2.02 20.02
C GLU J 35 -11.96 -3.15 20.70
N GLU J 36 -11.91 -4.34 20.13
CA GLU J 36 -12.72 -5.43 20.65
C GLU J 36 -12.11 -6.00 21.95
N ASP J 37 -10.85 -5.67 22.22
CA ASP J 37 -10.18 -6.09 23.45
C ASP J 37 -10.61 -5.27 24.66
N GLU J 38 -11.54 -4.34 24.44
CA GLU J 38 -11.96 -3.38 25.44
C GLU J 38 -12.16 -3.92 26.86
N PHE J 39 -12.87 -5.04 27.00
CA PHE J 39 -13.23 -5.51 28.35
C PHE J 39 -12.43 -6.69 28.85
N LYS J 40 -11.43 -7.09 28.08
CA LYS J 40 -10.66 -8.29 28.39
C LYS J 40 -9.69 -8.14 29.55
N PHE J 41 -9.85 -7.11 30.39
CA PHE J 41 -8.84 -6.88 31.45
C PHE J 41 -9.39 -6.95 32.85
N ASP J 42 -8.46 -7.10 33.79
CA ASP J 42 -8.73 -7.09 35.23
C ASP J 42 -9.43 -5.84 35.69
N PHE J 43 -9.39 -4.79 34.87
CA PHE J 43 -9.79 -3.46 35.28
C PHE J 43 -10.35 -2.73 34.05
N ASP J 44 -10.97 -1.57 34.27
CA ASP J 44 -11.57 -0.76 33.20
C ASP J 44 -10.54 0.14 32.50
N LEU J 45 -10.49 0.08 31.17
CA LEU J 45 -9.48 0.83 30.44
C LEU J 45 -9.57 2.36 30.63
N LEU J 46 -10.78 2.83 30.95
CA LEU J 46 -11.10 4.27 31.03
C LEU J 46 -10.86 4.84 32.40
N ASP J 47 -10.49 3.98 33.33
CA ASP J 47 -10.22 4.37 34.68
C ASP J 47 -8.78 4.88 34.78
N PRO J 48 -8.59 6.17 35.05
CA PRO J 48 -7.26 6.79 35.03
C PRO J 48 -6.49 6.62 36.34
N THR J 49 -7.01 5.88 37.29
CA THR J 49 -6.20 5.51 38.45
C THR J 49 -5.57 4.11 38.21
N LYS J 50 -5.78 3.58 37.00
CA LYS J 50 -5.32 2.26 36.64
C LYS J 50 -4.40 2.34 35.42
N LEU J 51 -3.17 1.81 35.59
CA LEU J 51 -2.18 1.68 34.49
C LEU J 51 -2.45 0.41 33.65
N ILE J 52 -2.09 0.45 32.37
CA ILE J 52 -1.99 -0.79 31.60
C ILE J 52 -0.58 -1.37 31.78
N PRO J 53 -0.46 -2.52 32.41
CA PRO J 53 0.87 -3.10 32.70
C PRO J 53 1.61 -3.46 31.41
N GLU J 54 2.91 -3.18 31.36
CA GLU J 54 3.71 -3.43 30.16
C GLU J 54 3.73 -4.90 29.68
N GLU J 55 3.87 -5.84 30.63
CA GLU J 55 3.87 -7.28 30.31
C GLU J 55 2.56 -7.77 29.69
N LEU J 56 1.48 -7.03 29.82
CA LEU J 56 0.28 -7.37 29.05
C LEU J 56 0.29 -6.66 27.70
N VAL J 57 0.34 -5.33 27.70
CA VAL J 57 0.44 -4.58 26.44
C VAL J 57 1.77 -3.83 26.38
N PRO J 58 2.69 -4.26 25.51
CA PRO J 58 4.02 -3.63 25.48
C PRO J 58 3.94 -2.21 24.93
N VAL J 59 4.94 -1.40 25.25
CA VAL J 59 5.07 -0.03 24.75
C VAL J 59 5.84 -0.03 23.45
N GLN J 60 5.17 0.28 22.36
CA GLN J 60 5.82 0.26 21.06
C GLN J 60 6.58 1.56 20.68
N ARG J 61 7.91 1.52 20.76
CA ARG J 61 8.77 2.59 20.24
C ARG J 61 8.17 3.17 18.96
N VAL J 62 7.92 4.48 18.92
CA VAL J 62 7.25 5.06 17.76
C VAL J 62 7.93 6.30 17.18
N GLY J 63 8.74 6.98 18.00
CA GLY J 63 9.41 8.17 17.55
C GLY J 63 10.38 8.80 18.53
N LYS J 64 11.18 9.72 18.00
CA LYS J 64 12.21 10.40 18.77
C LYS J 64 11.89 11.88 18.82
N MET J 65 11.95 12.45 20.02
CA MET J 65 11.87 13.88 20.19
C MET J 65 13.17 14.43 20.90
N VAL J 66 13.58 15.60 20.41
CA VAL J 66 14.82 16.26 20.82
C VAL J 66 14.50 17.70 21.11
N LEU J 67 14.83 18.12 22.33
CA LEU J 67 14.79 19.55 22.66
C LEU J 67 16.21 20.12 22.45
N ASN J 68 16.33 21.21 21.70
CA ASN J 68 17.66 21.73 21.40
C ASN J 68 17.87 23.24 21.64
N ARG J 69 16.79 23.95 21.94
CA ARG J 69 16.81 25.42 21.99
C ARG J 69 16.06 25.98 23.22
N ASN J 70 16.83 26.56 24.14
CA ASN J 70 16.19 27.27 25.23
C ASN J 70 15.38 28.41 24.61
N PRO J 71 14.30 28.83 25.26
CA PRO J 71 13.46 29.93 24.74
C PRO J 71 14.28 31.21 24.76
N ASP J 72 13.71 32.28 24.20
CA ASP J 72 14.39 33.57 24.17
C ASP J 72 14.06 34.41 25.39
N ASN J 73 12.77 34.46 25.70
CA ASN J 73 12.32 35.21 26.88
C ASN J 73 11.39 34.31 27.70
N PHE J 74 11.69 34.17 28.99
CA PHE J 74 10.96 33.19 29.80
C PHE J 74 9.46 33.47 29.85
N PHE J 75 9.12 34.68 30.26
CA PHE J 75 7.71 35.10 30.27
C PHE J 75 7.00 34.96 28.92
N ALA J 76 7.57 35.56 27.88
CA ALA J 76 6.88 35.63 26.61
C ALA J 76 6.58 34.26 25.99
N GLU J 77 7.37 33.25 26.35
CA GLU J 77 7.42 31.98 25.60
C GLU J 77 7.09 30.82 26.51
N ASN J 78 7.63 30.86 27.73
CA ASN J 78 7.34 29.84 28.71
C ASN J 78 6.00 30.15 29.35
N GLU J 79 5.99 31.22 30.18
CA GLU J 79 4.80 31.61 30.96
C GLU J 79 3.58 31.64 30.03
N GLN J 80 3.61 32.45 28.98
CA GLN J 80 2.42 32.55 28.14
C GLN J 80 1.99 31.31 27.35
N ALA J 81 2.82 30.27 27.33
CA ALA J 81 2.46 29.07 26.56
C ALA J 81 1.06 28.57 26.98
N ALA J 82 0.34 27.96 26.06
CA ALA J 82 -0.95 27.38 26.47
C ALA J 82 -1.10 25.93 26.00
N PHE J 83 -0.98 24.97 26.90
CA PHE J 83 -1.17 23.59 26.50
C PHE J 83 -2.56 23.07 26.83
N HIS J 84 -3.23 22.37 25.92
CA HIS J 84 -4.56 21.85 26.27
C HIS J 84 -4.87 20.56 25.50
N PRO J 85 -5.13 19.46 26.23
CA PRO J 85 -5.33 18.14 25.61
C PRO J 85 -6.54 18.05 24.68
N GLY J 86 -7.44 19.02 24.71
CA GLY J 86 -8.56 19.00 23.77
C GLY J 86 -8.02 19.39 22.42
N HIS J 87 -6.74 19.79 22.46
CA HIS J 87 -6.00 20.24 21.29
C HIS J 87 -5.40 19.00 20.59
N ILE J 88 -6.30 18.27 19.95
CA ILE J 88 -5.92 17.16 19.07
C ILE J 88 -6.20 17.46 17.60
N VAL J 89 -5.84 16.52 16.73
CA VAL J 89 -5.79 16.69 15.28
C VAL J 89 -6.47 15.46 14.67
N PRO J 90 -6.88 15.52 13.40
CA PRO J 90 -7.52 14.36 12.78
C PRO J 90 -6.56 13.15 12.86
N GLY J 91 -7.09 11.97 13.20
CA GLY J 91 -6.26 10.79 13.41
C GLY J 91 -6.17 10.39 14.88
N LEU J 92 -6.29 11.40 15.74
CA LEU J 92 -6.48 11.16 17.16
C LEU J 92 -7.94 11.40 17.54
N ASP J 93 -8.33 10.87 18.70
CA ASP J 93 -9.65 11.08 19.27
C ASP J 93 -9.66 10.66 20.74
N PHE J 94 -10.68 11.10 21.48
CA PHE J 94 -10.72 10.78 22.91
C PHE J 94 -11.62 9.58 23.19
N THR J 95 -11.67 9.24 24.45
CA THR J 95 -12.57 8.22 24.90
C THR J 95 -13.36 8.85 26.04
N ASN J 96 -14.35 8.13 26.52
CA ASN J 96 -15.14 8.49 27.70
C ASN J 96 -14.45 8.43 29.07
N ASP J 97 -13.12 8.32 29.10
CA ASP J 97 -12.40 8.48 30.39
C ASP J 97 -12.92 9.78 31.05
N PRO J 98 -13.62 9.66 32.19
CA PRO J 98 -14.32 10.80 32.79
C PRO J 98 -13.39 11.82 33.42
N LEU J 99 -12.14 11.46 33.70
CA LEU J 99 -11.13 12.46 34.03
C LEU J 99 -10.81 13.32 32.80
N LEU J 100 -10.39 12.67 31.71
CA LEU J 100 -10.09 13.36 30.44
C LEU J 100 -11.29 14.21 29.92
N GLN J 101 -12.52 13.69 30.03
CA GLN J 101 -13.65 14.47 29.52
C GLN J 101 -13.65 15.86 30.20
N GLY J 102 -13.88 15.91 31.51
CA GLY J 102 -13.83 17.19 32.19
C GLY J 102 -12.61 18.05 31.82
N ARG J 103 -11.42 17.44 31.89
CA ARG J 103 -10.23 18.14 31.44
C ARG J 103 -10.48 18.96 30.18
N LEU J 104 -11.33 18.41 29.29
CA LEU J 104 -11.44 19.00 27.97
C LEU J 104 -12.10 20.33 28.06
N PHE J 105 -12.80 20.60 29.15
CA PHE J 105 -13.56 21.86 29.29
C PHE J 105 -12.66 22.94 29.83
N SER J 106 -11.88 22.54 30.84
CA SER J 106 -11.04 23.44 31.61
C SER J 106 -9.87 24.11 30.83
N TYR J 107 -9.14 23.36 30.01
CA TYR J 107 -7.96 23.96 29.39
C TYR J 107 -8.35 25.13 28.47
N THR J 108 -9.57 25.11 28.00
CA THR J 108 -10.01 26.20 27.14
C THR J 108 -10.35 27.44 27.98
N ASP J 109 -11.44 27.28 28.74
CA ASP J 109 -11.89 28.20 29.79
C ASP J 109 -10.80 29.00 30.52
N THR J 110 -9.77 28.33 31.00
CA THR J 110 -8.82 29.01 31.86
C THR J 110 -7.98 30.01 31.14
N GLN J 111 -7.63 29.75 29.90
CA GLN J 111 -6.89 30.75 29.16
C GLN J 111 -7.59 32.10 29.18
N ILE J 112 -8.92 32.07 29.20
CA ILE J 112 -9.68 33.31 29.04
C ILE J 112 -9.22 34.39 30.00
N SER J 113 -9.03 34.04 31.28
CA SER J 113 -8.54 35.02 32.26
C SER J 113 -7.01 35.06 32.30
N ARG J 114 -6.34 33.91 32.38
CA ARG J 114 -4.85 33.85 32.38
C ARG J 114 -4.11 34.62 31.27
N LEU J 115 -4.62 34.53 30.03
CA LEU J 115 -3.97 35.15 28.87
C LEU J 115 -4.80 36.27 28.33
N GLY J 116 -5.98 36.42 28.95
CA GLY J 116 -6.66 37.68 28.99
C GLY J 116 -7.55 37.89 27.82
N GLY J 117 -8.17 36.81 27.35
CA GLY J 117 -9.07 36.87 26.19
C GLY J 117 -8.98 35.69 25.18
N PRO J 118 -9.90 35.64 24.24
CA PRO J 118 -10.03 34.49 23.35
C PRO J 118 -9.16 34.63 22.10
N ASN J 119 -8.06 35.41 22.20
CA ASN J 119 -7.12 35.59 21.08
C ASN J 119 -5.70 35.14 21.47
N PHE J 120 -5.65 34.10 22.31
CA PHE J 120 -4.37 33.72 22.96
C PHE J 120 -3.64 32.88 21.93
N HIS J 121 -4.36 32.52 20.87
CA HIS J 121 -3.70 31.70 19.88
C HIS J 121 -2.80 32.61 19.05
N GLU J 122 -3.14 33.89 18.97
CA GLU J 122 -2.30 34.85 18.27
C GLU J 122 -0.98 35.22 18.99
N ILE J 123 -0.82 34.81 20.25
CA ILE J 123 0.50 34.95 20.86
C ILE J 123 1.45 34.05 20.07
N PRO J 124 2.67 34.50 19.77
CA PRO J 124 3.63 33.70 18.98
C PRO J 124 3.71 32.21 19.41
N ILE J 125 4.18 32.00 20.61
CA ILE J 125 4.38 30.64 21.02
C ILE J 125 3.14 29.72 20.80
N ASN J 126 1.91 30.19 20.94
CA ASN J 126 0.82 29.20 20.68
C ASN J 126 0.23 29.27 19.26
N ARG J 127 0.78 30.18 18.44
CA ARG J 127 0.31 30.34 17.06
C ARG J 127 0.61 29.09 16.23
N PRO J 128 -0.40 28.52 15.58
CA PRO J 128 -0.20 27.44 14.58
C PRO J 128 0.79 27.83 13.47
N THR J 129 1.72 26.93 13.13
CA THR J 129 2.59 27.16 11.96
C THR J 129 1.92 26.81 10.65
N CYS J 130 0.85 25.98 10.64
CA CYS J 130 0.06 25.81 9.41
C CYS J 130 -0.90 26.98 9.19
N PRO J 131 -1.78 26.90 8.19
CA PRO J 131 -2.82 27.93 7.97
C PRO J 131 -4.09 27.77 8.86
N TYR J 132 -4.52 28.84 9.55
CA TYR J 132 -5.84 28.82 10.22
C TYR J 132 -6.74 29.96 9.74
N HIS J 133 -8.01 29.66 9.56
CA HIS J 133 -8.94 30.60 8.97
C HIS J 133 -10.32 30.11 9.33
N ASN J 134 -11.17 31.08 9.73
CA ASN J 134 -12.51 30.87 10.28
C ASN J 134 -13.19 32.23 10.37
N PHE J 135 -14.45 32.20 10.76
CA PHE J 135 -15.28 33.39 10.81
C PHE J 135 -15.42 33.94 12.25
N GLN J 136 -14.47 33.61 13.13
CA GLN J 136 -14.48 34.24 14.47
C GLN J 136 -13.93 35.66 14.37
N ARG J 137 -14.55 36.62 15.04
CA ARG J 137 -13.98 37.98 15.00
C ARG J 137 -13.68 38.65 16.32
N ASP J 138 -12.96 39.75 16.26
CA ASP J 138 -12.82 40.60 17.43
C ASP J 138 -12.29 39.80 18.60
N GLY J 139 -12.62 40.26 19.81
CA GLY J 139 -12.11 39.66 21.02
C GLY J 139 -10.93 40.50 21.42
N MET J 140 -10.59 40.53 22.69
CA MET J 140 -9.58 41.49 23.15
C MET J 140 -8.29 41.15 22.45
N HIS J 141 -7.54 42.20 22.17
CA HIS J 141 -6.18 42.09 21.61
C HIS J 141 -6.11 41.34 20.28
N ARG J 142 -7.04 41.66 19.40
CA ARG J 142 -7.11 40.98 18.10
C ARG J 142 -6.02 41.51 17.21
N MET J 143 -5.30 40.59 16.58
CA MET J 143 -4.10 40.95 15.84
C MET J 143 -4.37 40.71 14.37
N GLY J 144 -4.81 39.51 14.04
CA GLY J 144 -5.30 39.24 12.71
C GLY J 144 -6.26 40.33 12.23
N ILE J 145 -5.92 41.02 11.14
CA ILE J 145 -6.84 42.02 10.58
C ILE J 145 -7.65 41.44 9.42
N ASP J 146 -8.79 40.84 9.71
CA ASP J 146 -9.51 40.11 8.66
C ASP J 146 -9.85 40.97 7.44
N THR J 147 -9.73 40.40 6.24
CA THR J 147 -10.24 41.12 5.06
C THR J 147 -11.52 40.48 4.47
N ASN J 148 -11.85 39.27 4.91
CA ASN J 148 -12.98 38.57 4.34
C ASN J 148 -14.28 39.38 4.39
N PRO J 149 -14.90 39.61 3.24
CA PRO J 149 -16.21 40.29 3.21
C PRO J 149 -17.20 39.68 4.18
N ALA J 150 -17.10 38.38 4.46
CA ALA J 150 -18.10 37.69 5.30
C ALA J 150 -17.48 37.34 6.64
N ASN J 151 -18.32 37.28 7.67
CA ASN J 151 -17.84 36.77 8.94
C ASN J 151 -18.81 35.71 9.36
N TYR J 152 -19.50 35.17 8.37
CA TYR J 152 -20.46 34.13 8.63
C TYR J 152 -20.33 33.03 7.56
N GLU J 153 -21.22 32.03 7.63
CA GLU J 153 -21.25 30.91 6.70
C GLU J 153 -22.37 30.00 7.15
N PRO J 154 -23.18 29.57 6.19
CA PRO J 154 -22.83 29.73 4.77
C PRO J 154 -22.96 31.18 4.34
N ASN J 155 -22.04 31.65 3.52
CA ASN J 155 -22.11 32.99 2.96
C ASN J 155 -21.87 32.94 1.44
N SER J 156 -22.68 33.70 0.68
CA SER J 156 -22.49 33.71 -0.77
C SER J 156 -21.51 34.82 -1.18
N ILE J 157 -21.52 35.93 -0.45
CA ILE J 157 -20.77 37.12 -0.82
C ILE J 157 -19.25 36.95 -0.90
N ASN J 158 -18.73 35.84 -0.37
CA ASN J 158 -17.33 35.41 -0.59
C ASN J 158 -17.28 33.90 -0.93
N ASP J 159 -18.31 33.46 -1.63
CA ASP J 159 -18.30 32.16 -2.26
C ASP J 159 -18.21 31.12 -1.17
N ASN J 160 -18.67 31.50 0.01
CA ASN J 160 -18.64 30.59 1.15
C ASN J 160 -17.22 30.23 1.65
N TRP J 161 -16.18 30.95 1.23
CA TRP J 161 -14.82 30.70 1.79
C TRP J 161 -14.54 31.50 3.09
N PRO J 162 -13.74 30.96 4.00
CA PRO J 162 -13.19 29.60 3.89
C PRO J 162 -14.30 28.54 3.92
N ARG J 163 -14.12 27.43 3.18
CA ARG J 163 -15.07 26.30 3.18
C ARG J 163 -14.66 25.26 4.19
N GLU J 164 -15.61 24.51 4.71
CA GLU J 164 -15.32 23.29 5.45
C GLU J 164 -14.56 22.33 4.53
N THR J 165 -14.05 21.21 5.06
CA THR J 165 -13.38 20.14 4.29
C THR J 165 -13.75 18.72 4.79
N PRO J 166 -14.25 17.80 3.94
CA PRO J 166 -14.83 16.53 4.43
C PRO J 166 -13.71 15.64 4.94
N PRO J 167 -14.06 14.61 5.71
CA PRO J 167 -13.04 13.76 6.34
C PRO J 167 -12.35 12.89 5.27
N GLY J 168 -11.02 12.77 5.35
CA GLY J 168 -10.23 12.07 4.33
C GLY J 168 -8.87 11.60 4.83
N PRO J 169 -8.24 10.71 4.05
CA PRO J 169 -6.99 10.04 4.44
C PRO J 169 -5.87 11.03 4.82
N LYS J 170 -5.85 12.19 4.17
CA LYS J 170 -4.82 13.20 4.45
C LYS J 170 -5.37 14.59 4.09
N ARG J 171 -5.05 15.60 4.93
CA ARG J 171 -5.58 16.95 4.74
C ARG J 171 -7.12 17.01 4.89
N GLY J 172 -7.65 16.10 5.71
CA GLY J 172 -9.11 15.95 5.90
C GLY J 172 -9.62 16.86 7.03
N GLY J 173 -10.93 17.13 7.02
CA GLY J 173 -11.58 17.77 8.15
C GLY J 173 -11.59 16.83 9.34
N PHE J 174 -12.01 17.33 10.50
CA PHE J 174 -12.04 16.48 11.67
C PHE J 174 -13.48 16.03 11.85
N GLU J 175 -13.63 14.72 11.99
CA GLU J 175 -14.90 14.05 12.31
C GLU J 175 -14.64 13.11 13.53
N SER J 176 -15.61 13.01 14.43
CA SER J 176 -15.37 12.20 15.60
C SER J 176 -15.72 10.77 15.27
N TYR J 177 -14.96 9.85 15.85
CA TYR J 177 -15.25 8.45 15.76
C TYR J 177 -16.64 8.16 16.27
N GLN J 178 -17.48 7.58 15.40
CA GLN J 178 -18.87 7.33 15.72
C GLN J 178 -19.15 6.30 16.81
N GLU J 179 -18.48 6.40 17.94
CA GLU J 179 -18.74 5.49 19.09
C GLU J 179 -20.22 5.38 19.46
N ARG J 180 -20.72 4.16 19.67
CA ARG J 180 -22.11 4.03 20.04
C ARG J 180 -22.28 4.33 21.54
N VAL J 181 -23.24 5.20 21.87
CA VAL J 181 -23.53 5.58 23.26
C VAL J 181 -24.90 5.01 23.66
N GLU J 182 -24.93 4.30 24.79
CA GLU J 182 -26.18 3.78 25.31
C GLU J 182 -26.13 3.92 26.82
N GLY J 183 -27.21 4.45 27.39
CA GLY J 183 -27.35 4.58 28.82
C GLY J 183 -28.21 5.77 29.20
N ASN J 184 -28.63 5.78 30.46
CA ASN J 184 -29.45 6.86 31.03
C ASN J 184 -28.60 8.06 31.45
N LYS J 185 -29.24 9.22 31.54
CA LYS J 185 -28.51 10.41 31.98
C LYS J 185 -28.29 10.35 33.50
N VAL J 186 -27.06 10.14 33.94
CA VAL J 186 -26.83 9.84 35.34
C VAL J 186 -25.51 10.36 35.83
N ARG J 187 -25.48 10.75 37.11
CA ARG J 187 -24.24 11.12 37.78
C ARG J 187 -23.94 9.88 38.58
N GLU J 188 -23.02 9.06 38.09
CA GLU J 188 -22.72 7.77 38.72
C GLU J 188 -21.27 7.33 38.41
N ARG J 189 -20.56 6.84 39.42
CA ARG J 189 -19.24 6.28 39.13
C ARG J 189 -19.49 4.90 38.54
N SER J 190 -18.76 4.54 37.48
CA SER J 190 -18.92 3.20 36.91
C SER J 190 -18.38 2.17 37.88
N PRO J 191 -19.16 1.12 38.15
CA PRO J 191 -18.74 0.09 39.11
C PRO J 191 -17.39 -0.52 38.73
N SER J 192 -17.10 -0.60 37.42
CA SER J 192 -15.81 -1.13 36.96
C SER J 192 -14.65 -0.34 37.50
N PHE J 193 -14.94 0.82 38.10
CA PHE J 193 -13.92 1.71 38.70
C PHE J 193 -13.73 1.49 40.20
N GLY J 194 -14.52 0.61 40.79
CA GLY J 194 -14.58 0.50 42.23
C GLY J 194 -13.44 -0.17 43.00
N GLU J 195 -12.41 -0.64 42.32
CA GLU J 195 -11.31 -1.36 42.99
C GLU J 195 -10.04 -0.52 43.15
N TYR J 196 -9.70 -0.19 44.39
CA TYR J 196 -8.62 0.78 44.66
C TYR J 196 -7.25 0.26 45.16
N TYR J 197 -7.09 -1.03 45.36
CA TYR J 197 -5.93 -1.51 46.12
C TYR J 197 -4.89 -2.34 45.37
N SER J 198 -5.33 -3.11 44.39
CA SER J 198 -4.45 -4.08 43.77
C SER J 198 -3.48 -3.41 42.83
N HIS J 199 -3.81 -2.24 42.31
CA HIS J 199 -2.80 -1.55 41.51
C HIS J 199 -1.69 -0.97 42.38
N PRO J 200 -2.06 -0.36 43.51
CA PRO J 200 -1.08 0.03 44.50
C PRO J 200 -0.22 -1.17 44.91
N ARG J 201 -0.87 -2.32 45.19
CA ARG J 201 -0.19 -3.54 45.66
C ARG J 201 0.78 -4.09 44.63
N LEU J 202 0.30 -4.27 43.41
CA LEU J 202 1.15 -4.62 42.27
C LEU J 202 2.39 -3.73 42.23
N PHE J 203 2.21 -2.41 42.37
CA PHE J 203 3.32 -1.45 42.39
C PHE J 203 4.35 -1.66 43.54
N TRP J 204 3.88 -1.63 44.77
CA TRP J 204 4.73 -1.94 45.91
C TRP J 204 5.50 -3.25 45.71
N LEU J 205 4.78 -4.30 45.30
CA LEU J 205 5.38 -5.63 45.15
C LEU J 205 6.53 -5.68 44.16
N SER J 206 6.59 -4.73 43.25
CA SER J 206 7.64 -4.78 42.25
C SER J 206 8.74 -3.78 42.56
N GLN J 207 8.89 -3.45 43.85
CA GLN J 207 9.89 -2.50 44.32
C GLN J 207 11.03 -3.19 45.05
N THR J 208 12.27 -2.84 44.73
CA THR J 208 13.43 -3.48 45.38
C THR J 208 13.43 -3.18 46.88
N PRO J 209 13.74 -4.18 47.71
CA PRO J 209 13.67 -3.95 49.16
C PRO J 209 14.12 -2.54 49.54
N PHE J 210 15.12 -1.98 48.86
CA PHE J 210 15.52 -0.63 49.26
C PHE J 210 14.59 0.50 48.71
N GLU J 211 14.01 0.27 47.53
CA GLU J 211 12.97 1.18 47.02
C GLU J 211 11.78 1.20 47.95
N GLN J 212 11.48 0.04 48.53
CA GLN J 212 10.37 -0.06 49.47
C GLN J 212 10.64 0.73 50.76
N ARG J 213 11.89 0.70 51.25
CA ARG J 213 12.23 1.46 52.47
C ARG J 213 11.93 2.97 52.25
N HIS J 214 12.31 3.44 51.07
CA HIS J 214 12.08 4.82 50.67
C HIS J 214 10.60 5.21 50.67
N ILE J 215 9.74 4.33 50.17
CA ILE J 215 8.30 4.59 50.22
C ILE J 215 7.82 4.69 51.67
N VAL J 216 8.22 3.71 52.48
CA VAL J 216 7.96 3.77 53.92
C VAL J 216 8.47 5.07 54.51
N ASP J 217 9.58 5.58 53.99
CA ASP J 217 10.11 6.84 54.51
C ASP J 217 9.29 8.04 54.03
N GLY J 218 8.85 7.98 52.77
CA GLY J 218 7.96 9.03 52.28
C GLY J 218 6.67 9.12 53.11
N PHE J 219 6.00 7.98 53.28
CA PHE J 219 4.74 7.94 54.02
C PHE J 219 4.95 8.36 55.45
N SER J 220 6.09 8.02 56.03
CA SER J 220 6.31 8.26 57.44
C SER J 220 6.58 9.73 57.68
N PHE J 221 7.42 10.30 56.84
CA PHE J 221 7.77 11.71 56.95
C PHE J 221 6.51 12.54 56.74
N GLU J 222 5.77 12.24 55.67
CA GLU J 222 4.61 13.09 55.34
C GLU J 222 3.54 13.05 56.44
N LEU J 223 3.10 11.85 56.80
CA LEU J 223 2.12 11.72 57.85
C LEU J 223 2.61 12.25 59.21
N SER J 224 3.93 12.31 59.38
CA SER J 224 4.48 12.82 60.62
C SER J 224 4.20 14.31 60.73
N LYS J 225 3.94 14.97 59.62
CA LYS J 225 3.73 16.41 59.64
C LYS J 225 2.24 16.75 59.69
N VAL J 226 1.43 15.70 59.70
CA VAL J 226 -0.02 15.83 59.83
C VAL J 226 -0.38 16.10 61.30
N VAL J 227 -1.10 17.17 61.57
CA VAL J 227 -1.28 17.55 62.96
C VAL J 227 -2.34 16.70 63.64
N ARG J 228 -3.45 16.48 62.97
CA ARG J 228 -4.56 15.71 63.55
C ARG J 228 -4.23 14.19 63.56
N PRO J 229 -4.10 13.57 64.75
CA PRO J 229 -3.61 12.19 64.85
C PRO J 229 -4.48 11.11 64.15
N TYR J 230 -5.80 11.24 64.27
CA TYR J 230 -6.74 10.30 63.64
C TYR J 230 -6.64 10.20 62.10
N ILE J 231 -6.27 11.30 61.44
CA ILE J 231 -5.93 11.25 60.01
C ILE J 231 -4.72 10.34 59.77
N ARG J 232 -3.70 10.46 60.63
CA ARG J 232 -2.58 9.58 60.53
C ARG J 232 -3.08 8.13 60.54
N GLU J 233 -3.84 7.77 61.57
CA GLU J 233 -4.25 6.37 61.72
C GLU J 233 -5.19 5.86 60.63
N ARG J 234 -5.99 6.73 60.04
CA ARG J 234 -6.87 6.30 58.95
C ARG J 234 -6.11 6.01 57.67
N VAL J 235 -5.04 6.77 57.43
CA VAL J 235 -4.23 6.58 56.24
C VAL J 235 -3.46 5.30 56.36
N VAL J 236 -2.78 5.11 57.49
CA VAL J 236 -2.14 3.84 57.81
C VAL J 236 -3.09 2.67 57.60
N ASP J 237 -4.33 2.88 58.02
CA ASP J 237 -5.37 1.90 57.86
C ASP J 237 -5.60 1.51 56.41
N GLN J 238 -5.69 2.52 55.56
CA GLN J 238 -5.83 2.31 54.14
C GLN J 238 -4.60 1.57 53.66
N LEU J 239 -3.43 1.98 54.11
CA LEU J 239 -2.18 1.32 53.71
C LEU J 239 -2.32 -0.17 53.96
N ALA J 240 -2.97 -0.56 55.06
CA ALA J 240 -3.09 -1.97 55.38
C ALA J 240 -3.76 -2.72 54.24
N HIS J 241 -4.84 -2.18 53.70
CA HIS J 241 -5.53 -2.85 52.60
C HIS J 241 -4.60 -3.02 51.39
N ILE J 242 -3.36 -2.56 51.50
CA ILE J 242 -2.44 -2.63 50.37
C ILE J 242 -1.34 -3.66 50.59
N ASP J 243 -0.89 -3.77 51.82
CA ASP J 243 0.18 -4.68 52.16
C ASP J 243 0.49 -4.51 53.63
N LEU J 244 0.41 -5.59 54.38
CA LEU J 244 0.61 -5.49 55.83
C LEU J 244 1.98 -4.96 56.27
N THR J 245 3.05 -5.40 55.61
CA THR J 245 4.40 -4.92 55.95
C THR J 245 4.39 -3.42 55.87
N LEU J 246 3.98 -2.89 54.72
CA LEU J 246 4.08 -1.47 54.46
C LEU J 246 3.35 -0.70 55.52
N ALA J 247 2.11 -1.09 55.77
CA ALA J 247 1.32 -0.51 56.85
C ALA J 247 2.12 -0.49 58.14
N GLN J 248 2.55 -1.65 58.59
CA GLN J 248 3.22 -1.79 59.87
C GLN J 248 4.50 -0.97 60.04
N ALA J 249 5.35 -1.01 59.01
CA ALA J 249 6.61 -0.29 59.07
C ALA J 249 6.26 1.13 59.45
N VAL J 250 5.41 1.74 58.62
CA VAL J 250 4.98 3.12 58.74
C VAL J 250 4.36 3.34 60.12
N ALA J 251 3.40 2.46 60.45
CA ALA J 251 2.73 2.50 61.74
C ALA J 251 3.73 2.60 62.89
N LYS J 252 4.77 1.78 62.83
CA LYS J 252 5.80 1.78 63.85
C LYS J 252 6.47 3.16 63.96
N ASN J 253 6.69 3.81 62.81
CA ASN J 253 7.37 5.11 62.77
C ASN J 253 6.53 6.26 63.35
N LEU J 254 5.22 6.12 63.34
CA LEU J 254 4.34 7.12 63.93
C LEU J 254 3.79 6.66 65.26
N GLY J 255 4.17 5.44 65.67
CA GLY J 255 3.78 4.87 66.95
C GLY J 255 2.35 4.39 67.11
N ILE J 256 1.92 3.40 66.34
CA ILE J 256 0.62 2.71 66.53
C ILE J 256 0.70 1.16 66.53
N SER K 1 -30.82 62.83 50.12
CA SER K 1 -31.70 62.83 51.33
C SER K 1 -30.94 62.62 52.66
N GLU K 2 -29.62 62.41 52.59
CA GLU K 2 -28.86 62.23 53.84
C GLU K 2 -27.51 62.98 54.11
N ASN K 3 -27.16 64.06 53.43
CA ASN K 3 -26.00 64.92 53.88
C ASN K 3 -24.70 64.30 54.45
N TYR K 4 -23.87 63.75 53.57
CA TYR K 4 -22.54 63.29 53.95
C TYR K 4 -21.45 64.17 53.33
N ALA K 5 -20.26 64.16 53.91
CA ALA K 5 -19.12 64.80 53.27
C ALA K 5 -18.64 64.09 52.00
N LEU K 6 -18.15 64.91 51.06
CA LEU K 6 -17.49 64.45 49.83
C LEU K 6 -16.06 63.97 50.12
N THR K 7 -15.74 62.73 49.70
CA THR K 7 -14.49 62.07 50.08
C THR K 7 -13.87 61.24 48.95
N THR K 8 -12.61 60.83 49.17
CA THR K 8 -11.97 59.85 48.29
C THR K 8 -12.59 58.53 48.64
N ASN K 9 -12.45 57.56 47.74
CA ASN K 9 -12.89 56.22 48.04
C ASN K 9 -12.23 55.65 49.29
N GLN K 10 -11.26 56.35 49.86
CA GLN K 10 -10.59 55.87 51.06
C GLN K 10 -11.13 56.65 52.26
N GLY K 11 -12.20 57.42 52.01
CA GLY K 11 -12.92 58.12 53.05
C GLY K 11 -12.24 59.37 53.54
N VAL K 12 -11.40 59.96 52.71
CA VAL K 12 -10.71 61.17 53.08
C VAL K 12 -11.53 62.35 52.57
N ARG K 13 -11.87 63.29 53.46
CA ARG K 13 -12.77 64.38 53.10
C ARG K 13 -12.06 65.31 52.15
N ILE K 14 -12.73 65.75 51.10
CA ILE K 14 -12.14 66.71 50.15
C ILE K 14 -12.50 68.20 50.44
N ALA K 15 -11.52 69.09 50.33
CA ALA K 15 -11.76 70.50 50.61
C ALA K 15 -12.17 71.23 49.35
N ASP K 16 -11.41 71.01 48.29
CA ASP K 16 -11.66 71.68 47.02
C ASP K 16 -11.78 70.66 45.90
N ASP K 17 -13.00 70.38 45.47
CA ASP K 17 -13.19 69.47 44.37
C ASP K 17 -13.35 70.27 43.09
N GLN K 18 -12.70 71.43 43.03
CA GLN K 18 -12.78 72.20 41.77
C GLN K 18 -11.44 72.35 41.05
N ASN K 19 -10.31 72.09 41.70
CA ASN K 19 -8.99 72.26 41.06
C ASN K 19 -7.94 71.15 41.25
N SER K 20 -7.06 71.00 40.28
CA SER K 20 -5.90 70.09 40.43
C SER K 20 -4.90 70.75 41.33
N LEU K 21 -4.04 69.97 41.97
CA LEU K 21 -2.98 70.57 42.76
C LEU K 21 -1.94 71.00 41.74
N ARG K 22 -1.55 72.28 41.77
CA ARG K 22 -0.49 72.77 40.90
C ARG K 22 0.55 73.60 41.65
N ALA K 23 1.66 73.88 41.01
CA ALA K 23 2.71 74.69 41.57
C ALA K 23 2.49 76.16 41.19
N GLY K 24 1.78 76.91 42.04
CA GLY K 24 1.26 78.21 41.68
C GLY K 24 0.08 78.10 40.74
N SER K 25 -0.88 79.01 40.86
CA SER K 25 -2.22 78.86 40.25
C SER K 25 -2.20 78.76 38.73
N ARG K 26 -1.04 78.98 38.16
CA ARG K 26 -0.94 79.04 36.74
C ARG K 26 -0.04 77.90 36.25
N GLY K 27 0.51 77.21 37.26
CA GLY K 27 1.59 76.26 37.12
C GLY K 27 1.13 74.96 36.54
N PRO K 28 2.04 73.98 36.57
CA PRO K 28 1.83 72.60 36.09
C PRO K 28 1.29 71.65 37.19
N THR K 29 0.54 70.66 36.77
CA THR K 29 -0.14 69.80 37.73
C THR K 29 0.80 68.78 38.37
N LEU K 30 0.77 68.73 39.71
CA LEU K 30 1.64 67.82 40.44
C LEU K 30 1.17 66.35 40.47
N LEU K 31 2.12 65.43 40.47
CA LEU K 31 1.77 64.01 40.41
C LEU K 31 1.20 63.59 41.76
N GLU K 32 1.60 64.33 42.80
CA GLU K 32 1.14 64.05 44.15
C GLU K 32 -0.32 64.40 44.37
N ASP K 33 -1.04 64.79 43.31
CA ASP K 33 -2.45 65.01 43.52
C ASP K 33 -3.20 63.70 43.50
N PHE K 34 -3.21 63.02 44.65
CA PHE K 34 -3.84 61.73 44.74
C PHE K 34 -5.34 61.72 44.66
N ILE K 35 -5.96 62.80 45.12
CA ILE K 35 -7.40 63.00 44.95
C ILE K 35 -7.76 63.11 43.49
N LEU K 36 -6.96 63.83 42.69
CA LEU K 36 -7.24 63.93 41.27
C LEU K 36 -7.18 62.56 40.59
N ARG K 37 -6.02 61.95 40.65
CA ARG K 37 -5.86 60.67 39.96
C ARG K 37 -6.93 59.68 40.40
N GLU K 38 -7.15 59.56 41.71
CA GLU K 38 -8.22 58.66 42.14
C GLU K 38 -9.48 59.06 41.38
N LYS K 39 -9.87 60.34 41.49
CA LYS K 39 -11.03 60.77 40.73
C LYS K 39 -11.00 60.36 39.24
N ILE K 40 -9.88 60.61 38.56
CA ILE K 40 -9.77 60.34 37.11
C ILE K 40 -9.66 58.86 36.79
N THR K 41 -8.86 58.13 37.56
CA THR K 41 -8.75 56.70 37.39
C THR K 41 -10.13 56.08 37.45
N HIS K 42 -10.92 56.44 38.45
CA HIS K 42 -12.22 55.82 38.47
C HIS K 42 -12.90 56.14 37.18
N PHE K 43 -12.91 57.41 36.82
CA PHE K 43 -13.67 57.79 35.65
C PHE K 43 -13.17 56.97 34.44
N ASP K 44 -11.84 56.80 34.39
CA ASP K 44 -11.12 56.19 33.27
C ASP K 44 -11.52 54.78 33.05
N HIS K 45 -11.88 54.06 34.11
CA HIS K 45 -12.25 52.67 33.96
C HIS K 45 -13.71 52.39 34.22
N GLU K 46 -14.57 53.35 33.94
CA GLU K 46 -15.97 53.15 34.25
C GLU K 46 -16.57 51.99 33.48
N ARG K 47 -16.31 51.93 32.18
CA ARG K 47 -17.12 51.14 31.28
C ARG K 47 -16.73 49.67 31.32
N ILE K 48 -17.68 48.77 31.09
CA ILE K 48 -17.36 47.34 31.00
C ILE K 48 -17.93 46.77 29.69
N PRO K 49 -17.43 45.63 29.23
CA PRO K 49 -17.88 45.10 27.96
C PRO K 49 -19.36 45.03 28.04
N GLU K 50 -20.05 45.33 26.93
CA GLU K 50 -21.50 45.16 26.84
C GLU K 50 -21.84 43.72 26.44
N ARG K 51 -23.09 43.31 26.65
CA ARG K 51 -23.52 41.97 26.24
C ARG K 51 -23.26 41.80 24.75
N ILE K 52 -22.92 40.58 24.34
CA ILE K 52 -22.55 40.28 22.95
C ILE K 52 -23.79 40.40 22.06
N VAL K 53 -24.91 39.94 22.60
CA VAL K 53 -26.24 40.33 22.09
C VAL K 53 -27.19 40.90 23.17
N HIS K 54 -28.38 41.31 22.76
CA HIS K 54 -29.24 42.03 23.69
C HIS K 54 -28.45 43.02 24.52
N ALA K 55 -27.55 43.79 23.93
CA ALA K 55 -26.83 44.84 24.67
C ALA K 55 -27.72 45.99 25.11
N ARG K 56 -28.90 46.09 24.49
CA ARG K 56 -29.80 47.19 24.72
C ARG K 56 -30.96 46.74 25.60
N GLY K 57 -31.01 47.16 26.85
CA GLY K 57 -32.01 46.64 27.78
C GLY K 57 -32.58 47.59 28.80
N SER K 58 -33.75 47.25 29.31
CA SER K 58 -34.39 48.02 30.37
C SER K 58 -34.98 47.04 31.35
N ALA K 59 -34.78 47.29 32.63
CA ALA K 59 -35.19 46.29 33.61
C ALA K 59 -35.99 46.91 34.78
N ALA K 60 -36.62 46.06 35.58
CA ALA K 60 -37.29 46.51 36.79
C ALA K 60 -37.46 45.35 37.82
N HIS K 61 -37.62 45.68 39.10
CA HIS K 61 -37.82 44.67 40.11
C HIS K 61 -39.27 44.37 40.23
N GLY K 62 -39.59 43.22 40.79
CA GLY K 62 -40.98 42.91 41.03
C GLY K 62 -41.10 41.62 41.79
N TYR K 63 -42.29 41.05 41.77
CA TYR K 63 -42.53 39.78 42.42
C TYR K 63 -43.43 38.86 41.54
N PHE K 64 -43.48 37.60 41.92
CA PHE K 64 -44.32 36.61 41.25
C PHE K 64 -44.93 35.64 42.26
N GLN K 65 -46.09 35.09 41.93
CA GLN K 65 -46.71 34.07 42.77
C GLN K 65 -47.60 33.23 41.91
N PRO K 66 -47.69 31.95 42.20
CA PRO K 66 -48.48 31.02 41.39
C PRO K 66 -49.93 30.99 41.84
N TYR K 67 -50.82 30.53 40.98
CA TYR K 67 -52.23 30.58 41.24
C TYR K 67 -52.67 29.45 42.15
N LYS K 68 -51.93 28.35 42.11
CA LYS K 68 -52.22 27.16 42.91
C LYS K 68 -50.99 26.22 42.99
N SER K 69 -50.90 25.34 43.97
CA SER K 69 -49.73 24.47 43.95
C SER K 69 -49.66 23.69 42.65
N LEU K 70 -48.48 23.64 42.03
CA LEU K 70 -48.26 22.81 40.84
C LEU K 70 -47.50 21.55 41.23
N SER K 71 -47.58 21.17 42.50
CA SER K 71 -46.73 20.09 42.96
C SER K 71 -47.03 18.78 42.20
N ASP K 72 -48.21 18.68 41.64
CA ASP K 72 -48.58 17.47 40.89
C ASP K 72 -47.74 17.25 39.64
N ILE K 73 -47.38 18.32 38.93
CA ILE K 73 -46.46 18.23 37.80
C ILE K 73 -44.99 18.61 38.04
N THR K 74 -44.69 19.39 39.08
CA THR K 74 -43.30 19.72 39.39
C THR K 74 -42.99 19.91 40.87
N LYS K 75 -41.79 19.58 41.31
CA LYS K 75 -41.42 19.69 42.71
C LYS K 75 -40.71 21.03 43.00
N ALA K 76 -40.61 21.87 41.96
CA ALA K 76 -40.06 23.20 42.06
C ALA K 76 -40.76 24.04 43.12
N ASP K 77 -39.98 24.59 44.04
CA ASP K 77 -40.51 25.31 45.18
C ASP K 77 -41.30 26.56 44.81
N PHE K 78 -40.72 27.41 43.96
CA PHE K 78 -41.38 28.66 43.64
C PHE K 78 -42.79 28.47 43.07
N LEU K 79 -43.12 27.25 42.67
CA LEU K 79 -44.45 26.95 42.14
C LEU K 79 -45.31 26.12 43.07
N SER K 80 -44.97 26.07 44.35
CA SER K 80 -45.60 25.11 45.25
C SER K 80 -46.65 25.66 46.23
N ASP K 81 -46.99 26.93 46.11
CA ASP K 81 -47.90 27.49 47.07
C ASP K 81 -48.16 28.90 46.65
N PRO K 82 -49.43 29.23 46.41
CA PRO K 82 -49.80 30.56 45.93
C PRO K 82 -49.44 31.67 46.94
N ASN K 83 -49.16 31.27 48.18
CA ASN K 83 -48.82 32.21 49.22
C ASN K 83 -47.35 32.55 49.27
N LYS K 84 -46.51 31.74 48.63
CA LYS K 84 -45.08 31.98 48.57
C LYS K 84 -44.76 33.00 47.48
N ILE K 85 -44.23 34.15 47.89
CA ILE K 85 -44.00 35.22 46.95
C ILE K 85 -42.55 35.20 46.55
N THR K 86 -42.28 35.13 45.26
CA THR K 86 -40.92 35.12 44.76
C THR K 86 -40.57 36.50 44.22
N PRO K 87 -39.48 37.09 44.70
CA PRO K 87 -38.97 38.32 44.10
C PRO K 87 -38.42 38.01 42.73
N VAL K 88 -38.44 39.00 41.84
CA VAL K 88 -37.91 38.82 40.49
C VAL K 88 -37.32 40.10 39.96
N PHE K 89 -36.46 39.96 38.98
CA PHE K 89 -35.88 41.12 38.33
C PHE K 89 -35.86 40.81 36.84
N VAL K 90 -36.52 41.64 36.04
CA VAL K 90 -36.76 41.36 34.65
C VAL K 90 -36.09 42.33 33.69
N ARG K 91 -35.47 41.83 32.64
CA ARG K 91 -34.81 42.74 31.71
C ARG K 91 -35.30 42.56 30.30
N PHE K 92 -35.85 43.63 29.74
CA PHE K 92 -36.31 43.60 28.36
C PHE K 92 -35.19 44.19 27.51
N SER K 93 -34.98 43.65 26.31
CA SER K 93 -33.89 44.11 25.45
C SER K 93 -34.21 43.97 23.97
N THR K 94 -33.44 44.65 23.12
CA THR K 94 -33.44 44.27 21.71
C THR K 94 -32.38 43.22 21.53
N VAL K 95 -32.11 42.83 20.28
CA VAL K 95 -31.10 41.77 20.03
C VAL K 95 -29.81 42.33 19.46
N GLN K 96 -29.91 43.09 18.36
CA GLN K 96 -28.76 43.41 17.50
C GLN K 96 -27.87 44.55 17.99
N GLY K 97 -28.49 45.70 18.18
CA GLY K 97 -27.78 46.92 18.54
C GLY K 97 -27.10 46.90 19.89
N GLY K 98 -26.23 47.92 20.09
CA GLY K 98 -25.43 48.04 21.28
C GLY K 98 -26.19 48.71 22.41
N ALA K 99 -25.46 49.01 23.47
CA ALA K 99 -26.07 49.57 24.69
C ALA K 99 -26.61 50.96 24.41
N GLY K 100 -25.95 51.69 23.53
CA GLY K 100 -26.44 53.00 23.14
C GLY K 100 -27.43 53.03 21.99
N SER K 101 -27.83 51.89 21.44
CA SER K 101 -28.64 51.95 20.22
C SER K 101 -30.04 52.31 20.58
N ALA K 102 -30.94 52.30 19.60
CA ALA K 102 -32.32 52.74 19.84
C ALA K 102 -33.24 51.59 20.30
N ASP K 103 -34.30 51.98 21.01
CA ASP K 103 -35.33 51.05 21.45
C ASP K 103 -36.26 50.68 20.32
N THR K 104 -36.57 51.67 19.50
CA THR K 104 -37.62 51.53 18.48
C THR K 104 -37.02 51.08 17.16
N VAL K 105 -36.69 49.80 17.10
CA VAL K 105 -36.10 49.27 15.90
C VAL K 105 -36.95 48.06 15.57
N ARG K 106 -36.86 47.57 14.33
CA ARG K 106 -37.48 46.29 13.96
C ARG K 106 -36.43 45.22 14.30
N ASP K 107 -36.77 44.37 15.26
CA ASP K 107 -35.83 43.43 15.83
C ASP K 107 -36.61 42.49 16.72
N ILE K 108 -36.04 41.32 17.01
CA ILE K 108 -36.61 40.51 18.07
C ILE K 108 -36.41 41.23 19.43
N ARG K 109 -37.29 40.94 20.41
CA ARG K 109 -37.11 41.49 21.75
C ARG K 109 -36.73 40.37 22.72
N GLY K 110 -35.77 40.63 23.60
CA GLY K 110 -35.47 39.71 24.70
C GLY K 110 -36.37 39.99 25.88
N PHE K 111 -36.76 38.93 26.60
CA PHE K 111 -37.63 38.98 27.80
C PHE K 111 -37.08 37.97 28.85
N ALA K 112 -36.07 38.43 29.60
CA ALA K 112 -35.41 37.65 30.63
C ALA K 112 -35.92 38.01 32.03
N THR K 113 -36.23 36.98 32.81
CA THR K 113 -36.69 37.11 34.18
C THR K 113 -35.75 36.34 35.12
N LYS K 114 -35.42 36.93 36.27
CA LYS K 114 -34.62 36.26 37.29
C LYS K 114 -35.54 36.02 38.48
N PHE K 115 -35.76 34.75 38.79
CA PHE K 115 -36.60 34.38 39.92
C PHE K 115 -35.73 33.98 41.07
N TYR K 116 -35.69 34.80 42.10
CA TYR K 116 -34.94 34.51 43.28
C TYR K 116 -35.71 33.55 44.19
N THR K 117 -35.70 32.26 43.90
CA THR K 117 -36.51 31.29 44.66
C THR K 117 -35.86 30.82 45.96
N GLU K 118 -36.64 30.27 46.89
CA GLU K 118 -36.02 29.78 48.11
C GLU K 118 -35.08 28.60 47.93
N GLU K 119 -35.00 28.09 46.70
CA GLU K 119 -34.21 26.91 46.43
C GLU K 119 -33.25 27.13 45.28
N GLY K 120 -32.92 28.39 45.04
CA GLY K 120 -32.02 28.77 43.98
C GLY K 120 -32.55 29.81 43.03
N ILE K 121 -31.65 30.45 42.32
CA ILE K 121 -32.04 31.36 41.28
C ILE K 121 -32.47 30.56 40.10
N PHE K 122 -33.60 30.92 39.52
CA PHE K 122 -34.07 30.33 38.31
C PHE K 122 -34.18 31.45 37.30
N ASP K 123 -33.39 31.40 36.25
CA ASP K 123 -33.48 32.40 35.18
C ASP K 123 -34.27 31.84 34.00
N LEU K 124 -35.33 32.53 33.62
CA LEU K 124 -36.06 32.12 32.45
C LEU K 124 -35.83 33.18 31.36
N VAL K 125 -34.81 32.92 30.54
CA VAL K 125 -34.45 33.80 29.45
C VAL K 125 -35.16 33.45 28.13
N GLY K 126 -36.23 34.19 27.80
CA GLY K 126 -36.94 34.03 26.53
C GLY K 126 -36.95 35.26 25.63
N ASN K 127 -37.63 35.15 24.52
CA ASN K 127 -37.76 36.31 23.64
C ASN K 127 -39.25 36.54 23.45
N ASN K 128 -39.57 37.47 22.54
CA ASN K 128 -40.97 37.87 22.31
C ASN K 128 -41.67 37.21 21.15
N THR K 129 -41.07 36.15 20.60
CA THR K 129 -41.72 35.33 19.56
C THR K 129 -41.48 33.91 20.02
N PRO K 130 -42.32 32.98 19.60
CA PRO K 130 -42.34 31.62 20.15
C PRO K 130 -41.28 30.69 19.59
N ILE K 131 -40.39 31.23 18.75
CA ILE K 131 -39.36 30.40 18.13
C ILE K 131 -38.13 31.18 17.73
N PHE K 132 -36.99 30.49 17.70
CA PHE K 132 -35.79 31.13 17.21
C PHE K 132 -35.50 31.02 15.71
N PHE K 133 -34.46 31.73 15.29
CA PHE K 133 -33.96 31.74 13.92
C PHE K 133 -33.29 30.44 13.49
N ILE K 134 -32.59 29.74 14.39
CA ILE K 134 -31.72 28.66 13.93
C ILE K 134 -31.83 27.47 14.85
N GLN K 135 -31.38 26.29 14.39
CA GLN K 135 -31.69 25.02 15.10
C GLN K 135 -30.60 24.53 16.02
N ASP K 136 -29.35 24.73 15.64
CA ASP K 136 -28.26 24.24 16.46
C ASP K 136 -27.36 25.39 16.89
N ALA K 137 -26.95 25.33 18.16
CA ALA K 137 -26.22 26.40 18.81
C ALA K 137 -25.00 26.73 18.04
N HIS K 138 -24.51 25.74 17.31
CA HIS K 138 -23.23 25.89 16.62
C HIS K 138 -23.33 26.91 15.51
N LYS K 139 -24.54 27.25 15.07
CA LYS K 139 -24.64 28.32 14.10
C LYS K 139 -24.72 29.71 14.74
N PHE K 140 -25.00 29.77 16.03
CA PHE K 140 -25.25 31.08 16.63
C PHE K 140 -24.28 32.14 16.11
N PRO K 141 -22.99 32.02 16.40
CA PRO K 141 -22.10 33.12 15.99
C PRO K 141 -22.25 33.43 14.47
N ASP K 142 -22.61 32.45 13.62
CA ASP K 142 -22.71 32.82 12.21
C ASP K 142 -23.92 33.73 12.04
N PHE K 143 -25.08 33.21 12.42
CA PHE K 143 -26.31 33.98 12.28
C PHE K 143 -26.21 35.34 12.95
N VAL K 144 -25.52 35.41 14.09
CA VAL K 144 -25.44 36.70 14.80
C VAL K 144 -24.56 37.59 13.98
N HIS K 145 -23.36 37.11 13.65
CA HIS K 145 -22.44 37.88 12.80
C HIS K 145 -23.12 38.40 11.56
N ALA K 146 -24.00 37.56 11.02
CA ALA K 146 -24.71 37.91 9.80
C ALA K 146 -25.71 39.04 9.99
N VAL K 147 -26.48 39.03 11.09
CA VAL K 147 -27.40 40.13 11.43
C VAL K 147 -26.72 41.39 12.01
N LYS K 148 -25.55 41.22 12.65
CA LYS K 148 -24.86 42.35 13.31
C LYS K 148 -24.37 43.38 12.27
N PRO K 149 -23.93 44.55 12.74
CA PRO K 149 -23.22 45.48 11.84
C PRO K 149 -22.22 44.67 11.02
N GLU K 150 -21.95 45.07 9.76
CA GLU K 150 -21.03 44.31 8.90
C GLU K 150 -19.60 44.65 9.30
N PRO K 151 -18.70 43.68 9.20
CA PRO K 151 -17.34 43.82 9.77
C PRO K 151 -16.46 44.91 9.17
N HIS K 152 -16.66 45.23 7.89
CA HIS K 152 -15.79 46.20 7.28
C HIS K 152 -16.04 47.59 7.87
N TRP K 153 -17.27 48.08 7.77
CA TRP K 153 -17.52 49.48 8.17
C TRP K 153 -18.35 49.75 9.44
N ALA K 154 -18.91 48.68 10.02
CA ALA K 154 -19.72 48.71 11.25
C ALA K 154 -21.07 49.41 11.04
N ILE K 155 -21.80 48.94 10.04
CA ILE K 155 -23.16 49.39 9.74
C ILE K 155 -23.98 48.15 9.41
N PRO K 156 -25.31 48.17 9.58
CA PRO K 156 -26.04 49.23 10.29
C PRO K 156 -26.38 48.90 11.78
N GLN K 157 -26.75 49.93 12.54
CA GLN K 157 -27.16 49.73 13.92
C GLN K 157 -28.62 49.30 14.00
N GLY K 158 -28.88 48.29 14.82
CA GLY K 158 -30.24 47.81 15.04
C GLY K 158 -31.06 47.69 13.76
N GLN K 159 -30.52 46.95 12.80
CA GLN K 159 -31.24 46.73 11.56
C GLN K 159 -30.86 45.37 10.99
N SER K 160 -31.84 44.65 10.44
CA SER K 160 -31.55 43.45 9.67
C SER K 160 -31.58 43.80 8.16
N ALA K 161 -31.81 45.07 7.86
CA ALA K 161 -31.94 45.51 6.46
C ALA K 161 -30.64 45.76 5.73
N HIS K 162 -29.84 44.70 5.59
CA HIS K 162 -28.53 44.78 4.90
C HIS K 162 -28.17 43.38 4.46
N ASP K 163 -27.06 43.26 3.74
CA ASP K 163 -26.80 42.11 2.88
C ASP K 163 -26.60 40.81 3.65
N THR K 164 -25.62 40.85 4.56
CA THR K 164 -25.15 39.65 5.29
C THR K 164 -26.30 38.95 6.00
N PHE K 165 -27.30 39.72 6.42
CA PHE K 165 -28.49 39.12 7.04
C PHE K 165 -29.33 38.30 6.05
N TRP K 166 -29.76 38.97 4.99
CA TRP K 166 -30.59 38.31 4.00
C TRP K 166 -29.77 37.34 3.18
N ASP K 167 -28.45 37.55 3.13
CA ASP K 167 -27.58 36.52 2.54
C ASP K 167 -27.77 35.26 3.35
N TYR K 168 -27.48 35.34 4.64
CA TYR K 168 -27.57 34.18 5.54
C TYR K 168 -28.96 33.54 5.47
N VAL K 169 -30.00 34.37 5.57
CA VAL K 169 -31.38 33.87 5.60
C VAL K 169 -31.58 33.02 4.36
N SER K 170 -31.25 33.63 3.21
CA SER K 170 -31.59 33.03 1.91
C SER K 170 -30.93 31.67 1.77
N LEU K 171 -29.78 31.48 2.40
CA LEU K 171 -29.09 30.19 2.35
C LEU K 171 -29.42 29.26 3.52
N GLN K 172 -30.38 29.64 4.37
CA GLN K 172 -30.58 28.96 5.65
C GLN K 172 -32.06 28.90 6.00
N PRO K 173 -32.80 28.27 5.12
CA PRO K 173 -34.26 28.36 5.13
C PRO K 173 -34.82 28.12 6.54
N GLU K 174 -34.06 27.42 7.40
CA GLU K 174 -34.51 27.20 8.79
C GLU K 174 -35.03 28.49 9.42
N THR K 175 -34.38 29.62 9.10
CA THR K 175 -34.71 30.91 9.70
C THR K 175 -36.07 31.46 9.31
N LEU K 176 -36.58 31.04 8.17
CA LEU K 176 -37.73 31.77 7.65
C LEU K 176 -38.79 31.99 8.72
N HIS K 177 -39.12 30.93 9.47
CA HIS K 177 -40.21 31.02 10.49
C HIS K 177 -40.09 32.25 11.40
N ASN K 178 -38.93 32.42 12.01
CA ASN K 178 -38.77 33.58 12.86
C ASN K 178 -38.82 34.85 12.02
N VAL K 179 -38.01 34.87 10.95
CA VAL K 179 -37.99 36.01 10.03
C VAL K 179 -39.40 36.49 9.76
N MET K 180 -40.28 35.56 9.43
CA MET K 180 -41.68 35.92 9.28
C MET K 180 -42.18 36.85 10.42
N TRP K 181 -42.19 36.31 11.64
CA TRP K 181 -42.52 37.07 12.84
C TRP K 181 -41.74 38.40 12.93
N ALA K 182 -40.44 38.41 12.65
CA ALA K 182 -39.73 39.69 12.72
C ALA K 182 -40.37 40.74 11.79
N MET K 183 -40.67 40.32 10.55
CA MET K 183 -41.28 41.20 9.54
C MET K 183 -42.72 41.58 9.86
N SER K 184 -43.34 40.82 10.75
CA SER K 184 -44.65 41.12 11.30
C SER K 184 -44.61 42.37 12.18
N ASP K 185 -45.76 42.68 12.77
CA ASP K 185 -45.81 43.80 13.67
C ASP K 185 -45.21 43.49 15.06
N ARG K 186 -45.19 42.20 15.42
CA ARG K 186 -44.50 41.76 16.63
C ARG K 186 -43.01 42.18 16.67
N GLY K 187 -42.43 42.47 15.50
CA GLY K 187 -41.04 42.87 15.42
C GLY K 187 -40.80 44.33 15.75
N ILE K 188 -41.88 45.10 15.85
CA ILE K 188 -41.77 46.51 16.19
C ILE K 188 -42.78 46.91 17.28
N PRO K 189 -42.73 46.24 18.43
CA PRO K 189 -43.83 46.34 19.42
C PRO K 189 -43.91 47.76 19.99
N ARG K 190 -45.05 48.21 20.49
CA ARG K 190 -45.07 49.59 20.96
C ARG K 190 -44.65 49.82 22.43
N SER K 191 -44.67 48.77 23.24
CA SER K 191 -44.15 48.86 24.61
C SER K 191 -43.94 47.49 25.23
N TYR K 192 -43.01 47.43 26.18
CA TYR K 192 -42.74 46.19 26.86
C TYR K 192 -43.98 45.81 27.64
N ARG K 193 -44.78 46.80 28.03
CA ARG K 193 -45.90 46.46 28.92
C ARG K 193 -46.91 45.62 28.18
N THR K 194 -46.94 45.76 26.86
CA THR K 194 -47.87 44.98 26.04
C THR K 194 -47.19 43.88 25.22
N MET K 195 -46.02 43.42 25.64
CA MET K 195 -45.32 42.39 24.90
C MET K 195 -45.63 40.99 25.41
N GLU K 196 -45.61 40.00 24.51
CA GLU K 196 -45.68 38.58 24.88
C GLU K 196 -44.27 38.07 25.16
N GLY K 197 -44.15 36.87 25.73
CA GLY K 197 -42.84 36.30 25.99
C GLY K 197 -42.85 34.79 25.92
N PHE K 198 -41.81 34.22 25.31
CA PHE K 198 -41.68 32.77 25.14
C PHE K 198 -40.29 32.28 25.54
N GLY K 199 -40.27 31.12 26.19
CA GLY K 199 -39.02 30.44 26.52
C GLY K 199 -38.53 29.69 25.30
N ILE K 200 -39.41 29.51 24.33
CA ILE K 200 -39.12 28.84 23.07
C ILE K 200 -38.78 27.36 23.23
N HIS K 201 -37.63 27.04 23.79
CA HIS K 201 -37.30 25.63 23.98
C HIS K 201 -38.38 24.83 24.75
N THR K 202 -38.44 23.54 24.47
CA THR K 202 -39.23 22.65 25.26
C THR K 202 -38.36 22.18 26.41
N PHE K 203 -38.77 22.46 27.65
CA PHE K 203 -38.01 22.07 28.86
C PHE K 203 -38.78 20.96 29.53
N ARG K 204 -38.34 20.56 30.72
CA ARG K 204 -39.06 19.54 31.46
C ARG K 204 -39.47 19.95 32.86
N LEU K 205 -40.62 19.47 33.30
CA LEU K 205 -41.07 19.66 34.66
C LEU K 205 -40.91 18.32 35.32
N ILE K 206 -40.23 18.27 36.46
CA ILE K 206 -40.08 17.03 37.22
C ILE K 206 -40.77 17.09 38.59
N ASN K 207 -41.74 16.21 38.80
CA ASN K 207 -42.49 16.18 40.05
C ASN K 207 -41.78 15.27 41.03
N ALA K 208 -42.30 15.23 42.26
CA ALA K 208 -41.62 14.53 43.36
C ALA K 208 -41.49 13.05 43.15
N GLU K 209 -42.20 12.51 42.17
CA GLU K 209 -42.08 11.09 41.88
C GLU K 209 -41.10 10.82 40.75
N GLY K 210 -40.53 11.85 40.16
CA GLY K 210 -39.65 11.63 39.04
C GLY K 210 -40.38 11.56 37.72
N LYS K 211 -41.70 11.76 37.70
CA LYS K 211 -42.43 11.80 36.43
C LYS K 211 -42.05 13.05 35.66
N ALA K 212 -41.61 12.90 34.42
CA ALA K 212 -41.27 14.06 33.59
C ALA K 212 -42.42 14.49 32.68
N THR K 213 -42.59 15.82 32.52
CA THR K 213 -43.57 16.43 31.61
C THR K 213 -42.92 17.53 30.80
N PHE K 214 -43.01 17.46 29.50
CA PHE K 214 -42.47 18.50 28.63
C PHE K 214 -43.28 19.77 28.73
N VAL K 215 -42.59 20.90 28.68
CA VAL K 215 -43.23 22.19 28.96
C VAL K 215 -42.65 23.22 28.02
N ARG K 216 -43.48 24.19 27.64
CA ARG K 216 -43.00 25.42 27.02
C ARG K 216 -43.49 26.64 27.80
N PHE K 217 -42.69 27.70 27.77
CA PHE K 217 -42.88 28.78 28.72
C PHE K 217 -43.44 30.01 28.04
N HIS K 218 -44.57 30.50 28.54
CA HIS K 218 -45.25 31.64 27.94
C HIS K 218 -45.50 32.69 28.99
N TRP K 219 -45.19 33.94 28.66
CA TRP K 219 -45.64 35.12 29.42
C TRP K 219 -46.70 35.85 28.61
N LYS K 220 -47.86 36.11 29.20
CA LYS K 220 -48.95 36.87 28.56
C LYS K 220 -49.27 38.16 29.33
N PRO K 221 -49.25 39.32 28.67
CA PRO K 221 -49.46 40.62 29.34
C PRO K 221 -50.89 40.93 29.68
N LEU K 222 -51.17 41.30 30.93
CA LEU K 222 -52.54 41.61 31.32
C LEU K 222 -52.90 43.09 31.18
N ALA K 223 -51.93 43.88 30.69
CA ALA K 223 -52.18 45.28 30.36
C ALA K 223 -52.91 45.42 29.03
N LYS L 1 -40.24 56.28 11.99
CA LYS L 1 -39.49 55.76 13.12
C LYS L 1 -39.48 56.75 14.30
N LEU L 2 -40.01 56.30 15.45
CA LEU L 2 -39.80 56.96 16.74
C LEU L 2 -38.30 56.84 17.15
N THR L 3 -37.50 56.11 16.33
CA THR L 3 -36.02 56.01 16.47
C THR L 3 -35.28 57.37 16.28
N GLY L 4 -35.96 58.33 15.63
CA GLY L 4 -35.50 59.71 15.50
C GLY L 4 -36.06 60.66 16.58
N ARG L 5 -37.38 60.59 16.80
CA ARG L 5 -38.02 61.38 17.88
C ARG L 5 -37.51 60.97 19.28
N ASP L 6 -37.73 59.73 19.72
CA ASP L 6 -37.24 59.27 21.03
C ASP L 6 -36.56 57.88 21.06
N PRO L 7 -35.21 57.82 20.91
CA PRO L 7 -34.50 56.55 20.78
C PRO L 7 -34.61 55.69 22.04
N ASP L 8 -34.91 56.37 23.14
CA ASP L 8 -35.20 55.73 24.43
C ASP L 8 -36.70 55.39 24.76
N PHE L 9 -37.62 55.66 23.84
CA PHE L 9 -39.03 55.52 24.18
C PHE L 9 -39.38 54.35 25.11
N HIS L 10 -38.99 53.14 24.74
CA HIS L 10 -39.46 51.99 25.51
C HIS L 10 -38.94 51.99 26.94
N ARG L 11 -37.65 52.20 27.11
CA ARG L 11 -37.03 52.37 28.42
C ARG L 11 -37.76 53.39 29.26
N ARG L 12 -38.17 54.48 28.61
CA ARG L 12 -38.79 55.61 29.27
C ARG L 12 -40.23 55.34 29.67
N GLU L 13 -41.00 54.77 28.77
CA GLU L 13 -42.36 54.35 29.01
C GLU L 13 -42.45 53.37 30.16
N LEU L 14 -41.54 52.41 30.18
CA LEU L 14 -41.54 51.39 31.21
C LEU L 14 -41.31 52.06 32.56
N TRP L 15 -40.22 52.81 32.66
CA TRP L 15 -39.88 53.47 33.92
C TRP L 15 -41.02 54.34 34.44
N GLU L 16 -41.61 55.10 33.55
CA GLU L 16 -42.56 56.13 33.97
C GLU L 16 -43.90 55.53 34.38
N ALA L 17 -44.29 54.43 33.73
CA ALA L 17 -45.42 53.62 34.20
C ALA L 17 -45.21 53.16 35.65
N ILE L 18 -44.06 52.57 35.94
CA ILE L 18 -43.81 52.10 37.29
C ILE L 18 -43.88 53.23 38.34
N GLU L 19 -43.22 54.35 38.02
CA GLU L 19 -43.34 55.59 38.77
C GLU L 19 -44.80 55.93 39.09
N ALA L 20 -45.58 56.12 38.04
CA ALA L 20 -46.97 56.51 38.20
C ALA L 20 -47.80 55.50 39.00
N GLY L 21 -47.45 54.21 38.97
CA GLY L 21 -48.24 53.20 39.64
C GLY L 21 -48.85 52.10 38.79
N ASP L 22 -49.05 52.30 37.48
CA ASP L 22 -49.54 51.15 36.68
C ASP L 22 -48.37 50.23 36.41
N PHE L 23 -48.29 49.27 37.30
CA PHE L 23 -47.29 48.24 37.27
C PHE L 23 -47.71 47.30 36.19
N PRO L 24 -46.82 47.06 35.23
CA PRO L 24 -46.99 46.04 34.21
C PRO L 24 -47.21 44.66 34.82
N GLU L 25 -48.23 43.92 34.37
CA GLU L 25 -48.48 42.58 34.90
C GLU L 25 -48.34 41.55 33.81
N TYR L 26 -47.89 40.35 34.16
CA TYR L 26 -47.71 39.26 33.24
C TYR L 26 -48.18 37.95 33.84
N GLU L 27 -48.82 37.11 33.03
CA GLU L 27 -49.29 35.81 33.45
C GLU L 27 -48.31 34.75 32.91
N LEU L 28 -47.78 33.93 33.80
CA LEU L 28 -46.93 32.82 33.38
C LEU L 28 -47.79 31.61 33.09
N GLY L 29 -47.68 31.10 31.87
CA GLY L 29 -48.48 29.95 31.46
C GLY L 29 -47.64 28.89 30.80
N PHE L 30 -48.00 27.63 31.00
CA PHE L 30 -47.27 26.49 30.48
C PHE L 30 -48.08 25.81 29.40
N GLN L 31 -47.39 25.37 28.35
CA GLN L 31 -47.93 24.33 27.50
C GLN L 31 -47.39 23.03 28.06
N LEU L 32 -48.27 22.10 28.35
CA LEU L 32 -47.87 20.84 28.97
C LEU L 32 -48.17 19.62 28.12
N ILE L 33 -47.16 18.77 27.92
CA ILE L 33 -47.20 17.61 27.01
C ILE L 33 -46.61 16.36 27.65
N PRO L 34 -47.42 15.32 27.94
CA PRO L 34 -46.94 14.13 28.65
C PRO L 34 -45.83 13.42 27.90
N GLU L 35 -44.91 12.79 28.62
CA GLU L 35 -43.73 12.22 27.98
C GLU L 35 -44.09 11.44 26.71
N GLU L 36 -45.08 10.58 26.83
CA GLU L 36 -45.34 9.63 25.77
C GLU L 36 -45.90 10.27 24.48
N ASP L 37 -46.46 11.46 24.53
CA ASP L 37 -46.89 12.13 23.30
C ASP L 37 -45.68 12.66 22.53
N GLU L 38 -44.47 12.37 22.99
CA GLU L 38 -43.27 12.98 22.40
C GLU L 38 -43.31 13.05 20.87
N PHE L 39 -43.87 12.02 20.24
CA PHE L 39 -43.73 11.89 18.79
C PHE L 39 -45.00 12.08 17.99
N LYS L 40 -46.07 12.50 18.66
CA LYS L 40 -47.40 12.53 18.05
C LYS L 40 -47.67 13.84 17.32
N PHE L 41 -46.64 14.54 16.87
CA PHE L 41 -46.85 15.86 16.24
C PHE L 41 -46.26 15.91 14.86
N ASP L 42 -46.74 16.87 14.06
CA ASP L 42 -46.30 17.08 12.68
C ASP L 42 -44.82 17.36 12.59
N PHE L 43 -44.24 17.73 13.73
CA PHE L 43 -42.90 18.28 13.76
C PHE L 43 -42.20 17.83 15.05
N ASP L 44 -40.93 18.16 15.21
CA ASP L 44 -40.21 17.67 16.38
C ASP L 44 -40.13 18.62 17.62
N LEU L 45 -40.66 18.19 18.75
CA LEU L 45 -40.72 19.09 19.92
C LEU L 45 -39.39 19.82 20.26
N LEU L 46 -38.26 19.17 19.99
CA LEU L 46 -36.97 19.73 20.33
C LEU L 46 -36.47 20.76 19.32
N ASP L 47 -37.29 21.08 18.33
CA ASP L 47 -36.82 21.96 17.26
C ASP L 47 -37.22 23.43 17.60
N PRO L 48 -36.25 24.27 17.88
CA PRO L 48 -36.59 25.63 18.26
C PRO L 48 -37.15 26.47 17.13
N THR L 49 -37.07 26.07 15.87
CA THR L 49 -37.72 26.85 14.81
C THR L 49 -39.20 26.49 14.62
N LYS L 50 -39.73 25.67 15.52
CA LYS L 50 -41.11 25.30 15.41
C LYS L 50 -41.86 25.70 16.68
N LEU L 51 -43.12 26.09 16.53
CA LEU L 51 -43.98 26.45 17.65
C LEU L 51 -44.99 25.35 17.94
N ILE L 52 -45.32 25.14 19.22
CA ILE L 52 -46.45 24.28 19.57
C ILE L 52 -47.76 25.07 19.45
N PRO L 53 -48.58 24.79 18.42
CA PRO L 53 -49.84 25.51 18.22
C PRO L 53 -50.80 25.39 19.40
N GLU L 54 -51.42 26.50 19.76
CA GLU L 54 -52.23 26.54 20.96
C GLU L 54 -53.48 25.69 20.87
N GLU L 55 -54.06 25.59 19.67
CA GLU L 55 -55.27 24.78 19.49
C GLU L 55 -55.00 23.30 19.68
N LEU L 56 -53.76 22.87 19.50
CA LEU L 56 -53.42 21.47 19.82
C LEU L 56 -53.10 21.31 21.30
N VAL L 57 -52.23 22.18 21.85
CA VAL L 57 -51.85 22.17 23.28
C VAL L 57 -52.09 23.53 23.90
N PRO L 58 -53.18 23.68 24.67
CA PRO L 58 -53.53 25.02 25.17
C PRO L 58 -52.49 25.53 26.18
N VAL L 59 -52.34 26.84 26.27
CA VAL L 59 -51.48 27.49 27.25
C VAL L 59 -52.21 27.60 28.59
N GLN L 60 -51.72 26.87 29.60
CA GLN L 60 -52.41 26.86 30.89
C GLN L 60 -51.95 27.96 31.84
N ARG L 61 -52.86 28.89 32.16
CA ARG L 61 -52.59 29.95 33.12
C ARG L 61 -51.98 29.37 34.40
N VAL L 62 -50.82 29.87 34.83
CA VAL L 62 -50.09 29.28 35.94
C VAL L 62 -49.68 30.22 37.10
N GLY L 63 -49.41 31.49 36.79
CA GLY L 63 -49.15 32.53 37.78
C GLY L 63 -49.07 33.96 37.23
N LYS L 64 -49.01 34.92 38.15
CA LYS L 64 -48.93 36.34 37.79
C LYS L 64 -47.63 37.00 38.28
N MET L 65 -47.06 37.86 37.48
CA MET L 65 -45.84 38.53 37.88
C MET L 65 -46.05 40.01 37.77
N VAL L 66 -45.50 40.77 38.71
CA VAL L 66 -45.76 42.19 38.76
C VAL L 66 -44.45 42.94 38.89
N LEU L 67 -44.21 43.91 38.01
CA LEU L 67 -43.03 44.73 38.04
C LEU L 67 -43.37 46.03 38.74
N ASN L 68 -42.82 46.26 39.94
CA ASN L 68 -43.28 47.38 40.77
C ASN L 68 -42.22 48.40 41.24
N ARG L 69 -40.95 48.18 40.92
CA ARG L 69 -39.90 49.03 41.44
C ARG L 69 -38.81 49.17 40.41
N ASN L 70 -38.53 50.40 40.00
CA ASN L 70 -37.43 50.66 39.11
C ASN L 70 -36.15 50.46 39.87
N PRO L 71 -35.08 50.10 39.19
CA PRO L 71 -33.78 50.00 39.86
C PRO L 71 -33.35 51.33 40.48
N ASP L 72 -32.26 51.31 41.22
CA ASP L 72 -31.84 52.52 41.83
C ASP L 72 -30.73 53.05 40.98
N ASN L 73 -29.80 52.17 40.63
CA ASN L 73 -28.72 52.56 39.74
C ASN L 73 -28.70 51.70 38.51
N PHE L 74 -28.89 52.30 37.33
CA PHE L 74 -28.96 51.51 36.13
C PHE L 74 -27.74 50.62 36.00
N PHE L 75 -26.54 51.18 36.01
CA PHE L 75 -25.36 50.34 35.79
C PHE L 75 -25.28 49.19 36.77
N ALA L 76 -25.30 49.51 38.06
CA ALA L 76 -25.13 48.51 39.14
C ALA L 76 -26.09 47.31 39.07
N GLU L 77 -27.31 47.59 38.65
CA GLU L 77 -28.41 46.64 38.73
C GLU L 77 -28.80 46.10 37.35
N ASN L 78 -28.90 47.00 36.38
CA ASN L 78 -29.24 46.59 35.03
C ASN L 78 -28.01 46.09 34.32
N GLU L 79 -27.15 46.97 33.90
CA GLU L 79 -26.01 46.51 33.12
C GLU L 79 -25.38 45.22 33.69
N GLN L 80 -25.15 45.14 35.01
CA GLN L 80 -24.45 44.01 35.63
C GLN L 80 -25.29 42.76 35.85
N ALA L 81 -26.58 42.85 35.66
CA ALA L 81 -27.38 41.63 35.82
C ALA L 81 -26.90 40.55 34.89
N ALA L 82 -26.83 39.34 35.41
CA ALA L 82 -26.48 38.14 34.67
C ALA L 82 -27.65 37.15 34.59
N PHE L 83 -28.29 37.01 33.42
CA PHE L 83 -29.31 35.96 33.26
C PHE L 83 -28.71 34.80 32.51
N HIS L 84 -29.08 33.57 32.84
CA HIS L 84 -28.60 32.39 32.14
C HIS L 84 -29.60 31.24 32.31
N PRO L 85 -30.03 30.66 31.19
CA PRO L 85 -31.05 29.62 31.21
C PRO L 85 -30.62 28.31 31.83
N GLY L 86 -29.33 28.12 32.05
CA GLY L 86 -28.87 26.92 32.72
C GLY L 86 -28.95 27.13 34.21
N HIS L 87 -29.47 28.28 34.60
CA HIS L 87 -29.71 28.53 36.00
C HIS L 87 -31.11 28.03 36.25
N ILE L 88 -31.24 26.73 36.46
CA ILE L 88 -32.52 26.15 36.88
C ILE L 88 -32.46 25.62 38.31
N VAL L 89 -33.51 24.93 38.73
CA VAL L 89 -33.69 24.51 40.12
C VAL L 89 -34.39 23.14 40.13
N PRO L 90 -34.28 22.37 41.21
CA PRO L 90 -34.98 21.11 41.28
C PRO L 90 -36.43 21.33 40.91
N GLY L 91 -36.95 20.43 40.09
CA GLY L 91 -38.33 20.50 39.62
C GLY L 91 -38.32 20.79 38.14
N LEU L 92 -37.31 21.54 37.72
CA LEU L 92 -37.06 21.82 36.32
C LEU L 92 -35.93 20.95 35.78
N ASP L 93 -35.87 20.81 34.45
CA ASP L 93 -34.78 20.14 33.76
C ASP L 93 -34.82 20.39 32.27
N PHE L 94 -33.72 20.10 31.59
CA PHE L 94 -33.58 20.40 30.16
C PHE L 94 -34.03 19.27 29.30
N THR L 95 -33.88 19.48 28.00
CA THR L 95 -34.13 18.46 27.00
C THR L 95 -33.07 18.68 25.96
N ASN L 96 -32.94 17.70 25.08
CA ASN L 96 -31.91 17.79 24.05
C ASN L 96 -32.09 18.86 22.96
N ASP L 97 -33.15 19.65 22.98
CA ASP L 97 -33.22 20.77 22.05
C ASP L 97 -31.78 21.30 21.84
N PRO L 98 -31.23 21.15 20.64
CA PRO L 98 -29.80 21.42 20.42
C PRO L 98 -29.37 22.90 20.43
N LEU L 99 -30.37 23.80 20.41
CA LEU L 99 -30.12 25.21 20.57
C LEU L 99 -29.91 25.43 22.10
N LEU L 100 -30.90 24.96 22.84
CA LEU L 100 -30.82 25.10 24.27
C LEU L 100 -29.52 24.48 24.81
N GLN L 101 -29.13 23.34 24.28
CA GLN L 101 -27.92 22.73 24.82
C GLN L 101 -26.75 23.72 24.76
N GLY L 102 -26.50 24.32 23.61
CA GLY L 102 -25.30 25.13 23.50
C GLY L 102 -25.43 26.37 24.37
N ARG L 103 -26.68 26.82 24.44
CA ARG L 103 -26.98 27.98 25.28
C ARG L 103 -26.35 27.78 26.68
N LEU L 104 -26.36 26.53 27.13
CA LEU L 104 -26.03 26.22 28.50
C LEU L 104 -24.59 26.50 28.75
N PHE L 105 -23.80 26.54 27.70
CA PHE L 105 -22.36 26.71 27.87
C PHE L 105 -22.02 28.20 27.90
N SER L 106 -22.78 28.96 27.15
CA SER L 106 -22.36 30.30 26.81
C SER L 106 -22.70 31.31 27.93
N TYR L 107 -23.96 31.35 28.37
CA TYR L 107 -24.26 32.28 29.46
C TYR L 107 -23.24 32.25 30.62
N THR L 108 -22.63 31.12 30.89
CA THR L 108 -21.70 31.05 31.99
C THR L 108 -20.38 31.66 31.58
N ASP L 109 -19.93 31.21 30.43
CA ASP L 109 -18.61 31.51 29.95
C ASP L 109 -18.43 33.03 29.72
N THR L 110 -19.41 33.65 29.08
CA THR L 110 -19.36 35.07 28.76
C THR L 110 -19.28 35.99 29.97
N GLN L 111 -19.88 35.59 31.09
CA GLN L 111 -19.79 36.37 32.31
C GLN L 111 -18.34 36.67 32.66
N ILE L 112 -17.44 35.72 32.47
CA ILE L 112 -16.09 35.85 32.99
C ILE L 112 -15.33 37.11 32.51
N SER L 113 -15.60 37.52 31.27
CA SER L 113 -14.95 38.72 30.75
C SER L 113 -15.90 39.91 30.91
N ARG L 114 -17.20 39.70 30.71
CA ARG L 114 -18.16 40.81 30.90
C ARG L 114 -18.27 41.39 32.32
N LEU L 115 -18.26 40.54 33.36
CA LEU L 115 -18.38 40.96 34.77
C LEU L 115 -17.09 40.74 35.53
N GLY L 116 -16.07 40.29 34.81
CA GLY L 116 -14.71 40.40 35.24
C GLY L 116 -14.24 39.28 36.11
N GLY L 117 -14.83 38.10 35.98
CA GLY L 117 -14.37 36.97 36.75
C GLY L 117 -15.48 36.06 37.23
N PRO L 118 -15.10 35.06 38.02
CA PRO L 118 -16.04 34.03 38.47
C PRO L 118 -16.80 34.37 39.74
N ASN L 119 -16.57 35.52 40.33
CA ASN L 119 -17.39 35.85 41.47
C ASN L 119 -18.54 36.79 41.12
N PHE L 120 -19.01 36.72 39.89
CA PHE L 120 -20.03 37.62 39.47
C PHE L 120 -21.28 37.43 40.31
N HIS L 121 -21.47 36.25 40.91
CA HIS L 121 -22.69 36.00 41.66
C HIS L 121 -22.68 36.77 42.98
N GLU L 122 -21.56 37.39 43.33
CA GLU L 122 -21.49 38.11 44.59
C GLU L 122 -22.02 39.53 44.43
N ILE L 123 -22.18 39.97 43.18
CA ILE L 123 -22.72 41.29 42.88
C ILE L 123 -24.19 41.30 43.29
N PRO L 124 -24.62 42.28 44.06
CA PRO L 124 -25.95 42.25 44.67
C PRO L 124 -27.07 41.80 43.71
N ILE L 125 -27.11 42.27 42.49
CA ILE L 125 -28.27 41.92 41.73
C ILE L 125 -28.31 40.49 41.31
N ASN L 126 -27.17 39.78 41.40
CA ASN L 126 -27.12 38.38 40.99
C ASN L 126 -27.13 37.37 42.13
N ARG L 127 -26.93 37.86 43.35
CA ARG L 127 -26.74 37.05 44.54
C ARG L 127 -28.08 36.41 44.86
N PRO L 128 -28.08 35.12 45.12
CA PRO L 128 -29.30 34.44 45.57
C PRO L 128 -29.77 35.04 46.88
N THR L 129 -31.03 34.85 47.22
CA THR L 129 -31.52 35.31 48.51
C THR L 129 -31.57 34.16 49.50
N CYS L 130 -31.42 32.95 49.04
CA CYS L 130 -31.43 31.81 49.94
C CYS L 130 -30.00 31.62 50.33
N PRO L 131 -29.69 30.58 51.10
CA PRO L 131 -28.31 30.27 51.39
C PRO L 131 -27.58 29.67 50.17
N TYR L 132 -26.29 29.96 50.08
CA TYR L 132 -25.38 29.28 49.20
C TYR L 132 -24.00 29.06 49.87
N HIS L 133 -23.51 27.84 49.69
CA HIS L 133 -22.31 27.38 50.35
C HIS L 133 -21.69 26.23 49.57
N ASN L 134 -20.38 26.34 49.36
CA ASN L 134 -19.64 25.30 48.70
C ASN L 134 -18.18 25.46 49.02
N PHE L 135 -17.37 24.72 48.29
CA PHE L 135 -15.96 24.75 48.55
C PHE L 135 -15.16 25.55 47.50
N GLN L 136 -15.82 26.25 46.59
CA GLN L 136 -15.11 27.13 45.68
C GLN L 136 -14.48 28.28 46.43
N ARG L 137 -13.32 28.76 45.98
CA ARG L 137 -12.59 29.78 46.71
C ARG L 137 -12.03 30.78 45.76
N ASP L 138 -11.57 31.90 46.30
CA ASP L 138 -10.80 32.88 45.55
C ASP L 138 -11.49 33.42 44.29
N GLY L 139 -10.69 33.81 43.31
CA GLY L 139 -11.23 34.37 42.10
C GLY L 139 -11.26 35.88 42.23
N MET L 140 -11.08 36.60 41.13
CA MET L 140 -11.02 38.04 41.21
C MET L 140 -12.22 38.67 42.03
N HIS L 141 -11.97 39.85 42.60
CA HIS L 141 -12.98 40.52 43.46
C HIS L 141 -13.76 39.61 44.46
N ARG L 142 -13.07 38.78 45.22
CA ARG L 142 -13.81 37.86 46.08
C ARG L 142 -14.35 38.57 47.32
N MET L 143 -15.66 38.48 47.53
CA MET L 143 -16.29 39.22 48.65
C MET L 143 -16.45 38.32 49.88
N GLY L 144 -17.00 37.13 49.65
CA GLY L 144 -17.13 36.14 50.70
C GLY L 144 -15.82 35.84 51.36
N ILE L 145 -15.78 36.04 52.68
CA ILE L 145 -14.65 35.63 53.48
C ILE L 145 -14.96 34.31 54.13
N ASP L 146 -14.38 33.25 53.62
CA ASP L 146 -14.69 31.90 54.11
C ASP L 146 -14.01 31.48 55.42
N THR L 147 -14.75 30.92 56.37
CA THR L 147 -14.17 30.56 57.67
C THR L 147 -14.08 29.07 57.84
N ASN L 148 -14.52 28.34 56.82
CA ASN L 148 -14.46 26.88 56.84
C ASN L 148 -13.03 26.37 56.92
N PRO L 149 -12.74 25.50 57.90
CA PRO L 149 -11.39 24.93 57.97
C PRO L 149 -11.06 24.19 56.68
N ALA L 150 -12.07 23.74 55.95
CA ALA L 150 -11.86 22.98 54.71
C ALA L 150 -12.32 23.69 53.48
N ASN L 151 -11.57 23.48 52.40
CA ASN L 151 -12.04 23.90 51.08
C ASN L 151 -12.28 22.74 50.10
N TYR L 152 -12.53 21.57 50.64
CA TYR L 152 -12.60 20.36 49.83
C TYR L 152 -13.53 19.38 50.48
N GLU L 153 -13.99 18.41 49.70
CA GLU L 153 -14.82 17.35 50.23
C GLU L 153 -14.69 16.08 49.37
N PRO L 154 -14.68 14.93 49.99
CA PRO L 154 -15.11 14.77 51.38
C PRO L 154 -14.05 15.33 52.30
N ASN L 155 -14.45 15.81 53.46
CA ASN L 155 -13.48 16.28 54.43
C ASN L 155 -13.94 15.82 55.76
N SER L 156 -13.02 15.57 56.66
CA SER L 156 -13.40 15.20 58.00
C SER L 156 -13.14 16.34 58.95
N ILE L 157 -12.28 17.31 58.59
CA ILE L 157 -11.92 18.38 59.54
C ILE L 157 -13.04 19.36 59.84
N ASN L 158 -14.10 19.35 59.07
CA ASN L 158 -15.28 20.15 59.36
C ASN L 158 -16.50 19.26 59.24
N ASP L 159 -16.33 17.98 59.58
CA ASP L 159 -17.43 17.03 59.56
C ASP L 159 -18.07 16.92 58.15
N ASN L 160 -17.32 17.21 57.11
CA ASN L 160 -17.83 17.14 55.76
C ASN L 160 -18.90 18.16 55.33
N TRP L 161 -19.10 19.22 56.14
CA TRP L 161 -20.01 20.33 55.79
C TRP L 161 -19.31 21.42 55.01
N PRO L 162 -19.97 22.00 54.02
CA PRO L 162 -21.37 21.70 53.66
C PRO L 162 -21.59 20.37 52.98
N ARG L 163 -22.55 19.60 53.50
CA ARG L 163 -22.87 18.26 52.99
C ARG L 163 -23.82 18.33 51.83
N GLU L 164 -23.71 17.34 50.94
CA GLU L 164 -24.62 17.15 49.82
C GLU L 164 -25.97 16.78 50.35
N THR L 165 -27.02 16.98 49.56
CA THR L 165 -28.36 16.63 50.02
C THR L 165 -28.98 15.73 48.96
N PRO L 166 -29.60 14.64 49.35
CA PRO L 166 -30.20 13.71 48.38
C PRO L 166 -31.51 14.26 47.82
N PRO L 167 -31.88 13.88 46.59
CA PRO L 167 -33.07 14.44 45.92
C PRO L 167 -34.36 14.10 46.65
N GLY L 168 -35.29 15.03 46.67
CA GLY L 168 -36.49 14.85 47.47
C GLY L 168 -37.66 15.67 46.97
N PRO L 169 -38.83 15.39 47.54
CA PRO L 169 -40.03 16.16 47.26
C PRO L 169 -39.83 17.66 47.48
N LYS L 170 -39.13 18.04 48.54
CA LYS L 170 -38.97 19.45 48.87
C LYS L 170 -37.58 19.60 49.47
N ARG L 171 -36.88 20.68 49.13
CA ARG L 171 -35.59 21.04 49.75
C ARG L 171 -34.63 19.93 49.45
N GLY L 172 -34.80 19.33 48.28
CA GLY L 172 -33.90 18.28 47.84
C GLY L 172 -32.77 18.81 46.99
N GLY L 173 -31.77 17.96 46.79
CA GLY L 173 -30.68 18.20 45.86
C GLY L 173 -31.13 18.07 44.40
N PHE L 174 -30.31 18.59 43.49
CA PHE L 174 -30.64 18.52 42.11
C PHE L 174 -30.09 17.24 41.54
N GLU L 175 -30.99 16.42 41.02
CA GLU L 175 -30.64 15.23 40.24
C GLU L 175 -31.30 15.35 38.85
N SER L 176 -30.56 14.94 37.82
CA SER L 176 -31.04 15.08 36.46
C SER L 176 -32.02 13.97 36.18
N TYR L 177 -33.02 14.23 35.35
CA TYR L 177 -33.94 13.18 34.92
C TYR L 177 -33.16 12.13 34.16
N GLN L 178 -33.40 10.85 34.44
CA GLN L 178 -32.65 9.78 33.76
C GLN L 178 -33.09 9.45 32.32
N GLU L 179 -33.31 10.45 31.48
CA GLU L 179 -33.54 10.21 30.06
C GLU L 179 -32.70 9.05 29.54
N ARG L 180 -33.26 8.24 28.64
CA ARG L 180 -32.44 7.22 28.01
C ARG L 180 -31.77 7.82 26.79
N VAL L 181 -30.48 7.59 26.65
CA VAL L 181 -29.79 8.13 25.49
C VAL L 181 -29.25 6.98 24.64
N GLU L 182 -29.61 6.96 23.35
CA GLU L 182 -29.14 5.93 22.43
C GLU L 182 -28.75 6.49 21.08
N GLY L 183 -27.47 6.42 20.74
CA GLY L 183 -27.01 6.86 19.44
C GLY L 183 -25.50 6.81 19.28
N ASN L 184 -25.02 7.17 18.09
CA ASN L 184 -23.59 7.32 17.87
C ASN L 184 -23.11 8.77 18.02
N LYS L 185 -21.88 8.95 18.47
CA LYS L 185 -21.27 10.27 18.51
C LYS L 185 -21.19 10.92 17.14
N VAL L 186 -22.20 11.73 16.77
CA VAL L 186 -22.23 12.34 15.45
C VAL L 186 -22.62 13.81 15.42
N ARG L 187 -21.98 14.58 14.54
CA ARG L 187 -22.44 15.93 14.24
C ARG L 187 -23.38 15.89 13.04
N GLU L 188 -24.69 15.94 13.27
CA GLU L 188 -25.68 15.64 12.23
C GLU L 188 -27.04 16.21 12.59
N ARG L 189 -27.66 16.95 11.66
CA ARG L 189 -28.97 17.57 11.96
C ARG L 189 -30.08 16.52 11.98
N SER L 190 -30.90 16.47 13.03
CA SER L 190 -31.99 15.48 13.05
C SER L 190 -32.89 15.66 11.83
N PRO L 191 -33.14 14.58 11.10
CA PRO L 191 -34.01 14.68 9.94
C PRO L 191 -35.39 15.19 10.34
N SER L 192 -35.81 15.03 11.60
CA SER L 192 -37.15 15.57 12.01
C SER L 192 -37.20 17.12 11.99
N PHE L 193 -36.03 17.75 11.95
CA PHE L 193 -35.86 19.21 11.88
C PHE L 193 -35.98 19.74 10.44
N GLY L 194 -35.79 18.86 9.47
CA GLY L 194 -35.62 19.28 8.08
C GLY L 194 -36.72 20.02 7.30
N GLU L 195 -37.91 20.23 7.88
CA GLU L 195 -39.01 20.91 7.15
C GLU L 195 -39.24 22.39 7.54
N TYR L 196 -38.82 23.30 6.66
CA TYR L 196 -38.76 24.74 6.96
C TYR L 196 -39.95 25.65 6.61
N TYR L 197 -41.01 25.16 5.95
CA TYR L 197 -41.91 26.12 5.33
C TYR L 197 -43.32 26.14 5.84
N SER L 198 -43.77 25.01 6.37
CA SER L 198 -45.18 24.95 6.73
C SER L 198 -45.47 25.78 7.97
N HIS L 199 -44.49 25.93 8.85
CA HIS L 199 -44.77 26.81 9.98
C HIS L 199 -44.95 28.28 9.54
N PRO L 200 -44.00 28.80 8.74
CA PRO L 200 -44.11 30.18 8.24
C PRO L 200 -45.44 30.39 7.50
N ARG L 201 -45.84 29.38 6.72
CA ARG L 201 -47.09 29.41 5.97
C ARG L 201 -48.31 29.50 6.90
N LEU L 202 -48.39 28.63 7.91
CA LEU L 202 -49.48 28.64 8.90
C LEU L 202 -49.56 30.05 9.49
N PHE L 203 -48.41 30.58 9.89
CA PHE L 203 -48.37 31.93 10.42
C PHE L 203 -49.05 32.87 9.43
N TRP L 204 -48.41 33.05 8.28
CA TRP L 204 -48.93 33.99 7.29
C TRP L 204 -50.45 33.82 7.12
N LEU L 205 -50.89 32.58 6.92
CA LEU L 205 -52.30 32.27 6.68
C LEU L 205 -53.25 32.72 7.78
N SER L 206 -52.73 32.98 8.98
CA SER L 206 -53.61 33.40 10.06
C SER L 206 -53.49 34.89 10.37
N GLN L 207 -52.85 35.65 9.47
CA GLN L 207 -52.89 37.11 9.53
C GLN L 207 -54.08 37.77 8.77
N THR L 208 -54.79 38.72 9.41
CA THR L 208 -55.81 39.54 8.73
C THR L 208 -55.21 40.29 7.55
N PRO L 209 -55.98 40.41 6.47
CA PRO L 209 -55.45 40.99 5.22
C PRO L 209 -54.58 42.24 5.41
N PHE L 210 -54.84 43.07 6.42
CA PHE L 210 -53.96 44.23 6.64
C PHE L 210 -52.66 43.90 7.44
N GLU L 211 -52.71 42.92 8.32
CA GLU L 211 -51.46 42.43 8.92
C GLU L 211 -50.50 41.92 7.85
N GLN L 212 -51.06 41.28 6.82
CA GLN L 212 -50.27 40.65 5.76
C GLN L 212 -49.65 41.71 4.88
N ARG L 213 -50.42 42.76 4.62
CA ARG L 213 -49.91 43.91 3.90
C ARG L 213 -48.66 44.42 4.62
N HIS L 214 -48.69 44.38 5.96
CA HIS L 214 -47.55 44.88 6.76
C HIS L 214 -46.30 44.00 6.65
N ILE L 215 -46.51 42.68 6.59
CA ILE L 215 -45.40 41.74 6.41
C ILE L 215 -44.73 42.00 5.06
N VAL L 216 -45.57 42.19 4.05
CA VAL L 216 -45.06 42.44 2.71
C VAL L 216 -44.16 43.69 2.72
N ASP L 217 -44.69 44.77 3.28
CA ASP L 217 -43.96 46.02 3.49
C ASP L 217 -42.62 45.82 4.21
N GLY L 218 -42.62 45.03 5.29
CA GLY L 218 -41.37 44.76 5.96
C GLY L 218 -40.37 44.09 5.05
N PHE L 219 -40.77 42.98 4.45
CA PHE L 219 -39.90 42.29 3.52
C PHE L 219 -39.48 43.20 2.38
N SER L 220 -40.37 44.10 1.97
CA SER L 220 -40.11 44.97 0.82
C SER L 220 -39.06 46.01 1.20
N PHE L 221 -39.36 46.79 2.23
CA PHE L 221 -38.41 47.75 2.74
C PHE L 221 -37.02 47.09 2.98
N GLU L 222 -36.98 45.94 3.65
CA GLU L 222 -35.68 45.44 4.10
C GLU L 222 -34.88 45.04 2.86
N LEU L 223 -35.43 44.14 2.06
CA LEU L 223 -34.77 43.71 0.82
C LEU L 223 -34.35 44.89 -0.05
N SER L 224 -35.22 45.90 -0.12
CA SER L 224 -34.87 47.11 -0.84
C SER L 224 -33.54 47.65 -0.38
N LYS L 225 -33.19 47.50 0.89
CA LYS L 225 -31.92 48.06 1.35
C LYS L 225 -30.71 47.14 1.12
N VAL L 226 -30.95 45.90 0.71
CA VAL L 226 -29.86 45.01 0.26
C VAL L 226 -29.24 45.60 -1.00
N VAL L 227 -27.91 45.56 -1.12
CA VAL L 227 -27.22 46.12 -2.30
C VAL L 227 -27.04 45.11 -3.47
N ARG L 228 -26.67 43.87 -3.12
CA ARG L 228 -26.49 42.79 -4.08
C ARG L 228 -27.85 42.24 -4.53
N PRO L 229 -28.22 42.52 -5.78
CA PRO L 229 -29.58 42.21 -6.29
C PRO L 229 -29.95 40.70 -6.29
N TYR L 230 -28.96 39.82 -6.33
CA TYR L 230 -29.29 38.40 -6.42
C TYR L 230 -29.78 37.83 -5.08
N ILE L 231 -29.20 38.36 -4.00
CA ILE L 231 -29.67 38.06 -2.66
C ILE L 231 -31.14 38.38 -2.62
N ARG L 232 -31.52 39.55 -3.13
CA ARG L 232 -32.94 39.88 -3.20
C ARG L 232 -33.67 38.68 -3.81
N GLU L 233 -33.30 38.34 -5.04
CA GLU L 233 -34.09 37.35 -5.75
C GLU L 233 -34.14 35.96 -5.05
N ARG L 234 -33.07 35.64 -4.33
CA ARG L 234 -32.99 34.36 -3.64
C ARG L 234 -33.94 34.33 -2.44
N VAL L 235 -34.12 35.49 -1.82
CA VAL L 235 -34.98 35.59 -0.65
C VAL L 235 -36.39 35.45 -1.15
N VAL L 236 -36.67 36.27 -2.17
CA VAL L 236 -37.99 36.25 -2.77
C VAL L 236 -38.30 34.83 -3.18
N ASP L 237 -37.26 34.18 -3.67
CA ASP L 237 -37.33 32.80 -4.13
C ASP L 237 -37.84 31.88 -3.03
N GLN L 238 -37.30 32.08 -1.82
CA GLN L 238 -37.67 31.29 -0.66
C GLN L 238 -39.09 31.65 -0.23
N LEU L 239 -39.40 32.95 -0.30
CA LEU L 239 -40.74 33.47 0.02
C LEU L 239 -41.83 32.71 -0.72
N ALA L 240 -41.54 32.42 -1.99
CA ALA L 240 -42.31 31.52 -2.89
C ALA L 240 -42.63 30.12 -2.34
N HIS L 241 -41.66 29.44 -1.73
CA HIS L 241 -41.96 28.14 -1.11
C HIS L 241 -42.89 28.27 0.12
N ILE L 242 -43.20 29.50 0.55
CA ILE L 242 -44.12 29.73 1.68
C ILE L 242 -45.57 30.04 1.28
N ASP L 243 -45.73 30.93 0.32
CA ASP L 243 -47.05 31.27 -0.22
C ASP L 243 -46.90 32.26 -1.40
N LEU L 244 -47.56 31.94 -2.52
CA LEU L 244 -47.35 32.67 -3.77
C LEU L 244 -47.75 34.16 -3.75
N THR L 245 -48.90 34.49 -3.17
CA THR L 245 -49.31 35.90 -3.10
C THR L 245 -48.18 36.76 -2.52
N LEU L 246 -47.79 36.41 -1.28
CA LEU L 246 -46.71 37.07 -0.54
C LEU L 246 -45.45 37.19 -1.40
N ALA L 247 -45.03 36.08 -1.99
CA ALA L 247 -43.81 36.09 -2.81
C ALA L 247 -43.92 37.14 -3.91
N GLN L 248 -45.07 37.12 -4.58
CA GLN L 248 -45.32 38.05 -5.68
C GLN L 248 -45.37 39.51 -5.22
N ALA L 249 -46.32 39.81 -4.33
CA ALA L 249 -46.49 41.18 -3.86
C ALA L 249 -45.12 41.80 -3.61
N VAL L 250 -44.28 41.05 -2.90
CA VAL L 250 -42.92 41.51 -2.57
C VAL L 250 -42.06 41.68 -3.84
N ALA L 251 -42.06 40.64 -4.67
CA ALA L 251 -41.41 40.65 -5.99
C ALA L 251 -41.80 41.91 -6.74
N LYS L 252 -43.10 42.20 -6.76
CA LYS L 252 -43.56 43.39 -7.46
C LYS L 252 -42.84 44.64 -6.94
N ASN L 253 -42.79 44.82 -5.63
CA ASN L 253 -42.23 46.06 -5.06
C ASN L 253 -40.74 46.21 -5.34
N LEU L 254 -40.04 45.11 -5.56
CA LEU L 254 -38.61 45.22 -5.84
C LEU L 254 -38.35 45.07 -7.33
N GLY L 255 -39.42 44.80 -8.08
CA GLY L 255 -39.40 44.68 -9.54
C GLY L 255 -38.77 43.39 -10.07
N ILE L 256 -39.51 42.26 -9.97
CA ILE L 256 -39.10 41.02 -10.64
C ILE L 256 -40.29 40.24 -11.23
N SER M 1 -11.19 36.08 -1.67
CA SER M 1 -10.36 36.20 -2.91
C SER M 1 -9.21 35.14 -2.98
N GLU M 2 -8.86 34.54 -1.84
CA GLU M 2 -7.84 33.48 -1.76
C GLU M 2 -8.41 32.28 -0.96
N ASN M 3 -8.71 31.16 -1.60
CA ASN M 3 -9.49 30.08 -0.95
C ASN M 3 -8.73 29.23 0.08
N TYR M 4 -9.15 29.32 1.35
CA TYR M 4 -8.52 28.54 2.43
C TYR M 4 -9.55 27.62 3.06
N ALA M 5 -9.10 26.58 3.75
CA ALA M 5 -10.08 25.78 4.46
C ALA M 5 -10.44 26.43 5.79
N LEU M 6 -11.70 26.24 6.17
CA LEU M 6 -12.24 26.68 7.44
C LEU M 6 -11.73 25.76 8.57
N THR M 7 -11.09 26.37 9.59
CA THR M 7 -10.47 25.64 10.72
C THR M 7 -10.76 26.18 12.15
N THR M 8 -10.29 25.44 13.15
CA THR M 8 -10.20 25.98 14.50
C THR M 8 -9.01 26.96 14.54
N ASN M 9 -8.97 27.86 15.54
CA ASN M 9 -7.77 28.72 15.72
C ASN M 9 -6.47 27.91 15.93
N GLN M 10 -6.60 26.61 16.25
CA GLN M 10 -5.45 25.69 16.30
C GLN M 10 -5.15 25.07 14.89
N GLY M 11 -5.75 25.67 13.86
CA GLY M 11 -5.55 25.28 12.47
C GLY M 11 -5.90 23.83 12.24
N VAL M 12 -7.12 23.46 12.62
CA VAL M 12 -7.57 22.09 12.43
C VAL M 12 -8.70 22.22 11.47
N ARG M 13 -8.66 21.43 10.39
CA ARG M 13 -9.69 21.52 9.35
C ARG M 13 -11.02 21.04 9.90
N ILE M 14 -12.07 21.83 9.66
CA ILE M 14 -13.36 21.46 10.21
C ILE M 14 -14.20 20.76 9.16
N ALA M 15 -14.84 19.66 9.54
CA ALA M 15 -15.64 18.90 8.57
C ALA M 15 -17.09 19.40 8.50
N ASP M 16 -17.76 19.50 9.65
CA ASP M 16 -19.16 19.95 9.68
C ASP M 16 -19.31 21.18 10.57
N ASP M 17 -19.47 22.36 9.95
CA ASP M 17 -19.72 23.61 10.71
C ASP M 17 -21.22 23.96 10.74
N GLN M 18 -22.05 22.96 10.98
CA GLN M 18 -23.48 23.18 11.04
C GLN M 18 -24.08 22.38 12.19
N ASN M 19 -23.27 21.55 12.87
CA ASN M 19 -23.79 20.80 14.02
C ASN M 19 -22.88 20.76 15.27
N SER M 20 -23.48 20.65 16.45
CA SER M 20 -22.65 20.36 17.60
C SER M 20 -22.49 18.85 17.51
N LEU M 21 -21.58 18.30 18.31
CA LEU M 21 -21.44 16.86 18.37
C LEU M 21 -22.34 16.31 19.49
N ARG M 22 -23.34 15.52 19.11
CA ARG M 22 -24.29 14.98 20.09
C ARG M 22 -24.32 13.45 20.08
N ALA M 23 -25.06 12.82 21.00
CA ALA M 23 -25.13 11.36 21.05
C ALA M 23 -26.43 11.00 20.41
N GLY M 24 -26.36 10.62 19.13
CA GLY M 24 -27.54 10.37 18.30
C GLY M 24 -28.01 11.73 17.83
N SER M 25 -28.63 11.79 16.65
CA SER M 25 -28.96 13.09 16.08
C SER M 25 -29.96 13.83 16.98
N ARG M 26 -30.65 13.06 17.83
CA ARG M 26 -31.63 13.67 18.73
C ARG M 26 -31.16 13.72 20.20
N GLY M 27 -29.86 13.69 20.41
CA GLY M 27 -29.36 13.49 21.73
C GLY M 27 -28.72 14.76 22.22
N PRO M 28 -28.13 14.66 23.42
CA PRO M 28 -27.50 15.79 24.10
C PRO M 28 -26.11 16.08 23.57
N THR M 29 -25.80 17.36 23.43
CA THR M 29 -24.48 17.79 23.07
C THR M 29 -23.41 17.33 24.08
N LEU M 30 -22.24 16.92 23.58
CA LEU M 30 -21.19 16.33 24.40
C LEU M 30 -20.09 17.33 24.71
N LEU M 31 -19.52 17.19 25.89
CA LEU M 31 -18.58 18.17 26.34
C LEU M 31 -17.33 18.15 25.49
N GLU M 32 -17.02 16.98 24.92
CA GLU M 32 -15.80 16.85 24.10
C GLU M 32 -15.84 17.59 22.75
N ASP M 33 -16.98 18.13 22.34
CA ASP M 33 -17.01 18.89 21.08
C ASP M 33 -16.19 20.15 21.24
N PHE M 34 -14.90 20.05 21.01
CA PHE M 34 -14.05 21.20 21.29
C PHE M 34 -14.18 22.26 20.22
N ILE M 35 -14.77 21.89 19.11
CA ILE M 35 -14.90 22.81 18.01
C ILE M 35 -16.00 23.77 18.37
N LEU M 36 -17.13 23.26 18.85
CA LEU M 36 -18.24 24.12 19.27
C LEU M 36 -17.77 25.18 20.26
N ARG M 37 -17.26 24.70 21.41
CA ARG M 37 -16.83 25.57 22.50
C ARG M 37 -15.82 26.63 22.01
N GLU M 38 -14.84 26.21 21.21
CA GLU M 38 -13.91 27.18 20.65
C GLU M 38 -14.69 28.26 19.87
N LYS M 39 -15.68 27.85 19.09
CA LYS M 39 -16.45 28.83 18.35
C LYS M 39 -17.15 29.74 19.37
N ILE M 40 -18.02 29.13 20.19
CA ILE M 40 -18.89 29.88 21.10
C ILE M 40 -18.04 30.71 22.03
N THR M 41 -17.02 30.09 22.64
CA THR M 41 -16.09 30.88 23.47
C THR M 41 -15.71 32.20 22.77
N HIS M 42 -15.09 32.10 21.60
CA HIS M 42 -14.70 33.34 20.95
C HIS M 42 -15.92 34.24 20.87
N PHE M 43 -17.02 33.71 20.33
CA PHE M 43 -18.16 34.58 20.14
C PHE M 43 -18.54 35.21 21.47
N ASP M 44 -18.51 34.38 22.52
CA ASP M 44 -18.77 34.84 23.89
C ASP M 44 -17.93 36.03 24.32
N HIS M 45 -16.64 36.09 23.95
CA HIS M 45 -15.76 37.13 24.51
C HIS M 45 -15.36 38.20 23.53
N GLU M 46 -16.20 38.34 22.50
CA GLU M 46 -15.96 39.24 21.38
C GLU M 46 -15.79 40.66 21.89
N ARG M 47 -16.70 41.15 22.76
CA ARG M 47 -16.69 42.59 23.07
C ARG M 47 -15.64 43.12 24.07
N ILE M 48 -15.08 44.29 23.77
CA ILE M 48 -14.37 45.03 24.78
C ILE M 48 -15.12 46.31 25.21
N PRO M 49 -14.75 46.83 26.37
CA PRO M 49 -15.34 48.06 26.85
C PRO M 49 -15.13 49.17 25.81
N GLU M 50 -16.19 49.90 25.47
CA GLU M 50 -16.16 51.06 24.61
C GLU M 50 -15.46 52.23 25.32
N ARG M 51 -14.99 53.21 24.56
CA ARG M 51 -14.33 54.35 25.22
C ARG M 51 -15.29 55.03 26.22
N ILE M 52 -14.73 55.67 27.25
CA ILE M 52 -15.60 56.31 28.22
C ILE M 52 -16.43 57.33 27.47
N VAL M 53 -15.73 58.27 26.83
CA VAL M 53 -16.35 59.29 25.98
C VAL M 53 -15.90 59.12 24.54
N HIS M 54 -16.59 59.76 23.60
CA HIS M 54 -16.28 59.55 22.20
C HIS M 54 -16.28 58.03 21.95
N ALA M 55 -17.28 57.31 22.44
CA ALA M 55 -17.40 55.90 22.09
C ALA M 55 -17.76 55.73 20.63
N ARG M 56 -18.46 56.71 20.08
CA ARG M 56 -19.06 56.49 18.77
C ARG M 56 -18.16 57.03 17.67
N GLY M 57 -17.53 56.13 16.91
CA GLY M 57 -16.56 56.59 15.92
C GLY M 57 -16.62 56.10 14.46
N SER M 58 -16.03 56.90 13.56
CA SER M 58 -15.68 56.40 12.25
C SER M 58 -14.28 56.94 11.93
N ALA M 59 -13.44 56.08 11.37
CA ALA M 59 -12.03 56.42 11.13
C ALA M 59 -11.61 55.93 9.74
N ALA M 60 -10.38 56.25 9.34
CA ALA M 60 -9.89 55.99 7.98
C ALA M 60 -8.43 56.33 7.90
N HIS M 61 -7.74 55.70 6.92
CA HIS M 61 -6.28 55.83 6.70
C HIS M 61 -5.95 56.88 5.63
N GLY M 62 -4.88 57.62 5.87
CA GLY M 62 -4.50 58.67 4.96
C GLY M 62 -3.06 59.04 5.21
N TYR M 63 -2.64 60.17 4.63
CA TYR M 63 -1.26 60.64 4.72
C TYR M 63 -1.22 62.16 4.80
N PHE M 64 -0.04 62.66 5.16
CA PHE M 64 0.17 64.08 5.39
C PHE M 64 1.59 64.56 5.06
N GLN M 65 1.63 65.74 4.45
CA GLN M 65 2.90 66.41 4.19
C GLN M 65 2.75 67.92 4.36
N PRO M 66 3.81 68.49 4.88
CA PRO M 66 3.85 69.95 5.08
C PRO M 66 4.00 70.67 3.70
N TYR M 67 3.86 71.98 3.74
CA TYR M 67 4.00 72.77 2.55
C TYR M 67 5.47 73.13 2.41
N LYS M 68 6.17 73.24 3.55
CA LYS M 68 7.56 73.70 3.58
C LYS M 68 8.21 73.39 4.95
N SER M 69 9.52 73.11 4.96
CA SER M 69 10.19 72.90 6.24
C SER M 69 9.79 73.99 7.23
N LEU M 70 9.40 73.56 8.43
CA LEU M 70 9.07 74.49 9.52
C LEU M 70 10.22 74.64 10.52
N SER M 71 11.40 74.15 10.14
CA SER M 71 12.49 73.86 11.08
C SER M 71 12.96 75.09 11.87
N ASP M 72 12.63 76.26 11.31
CA ASP M 72 12.84 77.57 11.94
C ASP M 72 12.08 77.71 13.28
N ILE M 73 10.82 77.25 13.30
CA ILE M 73 10.05 77.32 14.54
C ILE M 73 10.05 76.10 15.44
N THR M 74 10.19 74.90 14.82
CA THR M 74 10.12 73.56 15.46
C THR M 74 11.04 72.47 14.87
N LYS M 75 11.86 71.88 15.76
CA LYS M 75 12.71 70.73 15.40
C LYS M 75 11.97 69.36 15.18
N ALA M 76 10.64 69.37 15.16
CA ALA M 76 9.86 68.15 14.96
C ALA M 76 9.93 67.59 13.54
N ASP M 77 10.65 66.50 13.38
CA ASP M 77 10.73 65.79 12.11
C ASP M 77 9.52 65.88 11.16
N PHE M 78 8.36 65.30 11.48
CA PHE M 78 7.31 65.11 10.41
C PHE M 78 7.00 66.38 9.58
N LEU M 79 7.38 67.54 10.15
CA LEU M 79 7.21 68.90 9.61
C LEU M 79 8.52 69.58 9.09
N SER M 80 9.61 68.81 8.96
CA SER M 80 10.90 69.36 8.50
C SER M 80 11.21 69.37 6.95
N ASP M 81 10.28 68.94 6.09
CA ASP M 81 10.58 68.81 4.65
C ASP M 81 9.35 68.35 3.85
N PRO M 82 8.86 69.18 2.93
CA PRO M 82 7.58 68.91 2.24
C PRO M 82 7.59 67.62 1.41
N ASN M 83 8.77 67.03 1.29
CA ASN M 83 8.95 65.74 0.63
C ASN M 83 8.74 64.50 1.53
N LYS M 84 8.95 64.63 2.85
CA LYS M 84 8.61 63.57 3.84
C LYS M 84 7.10 63.40 3.87
N ILE M 85 6.63 62.18 3.59
CA ILE M 85 5.20 61.79 3.64
C ILE M 85 4.93 60.97 4.92
N THR M 86 4.18 61.55 5.86
CA THR M 86 3.81 60.83 7.10
C THR M 86 2.43 60.18 7.01
N PRO M 87 2.36 58.87 7.26
CA PRO M 87 1.06 58.19 7.23
C PRO M 87 0.17 58.66 8.41
N VAL M 88 -1.15 58.58 8.22
CA VAL M 88 -2.04 58.92 9.33
C VAL M 88 -3.33 58.13 9.40
N PHE M 89 -3.76 57.96 10.66
CA PHE M 89 -5.07 57.41 10.95
C PHE M 89 -5.88 58.47 11.72
N VAL M 90 -7.15 58.61 11.32
CA VAL M 90 -8.00 59.68 11.83
C VAL M 90 -9.35 59.15 12.28
N ARG M 91 -9.72 59.48 13.52
CA ARG M 91 -11.02 59.04 14.00
C ARG M 91 -11.88 60.25 14.33
N PHE M 92 -13.06 60.32 13.73
CA PHE M 92 -14.04 61.31 14.07
C PHE M 92 -15.03 60.64 15.01
N SER M 93 -15.70 61.43 15.83
CA SER M 93 -16.57 60.86 16.88
C SER M 93 -17.62 61.88 17.38
N THR M 94 -18.72 61.39 17.95
CA THR M 94 -19.48 62.22 18.89
C THR M 94 -18.79 62.25 20.28
N VAL M 95 -19.57 62.58 21.30
CA VAL M 95 -19.00 62.64 22.64
C VAL M 95 -19.81 61.82 23.65
N GLN M 96 -21.08 62.13 23.78
CA GLN M 96 -21.85 61.54 24.85
C GLN M 96 -22.23 60.04 24.58
N GLY M 97 -22.81 59.78 23.40
CA GLY M 97 -23.43 58.52 23.04
C GLY M 97 -22.50 57.32 23.07
N GLY M 98 -23.10 56.13 22.98
CA GLY M 98 -22.36 54.87 23.07
C GLY M 98 -21.88 54.44 21.69
N ALA M 99 -21.29 53.25 21.61
CA ALA M 99 -20.76 52.75 20.33
C ALA M 99 -21.83 52.61 19.29
N GLY M 100 -23.05 52.33 19.76
CA GLY M 100 -24.16 52.15 18.87
C GLY M 100 -25.14 53.29 18.85
N SER M 101 -24.75 54.44 19.34
CA SER M 101 -25.66 55.58 19.25
C SER M 101 -25.67 56.15 17.81
N ALA M 102 -26.51 57.15 17.60
CA ALA M 102 -26.59 57.78 16.29
C ALA M 102 -25.38 58.75 16.03
N ASP M 103 -25.06 58.99 14.75
CA ASP M 103 -24.11 60.00 14.26
C ASP M 103 -24.71 61.43 14.23
N THR M 104 -26.01 61.51 14.05
CA THR M 104 -26.65 62.77 13.77
C THR M 104 -27.36 63.27 14.99
N VAL M 105 -26.56 63.78 15.90
CA VAL M 105 -27.08 64.24 17.15
C VAL M 105 -26.43 65.58 17.36
N ARG M 106 -27.13 66.48 18.06
CA ARG M 106 -26.49 67.72 18.50
C ARG M 106 -25.46 67.28 19.51
N ASP M 107 -24.24 67.77 19.39
CA ASP M 107 -23.14 67.33 20.24
C ASP M 107 -21.86 67.96 19.74
N ILE M 108 -20.85 68.02 20.59
CA ILE M 108 -19.49 68.26 20.10
C ILE M 108 -19.09 67.08 19.16
N ARG M 109 -18.08 67.26 18.29
CA ARG M 109 -17.44 66.10 17.66
C ARG M 109 -15.95 65.99 18.04
N GLY M 110 -15.42 64.79 17.93
CA GLY M 110 -14.00 64.62 18.08
C GLY M 110 -13.42 64.37 16.69
N PHE M 111 -12.15 64.73 16.57
CA PHE M 111 -11.40 64.74 15.34
C PHE M 111 -10.03 64.49 15.89
N ALA M 112 -9.61 63.24 15.80
CA ALA M 112 -8.30 62.85 16.34
C ALA M 112 -7.49 62.24 15.25
N THR M 113 -6.20 62.52 15.32
CA THR M 113 -5.29 62.09 14.27
C THR M 113 -4.00 61.51 14.81
N LYS M 114 -3.70 60.34 14.27
CA LYS M 114 -2.53 59.60 14.64
C LYS M 114 -1.47 59.83 13.56
N PHE M 115 -0.35 60.45 13.95
CA PHE M 115 0.77 60.70 13.01
C PHE M 115 1.89 59.67 13.21
N TYR M 116 2.08 58.82 12.20
CA TYR M 116 3.13 57.84 12.34
C TYR M 116 4.50 58.42 11.93
N THR M 117 5.12 59.27 12.77
CA THR M 117 6.35 59.95 12.31
C THR M 117 7.52 59.01 12.48
N GLU M 118 8.62 59.28 11.76
CA GLU M 118 9.81 58.44 11.94
C GLU M 118 10.54 58.73 13.28
N GLU M 119 10.01 59.67 14.06
CA GLU M 119 10.61 59.96 15.35
C GLU M 119 9.59 59.77 16.48
N GLY M 120 8.49 59.08 16.14
CA GLY M 120 7.52 58.61 17.12
C GLY M 120 6.08 58.89 16.74
N ILE M 121 5.12 58.21 17.36
CA ILE M 121 3.72 58.59 17.10
C ILE M 121 3.34 59.91 17.79
N PHE M 122 2.77 60.81 17.01
CA PHE M 122 2.29 62.08 17.54
C PHE M 122 0.79 62.15 17.39
N ASP M 123 0.10 62.17 18.53
CA ASP M 123 -1.35 62.10 18.50
C ASP M 123 -1.89 63.49 18.66
N LEU M 124 -2.71 63.91 17.72
CA LEU M 124 -3.32 65.22 17.82
C LEU M 124 -4.85 65.02 17.94
N VAL M 125 -5.29 65.19 19.19
CA VAL M 125 -6.66 64.85 19.59
C VAL M 125 -7.47 66.10 19.92
N GLY M 126 -8.41 66.43 19.05
CA GLY M 126 -9.13 67.67 19.23
C GLY M 126 -10.58 67.43 18.93
N ASN M 127 -11.40 68.45 19.17
CA ASN M 127 -12.76 68.39 18.63
C ASN M 127 -13.00 69.35 17.43
N ASN M 128 -14.28 69.65 17.18
CA ASN M 128 -14.68 70.48 16.06
C ASN M 128 -15.16 71.87 16.48
N THR M 129 -14.87 72.27 17.72
CA THR M 129 -15.02 73.67 18.16
C THR M 129 -13.71 74.11 18.84
N PRO M 130 -13.42 75.42 18.82
CA PRO M 130 -12.08 75.90 19.25
C PRO M 130 -11.86 76.04 20.74
N ILE M 131 -12.83 75.66 21.57
CA ILE M 131 -12.62 75.63 23.03
C ILE M 131 -13.36 74.47 23.69
N PHE M 132 -12.98 74.23 24.95
CA PHE M 132 -13.72 73.26 25.73
C PHE M 132 -14.73 73.86 26.72
N PHE M 133 -15.62 72.99 27.21
CA PHE M 133 -16.62 73.31 28.18
C PHE M 133 -15.99 73.76 29.50
N ILE M 134 -14.96 73.06 29.98
CA ILE M 134 -14.49 73.26 31.37
C ILE M 134 -13.04 73.72 31.46
N GLN M 135 -12.65 74.25 32.60
CA GLN M 135 -11.30 74.79 32.64
C GLN M 135 -10.30 73.74 33.10
N ASP M 136 -10.56 73.13 34.28
CA ASP M 136 -9.63 72.18 34.97
C ASP M 136 -10.10 70.73 34.72
N ALA M 137 -9.17 69.80 34.52
CA ALA M 137 -9.54 68.42 34.18
C ALA M 137 -10.24 67.73 35.36
N HIS M 138 -9.91 68.16 36.57
CA HIS M 138 -10.52 67.60 37.75
C HIS M 138 -12.01 67.64 37.56
N LYS M 139 -12.54 68.67 36.91
CA LYS M 139 -13.98 68.65 36.73
C LYS M 139 -14.46 67.66 35.62
N PHE M 140 -13.53 67.04 34.92
CA PHE M 140 -13.95 66.24 33.79
C PHE M 140 -15.08 65.27 34.13
N PRO M 141 -14.86 64.48 35.18
CA PRO M 141 -15.84 63.45 35.53
C PRO M 141 -17.20 64.08 35.90
N ASP M 142 -17.18 65.31 36.45
CA ASP M 142 -18.42 65.95 36.87
C ASP M 142 -19.15 66.40 35.66
N PHE M 143 -18.45 67.04 34.75
CA PHE M 143 -19.13 67.52 33.55
C PHE M 143 -19.70 66.35 32.73
N VAL M 144 -18.86 65.37 32.47
CA VAL M 144 -19.24 64.28 31.59
C VAL M 144 -20.42 63.53 32.23
N HIS M 145 -20.33 63.27 33.53
CA HIS M 145 -21.44 62.63 34.21
C HIS M 145 -22.70 63.45 33.98
N ALA M 146 -22.56 64.77 34.05
CA ALA M 146 -23.69 65.64 33.84
C ALA M 146 -24.25 65.55 32.44
N VAL M 147 -23.42 65.27 31.44
CA VAL M 147 -23.90 65.30 30.04
C VAL M 147 -24.43 63.95 29.56
N LYS M 148 -23.74 62.94 30.05
CA LYS M 148 -24.06 61.54 29.85
C LYS M 148 -25.48 61.19 30.30
N PRO M 149 -26.01 60.03 29.90
CA PRO M 149 -27.31 59.57 30.38
C PRO M 149 -27.40 59.64 31.94
N GLU M 150 -28.59 59.92 32.46
CA GLU M 150 -28.76 60.07 33.90
C GLU M 150 -28.67 58.72 34.65
N PRO M 151 -28.07 58.73 35.84
CA PRO M 151 -27.65 57.48 36.49
C PRO M 151 -28.78 56.52 36.84
N HIS M 152 -29.97 57.04 37.15
CA HIS M 152 -31.03 56.15 37.61
C HIS M 152 -31.60 55.27 36.49
N TRP M 153 -31.97 55.91 35.37
CA TRP M 153 -32.62 55.23 34.22
C TRP M 153 -31.85 55.08 32.91
N ALA M 154 -30.68 55.74 32.80
CA ALA M 154 -29.83 55.72 31.59
C ALA M 154 -30.46 56.37 30.35
N ILE M 155 -31.02 57.56 30.53
CA ILE M 155 -31.57 58.36 29.47
C ILE M 155 -31.08 59.82 29.68
N PRO M 156 -30.79 60.56 28.60
CA PRO M 156 -30.95 60.10 27.22
C PRO M 156 -29.64 59.75 26.51
N GLN M 157 -29.78 59.04 25.39
CA GLN M 157 -28.66 58.77 24.49
C GLN M 157 -28.34 59.98 23.56
N GLY M 158 -27.06 60.34 23.45
CA GLY M 158 -26.64 61.40 22.55
C GLY M 158 -27.43 62.69 22.59
N GLN M 159 -27.77 63.15 23.80
CA GLN M 159 -28.47 64.41 23.99
C GLN M 159 -28.04 65.17 25.27
N SER M 160 -27.82 66.47 25.09
CA SER M 160 -27.54 67.35 26.22
C SER M 160 -28.85 67.88 26.77
N ALA M 161 -29.97 67.35 26.27
CA ALA M 161 -31.30 67.91 26.51
C ALA M 161 -32.00 67.24 27.70
N HIS M 162 -31.36 67.32 28.86
CA HIS M 162 -31.92 66.80 30.10
C HIS M 162 -31.35 67.59 31.27
N ASP M 163 -31.91 67.37 32.44
CA ASP M 163 -31.73 68.26 33.57
C ASP M 163 -30.30 68.44 33.97
N THR M 164 -29.59 67.33 34.17
CA THR M 164 -28.25 67.38 34.79
C THR M 164 -27.30 68.17 33.95
N PHE M 165 -27.31 67.93 32.65
CA PHE M 165 -26.49 68.77 31.79
C PHE M 165 -26.71 70.25 32.12
N TRP M 166 -27.94 70.73 31.91
CA TRP M 166 -28.25 72.14 32.16
C TRP M 166 -28.14 72.58 33.61
N ASP M 167 -28.30 71.66 34.55
CA ASP M 167 -28.04 72.00 35.94
C ASP M 167 -26.59 72.43 36.02
N TYR M 168 -25.69 71.60 35.49
CA TYR M 168 -24.25 71.85 35.61
C TYR M 168 -23.93 73.17 34.90
N VAL M 169 -24.44 73.31 33.68
CA VAL M 169 -24.13 74.49 32.90
C VAL M 169 -24.51 75.71 33.75
N SER M 170 -25.73 75.70 34.24
CA SER M 170 -26.23 76.84 34.97
C SER M 170 -25.39 77.16 36.21
N LEU M 171 -24.75 76.16 36.79
CA LEU M 171 -23.89 76.44 37.92
C LEU M 171 -22.42 76.63 37.53
N GLN M 172 -22.09 76.39 36.28
CA GLN M 172 -20.67 76.51 35.89
C GLN M 172 -20.56 77.38 34.64
N PRO M 173 -20.73 78.67 34.88
CA PRO M 173 -20.74 79.64 33.80
C PRO M 173 -19.65 79.35 32.81
N GLU M 174 -18.46 78.96 33.28
CA GLU M 174 -17.33 78.72 32.38
C GLU M 174 -17.75 77.96 31.11
N THR M 175 -18.87 77.24 31.19
CA THR M 175 -19.22 76.32 30.13
C THR M 175 -19.87 77.05 28.95
N LEU M 176 -20.30 78.28 29.25
CA LEU M 176 -21.19 78.99 28.35
C LEU M 176 -20.56 79.11 26.96
N HIS M 177 -19.25 79.35 26.91
CA HIS M 177 -18.62 79.51 25.61
C HIS M 177 -18.83 78.32 24.63
N ASN M 178 -18.54 77.11 25.09
CA ASN M 178 -18.71 75.93 24.25
C ASN M 178 -20.17 75.54 24.06
N VAL M 179 -20.99 75.76 25.08
CA VAL M 179 -22.43 75.59 24.95
C VAL M 179 -22.97 76.39 23.78
N MET M 180 -22.49 77.63 23.71
CA MET M 180 -22.81 78.56 22.62
C MET M 180 -22.54 77.93 21.27
N TRP M 181 -21.29 77.48 21.07
CA TRP M 181 -20.94 76.72 19.89
C TRP M 181 -21.78 75.48 19.71
N ALA M 182 -22.07 74.75 20.81
CA ALA M 182 -22.89 73.51 20.70
C ALA M 182 -24.29 73.77 20.16
N MET M 183 -24.90 74.86 20.63
CA MET M 183 -26.25 75.24 20.19
C MET M 183 -26.22 75.83 18.79
N SER M 184 -25.03 76.28 18.37
CA SER M 184 -24.86 76.72 16.98
C SER M 184 -25.06 75.55 16.02
N ASP M 185 -24.98 75.83 14.73
CA ASP M 185 -25.05 74.77 13.73
C ASP M 185 -23.77 73.96 13.65
N ARG M 186 -22.68 74.49 14.15
CA ARG M 186 -21.46 73.66 14.25
C ARG M 186 -21.77 72.39 15.07
N GLY M 187 -22.84 72.47 15.88
CA GLY M 187 -23.18 71.39 16.80
C GLY M 187 -23.93 70.27 16.10
N ILE M 188 -24.34 70.50 14.86
CA ILE M 188 -25.00 69.47 14.05
C ILE M 188 -24.46 69.45 12.62
N PRO M 189 -23.15 69.20 12.47
CA PRO M 189 -22.54 69.27 11.14
C PRO M 189 -23.18 68.22 10.22
N ARG M 190 -23.13 68.42 8.91
CA ARG M 190 -23.77 67.43 8.01
C ARG M 190 -22.80 66.33 7.49
N SER M 191 -21.50 66.54 7.66
CA SER M 191 -20.52 65.48 7.49
C SER M 191 -19.14 65.85 8.05
N TYR M 192 -18.33 64.81 8.24
CA TYR M 192 -16.99 64.99 8.78
C TYR M 192 -16.11 65.63 7.72
N ARG M 193 -16.45 65.31 6.45
CA ARG M 193 -15.84 65.89 5.23
C ARG M 193 -15.67 67.40 5.38
N THR M 194 -16.75 68.08 5.76
CA THR M 194 -16.75 69.54 5.86
C THR M 194 -16.64 70.10 7.27
N MET M 195 -15.92 69.39 8.15
CA MET M 195 -15.83 69.82 9.55
C MET M 195 -14.50 70.49 9.85
N GLU M 196 -14.54 71.50 10.71
CA GLU M 196 -13.30 72.10 11.19
C GLU M 196 -12.73 71.19 12.29
N GLY M 197 -11.56 71.59 12.84
CA GLY M 197 -10.85 70.82 13.86
C GLY M 197 -9.98 71.76 14.66
N PHE M 198 -9.75 71.43 15.93
CA PHE M 198 -9.03 72.34 16.81
C PHE M 198 -8.38 71.53 17.87
N GLY M 199 -7.16 71.90 18.24
CA GLY M 199 -6.46 71.23 19.31
C GLY M 199 -6.73 71.93 20.64
N ILE M 200 -7.59 72.93 20.55
CA ILE M 200 -7.97 73.76 21.68
C ILE M 200 -6.83 74.26 22.55
N HIS M 201 -5.97 73.37 23.06
CA HIS M 201 -4.94 73.86 24.00
C HIS M 201 -3.82 74.63 23.34
N THR M 202 -3.17 75.45 24.16
CA THR M 202 -1.99 76.11 23.72
C THR M 202 -0.83 75.19 24.05
N PHE M 203 -0.27 74.60 23.00
CA PHE M 203 0.93 73.77 23.07
C PHE M 203 2.11 74.66 22.76
N ARG M 204 3.29 74.04 22.69
CA ARG M 204 4.53 74.74 22.33
C ARG M 204 5.23 74.10 21.10
N LEU M 205 5.89 74.91 20.28
CA LEU M 205 6.81 74.39 19.27
C LEU M 205 8.18 74.74 19.79
N ILE M 206 9.10 73.79 19.68
CA ILE M 206 10.48 73.98 20.10
C ILE M 206 11.42 73.71 18.88
N ASN M 207 12.19 74.71 18.49
CA ASN M 207 13.05 74.59 17.31
C ASN M 207 14.45 74.27 17.78
N ALA M 208 15.29 73.91 16.81
CA ALA M 208 16.58 73.30 17.16
C ALA M 208 17.40 74.04 18.24
N GLU M 209 17.20 75.34 18.41
CA GLU M 209 17.94 76.14 19.41
C GLU M 209 17.34 76.15 20.81
N GLY M 210 16.22 75.46 21.04
CA GLY M 210 15.48 75.58 22.30
C GLY M 210 14.66 76.85 22.44
N LYS M 211 14.18 77.39 21.32
CA LYS M 211 13.30 78.59 21.27
C LYS M 211 11.81 78.16 21.26
N ALA M 212 11.13 78.48 22.35
CA ALA M 212 9.75 78.03 22.52
C ALA M 212 8.78 78.93 21.78
N THR M 213 7.91 78.35 20.97
CA THR M 213 6.82 79.14 20.40
C THR M 213 5.43 78.56 20.65
N PHE M 214 4.59 79.29 21.38
CA PHE M 214 3.22 78.90 21.62
C PHE M 214 2.50 78.61 20.32
N VAL M 215 1.65 77.59 20.32
CA VAL M 215 0.96 77.22 19.09
C VAL M 215 -0.46 76.72 19.43
N ARG M 216 -1.39 76.89 18.50
CA ARG M 216 -2.66 76.24 18.65
C ARG M 216 -2.99 75.55 17.35
N PHE M 217 -3.58 74.35 17.41
CA PHE M 217 -3.73 73.56 16.18
C PHE M 217 -5.10 73.69 15.55
N HIS M 218 -5.11 73.93 14.23
CA HIS M 218 -6.34 74.01 13.46
C HIS M 218 -6.28 73.04 12.28
N TRP M 219 -7.43 72.44 11.97
CA TRP M 219 -7.61 71.70 10.73
C TRP M 219 -8.70 72.47 10.01
N LYS M 220 -8.51 72.72 8.71
CA LYS M 220 -9.51 73.38 7.84
C LYS M 220 -9.88 72.49 6.65
N PRO M 221 -11.18 72.22 6.44
CA PRO M 221 -11.61 71.33 5.34
C PRO M 221 -11.62 71.97 3.91
N LEU M 222 -10.83 71.38 3.01
CA LEU M 222 -10.72 71.88 1.63
C LEU M 222 -11.78 71.31 0.71
N ALA M 223 -12.82 70.71 1.27
CA ALA M 223 -13.94 70.25 0.43
C ALA M 223 -15.02 71.34 0.33
N LYS N 1 -35.05 64.78 12.43
CA LYS N 1 -33.77 64.18 12.75
C LYS N 1 -33.42 63.07 11.74
N LEU N 2 -32.19 63.16 11.17
CA LEU N 2 -31.61 62.07 10.34
C LEU N 2 -31.13 60.92 11.28
N THR N 3 -31.27 61.16 12.60
CA THR N 3 -31.05 60.15 13.64
C THR N 3 -32.11 59.00 13.56
N GLY N 4 -33.26 59.31 12.95
CA GLY N 4 -34.33 58.36 12.61
C GLY N 4 -34.23 57.75 11.20
N ARG N 5 -34.13 58.60 10.17
CA ARG N 5 -33.87 58.10 8.82
C ARG N 5 -32.59 57.26 8.78
N ASP N 6 -31.43 57.85 9.07
CA ASP N 6 -30.17 57.08 9.06
C ASP N 6 -29.16 57.38 10.19
N PRO N 7 -29.14 56.52 11.21
CA PRO N 7 -28.31 56.75 12.40
C PRO N 7 -26.81 56.62 12.11
N ASP N 8 -26.50 56.00 10.97
CA ASP N 8 -25.11 55.83 10.55
C ASP N 8 -24.72 56.77 9.40
N PHE N 9 -25.55 57.77 9.12
CA PHE N 9 -25.24 58.73 8.04
C PHE N 9 -23.74 59.14 7.97
N HIS N 10 -23.25 59.89 8.96
CA HIS N 10 -21.86 60.39 8.89
C HIS N 10 -20.80 59.31 8.67
N ARG N 11 -21.03 58.14 9.26
CA ARG N 11 -20.11 57.02 9.16
C ARG N 11 -20.12 56.54 7.71
N ARG N 12 -21.34 56.43 7.18
CA ARG N 12 -21.63 55.91 5.85
C ARG N 12 -21.12 56.80 4.71
N GLU N 13 -21.51 58.07 4.73
CA GLU N 13 -20.94 59.07 3.81
C GLU N 13 -19.40 59.05 3.76
N LEU N 14 -18.73 59.00 4.92
CA LEU N 14 -17.27 59.08 4.91
C LEU N 14 -16.70 57.88 4.15
N TRP N 15 -17.32 56.74 4.35
CA TRP N 15 -16.84 55.51 3.76
C TRP N 15 -17.15 55.49 2.27
N GLU N 16 -18.30 56.04 1.91
CA GLU N 16 -18.68 55.94 0.54
C GLU N 16 -17.81 56.92 -0.25
N ALA N 17 -17.71 58.16 0.20
CA ALA N 17 -16.72 59.09 -0.38
C ALA N 17 -15.37 58.39 -0.66
N ILE N 18 -14.82 57.66 0.32
CA ILE N 18 -13.47 57.14 0.11
C ILE N 18 -13.47 56.06 -0.97
N GLU N 19 -14.47 55.19 -0.88
CA GLU N 19 -14.80 54.24 -1.95
C GLU N 19 -14.72 54.88 -3.34
N ALA N 20 -15.53 55.95 -3.53
CA ALA N 20 -15.69 56.63 -4.81
C ALA N 20 -14.42 57.29 -5.33
N GLY N 21 -13.51 57.68 -4.43
CA GLY N 21 -12.34 58.40 -4.87
C GLY N 21 -12.28 59.86 -4.44
N ASP N 22 -13.40 60.53 -4.06
CA ASP N 22 -13.26 61.91 -3.49
C ASP N 22 -12.77 61.93 -2.03
N PHE N 23 -11.46 61.75 -1.89
CA PHE N 23 -10.79 61.77 -0.60
C PHE N 23 -10.99 63.12 0.08
N PRO N 24 -11.43 63.07 1.34
CA PRO N 24 -11.50 64.28 2.17
C PRO N 24 -10.09 64.89 2.34
N GLU N 25 -10.00 66.21 2.34
CA GLU N 25 -8.70 66.87 2.50
C GLU N 25 -8.81 67.90 3.61
N TYR N 26 -7.72 68.06 4.35
CA TYR N 26 -7.70 68.98 5.49
C TYR N 26 -6.39 69.74 5.50
N GLU N 27 -6.47 71.02 5.81
CA GLU N 27 -5.25 71.82 5.94
C GLU N 27 -4.89 72.06 7.41
N LEU N 28 -3.78 71.48 7.85
CA LEU N 28 -3.33 71.76 9.20
C LEU N 28 -2.70 73.16 9.27
N GLY N 29 -3.22 74.06 10.11
CA GLY N 29 -2.67 75.40 10.20
C GLY N 29 -2.44 75.79 11.63
N PHE N 30 -1.36 76.53 11.91
CA PHE N 30 -0.97 76.92 13.27
C PHE N 30 -1.23 78.38 13.59
N GLN N 31 -1.78 78.66 14.76
CA GLN N 31 -1.77 80.01 15.25
C GLN N 31 -0.50 80.12 16.09
N LEU N 32 0.34 81.13 15.83
CA LEU N 32 1.66 81.20 16.47
C LEU N 32 1.84 82.47 17.25
N ILE N 33 2.42 82.34 18.45
CA ILE N 33 2.60 83.48 19.33
C ILE N 33 3.93 83.38 20.07
N PRO N 34 4.79 84.35 19.84
CA PRO N 34 6.08 84.35 20.56
C PRO N 34 5.90 84.26 22.07
N GLU N 35 6.80 83.54 22.72
CA GLU N 35 6.81 83.47 24.17
C GLU N 35 6.54 84.77 24.95
N GLU N 36 7.16 85.90 24.55
CA GLU N 36 6.98 87.14 25.33
C GLU N 36 5.58 87.80 25.14
N ASP N 37 4.84 87.42 24.10
CA ASP N 37 3.47 87.94 23.93
C ASP N 37 2.49 87.28 24.94
N GLU N 38 2.97 86.28 25.68
CA GLU N 38 2.14 85.56 26.65
C GLU N 38 1.00 86.41 27.27
N PHE N 39 1.30 87.62 27.77
CA PHE N 39 0.30 88.33 28.56
C PHE N 39 -0.34 89.52 27.87
N LYS N 40 -0.09 89.66 26.58
CA LYS N 40 -0.58 90.81 25.82
C LYS N 40 -2.04 90.66 25.39
N PHE N 41 -2.85 89.89 26.11
CA PHE N 41 -4.19 89.58 25.61
C PHE N 41 -5.29 89.82 26.62
N ASP N 42 -6.50 89.99 26.11
CA ASP N 42 -7.70 90.23 26.93
C ASP N 42 -7.94 89.11 27.94
N PHE N 43 -7.22 87.99 27.75
CA PHE N 43 -7.57 86.74 28.40
C PHE N 43 -6.34 85.86 28.51
N ASP N 44 -6.44 84.76 29.26
CA ASP N 44 -5.27 83.90 29.52
C ASP N 44 -5.06 82.79 28.49
N LEU N 45 -3.85 82.73 27.92
CA LEU N 45 -3.59 81.87 26.77
C LEU N 45 -3.86 80.39 27.09
N LEU N 46 -3.68 80.08 28.37
CA LEU N 46 -3.81 78.73 28.91
C LEU N 46 -5.22 78.33 29.35
N ASP N 47 -6.22 79.15 29.06
CA ASP N 47 -7.59 78.84 29.48
C ASP N 47 -8.31 78.26 28.27
N PRO N 48 -8.67 76.99 28.35
CA PRO N 48 -9.23 76.27 27.20
C PRO N 48 -10.67 76.63 26.90
N THR N 49 -11.28 77.50 27.72
CA THR N 49 -12.65 77.97 27.46
C THR N 49 -12.62 79.23 26.64
N LYS N 50 -11.43 79.55 26.18
CA LYS N 50 -11.20 80.81 25.50
C LYS N 50 -10.42 80.61 24.23
N LEU N 51 -10.99 81.09 23.12
CA LEU N 51 -10.38 81.01 21.79
C LEU N 51 -9.40 82.16 21.52
N ILE N 52 -8.47 81.92 20.58
CA ILE N 52 -7.57 82.98 20.07
C ILE N 52 -8.16 83.56 18.78
N PRO N 53 -8.59 84.83 18.82
CA PRO N 53 -9.33 85.40 17.69
C PRO N 53 -8.45 85.49 16.45
N GLU N 54 -8.96 85.02 15.31
CA GLU N 54 -8.18 84.94 14.07
C GLU N 54 -7.60 86.30 13.67
N GLU N 55 -8.41 87.37 13.79
CA GLU N 55 -7.94 88.73 13.48
C GLU N 55 -6.78 89.19 14.38
N LEU N 56 -6.63 88.62 15.57
CA LEU N 56 -5.44 88.97 16.33
C LEU N 56 -4.26 88.08 15.89
N VAL N 57 -4.41 86.77 16.04
CA VAL N 57 -3.39 85.84 15.54
C VAL N 57 -3.95 85.04 14.39
N PRO N 58 -3.46 85.31 13.19
CA PRO N 58 -3.96 84.59 12.01
C PRO N 58 -3.53 83.12 12.04
N VAL N 59 -4.36 82.26 11.42
CA VAL N 59 -4.09 80.83 11.19
C VAL N 59 -3.16 80.58 10.00
N GLN N 60 -1.87 80.34 10.27
CA GLN N 60 -0.93 80.04 9.17
C GLN N 60 -1.02 78.63 8.56
N ARG N 61 -1.70 78.51 7.41
CA ARG N 61 -1.60 77.31 6.53
C ARG N 61 -0.25 76.61 6.63
N VAL N 62 -0.24 75.33 7.00
CA VAL N 62 1.03 74.60 7.21
C VAL N 62 1.22 73.25 6.46
N GLY N 63 0.13 72.51 6.23
CA GLY N 63 0.24 71.19 5.65
C GLY N 63 -1.12 70.71 5.14
N LYS N 64 -1.11 69.65 4.32
CA LYS N 64 -2.36 69.09 3.78
C LYS N 64 -2.44 67.63 4.21
N MET N 65 -3.61 67.16 4.60
CA MET N 65 -3.72 65.76 5.05
C MET N 65 -4.79 65.10 4.21
N VAL N 66 -4.59 63.85 3.84
CA VAL N 66 -5.58 63.22 2.98
C VAL N 66 -6.00 61.83 3.47
N LEU N 67 -7.31 61.64 3.47
CA LEU N 67 -7.83 60.38 3.94
C LEU N 67 -8.21 59.57 2.71
N ASN N 68 -7.42 58.53 2.40
CA ASN N 68 -7.63 57.84 1.11
C ASN N 68 -7.83 56.32 1.18
N ARG N 69 -7.98 55.77 2.39
CA ARG N 69 -8.19 54.33 2.57
C ARG N 69 -9.06 53.95 3.80
N ASN N 70 -10.27 53.45 3.55
CA ASN N 70 -11.07 52.92 4.64
C ASN N 70 -10.18 51.88 5.33
N PRO N 71 -10.44 51.62 6.62
CA PRO N 71 -9.83 50.47 7.32
C PRO N 71 -10.28 49.15 6.69
N ASP N 72 -9.65 48.06 7.11
CA ASP N 72 -10.02 46.74 6.62
C ASP N 72 -11.09 46.05 7.49
N ASN N 73 -10.84 46.04 8.80
CA ASN N 73 -11.80 45.54 9.76
C ASN N 73 -12.10 46.62 10.79
N PHE N 74 -13.39 46.97 10.94
CA PHE N 74 -13.76 48.09 11.80
C PHE N 74 -13.17 47.91 13.21
N PHE N 75 -13.52 46.78 13.83
CA PHE N 75 -13.11 46.51 15.19
C PHE N 75 -11.60 46.62 15.31
N ALA N 76 -10.88 45.94 14.44
CA ALA N 76 -9.47 45.71 14.72
C ALA N 76 -8.70 47.01 14.63
N GLU N 77 -9.24 47.89 13.79
CA GLU N 77 -8.51 49.08 13.33
C GLU N 77 -9.14 50.37 13.93
N ASN N 78 -10.46 50.51 13.75
CA ASN N 78 -11.14 51.61 14.42
C ASN N 78 -11.17 51.42 15.96
N GLU N 79 -11.98 50.43 16.39
CA GLU N 79 -12.35 50.27 17.77
C GLU N 79 -11.12 50.30 18.61
N GLN N 80 -10.08 49.55 18.19
CA GLN N 80 -8.87 49.36 19.03
C GLN N 80 -7.83 50.46 18.90
N ALA N 81 -8.04 51.42 18.00
CA ALA N 81 -7.02 52.45 17.87
C ALA N 81 -6.99 53.21 19.17
N ALA N 82 -5.81 53.61 19.63
CA ALA N 82 -5.70 54.39 20.86
C ALA N 82 -4.96 55.75 20.71
N PHE N 83 -5.73 56.84 20.71
CA PHE N 83 -5.15 58.16 20.51
C PHE N 83 -4.90 58.80 21.85
N HIS N 84 -3.74 59.40 22.09
CA HIS N 84 -3.55 60.12 23.36
C HIS N 84 -2.62 61.37 23.31
N PRO N 85 -3.16 62.56 23.53
CA PRO N 85 -2.39 63.81 23.38
C PRO N 85 -1.05 63.93 24.11
N GLY N 86 -0.75 63.06 25.08
CA GLY N 86 0.59 63.02 25.66
C GLY N 86 1.54 62.33 24.67
N HIS N 87 0.96 61.80 23.61
CA HIS N 87 1.73 61.15 22.58
C HIS N 87 2.28 62.24 21.64
N ILE N 88 3.30 62.95 22.12
CA ILE N 88 4.00 63.92 21.29
C ILE N 88 5.41 63.42 20.99
N VAL N 89 6.27 64.36 20.52
CA VAL N 89 7.57 64.04 19.88
C VAL N 89 8.47 65.24 20.01
N PRO N 90 9.79 65.01 19.98
CA PRO N 90 10.74 66.12 20.00
C PRO N 90 10.26 67.19 19.01
N GLY N 91 10.13 68.41 19.52
CA GLY N 91 9.74 69.54 18.69
C GLY N 91 8.42 70.12 19.13
N LEU N 92 7.63 69.26 19.76
CA LEU N 92 6.39 69.67 20.38
C LEU N 92 6.61 69.60 21.88
N ASP N 93 5.71 70.26 22.59
CA ASP N 93 5.70 70.26 24.04
C ASP N 93 4.39 70.88 24.58
N PHE N 94 4.15 70.70 25.86
CA PHE N 94 2.88 71.14 26.42
C PHE N 94 3.06 72.49 27.09
N THR N 95 1.98 72.95 27.68
CA THR N 95 2.00 74.14 28.53
C THR N 95 1.18 73.78 29.76
N ASN N 96 1.01 74.71 30.68
CA ASN N 96 0.30 74.45 31.93
C ASN N 96 -1.24 74.58 31.86
N ASP N 97 -1.78 74.57 30.63
CA ASP N 97 -3.24 74.56 30.44
C ASP N 97 -3.78 73.41 31.28
N PRO N 98 -4.45 73.76 32.39
CA PRO N 98 -4.81 72.75 33.40
C PRO N 98 -5.85 71.72 32.89
N LEU N 99 -6.43 71.95 31.73
CA LEU N 99 -7.28 70.90 31.11
C LEU N 99 -6.42 69.85 30.40
N LEU N 100 -5.49 70.34 29.60
CA LEU N 100 -4.54 69.46 28.94
C LEU N 100 -3.71 68.73 29.97
N GLN N 101 -3.27 69.42 31.04
CA GLN N 101 -2.44 68.75 32.04
C GLN N 101 -3.08 67.43 32.42
N GLY N 102 -4.33 67.47 32.83
CA GLY N 102 -4.97 66.28 33.37
C GLY N 102 -5.23 65.27 32.28
N ARG N 103 -5.48 65.73 31.06
CA ARG N 103 -5.65 64.81 29.95
C ARG N 103 -4.45 63.87 29.85
N LEU N 104 -3.29 64.43 30.09
CA LEU N 104 -2.08 63.67 29.93
C LEU N 104 -2.23 62.38 30.68
N PHE N 105 -2.67 62.45 31.95
CA PHE N 105 -2.76 61.26 32.79
C PHE N 105 -3.76 60.23 32.24
N SER N 106 -4.92 60.74 31.87
CA SER N 106 -6.04 59.91 31.47
C SER N 106 -5.85 59.07 30.20
N TYR N 107 -5.38 59.63 29.09
CA TYR N 107 -5.35 58.76 27.87
C TYR N 107 -4.49 57.46 27.97
N THR N 108 -3.52 57.53 28.89
CA THR N 108 -2.62 56.42 29.16
C THR N 108 -3.37 55.35 29.94
N ASP N 109 -3.81 55.74 31.13
CA ASP N 109 -4.48 54.88 32.09
C ASP N 109 -5.68 54.11 31.52
N THR N 110 -6.60 54.84 30.88
CA THR N 110 -7.78 54.22 30.30
C THR N 110 -7.45 53.06 29.38
N GLN N 111 -6.28 53.06 28.75
CA GLN N 111 -5.94 52.00 27.78
C GLN N 111 -5.95 50.63 28.46
N ILE N 112 -5.46 50.66 29.69
CA ILE N 112 -5.18 49.48 30.48
C ILE N 112 -6.37 48.58 30.71
N SER N 113 -7.57 49.13 30.75
CA SER N 113 -8.73 48.27 30.91
C SER N 113 -9.38 48.11 29.55
N ARG N 114 -9.41 49.19 28.80
CA ARG N 114 -10.12 49.16 27.57
C ARG N 114 -9.46 48.19 26.60
N LEU N 115 -8.13 48.09 26.68
CA LEU N 115 -7.39 47.38 25.64
C LEU N 115 -6.82 46.10 26.20
N GLY N 116 -6.69 46.06 27.52
CA GLY N 116 -6.41 44.78 28.13
C GLY N 116 -5.03 44.73 28.74
N GLY N 117 -4.37 45.87 28.80
CA GLY N 117 -3.10 45.90 29.50
C GLY N 117 -2.07 46.81 28.86
N PRO N 118 -0.86 46.81 29.42
CA PRO N 118 0.20 47.74 28.94
C PRO N 118 0.84 47.40 27.58
N ASN N 119 0.38 46.39 26.84
CA ASN N 119 0.99 46.12 25.55
C ASN N 119 0.12 46.53 24.40
N PHE N 120 -0.67 47.60 24.57
CA PHE N 120 -1.66 47.95 23.52
C PHE N 120 -0.94 48.54 22.29
N HIS N 121 0.28 49.04 22.53
CA HIS N 121 1.05 49.64 21.45
C HIS N 121 1.45 48.55 20.42
N GLU N 122 1.34 47.27 20.81
CA GLU N 122 1.70 46.15 19.95
C GLU N 122 0.57 45.71 19.03
N ILE N 123 -0.63 46.18 19.28
CA ILE N 123 -1.68 45.92 18.30
C ILE N 123 -1.19 46.68 17.07
N PRO N 124 -1.45 46.14 15.88
CA PRO N 124 -1.19 46.84 14.61
C PRO N 124 -1.46 48.34 14.67
N ILE N 125 -2.73 48.70 14.51
CA ILE N 125 -3.02 50.11 14.29
C ILE N 125 -2.30 51.12 15.22
N ASN N 126 -1.83 50.74 16.41
CA ASN N 126 -1.06 51.72 17.21
C ASN N 126 0.45 51.45 17.28
N ARG N 127 0.91 50.44 16.54
CA ARG N 127 2.34 50.13 16.59
C ARG N 127 3.05 51.18 15.76
N PRO N 128 4.09 51.78 16.33
CA PRO N 128 4.86 52.80 15.62
C PRO N 128 5.30 52.22 14.27
N THR N 129 5.70 53.06 13.29
CA THR N 129 6.42 52.52 12.11
C THR N 129 7.94 52.76 12.24
N CYS N 130 8.34 53.61 13.18
CA CYS N 130 9.76 53.78 13.42
C CYS N 130 10.28 52.67 14.33
N PRO N 131 11.59 52.68 14.66
CA PRO N 131 12.12 51.75 15.67
C PRO N 131 11.62 52.14 17.05
N TYR N 132 11.40 51.15 17.92
CA TYR N 132 11.17 51.37 19.35
C TYR N 132 11.78 50.23 20.15
N HIS N 133 12.53 50.58 21.18
CA HIS N 133 13.20 49.61 22.05
C HIS N 133 13.44 50.25 23.45
N ASN N 134 13.12 49.47 24.49
CA ASN N 134 13.35 49.90 25.87
C ASN N 134 13.57 48.67 26.74
N PHE N 135 13.69 48.89 28.03
CA PHE N 135 13.82 47.80 28.98
C PHE N 135 12.50 47.38 29.66
N GLN N 136 11.39 47.65 28.99
CA GLN N 136 10.09 47.24 29.48
C GLN N 136 9.84 45.80 29.12
N ARG N 137 9.42 45.00 30.11
CA ARG N 137 9.10 43.60 29.83
C ARG N 137 7.68 43.17 30.21
N ASP N 138 7.24 42.08 29.59
CA ASP N 138 6.08 41.33 30.04
C ASP N 138 4.81 42.13 29.86
N GLY N 139 3.80 41.79 30.66
CA GLY N 139 2.50 42.38 30.57
C GLY N 139 1.59 41.51 29.73
N MET N 140 0.29 41.53 30.03
CA MET N 140 -0.64 40.71 29.27
C MET N 140 -0.44 40.91 27.74
N HIS N 141 -0.65 39.82 27.02
CA HIS N 141 -0.53 39.77 25.56
C HIS N 141 0.77 40.38 25.06
N ARG N 142 1.85 39.96 25.72
CA ARG N 142 3.14 40.38 25.20
C ARG N 142 3.41 39.66 23.85
N MET N 143 3.62 40.45 22.81
CA MET N 143 3.98 39.93 21.45
C MET N 143 5.50 39.96 21.19
N GLY N 144 6.09 41.15 21.24
CA GLY N 144 7.54 41.27 21.29
C GLY N 144 8.20 40.17 22.10
N ILE N 145 9.03 39.37 21.43
CA ILE N 145 9.98 38.48 22.14
C ILE N 145 11.37 39.08 22.30
N ASP N 146 11.66 39.65 23.47
CA ASP N 146 12.92 40.34 23.66
C ASP N 146 14.07 39.37 23.78
N THR N 147 15.13 39.60 22.98
CA THR N 147 16.43 38.86 23.04
C THR N 147 17.58 39.54 23.86
N ASN N 148 17.39 40.81 24.24
CA ASN N 148 18.43 41.55 24.94
C ASN N 148 18.81 40.91 26.28
N PRO N 149 20.08 40.60 26.48
CA PRO N 149 20.53 39.95 27.73
C PRO N 149 20.32 40.81 28.99
N ALA N 150 19.90 42.05 28.78
CA ALA N 150 19.61 42.95 29.90
C ALA N 150 18.16 43.46 29.81
N ASN N 151 17.51 43.59 30.97
CA ASN N 151 16.20 44.23 31.03
C ASN N 151 16.27 45.46 31.94
N TYR N 152 17.48 45.95 32.16
CA TYR N 152 17.66 47.12 32.98
C TYR N 152 18.63 48.08 32.28
N GLU N 153 19.04 49.13 32.99
CA GLU N 153 20.05 50.09 32.53
C GLU N 153 20.27 51.11 33.66
N PRO N 154 21.52 51.47 33.91
CA PRO N 154 22.64 51.12 33.03
C PRO N 154 22.93 49.62 33.12
N ASN N 155 23.28 48.99 32.01
CA ASN N 155 23.75 47.63 32.05
C ASN N 155 25.12 47.51 31.34
N SER N 156 25.97 46.58 31.77
CA SER N 156 27.24 46.40 31.10
C SER N 156 27.15 45.16 30.23
N ILE N 157 26.32 44.20 30.61
CA ILE N 157 26.20 42.95 29.84
C ILE N 157 25.75 43.14 28.42
N ASN N 158 25.01 44.20 28.09
CA ASN N 158 24.74 44.47 26.68
C ASN N 158 25.25 45.83 26.29
N ASP N 159 26.44 46.16 26.79
CA ASP N 159 27.09 47.39 26.35
C ASP N 159 26.05 48.53 26.55
N ASN N 160 25.28 48.46 27.63
CA ASN N 160 24.24 49.45 27.93
C ASN N 160 23.23 49.82 26.80
N TRP N 161 22.99 48.89 25.87
CA TRP N 161 22.06 49.12 24.75
C TRP N 161 20.70 48.46 25.04
N PRO N 162 19.60 49.08 24.62
CA PRO N 162 19.61 50.36 23.88
C PRO N 162 19.97 51.59 24.73
N ARG N 163 20.66 52.56 24.12
CA ARG N 163 21.19 53.71 24.85
C ARG N 163 20.27 54.89 24.63
N GLU N 164 20.22 55.76 25.64
CA GLU N 164 19.59 57.07 25.54
C GLU N 164 20.15 57.81 24.32
N THR N 165 19.62 58.99 24.01
CA THR N 165 20.16 59.82 22.94
C THR N 165 19.96 61.32 23.20
N PRO N 166 21.03 62.12 23.19
CA PRO N 166 20.91 63.48 23.75
C PRO N 166 19.98 64.27 22.81
N PRO N 167 19.45 65.37 23.31
CA PRO N 167 18.53 66.17 22.50
C PRO N 167 19.34 66.92 21.41
N GLY N 168 18.82 66.96 20.18
CA GLY N 168 19.48 67.67 19.10
C GLY N 168 18.60 68.07 17.92
N PRO N 169 19.21 68.85 17.02
CA PRO N 169 18.48 69.35 15.84
C PRO N 169 17.65 68.31 15.12
N LYS N 170 18.12 67.06 15.03
CA LYS N 170 17.33 66.02 14.31
C LYS N 170 17.68 64.63 14.85
N ARG N 171 16.72 63.68 14.85
CA ARG N 171 16.88 62.37 15.50
C ARG N 171 17.25 62.51 16.97
N GLY N 172 16.90 63.62 17.60
CA GLY N 172 17.28 63.86 18.98
C GLY N 172 16.36 63.09 19.94
N GLY N 173 16.83 62.97 21.19
CA GLY N 173 16.03 62.47 22.30
C GLY N 173 15.08 63.57 22.70
N PHE N 174 14.16 63.30 23.63
CA PHE N 174 13.17 64.30 24.00
C PHE N 174 13.58 64.98 25.31
N GLU N 175 13.70 66.29 25.28
CA GLU N 175 13.93 66.96 26.54
C GLU N 175 12.86 68.01 26.65
N SER N 176 12.55 68.38 27.89
CA SER N 176 11.39 69.23 28.16
C SER N 176 11.84 70.70 28.17
N TYR N 177 11.06 71.56 27.51
CA TYR N 177 11.34 72.98 27.50
C TYR N 177 11.48 73.44 28.93
N GLN N 178 12.62 74.03 29.27
CA GLN N 178 12.90 74.34 30.68
C GLN N 178 12.05 75.44 31.33
N GLU N 179 10.79 75.59 30.92
CA GLU N 179 9.89 76.64 31.48
C GLU N 179 10.08 76.97 32.99
N ARG N 180 10.21 78.25 33.35
CA ARG N 180 10.40 78.56 34.78
C ARG N 180 9.09 78.36 35.55
N VAL N 181 9.21 77.75 36.72
CA VAL N 181 8.05 77.54 37.56
C VAL N 181 8.24 78.29 38.86
N GLU N 182 7.29 79.15 39.15
CA GLU N 182 7.24 79.82 40.43
C GLU N 182 5.82 79.74 41.01
N GLY N 183 5.74 79.39 42.30
CA GLY N 183 4.46 79.46 43.00
C GLY N 183 4.37 78.64 44.29
N ASN N 184 3.17 78.58 44.86
CA ASN N 184 2.91 77.71 45.99
C ASN N 184 2.10 76.50 45.53
N LYS N 185 2.29 75.37 46.23
CA LYS N 185 1.43 74.18 46.07
C LYS N 185 0.04 74.62 46.47
N VAL N 186 -0.88 74.60 45.49
CA VAL N 186 -2.24 75.09 45.72
C VAL N 186 -3.28 74.56 44.73
N ARG N 187 -4.48 74.27 45.25
CA ARG N 187 -5.62 73.91 44.40
C ARG N 187 -6.54 75.14 44.25
N GLU N 188 -6.29 75.92 43.20
CA GLU N 188 -6.86 77.23 43.07
C GLU N 188 -6.96 77.52 41.61
N ARG N 189 -8.06 78.12 41.21
CA ARG N 189 -8.22 78.44 39.82
C ARG N 189 -7.47 79.74 39.56
N SER N 190 -6.86 79.89 38.40
CA SER N 190 -6.18 81.14 38.12
C SER N 190 -7.21 82.24 37.87
N PRO N 191 -7.06 83.36 38.56
CA PRO N 191 -8.02 84.47 38.42
C PRO N 191 -8.13 84.94 36.99
N SER N 192 -7.08 84.77 36.21
CA SER N 192 -7.10 85.18 34.81
C SER N 192 -8.11 84.38 33.97
N PHE N 193 -8.59 83.30 34.57
CA PHE N 193 -9.55 82.42 33.95
C PHE N 193 -10.96 82.88 34.29
N GLY N 194 -11.07 83.87 35.19
CA GLY N 194 -12.30 84.25 35.87
C GLY N 194 -13.39 85.00 35.12
N GLU N 195 -13.26 85.15 33.82
CA GLU N 195 -14.28 85.82 33.03
C GLU N 195 -14.91 84.87 32.05
N TYR N 196 -16.21 84.65 32.19
CA TYR N 196 -16.87 83.64 31.36
C TYR N 196 -17.75 84.13 30.23
N TYR N 197 -17.92 85.45 30.09
CA TYR N 197 -19.03 85.92 29.29
C TYR N 197 -18.71 86.57 27.96
N SER N 198 -17.54 87.17 27.83
CA SER N 198 -17.31 87.98 26.65
C SER N 198 -16.87 87.16 25.44
N HIS N 199 -16.47 85.91 25.64
CA HIS N 199 -16.16 85.09 24.47
C HIS N 199 -17.43 84.54 23.86
N PRO N 200 -18.35 84.10 24.73
CA PRO N 200 -19.72 83.78 24.30
C PRO N 200 -20.33 84.98 23.53
N ARG N 201 -20.29 86.16 24.18
CA ARG N 201 -20.77 87.42 23.59
C ARG N 201 -20.21 87.58 22.18
N LEU N 202 -18.90 87.79 22.10
CA LEU N 202 -18.25 87.93 20.80
C LEU N 202 -18.75 86.87 19.81
N PHE N 203 -18.94 85.64 20.26
CA PHE N 203 -19.35 84.58 19.33
C PHE N 203 -20.71 84.92 18.76
N TRP N 204 -21.65 85.26 19.65
CA TRP N 204 -23.02 85.56 19.27
C TRP N 204 -23.07 86.76 18.35
N LEU N 205 -22.37 87.82 18.73
CA LEU N 205 -22.35 89.03 17.94
C LEU N 205 -21.87 88.83 16.50
N SER N 206 -21.01 87.85 16.27
CA SER N 206 -20.60 87.61 14.89
C SER N 206 -21.48 86.60 14.13
N GLN N 207 -22.72 86.39 14.56
CA GLN N 207 -23.60 85.47 13.83
C GLN N 207 -24.57 86.26 12.93
N THR N 208 -24.89 85.71 11.74
CA THR N 208 -25.91 86.33 10.86
C THR N 208 -27.30 86.16 11.47
N PRO N 209 -28.16 87.17 11.35
CA PRO N 209 -29.47 87.11 12.00
C PRO N 209 -30.15 85.73 11.84
N PHE N 210 -29.92 85.00 10.76
CA PHE N 210 -30.56 83.68 10.76
C PHE N 210 -29.75 82.61 11.50
N GLU N 211 -28.43 82.76 11.55
CA GLU N 211 -27.66 81.85 12.38
C GLU N 211 -28.02 82.02 13.85
N GLN N 212 -28.37 83.25 14.23
CA GLN N 212 -28.76 83.56 15.60
C GLN N 212 -30.11 82.96 15.93
N ARG N 213 -31.04 83.02 14.99
CA ARG N 213 -32.31 82.36 15.18
C ARG N 213 -31.99 80.92 15.62
N HIS N 214 -31.11 80.26 14.88
CA HIS N 214 -30.81 78.83 15.13
C HIS N 214 -30.30 78.54 16.55
N ILE N 215 -29.47 79.43 17.07
CA ILE N 215 -28.95 79.32 18.42
C ILE N 215 -30.07 79.40 19.44
N VAL N 216 -30.95 80.39 19.22
CA VAL N 216 -32.14 80.53 20.05
C VAL N 216 -32.99 79.25 20.01
N ASP N 217 -33.20 78.68 18.82
CA ASP N 217 -33.96 77.44 18.70
C ASP N 217 -33.30 76.29 19.49
N GLY N 218 -31.98 76.20 19.41
CA GLY N 218 -31.27 75.12 20.08
C GLY N 218 -31.52 75.23 21.57
N PHE N 219 -31.09 76.34 22.15
CA PHE N 219 -31.39 76.63 23.53
C PHE N 219 -32.87 76.37 23.85
N SER N 220 -33.76 76.80 22.96
CA SER N 220 -35.19 76.74 23.23
C SER N 220 -35.71 75.30 23.29
N PHE N 221 -35.23 74.47 22.36
CA PHE N 221 -35.62 73.07 22.28
C PHE N 221 -34.98 72.30 23.42
N GLU N 222 -33.72 72.59 23.74
CA GLU N 222 -33.04 71.86 24.80
C GLU N 222 -33.56 72.24 26.17
N LEU N 223 -33.89 73.50 26.39
CA LEU N 223 -34.36 73.84 27.72
C LEU N 223 -35.79 73.37 27.90
N SER N 224 -36.44 73.11 26.79
CA SER N 224 -37.83 72.65 26.87
C SER N 224 -37.89 71.22 27.42
N LYS N 225 -36.81 70.47 27.31
CA LYS N 225 -36.87 69.06 27.68
C LYS N 225 -36.37 68.89 29.12
N VAL N 226 -35.99 70.02 29.73
CA VAL N 226 -35.56 70.04 31.10
C VAL N 226 -36.77 70.02 32.04
N VAL N 227 -36.98 68.91 32.74
CA VAL N 227 -38.15 68.81 33.63
C VAL N 227 -38.23 69.88 34.75
N ARG N 228 -37.17 70.06 35.53
CA ARG N 228 -37.16 71.04 36.64
C ARG N 228 -37.15 72.51 36.16
N PRO N 229 -38.24 73.25 36.43
CA PRO N 229 -38.43 74.56 35.79
C PRO N 229 -37.40 75.59 36.21
N TYR N 230 -37.02 75.61 37.48
CA TYR N 230 -36.03 76.55 37.98
C TYR N 230 -34.68 76.46 37.28
N ILE N 231 -34.29 75.26 36.82
CA ILE N 231 -33.05 75.11 36.03
C ILE N 231 -33.21 75.89 34.74
N ARG N 232 -34.39 75.77 34.13
CA ARG N 232 -34.68 76.47 32.89
C ARG N 232 -34.42 77.97 33.08
N GLU N 233 -34.96 78.54 34.16
CA GLU N 233 -34.85 79.99 34.39
C GLU N 233 -33.41 80.39 34.71
N ARG N 234 -32.69 79.54 35.43
CA ARG N 234 -31.33 79.86 35.88
C ARG N 234 -30.40 79.93 34.68
N VAL N 235 -30.67 79.07 33.68
CA VAL N 235 -29.88 79.09 32.45
C VAL N 235 -30.11 80.39 31.72
N VAL N 236 -31.36 80.63 31.37
CA VAL N 236 -31.77 81.89 30.75
C VAL N 236 -31.15 83.10 31.44
N ASP N 237 -31.15 83.05 32.76
CA ASP N 237 -30.47 84.04 33.57
C ASP N 237 -29.02 84.23 33.16
N GLN N 238 -28.27 83.13 33.00
CA GLN N 238 -26.88 83.18 32.55
C GLN N 238 -26.85 83.77 31.14
N LEU N 239 -27.76 83.30 30.28
CA LEU N 239 -27.89 83.77 28.90
C LEU N 239 -27.92 85.30 28.94
N ALA N 240 -28.63 85.86 29.92
CA ALA N 240 -28.74 87.30 30.06
C ALA N 240 -27.39 87.98 30.18
N HIS N 241 -26.47 87.44 30.99
CA HIS N 241 -25.15 88.07 31.13
C HIS N 241 -24.36 88.08 29.80
N ILE N 242 -24.91 87.44 28.78
CA ILE N 242 -24.26 87.38 27.48
C ILE N 242 -24.85 88.38 26.51
N ASP N 243 -26.16 88.39 26.38
CA ASP N 243 -26.84 89.27 25.45
C ASP N 243 -28.33 89.28 25.73
N LEU N 244 -28.90 90.48 25.87
CA LEU N 244 -30.28 90.55 26.30
C LEU N 244 -31.31 90.03 25.28
N THR N 245 -31.07 90.27 23.98
CA THR N 245 -31.95 89.72 22.90
C THR N 245 -32.07 88.20 23.00
N LEU N 246 -30.92 87.55 23.01
CA LEU N 246 -30.80 86.11 23.11
C LEU N 246 -31.54 85.58 24.32
N ALA N 247 -31.23 86.12 25.49
CA ALA N 247 -31.94 85.77 26.72
C ALA N 247 -33.45 85.88 26.52
N GLN N 248 -33.93 87.06 26.11
CA GLN N 248 -35.36 87.24 25.92
C GLN N 248 -36.04 86.34 24.89
N ALA N 249 -35.44 86.16 23.71
CA ALA N 249 -36.07 85.30 22.69
C ALA N 249 -36.34 83.91 23.27
N VAL N 250 -35.31 83.38 23.95
CA VAL N 250 -35.39 82.06 24.56
C VAL N 250 -36.43 82.08 25.66
N ALA N 251 -36.28 83.03 26.57
CA ALA N 251 -37.26 83.21 27.64
C ALA N 251 -38.69 83.19 27.07
N LYS N 252 -38.92 83.92 25.98
CA LYS N 252 -40.26 83.98 25.44
C LYS N 252 -40.68 82.57 25.12
N ASN N 253 -39.82 81.83 24.42
CA ASN N 253 -40.17 80.50 23.97
C ASN N 253 -40.47 79.51 25.08
N LEU N 254 -39.98 79.76 26.28
CA LEU N 254 -40.28 78.88 27.41
C LEU N 254 -41.24 79.55 28.36
N GLY N 255 -41.63 80.79 28.06
CA GLY N 255 -42.62 81.51 28.85
C GLY N 255 -42.17 82.09 30.20
N ILE N 256 -41.29 83.10 30.19
CA ILE N 256 -40.95 83.84 31.39
C ILE N 256 -40.83 85.35 31.11
N SER O 1 -18.71 24.68 61.83
CA SER O 1 -19.46 25.10 63.07
C SER O 1 -20.97 25.32 62.83
N GLU O 2 -21.39 25.44 61.56
CA GLU O 2 -22.80 25.80 61.29
C GLU O 2 -23.66 24.91 60.36
N ASN O 3 -23.21 23.85 59.72
CA ASN O 3 -24.13 22.97 58.94
C ASN O 3 -25.11 23.52 57.87
N TYR O 4 -24.58 23.89 56.73
CA TYR O 4 -25.36 24.31 55.57
C TYR O 4 -25.33 23.27 54.43
N ALA O 5 -26.32 23.30 53.54
CA ALA O 5 -26.29 22.43 52.36
C ALA O 5 -25.24 22.90 51.38
N LEU O 6 -24.61 21.95 50.70
CA LEU O 6 -23.71 22.21 49.59
C LEU O 6 -24.48 22.60 48.35
N THR O 7 -24.14 23.77 47.77
CA THR O 7 -24.90 24.33 46.64
C THR O 7 -24.03 24.91 45.54
N THR O 8 -24.71 25.34 44.49
CA THR O 8 -24.10 26.09 43.41
C THR O 8 -24.06 27.50 43.89
N ASN O 9 -23.21 28.33 43.33
CA ASN O 9 -23.23 29.73 43.69
C ASN O 9 -24.62 30.33 43.48
N GLN O 10 -25.54 29.59 42.86
CA GLN O 10 -26.84 30.20 42.56
C GLN O 10 -27.81 29.75 43.61
N GLY O 11 -27.26 29.12 44.65
CA GLY O 11 -28.03 28.54 45.74
C GLY O 11 -28.83 27.29 45.42
N VAL O 12 -28.33 26.43 44.53
CA VAL O 12 -29.02 25.19 44.19
C VAL O 12 -28.40 24.00 44.91
N ARG O 13 -29.20 23.26 45.65
CA ARG O 13 -28.66 22.23 46.50
C ARG O 13 -28.14 21.16 45.57
N ILE O 14 -26.94 20.67 45.85
CA ILE O 14 -26.28 19.65 45.04
C ILE O 14 -26.53 18.24 45.62
N ALA O 15 -26.81 17.25 44.74
CA ALA O 15 -27.13 15.90 45.24
C ALA O 15 -25.91 14.98 45.22
N ASP O 16 -25.29 14.89 44.06
CA ASP O 16 -24.03 14.19 43.92
C ASP O 16 -22.90 15.14 43.51
N ASP O 17 -21.93 15.29 44.39
CA ASP O 17 -20.76 16.11 44.14
C ASP O 17 -19.53 15.18 44.01
N GLN O 18 -19.79 13.98 43.47
CA GLN O 18 -18.78 12.96 43.22
C GLN O 18 -18.68 12.62 41.76
N ASN O 19 -19.65 13.04 40.95
CA ASN O 19 -19.63 12.63 39.54
C ASN O 19 -20.11 13.69 38.55
N SER O 20 -19.52 13.69 37.35
CA SER O 20 -20.05 14.47 36.24
C SER O 20 -21.28 13.78 35.68
N LEU O 21 -22.11 14.54 34.99
CA LEU O 21 -23.31 14.01 34.37
C LEU O 21 -22.94 13.39 33.03
N ARG O 22 -23.15 12.07 32.89
CA ARG O 22 -22.80 11.38 31.64
C ARG O 22 -23.93 10.52 31.07
N ALA O 23 -23.78 10.10 29.81
CA ALA O 23 -24.74 9.18 29.22
C ALA O 23 -24.32 7.79 29.54
N GLY O 24 -24.97 7.16 30.51
CA GLY O 24 -24.54 5.87 30.97
C GLY O 24 -23.33 6.08 31.83
N SER O 25 -23.19 5.25 32.85
CA SER O 25 -22.05 5.36 33.77
C SER O 25 -20.67 5.27 33.09
N ARG O 26 -20.62 4.89 31.83
CA ARG O 26 -19.33 4.69 31.18
C ARG O 26 -19.21 5.62 30.02
N GLY O 27 -20.18 6.53 29.92
CA GLY O 27 -20.36 7.37 28.75
C GLY O 27 -19.60 8.69 28.80
N PRO O 28 -19.83 9.53 27.79
CA PRO O 28 -19.24 10.85 27.70
C PRO O 28 -19.95 11.82 28.63
N THR O 29 -19.33 12.95 28.91
CA THR O 29 -19.88 13.91 29.84
C THR O 29 -20.68 14.94 29.09
N LEU O 30 -21.91 15.21 29.55
CA LEU O 30 -22.85 16.07 28.84
C LEU O 30 -22.64 17.55 29.07
N LEU O 31 -22.90 18.33 28.03
CA LEU O 31 -22.57 19.74 28.11
C LEU O 31 -23.53 20.45 29.08
N GLU O 32 -24.64 19.78 29.33
CA GLU O 32 -25.69 20.31 30.18
C GLU O 32 -25.48 20.06 31.65
N ASP O 33 -24.28 19.59 32.02
CA ASP O 33 -23.98 19.49 33.46
C ASP O 33 -23.47 20.84 33.95
N PHE O 34 -24.43 21.68 34.31
CA PHE O 34 -24.13 23.04 34.71
C PHE O 34 -23.44 23.11 36.07
N ILE O 35 -23.61 22.07 36.87
CA ILE O 35 -23.01 22.04 38.17
C ILE O 35 -21.53 21.89 38.03
N LEU O 36 -21.14 20.97 37.18
CA LEU O 36 -19.74 20.72 36.94
C LEU O 36 -19.07 21.99 36.42
N ARG O 37 -19.60 22.53 35.34
CA ARG O 37 -18.97 23.70 34.76
C ARG O 37 -18.77 24.81 35.82
N GLU O 38 -19.84 25.10 36.57
CA GLU O 38 -19.74 26.15 37.55
C GLU O 38 -18.59 25.91 38.50
N LYS O 39 -18.52 24.70 39.08
CA LYS O 39 -17.41 24.26 39.91
C LYS O 39 -16.05 24.38 39.20
N ILE O 40 -15.95 23.92 37.95
CA ILE O 40 -14.64 23.99 37.24
C ILE O 40 -14.29 25.44 36.84
N THR O 41 -15.26 26.14 36.29
CA THR O 41 -15.05 27.52 35.97
C THR O 41 -14.41 28.25 37.17
N HIS O 42 -15.05 28.15 38.33
CA HIS O 42 -14.51 28.91 39.45
C HIS O 42 -13.10 28.50 39.77
N PHE O 43 -12.83 27.22 39.71
CA PHE O 43 -11.50 26.75 39.96
C PHE O 43 -10.58 27.29 38.86
N ASP O 44 -11.12 27.42 37.65
CA ASP O 44 -10.34 27.84 36.49
C ASP O 44 -9.89 29.29 36.63
N HIS O 45 -10.70 30.11 37.30
CA HIS O 45 -10.33 31.52 37.42
C HIS O 45 -9.93 31.97 38.87
N GLU O 46 -9.31 31.04 39.57
CA GLU O 46 -9.08 31.20 40.97
C GLU O 46 -7.93 32.14 41.26
N ARG O 47 -7.06 32.35 40.27
CA ARG O 47 -5.79 33.07 40.51
C ARG O 47 -5.86 34.52 40.06
N ILE O 48 -5.16 35.39 40.77
CA ILE O 48 -5.04 36.74 40.27
C ILE O 48 -3.55 37.03 40.11
N PRO O 49 -3.20 38.11 39.42
CA PRO O 49 -1.83 38.60 39.43
C PRO O 49 -1.27 38.85 40.84
N GLU O 50 -0.06 38.36 41.03
CA GLU O 50 0.61 38.60 42.26
C GLU O 50 1.20 40.01 42.22
N ARG O 51 1.48 40.55 43.41
CA ARG O 51 2.14 41.82 43.45
C ARG O 51 3.38 41.81 42.52
N ILE O 52 3.58 42.89 41.76
CA ILE O 52 4.81 43.08 40.97
C ILE O 52 6.02 42.86 41.84
N VAL O 53 5.97 43.40 43.06
CA VAL O 53 7.02 43.21 44.04
C VAL O 53 6.38 42.95 45.37
N HIS O 54 7.20 42.60 46.38
CA HIS O 54 6.72 42.03 47.62
C HIS O 54 5.55 41.07 47.35
N ALA O 55 5.70 40.15 46.40
CA ALA O 55 4.58 39.25 46.14
C ALA O 55 4.42 38.30 47.34
N ARG O 56 5.48 38.12 48.11
CA ARG O 56 5.45 37.12 49.16
C ARG O 56 5.18 37.73 50.55
N GLY O 57 3.95 37.52 51.04
CA GLY O 57 3.51 38.20 52.26
C GLY O 57 2.84 37.42 53.38
N SER O 58 2.84 38.00 54.57
CA SER O 58 2.13 37.42 55.69
C SER O 58 1.49 38.50 56.53
N ALA O 59 0.18 38.40 56.75
CA ALA O 59 -0.52 39.53 57.33
C ALA O 59 -1.33 39.18 58.59
N ALA O 60 -1.55 40.13 59.47
CA ALA O 60 -2.44 39.91 60.61
C ALA O 60 -3.23 41.18 60.98
N HIS O 61 -4.37 41.03 61.64
CA HIS O 61 -5.14 42.19 62.11
C HIS O 61 -4.63 42.61 63.47
N GLY O 62 -4.76 43.88 63.77
CA GLY O 62 -4.49 44.34 65.12
C GLY O 62 -5.11 45.70 65.38
N TYR O 63 -4.63 46.38 66.39
CA TYR O 63 -5.11 47.74 66.63
C TYR O 63 -3.94 48.61 67.00
N PHE O 64 -4.20 49.91 67.06
CA PHE O 64 -3.17 50.87 67.46
C PHE O 64 -3.82 51.92 68.33
N GLN O 65 -3.04 52.46 69.27
CA GLN O 65 -3.43 53.65 70.00
C GLN O 65 -2.20 54.47 70.35
N PRO O 66 -2.32 55.79 70.34
CA PRO O 66 -1.19 56.67 70.63
C PRO O 66 -1.02 56.87 72.14
N TYR O 67 0.15 57.37 72.53
CA TYR O 67 0.49 57.50 73.94
C TYR O 67 -0.10 58.77 74.52
N LYS O 68 -0.18 59.82 73.70
CA LYS O 68 -0.72 61.09 74.15
C LYS O 68 -1.08 61.90 72.94
N SER O 69 -2.10 62.74 73.05
CA SER O 69 -2.49 63.56 71.91
C SER O 69 -1.28 64.20 71.22
N LEU O 70 -1.19 64.10 69.89
CA LEU O 70 -0.15 64.76 69.13
C LEU O 70 -0.69 66.00 68.41
N SER O 71 -1.83 66.48 68.88
CA SER O 71 -2.48 67.64 68.26
C SER O 71 -1.51 68.81 68.09
N ASP O 72 -0.53 68.89 68.96
CA ASP O 72 0.41 69.99 68.89
C ASP O 72 1.22 70.04 67.61
N ILE O 73 1.50 68.90 66.99
CA ILE O 73 2.34 68.92 65.79
C ILE O 73 1.62 68.44 64.56
N THR O 74 0.57 67.67 64.76
CA THR O 74 -0.28 67.24 63.65
C THR O 74 -1.72 67.25 64.03
N LYS O 75 -2.57 67.58 63.07
CA LYS O 75 -4.02 67.52 63.23
C LYS O 75 -4.64 66.19 62.80
N ALA O 76 -3.85 65.15 62.63
CA ALA O 76 -4.33 63.86 62.16
C ALA O 76 -5.08 63.14 63.26
N ASP O 77 -6.31 62.73 62.95
CA ASP O 77 -7.21 62.23 63.96
C ASP O 77 -6.71 60.99 64.69
N PHE O 78 -6.23 59.99 63.96
CA PHE O 78 -5.82 58.76 64.62
C PHE O 78 -4.74 58.97 65.66
N LEU O 79 -4.12 60.14 65.64
CA LEU O 79 -3.08 60.49 66.63
C LEU O 79 -3.50 61.50 67.70
N SER O 80 -4.80 61.80 67.81
CA SER O 80 -5.27 62.97 68.56
C SER O 80 -5.74 62.73 70.00
N ASP O 81 -5.62 61.51 70.49
CA ASP O 81 -6.11 61.17 71.81
C ASP O 81 -5.79 59.71 72.12
N PRO O 82 -5.25 59.45 73.31
CA PRO O 82 -4.80 58.10 73.69
C PRO O 82 -5.94 57.12 73.91
N ASN O 83 -7.16 57.62 73.93
CA ASN O 83 -8.28 56.74 74.09
C ASN O 83 -8.89 56.26 72.78
N LYS O 84 -8.38 56.80 71.66
CA LYS O 84 -8.86 56.47 70.33
C LYS O 84 -8.08 55.25 69.90
N ILE O 85 -8.83 54.23 69.48
CA ILE O 85 -8.27 52.96 69.08
C ILE O 85 -8.52 52.82 67.61
N THR O 86 -7.44 52.70 66.86
CA THR O 86 -7.54 52.53 65.42
C THR O 86 -7.27 51.09 65.03
N PRO O 87 -8.16 50.52 64.27
CA PRO O 87 -7.92 49.18 63.75
C PRO O 87 -6.81 49.24 62.74
N VAL O 88 -5.98 48.20 62.67
CA VAL O 88 -5.01 48.06 61.56
C VAL O 88 -4.98 46.67 60.97
N PHE O 89 -4.48 46.60 59.77
CA PHE O 89 -4.09 45.36 59.15
C PHE O 89 -2.66 45.57 58.66
N VAL O 90 -1.77 44.65 59.03
CA VAL O 90 -0.35 44.76 58.70
C VAL O 90 0.07 43.57 57.84
N ARG O 91 0.80 43.82 56.75
CA ARG O 91 1.40 42.76 55.92
C ARG O 91 2.92 42.87 55.94
N PHE O 92 3.61 41.82 56.41
CA PHE O 92 5.06 41.73 56.18
C PHE O 92 5.40 40.95 54.91
N SER O 93 6.49 41.32 54.25
CA SER O 93 6.83 40.69 52.97
C SER O 93 8.34 40.63 52.67
N THR O 94 8.71 39.80 51.70
CA THR O 94 10.02 39.89 51.09
C THR O 94 9.82 40.75 49.90
N VAL O 95 10.89 41.00 49.13
CA VAL O 95 10.82 41.88 47.98
C VAL O 95 10.85 41.14 46.65
N GLN O 96 11.83 40.28 46.46
CA GLN O 96 12.11 39.84 45.12
C GLN O 96 11.23 38.73 44.62
N GLY O 97 11.19 37.64 45.41
CA GLY O 97 10.51 36.41 45.05
C GLY O 97 9.00 36.50 44.89
N GLY O 98 8.44 35.52 44.17
CA GLY O 98 7.01 35.39 43.88
C GLY O 98 6.23 34.97 45.14
N ALA O 99 4.90 34.87 44.97
CA ALA O 99 3.99 34.53 46.06
C ALA O 99 4.36 33.21 46.69
N GLY O 100 4.80 32.29 45.84
CA GLY O 100 5.21 30.97 46.30
C GLY O 100 6.68 30.77 46.61
N SER O 101 7.43 31.86 46.77
CA SER O 101 8.85 31.71 47.05
C SER O 101 9.05 31.47 48.54
N ALA O 102 10.28 31.38 49.00
CA ALA O 102 10.55 31.09 50.41
C ALA O 102 10.51 32.36 51.25
N ASP O 103 10.39 32.18 52.57
CA ASP O 103 10.33 33.29 53.51
C ASP O 103 11.73 33.66 53.89
N THR O 104 12.57 32.65 54.09
CA THR O 104 13.91 32.79 54.68
C THR O 104 14.95 32.98 53.59
N VAL O 105 15.08 34.19 53.10
CA VAL O 105 15.98 34.45 52.00
C VAL O 105 16.72 35.70 52.43
N ARG O 106 17.84 35.99 51.80
CA ARG O 106 18.51 37.27 51.99
C ARG O 106 17.77 38.25 51.13
N ASP O 107 17.13 39.24 51.75
CA ASP O 107 16.36 40.24 51.02
C ASP O 107 15.91 41.33 51.97
N ILE O 108 15.51 42.45 51.41
CA ILE O 108 14.85 43.49 52.19
C ILE O 108 13.42 43.00 52.56
N ARG O 109 12.91 43.47 53.70
CA ARG O 109 11.56 43.09 54.12
C ARG O 109 10.57 44.25 54.08
N GLY O 110 9.41 44.06 53.45
CA GLY O 110 8.37 45.06 53.46
C GLY O 110 7.62 45.04 54.78
N PHE O 111 7.11 46.18 55.23
CA PHE O 111 6.43 46.28 56.54
C PHE O 111 5.28 47.30 56.42
N ALA O 112 4.18 46.86 55.80
CA ALA O 112 3.03 47.72 55.41
C ALA O 112 1.89 47.66 56.41
N THR O 113 1.53 48.81 56.98
CA THR O 113 0.40 48.97 57.90
C THR O 113 -0.75 49.80 57.31
N LYS O 114 -1.96 49.25 57.26
CA LYS O 114 -3.15 49.98 56.89
C LYS O 114 -3.80 50.51 58.17
N PHE O 115 -3.98 51.80 58.32
CA PHE O 115 -4.75 52.31 59.44
C PHE O 115 -6.18 52.67 58.93
N TYR O 116 -7.19 52.06 59.56
CA TYR O 116 -8.57 52.49 59.34
C TYR O 116 -8.94 53.60 60.34
N THR O 117 -8.60 54.85 60.03
CA THR O 117 -8.85 55.99 60.94
C THR O 117 -10.23 56.49 60.71
N GLU O 118 -10.74 57.28 61.62
CA GLU O 118 -12.08 57.79 61.43
C GLU O 118 -12.17 58.84 60.32
N GLU O 119 -11.04 59.15 59.71
CA GLU O 119 -10.96 60.29 58.81
C GLU O 119 -10.35 59.82 57.49
N GLY O 120 -10.27 58.50 57.36
CA GLY O 120 -9.83 57.86 56.14
C GLY O 120 -8.79 56.78 56.40
N ILE O 121 -8.50 55.97 55.40
CA ILE O 121 -7.46 54.98 55.49
C ILE O 121 -6.12 55.65 55.35
N PHE O 122 -5.21 55.33 56.28
CA PHE O 122 -3.85 55.78 56.19
C PHE O 122 -2.90 54.59 56.06
N ASP O 123 -2.30 54.40 54.89
CA ASP O 123 -1.32 53.34 54.62
C ASP O 123 0.10 53.80 54.80
N LEU O 124 0.82 53.15 55.71
CA LEU O 124 2.21 53.50 55.98
C LEU O 124 3.08 52.36 55.48
N VAL O 125 3.49 52.46 54.24
CA VAL O 125 4.14 51.36 53.55
C VAL O 125 5.64 51.45 53.60
N GLY O 126 6.28 50.71 54.50
CA GLY O 126 7.74 50.74 54.60
C GLY O 126 8.52 49.43 54.39
N ASN O 127 9.84 49.49 54.48
CA ASN O 127 10.63 48.30 54.65
C ASN O 127 11.29 48.27 56.04
N ASN O 128 12.17 47.29 56.23
CA ASN O 128 12.85 46.99 57.49
C ASN O 128 14.30 47.58 57.62
N THR O 129 14.67 48.45 56.68
CA THR O 129 15.94 49.20 56.70
C THR O 129 15.58 50.69 56.52
N PRO O 130 16.37 51.59 57.07
CA PRO O 130 16.00 52.99 57.06
C PRO O 130 16.32 53.72 55.78
N ILE O 131 16.63 53.00 54.70
CA ILE O 131 16.76 53.68 53.42
C ILE O 131 16.38 52.80 52.27
N PHE O 132 16.36 53.39 51.08
CA PHE O 132 16.17 52.57 49.91
C PHE O 132 17.42 52.48 49.10
N PHE O 133 17.27 51.77 47.99
CA PHE O 133 18.33 51.47 47.07
C PHE O 133 18.58 52.67 46.17
N ILE O 134 17.54 53.21 45.57
CA ILE O 134 17.75 54.16 44.50
C ILE O 134 17.06 55.47 44.85
N GLN O 135 17.39 56.55 44.16
CA GLN O 135 16.93 57.90 44.57
C GLN O 135 15.65 58.40 43.85
N ASP O 136 15.62 58.27 42.54
CA ASP O 136 14.51 58.79 41.80
C ASP O 136 13.76 57.55 41.40
N ALA O 137 12.44 57.63 41.51
CA ALA O 137 11.55 56.54 41.17
C ALA O 137 11.59 56.07 39.69
N HIS O 138 12.08 56.93 38.78
CA HIS O 138 12.17 56.57 37.37
C HIS O 138 13.07 55.36 37.16
N LYS O 139 13.87 55.03 38.18
CA LYS O 139 14.78 53.88 38.05
C LYS O 139 14.22 52.65 38.74
N PHE O 140 13.04 52.77 39.33
CA PHE O 140 12.44 51.60 39.95
C PHE O 140 12.45 50.36 39.08
N PRO O 141 11.82 50.42 37.91
CA PRO O 141 11.73 49.25 37.03
C PRO O 141 13.12 48.67 36.62
N ASP O 142 14.11 49.53 36.44
CA ASP O 142 15.46 49.11 36.15
C ASP O 142 15.93 48.33 37.36
N PHE O 143 16.04 48.99 38.51
CA PHE O 143 16.59 48.32 39.67
C PHE O 143 15.88 46.99 39.94
N VAL O 144 14.56 46.98 39.88
CA VAL O 144 13.83 45.80 40.24
C VAL O 144 14.11 44.76 39.18
N HIS O 145 13.96 45.09 37.90
CA HIS O 145 14.30 44.14 36.84
C HIS O 145 15.69 43.53 37.05
N ALA O 146 16.57 44.30 37.71
CA ALA O 146 17.96 43.88 37.93
C ALA O 146 18.10 42.87 39.04
N VAL O 147 17.33 43.07 40.11
CA VAL O 147 17.31 42.11 41.22
C VAL O 147 16.41 40.87 40.90
N LYS O 148 15.32 41.07 40.16
CA LYS O 148 14.42 39.97 39.80
C LYS O 148 15.15 38.85 39.08
N PRO O 149 14.55 37.67 39.02
CA PRO O 149 15.11 36.60 38.17
C PRO O 149 15.50 37.24 36.83
N GLU O 150 16.42 36.63 36.10
CA GLU O 150 16.87 37.25 34.85
C GLU O 150 15.97 36.82 33.72
N PRO O 151 15.84 37.67 32.73
CA PRO O 151 14.82 37.52 31.67
C PRO O 151 14.85 36.23 30.90
N HIS O 152 16.03 35.76 30.51
CA HIS O 152 16.11 34.62 29.59
C HIS O 152 15.55 33.36 30.26
N TRP O 153 15.95 33.11 31.52
CA TRP O 153 15.65 31.81 32.09
C TRP O 153 14.86 31.82 33.44
N ALA O 154 14.48 33.00 33.91
CA ALA O 154 13.78 33.11 35.21
C ALA O 154 14.52 32.48 36.40
N ILE O 155 15.79 32.82 36.59
CA ILE O 155 16.56 32.43 37.77
C ILE O 155 17.37 33.65 38.19
N PRO O 156 17.68 33.78 39.49
CA PRO O 156 17.20 32.89 40.54
C PRO O 156 15.93 33.41 41.23
N GLN O 157 15.26 32.55 41.99
CA GLN O 157 14.16 33.00 42.85
C GLN O 157 14.65 33.50 44.18
N GLY O 158 14.21 34.68 44.60
CA GLY O 158 14.46 35.15 45.97
C GLY O 158 15.92 35.27 46.33
N GLN O 159 16.71 35.85 45.42
CA GLN O 159 18.15 36.00 45.57
C GLN O 159 18.66 37.19 44.80
N SER O 160 19.56 37.93 45.43
CA SER O 160 20.21 39.03 44.72
C SER O 160 21.54 38.54 44.13
N ALA O 161 21.95 37.32 44.51
CA ALA O 161 23.26 36.77 44.09
C ALA O 161 23.29 36.29 42.62
N HIS O 162 23.11 37.23 41.70
CA HIS O 162 23.34 36.96 40.29
C HIS O 162 23.88 38.23 39.65
N ASP O 163 24.10 38.16 38.33
CA ASP O 163 24.94 39.14 37.63
C ASP O 163 24.27 40.50 37.57
N THR O 164 23.09 40.52 36.92
CA THR O 164 22.31 41.73 36.71
C THR O 164 22.14 42.53 37.97
N PHE O 165 21.97 41.87 39.13
CA PHE O 165 21.90 42.66 40.35
C PHE O 165 23.16 43.46 40.47
N TRP O 166 24.28 42.76 40.55
CA TRP O 166 25.52 43.40 40.99
C TRP O 166 26.09 44.23 39.85
N ASP O 167 25.67 43.89 38.63
CA ASP O 167 25.97 44.73 37.51
C ASP O 167 25.44 46.12 37.79
N TYR O 168 24.12 46.23 38.01
CA TYR O 168 23.46 47.49 38.38
C TYR O 168 24.07 48.07 39.65
N VAL O 169 24.26 47.28 40.71
CA VAL O 169 24.85 47.90 41.89
C VAL O 169 26.16 48.61 41.53
N SER O 170 27.10 47.84 40.94
CA SER O 170 28.40 48.39 40.58
C SER O 170 28.33 49.70 39.75
N LEU O 171 27.40 49.77 38.79
CA LEU O 171 27.20 50.95 37.96
C LEU O 171 26.31 52.07 38.56
N GLN O 172 25.75 51.84 39.74
CA GLN O 172 24.82 52.81 40.34
C GLN O 172 25.12 52.96 41.81
N PRO O 173 26.27 53.54 42.07
CA PRO O 173 26.82 53.59 43.43
C PRO O 173 25.74 53.96 44.45
N GLU O 174 24.83 54.89 44.11
CA GLU O 174 23.73 55.28 45.01
C GLU O 174 23.21 54.11 45.87
N THR O 175 23.20 52.88 45.30
CA THR O 175 22.60 51.71 45.94
C THR O 175 23.42 51.14 47.10
N LEU O 176 24.64 51.60 47.27
CA LEU O 176 25.53 50.96 48.22
C LEU O 176 24.99 50.95 49.63
N HIS O 177 24.36 52.03 50.04
CA HIS O 177 23.92 52.08 51.44
C HIS O 177 22.92 50.98 51.78
N ASN O 178 21.98 50.73 50.89
CA ASN O 178 21.02 49.68 51.19
C ASN O 178 21.65 48.31 51.07
N VAL O 179 22.32 48.08 49.94
CA VAL O 179 23.18 46.90 49.81
C VAL O 179 23.98 46.62 51.09
N MET O 180 24.51 47.64 51.71
CA MET O 180 25.18 47.41 52.97
C MET O 180 24.25 46.73 53.95
N TRP O 181 23.10 47.37 54.20
CA TRP O 181 22.16 46.81 55.16
C TRP O 181 21.77 45.40 54.77
N ALA O 182 21.39 45.20 53.51
CA ALA O 182 21.00 43.87 53.00
C ALA O 182 22.02 42.78 53.36
N MET O 183 23.29 43.05 53.14
CA MET O 183 24.30 42.05 53.42
C MET O 183 24.52 41.87 54.92
N SER O 184 24.10 42.84 55.73
CA SER O 184 24.21 42.70 57.18
C SER O 184 23.26 41.62 57.64
N ASP O 185 23.09 41.51 58.95
CA ASP O 185 22.16 40.53 59.49
C ASP O 185 20.72 41.02 59.58
N ARG O 186 20.49 42.24 59.12
CA ARG O 186 19.14 42.75 59.02
C ARG O 186 18.54 42.18 57.74
N GLY O 187 19.40 41.64 56.88
CA GLY O 187 18.99 41.12 55.58
C GLY O 187 18.40 39.71 55.63
N ILE O 188 18.53 39.09 56.80
CA ILE O 188 18.06 37.74 57.06
C ILE O 188 17.54 37.70 58.49
N PRO O 189 16.43 38.41 58.73
CA PRO O 189 15.90 38.55 60.11
C PRO O 189 15.33 37.21 60.55
N ARG O 190 15.20 36.96 61.85
CA ARG O 190 14.73 35.61 62.16
C ARG O 190 13.21 35.50 62.29
N SER O 191 12.55 36.61 62.61
CA SER O 191 11.10 36.64 62.59
C SER O 191 10.55 38.04 62.47
N TYR O 192 9.42 38.19 61.79
CA TYR O 192 8.75 39.46 61.63
C TYR O 192 8.52 40.10 62.97
N ARG O 193 8.22 39.27 63.93
CA ARG O 193 7.92 39.72 65.27
C ARG O 193 8.99 40.59 65.93
N THR O 194 10.25 40.41 65.54
CA THR O 194 11.37 41.22 66.09
C THR O 194 11.99 42.11 65.02
N MET O 195 11.26 42.39 63.96
CA MET O 195 11.78 43.24 62.89
C MET O 195 11.56 44.74 63.20
N GLU O 196 12.45 45.61 62.71
CA GLU O 196 12.24 47.05 62.79
C GLU O 196 11.51 47.48 61.52
N GLY O 197 11.01 48.72 61.47
CA GLY O 197 10.30 49.21 60.30
C GLY O 197 10.61 50.67 60.09
N PHE O 198 10.64 51.09 58.83
CA PHE O 198 10.96 52.48 58.52
C PHE O 198 10.11 52.95 57.37
N GLY O 199 9.69 54.21 57.40
CA GLY O 199 8.89 54.78 56.31
C GLY O 199 9.82 55.27 55.22
N ILE O 200 11.10 55.32 55.57
CA ILE O 200 12.16 55.75 54.68
C ILE O 200 12.08 57.22 54.31
N HIS O 201 11.05 57.62 53.58
CA HIS O 201 10.88 59.01 53.18
C HIS O 201 10.73 59.98 54.35
N THR O 202 11.03 61.24 54.05
CA THR O 202 10.69 62.32 54.95
C THR O 202 9.32 62.80 54.56
N PHE O 203 8.39 62.80 55.52
CA PHE O 203 7.00 63.19 55.25
C PHE O 203 6.78 64.50 55.97
N ARG O 204 5.56 65.02 55.89
CA ARG O 204 5.22 66.19 56.71
C ARG O 204 4.05 65.94 57.68
N LEU O 205 4.22 66.42 58.90
CA LEU O 205 3.12 66.54 59.85
C LEU O 205 2.56 67.95 59.70
N ILE O 206 1.25 68.05 59.50
CA ILE O 206 0.61 69.36 59.48
C ILE O 206 -0.29 69.51 60.70
N ASN O 207 -0.06 70.55 61.49
CA ASN O 207 -0.95 70.82 62.61
C ASN O 207 -2.13 71.73 62.25
N ALA O 208 -3.04 71.90 63.22
CA ALA O 208 -4.22 72.76 63.08
C ALA O 208 -3.93 74.21 62.65
N GLU O 209 -2.71 74.71 62.83
CA GLU O 209 -2.37 76.08 62.41
C GLU O 209 -1.74 76.12 61.05
N GLY O 210 -1.50 74.97 60.44
CA GLY O 210 -0.81 74.91 59.16
C GLY O 210 0.71 74.83 59.30
N LYS O 211 1.21 74.63 60.53
CA LYS O 211 2.65 74.58 60.77
C LYS O 211 3.23 73.24 60.31
N ALA O 212 4.09 73.25 59.27
CA ALA O 212 4.67 72.00 58.79
C ALA O 212 5.84 71.55 59.65
N THR O 213 5.86 70.26 60.00
CA THR O 213 6.99 69.66 60.71
C THR O 213 7.46 68.43 59.93
N PHE O 214 8.77 68.33 59.65
CA PHE O 214 9.29 67.17 58.89
C PHE O 214 9.34 65.93 59.77
N VAL O 215 8.93 64.79 59.20
CA VAL O 215 8.84 63.55 59.97
C VAL O 215 9.48 62.35 59.29
N ARG O 216 9.93 61.40 60.12
CA ARG O 216 10.32 60.10 59.61
C ARG O 216 9.77 58.98 60.48
N PHE O 217 9.18 57.98 59.83
CA PHE O 217 8.37 56.98 60.53
C PHE O 217 9.18 55.76 60.90
N HIS O 218 9.03 55.35 62.16
CA HIS O 218 9.76 54.23 62.71
C HIS O 218 8.85 53.23 63.44
N TRP O 219 8.96 51.95 63.12
CA TRP O 219 8.39 50.90 63.97
C TRP O 219 9.50 50.20 64.73
N LYS O 220 9.36 50.09 66.06
CA LYS O 220 10.35 49.41 66.90
C LYS O 220 9.73 48.28 67.76
N PRO O 221 10.14 47.03 67.53
CA PRO O 221 9.48 45.88 68.17
C PRO O 221 9.73 45.84 69.65
N LEU O 222 8.70 45.54 70.44
CA LEU O 222 8.83 45.45 71.88
C LEU O 222 8.95 44.00 72.34
N ALA O 223 9.04 43.08 71.37
CA ALA O 223 9.23 41.66 71.68
C ALA O 223 10.70 41.36 71.93
N LYS P 1 20.54 27.18 55.08
CA LYS P 1 19.29 27.91 54.87
C LYS P 1 18.08 27.14 55.44
N LEU P 2 17.25 27.83 56.24
CA LEU P 2 15.90 27.34 56.59
C LEU P 2 14.93 27.48 55.37
N THR P 3 15.42 28.01 54.23
CA THR P 3 14.68 28.00 52.93
C THR P 3 14.44 26.56 52.38
N GLY P 4 15.20 25.58 52.93
CA GLY P 4 15.04 24.15 52.67
C GLY P 4 14.22 23.40 53.72
N ARG P 5 14.60 23.53 54.99
CA ARG P 5 13.82 22.95 56.07
C ARG P 5 12.38 23.47 56.09
N ASP P 6 12.16 24.79 56.20
CA ASP P 6 10.79 25.37 56.19
C ASP P 6 10.65 26.69 55.41
N PRO P 7 10.29 26.63 54.13
CA PRO P 7 10.20 27.85 53.31
C PRO P 7 9.02 28.78 53.69
N ASP P 8 8.25 28.36 54.69
CA ASP P 8 7.19 29.17 55.26
C ASP P 8 7.51 29.54 56.73
N PHE P 9 8.75 29.35 57.19
CA PHE P 9 9.01 29.61 58.60
C PHE P 9 8.41 30.93 59.15
N HIS P 10 8.64 32.06 58.48
CA HIS P 10 8.22 33.36 59.01
C HIS P 10 6.72 33.52 59.04
N ARG P 11 6.06 33.08 57.97
CA ARG P 11 4.61 33.05 57.88
C ARG P 11 4.06 32.26 59.00
N ARG P 12 4.66 31.11 59.23
CA ARG P 12 4.16 30.15 60.20
C ARG P 12 4.34 30.67 61.62
N GLU P 13 5.51 31.19 61.95
CA GLU P 13 5.79 31.66 63.31
C GLU P 13 4.78 32.73 63.69
N LEU P 14 4.49 33.60 62.74
CA LEU P 14 3.69 34.81 63.02
C LEU P 14 2.30 34.41 63.37
N TRP P 15 1.75 33.48 62.59
CA TRP P 15 0.43 32.92 62.82
C TRP P 15 0.43 32.21 64.14
N GLU P 16 1.45 31.41 64.41
CA GLU P 16 1.38 30.53 65.56
C GLU P 16 1.50 31.33 66.82
N ALA P 17 2.30 32.38 66.76
CA ALA P 17 2.40 33.32 67.86
C ALA P 17 1.04 33.97 68.18
N ILE P 18 0.27 34.35 67.15
CA ILE P 18 -1.00 35.00 67.43
C ILE P 18 -2.03 34.02 68.03
N GLU P 19 -2.09 32.83 67.46
CA GLU P 19 -2.88 31.74 67.99
C GLU P 19 -2.58 31.61 69.47
N ALA P 20 -1.31 31.64 69.83
CA ALA P 20 -0.90 31.33 71.19
C ALA P 20 -1.26 32.39 72.22
N GLY P 21 -1.57 33.60 71.75
CA GLY P 21 -1.69 34.73 72.64
C GLY P 21 -0.51 35.72 72.70
N ASP P 22 0.73 35.38 72.28
CA ASP P 22 1.81 36.39 72.34
C ASP P 22 1.77 37.29 71.14
N PHE P 23 1.03 38.37 71.28
CA PHE P 23 0.76 39.26 70.19
C PHE P 23 1.98 40.08 69.94
N PRO P 24 2.50 40.07 68.72
CA PRO P 24 3.61 40.93 68.33
C PRO P 24 3.25 42.35 68.62
N GLU P 25 4.13 43.10 69.27
CA GLU P 25 3.85 44.49 69.58
C GLU P 25 4.89 45.37 68.91
N TYR P 26 4.50 46.58 68.51
CA TYR P 26 5.41 47.56 67.89
C TYR P 26 5.12 48.99 68.35
N GLU P 27 6.18 49.74 68.59
CA GLU P 27 6.09 51.13 68.95
C GLU P 27 6.37 51.96 67.72
N LEU P 28 5.41 52.81 67.39
CA LEU P 28 5.60 53.77 66.32
C LEU P 28 6.31 54.97 66.91
N GLY P 29 7.38 55.41 66.27
CA GLY P 29 8.08 56.56 66.78
C GLY P 29 8.42 57.52 65.67
N PHE P 30 8.42 58.82 65.96
CA PHE P 30 8.76 59.80 64.92
C PHE P 30 10.13 60.41 65.10
N GLN P 31 10.81 60.62 63.98
CA GLN P 31 11.98 61.50 63.93
C GLN P 31 11.48 62.84 63.42
N LEU P 32 11.56 63.87 64.26
CA LEU P 32 10.98 65.19 63.96
C LEU P 32 12.02 66.30 63.72
N ILE P 33 11.88 67.00 62.61
CA ILE P 33 12.76 68.11 62.25
C ILE P 33 12.02 69.38 61.82
N PRO P 34 12.09 70.47 62.62
CA PRO P 34 11.39 71.74 62.32
C PRO P 34 11.64 72.20 60.87
N GLU P 35 10.67 72.87 60.24
CA GLU P 35 10.85 73.20 58.82
C GLU P 35 12.16 73.94 58.51
N GLU P 36 12.63 74.72 59.47
CA GLU P 36 13.73 75.62 59.17
C GLU P 36 15.09 74.94 59.27
N ASP P 37 15.13 73.76 59.90
CA ASP P 37 16.36 72.95 59.96
C ASP P 37 16.58 72.17 58.64
N GLU P 38 15.73 72.41 57.64
CA GLU P 38 15.77 71.62 56.40
C GLU P 38 17.17 71.41 55.80
N PHE P 39 18.07 72.41 55.90
CA PHE P 39 19.41 72.34 55.26
C PHE P 39 20.62 72.25 56.21
N LYS P 40 20.36 72.23 57.51
CA LYS P 40 21.39 72.14 58.51
C LYS P 40 22.09 70.79 58.61
N PHE P 41 22.01 69.94 57.59
CA PHE P 41 22.55 68.57 57.76
C PHE P 41 23.57 68.19 56.73
N ASP P 42 24.43 67.23 57.08
CA ASP P 42 25.50 66.80 56.18
C ASP P 42 24.91 66.48 54.82
N PHE P 43 23.64 66.11 54.80
CA PHE P 43 23.04 65.45 53.65
C PHE P 43 21.62 65.96 53.38
N ASP P 44 21.08 65.63 52.22
CA ASP P 44 19.75 66.11 51.87
C ASP P 44 18.63 65.30 52.54
N LEU P 45 17.66 66.00 53.15
CA LEU P 45 16.59 65.34 53.87
C LEU P 45 15.65 64.58 52.95
N LEU P 46 15.55 64.99 51.70
CA LEU P 46 14.67 64.29 50.73
C LEU P 46 15.37 63.17 50.05
N ASP P 47 16.58 62.84 50.49
CA ASP P 47 17.34 61.77 49.84
C ASP P 47 16.97 60.37 50.43
N PRO P 48 16.27 59.54 49.67
CA PRO P 48 15.84 58.26 50.24
C PRO P 48 17.01 57.33 50.55
N THR P 49 18.20 57.55 49.97
CA THR P 49 19.35 56.68 50.28
C THR P 49 20.16 57.17 51.50
N LYS P 50 19.58 58.05 52.30
CA LYS P 50 20.26 58.57 53.44
C LYS P 50 19.38 58.44 54.66
N LEU P 51 19.98 58.04 55.78
CA LEU P 51 19.25 57.92 57.02
C LEU P 51 19.49 59.16 57.88
N ILE P 52 18.48 59.57 58.65
CA ILE P 52 18.66 60.59 59.68
C ILE P 52 19.25 59.94 60.95
N PRO P 53 20.52 60.21 61.24
CA PRO P 53 21.17 59.62 62.42
C PRO P 53 20.45 59.93 63.72
N GLU P 54 20.22 58.90 64.52
CA GLU P 54 19.44 59.05 65.75
C GLU P 54 20.12 59.97 66.75
N GLU P 55 21.44 59.96 66.82
CA GLU P 55 22.07 60.82 67.83
C GLU P 55 21.88 62.31 67.46
N LEU P 56 21.56 62.59 66.20
CA LEU P 56 21.24 63.98 65.83
C LEU P 56 19.75 64.31 66.06
N VAL P 57 18.87 63.46 65.51
CA VAL P 57 17.44 63.56 65.76
C VAL P 57 16.97 62.28 66.43
N PRO P 58 16.69 62.31 67.72
CA PRO P 58 16.22 61.10 68.43
C PRO P 58 14.86 60.64 67.93
N VAL P 59 14.61 59.33 67.93
CA VAL P 59 13.29 58.77 67.62
C VAL P 59 12.36 58.92 68.80
N GLN P 60 11.24 59.63 68.60
CA GLN P 60 10.32 59.87 69.70
C GLN P 60 9.19 58.86 69.78
N ARG P 61 9.16 58.15 70.89
CA ARG P 61 8.09 57.21 71.19
C ARG P 61 6.76 57.92 71.03
N VAL P 62 5.86 57.38 70.19
CA VAL P 62 4.56 58.00 69.88
C VAL P 62 3.27 57.13 69.96
N GLY P 63 3.40 55.82 69.74
CA GLY P 63 2.29 54.89 69.82
C GLY P 63 2.70 53.44 69.97
N LYS P 64 1.73 52.58 70.32
CA LYS P 64 1.89 51.14 70.41
C LYS P 64 0.88 50.48 69.47
N MET P 65 1.34 49.58 68.61
CA MET P 65 0.46 48.79 67.77
C MET P 65 0.56 47.34 68.19
N VAL P 66 -0.58 46.65 68.26
CA VAL P 66 -0.62 45.24 68.61
C VAL P 66 -1.36 44.46 67.53
N LEU P 67 -0.72 43.40 67.02
CA LEU P 67 -1.38 42.45 66.14
C LEU P 67 -2.04 41.31 66.93
N ASN P 68 -3.35 41.15 66.82
CA ASN P 68 -4.00 40.15 67.68
C ASN P 68 -4.92 39.14 67.01
N ARG P 69 -4.99 39.14 65.69
CA ARG P 69 -5.95 38.24 65.06
C ARG P 69 -5.49 37.88 63.68
N ASN P 70 -5.28 36.59 63.45
CA ASN P 70 -4.98 36.12 62.10
C ASN P 70 -6.20 36.30 61.21
N PRO P 71 -5.94 36.50 59.94
CA PRO P 71 -7.01 36.61 58.96
C PRO P 71 -7.86 35.37 58.96
N ASP P 72 -9.03 35.42 58.35
CA ASP P 72 -9.88 34.26 58.29
C ASP P 72 -9.55 33.52 57.04
N ASN P 73 -9.32 34.26 55.95
CA ASN P 73 -9.04 33.66 54.64
C ASN P 73 -7.85 34.38 53.99
N PHE P 74 -6.79 33.63 53.75
CA PHE P 74 -5.57 34.20 53.21
C PHE P 74 -5.81 34.99 51.94
N PHE P 75 -6.28 34.33 50.90
CA PHE P 75 -6.53 35.01 49.66
C PHE P 75 -7.42 36.23 49.85
N ALA P 76 -8.56 36.05 50.49
CA ALA P 76 -9.56 37.14 50.62
C ALA P 76 -9.05 38.41 51.27
N GLU P 77 -8.24 38.22 52.30
CA GLU P 77 -7.84 39.30 53.18
C GLU P 77 -6.39 39.68 52.99
N ASN P 78 -5.50 38.70 52.82
CA ASN P 78 -4.07 38.96 52.56
C ASN P 78 -3.80 39.28 51.10
N GLU P 79 -3.89 38.28 50.25
CA GLU P 79 -3.60 38.52 48.86
C GLU P 79 -4.24 39.81 48.34
N GLN P 80 -5.54 39.99 48.56
CA GLN P 80 -6.29 41.12 48.00
C GLN P 80 -6.06 42.46 48.69
N ALA P 81 -5.45 42.47 49.87
CA ALA P 81 -5.17 43.73 50.55
C ALA P 81 -4.48 44.69 49.61
N ALA P 82 -4.75 45.99 49.71
CA ALA P 82 -4.06 46.94 48.84
C ALA P 82 -3.47 48.05 49.65
N PHE P 83 -2.17 48.05 49.84
CA PHE P 83 -1.52 49.18 50.53
C PHE P 83 -0.88 50.22 49.61
N HIS P 84 -1.06 51.49 49.91
CA HIS P 84 -0.48 52.52 49.06
C HIS P 84 -0.12 53.72 49.92
N PRO P 85 1.10 54.23 49.79
CA PRO P 85 1.58 55.37 50.61
C PRO P 85 0.94 56.72 50.27
N GLY P 86 0.28 56.80 49.14
CA GLY P 86 -0.40 58.02 48.74
C GLY P 86 -1.78 58.00 49.36
N HIS P 87 -1.95 57.12 50.34
CA HIS P 87 -3.17 57.06 51.10
C HIS P 87 -2.82 57.73 52.40
N ILE P 88 -2.83 59.06 52.38
CA ILE P 88 -2.71 59.75 53.66
C ILE P 88 -4.05 60.36 54.12
N VAL P 89 -3.99 61.19 55.16
CA VAL P 89 -5.16 61.75 55.80
C VAL P 89 -4.81 63.16 56.27
N PRO P 90 -5.76 64.07 56.37
CA PRO P 90 -5.45 65.42 56.84
C PRO P 90 -4.63 65.35 58.13
N GLY P 91 -3.48 66.02 58.15
CA GLY P 91 -2.58 65.96 59.29
C GLY P 91 -1.25 65.43 58.82
N LEU P 92 -1.29 64.74 57.69
CA LEU P 92 -0.08 64.28 57.05
C LEU P 92 -0.03 64.83 55.65
N ASP P 93 1.19 64.94 55.13
CA ASP P 93 1.41 65.35 53.75
C ASP P 93 2.81 64.93 53.28
N PHE P 94 2.98 64.86 51.96
CA PHE P 94 4.24 64.47 51.37
C PHE P 94 5.32 65.53 51.43
N THR P 95 6.45 65.20 50.78
CA THR P 95 7.51 66.13 50.45
C THR P 95 7.93 65.77 49.06
N ASN P 96 8.96 66.46 48.54
CA ASN P 96 9.40 66.22 47.16
C ASN P 96 10.35 64.99 46.99
N ASP P 97 10.64 64.29 48.08
CA ASP P 97 11.50 63.13 47.95
C ASP P 97 11.10 62.46 46.66
N PRO P 98 11.99 62.42 45.70
CA PRO P 98 11.62 62.08 44.33
C PRO P 98 11.35 60.58 44.17
N LEU P 99 11.73 59.79 45.17
CA LEU P 99 11.39 58.36 45.21
C LEU P 99 9.87 58.23 45.55
N LEU P 100 9.52 58.76 46.73
CA LEU P 100 8.13 58.93 47.14
C LEU P 100 7.25 59.46 46.00
N GLN P 101 7.73 60.52 45.37
CA GLN P 101 6.86 61.19 44.45
C GLN P 101 6.36 60.23 43.39
N GLY P 102 7.23 59.36 42.89
CA GLY P 102 6.87 58.40 41.85
C GLY P 102 6.02 57.30 42.45
N ARG P 103 6.33 56.94 43.68
CA ARG P 103 5.57 55.90 44.36
C ARG P 103 4.14 56.29 44.21
N LEU P 104 3.86 57.51 44.67
CA LEU P 104 2.53 58.04 44.65
C LEU P 104 1.74 57.68 43.40
N PHE P 105 2.40 57.47 42.27
CA PHE P 105 1.68 57.20 41.02
C PHE P 105 1.35 55.75 40.90
N SER P 106 2.32 54.92 41.28
CA SER P 106 2.24 53.48 41.03
C SER P 106 1.26 52.68 41.91
N TYR P 107 1.30 52.81 43.23
CA TYR P 107 0.39 52.01 44.04
C TYR P 107 -1.08 52.08 43.63
N THR P 108 -1.49 53.20 43.04
CA THR P 108 -2.85 53.31 42.51
C THR P 108 -3.04 52.52 41.21
N ASP P 109 -2.35 52.98 40.19
CA ASP P 109 -2.29 52.32 38.88
C ASP P 109 -2.26 50.79 38.93
N THR P 110 -1.45 50.22 39.81
CA THR P 110 -1.27 48.77 39.81
C THR P 110 -2.56 47.96 40.19
N GLN P 111 -3.34 48.49 41.12
CA GLN P 111 -4.52 47.79 41.55
C GLN P 111 -5.37 47.48 40.38
N ILE P 112 -5.32 48.33 39.35
CA ILE P 112 -6.35 48.23 38.32
C ILE P 112 -6.27 46.90 37.58
N SER P 113 -5.10 46.31 37.53
CA SER P 113 -4.99 45.03 36.85
C SER P 113 -4.98 43.92 37.90
N ARG P 114 -4.22 44.13 38.98
CA ARG P 114 -4.12 43.16 40.07
C ARG P 114 -5.45 42.77 40.73
N LEU P 115 -6.34 43.75 40.95
CA LEU P 115 -7.57 43.53 41.67
C LEU P 115 -8.75 43.76 40.71
N GLY P 116 -8.44 44.08 39.45
CA GLY P 116 -9.40 43.87 38.36
C GLY P 116 -10.33 45.01 38.05
N GLY P 117 -9.98 46.22 38.53
CA GLY P 117 -10.72 47.45 38.21
C GLY P 117 -10.68 48.47 39.35
N PRO P 118 -11.38 49.57 39.15
CA PRO P 118 -11.24 50.70 40.05
C PRO P 118 -12.12 50.55 41.27
N ASN P 119 -12.73 49.39 41.53
CA ASN P 119 -13.63 49.33 42.68
C ASN P 119 -13.00 48.51 43.76
N PHE P 120 -11.69 48.56 43.85
CA PHE P 120 -11.02 47.63 44.71
C PHE P 120 -11.23 48.02 46.17
N HIS P 121 -11.76 49.20 46.41
CA HIS P 121 -11.82 49.73 47.76
C HIS P 121 -13.06 49.14 48.40
N GLU P 122 -13.90 48.57 47.52
CA GLU P 122 -15.15 47.91 47.90
C GLU P 122 -14.96 46.51 48.48
N ILE P 123 -13.84 45.84 48.15
CA ILE P 123 -13.40 44.62 48.83
C ILE P 123 -13.20 44.87 50.31
N PRO P 124 -13.80 44.00 51.14
CA PRO P 124 -13.84 44.20 52.60
C PRO P 124 -12.55 44.69 53.25
N ILE P 125 -11.46 43.97 53.04
CA ILE P 125 -10.23 44.29 53.73
C ILE P 125 -9.74 45.73 53.45
N ASN P 126 -10.15 46.30 52.31
CA ASN P 126 -9.68 47.59 51.85
C ASN P 126 -10.65 48.68 52.13
N ARG P 127 -11.89 48.33 52.51
CA ARG P 127 -12.98 49.30 52.67
C ARG P 127 -12.78 50.17 53.92
N PRO P 128 -12.91 51.47 53.79
CA PRO P 128 -12.72 52.34 54.95
C PRO P 128 -13.79 51.97 55.95
N THR P 129 -13.61 52.18 57.24
CA THR P 129 -14.69 51.92 58.21
C THR P 129 -15.45 53.18 58.57
N CYS P 130 -14.98 54.32 58.10
CA CYS P 130 -15.69 55.57 58.21
C CYS P 130 -16.57 55.77 56.97
N PRO P 131 -17.29 56.88 56.92
CA PRO P 131 -18.14 57.12 55.78
C PRO P 131 -17.30 57.39 54.54
N TYR P 132 -17.82 57.06 53.37
CA TYR P 132 -17.22 57.53 52.13
C TYR P 132 -18.31 57.70 51.07
N HIS P 133 -18.29 58.82 50.37
CA HIS P 133 -19.30 59.22 49.42
C HIS P 133 -18.68 60.18 48.42
N ASN P 134 -19.00 59.99 47.16
CA ASN P 134 -18.57 60.91 46.15
C ASN P 134 -19.41 60.68 44.93
N PHE P 135 -19.03 61.26 43.80
CA PHE P 135 -19.84 61.10 42.59
C PHE P 135 -19.21 60.13 41.56
N GLN P 136 -18.38 59.22 42.03
CA GLN P 136 -17.76 58.32 41.11
C GLN P 136 -18.74 57.22 40.87
N ARG P 137 -18.81 56.70 39.65
CA ARG P 137 -19.78 55.62 39.41
C ARG P 137 -19.24 54.40 38.65
N ASP P 138 -20.04 53.35 38.63
CA ASP P 138 -19.72 52.25 37.77
C ASP P 138 -18.33 51.68 38.04
N GLY P 139 -17.70 51.11 37.01
CA GLY P 139 -16.48 50.35 37.14
C GLY P 139 -16.79 48.86 37.31
N MET P 140 -15.96 47.99 36.78
CA MET P 140 -16.16 46.54 36.93
C MET P 140 -16.43 46.18 38.36
N HIS P 141 -17.25 45.15 38.57
CA HIS P 141 -17.64 44.73 39.92
C HIS P 141 -18.05 45.83 40.93
N ARG P 142 -19.02 46.67 40.53
CA ARG P 142 -19.50 47.72 41.43
C ARG P 142 -20.49 47.16 42.39
N MET P 143 -20.16 47.26 43.66
CA MET P 143 -21.02 46.78 44.73
C MET P 143 -21.99 47.87 45.19
N GLY P 144 -21.45 48.98 45.66
CA GLY P 144 -22.28 50.10 46.06
C GLY P 144 -23.36 50.44 45.05
N ILE P 145 -24.60 50.46 45.53
CA ILE P 145 -25.71 50.88 44.70
C ILE P 145 -26.02 52.32 45.05
N ASP P 146 -25.84 53.23 44.11
CA ASP P 146 -25.93 54.64 44.41
C ASP P 146 -27.31 55.24 44.15
N THR P 147 -27.87 55.91 45.16
CA THR P 147 -29.27 56.36 45.07
C THR P 147 -29.35 57.85 44.83
N ASN P 148 -28.21 58.52 44.89
CA ASN P 148 -28.17 59.96 44.70
C ASN P 148 -28.64 60.37 43.30
N PRO P 149 -29.61 61.28 43.24
CA PRO P 149 -30.13 61.71 41.92
C PRO P 149 -28.98 62.24 41.08
N ALA P 150 -27.91 62.69 41.75
CA ALA P 150 -26.77 63.34 41.10
C ALA P 150 -25.42 62.55 41.11
N ASN P 151 -24.70 62.59 39.99
CA ASN P 151 -23.41 61.94 39.89
C ASN P 151 -22.37 62.99 39.50
N TYR P 152 -22.69 64.23 39.80
CA TYR P 152 -21.84 65.33 39.43
C TYR P 152 -21.95 66.37 40.53
N GLU P 153 -21.07 67.34 40.47
CA GLU P 153 -21.17 68.52 41.32
C GLU P 153 -20.29 69.58 40.70
N PRO P 154 -20.73 70.84 40.79
CA PRO P 154 -21.86 71.20 41.64
C PRO P 154 -23.18 70.74 41.01
N ASN P 155 -24.16 70.52 41.88
CA ASN P 155 -25.47 70.09 41.46
C ASN P 155 -26.55 70.79 42.31
N SER P 156 -27.70 71.11 41.72
CA SER P 156 -28.80 71.57 42.55
C SER P 156 -29.80 70.44 42.85
N ILE P 157 -29.90 69.44 41.97
CA ILE P 157 -30.96 68.42 42.14
C ILE P 157 -30.88 67.61 43.44
N ASN P 158 -29.72 67.61 44.08
CA ASN P 158 -29.54 66.99 45.41
C ASN P 158 -28.85 67.97 46.37
N ASP P 159 -29.11 69.26 46.15
CA ASP P 159 -28.63 70.27 47.05
C ASP P 159 -27.11 70.28 47.13
N ASN P 160 -26.47 69.69 46.14
CA ASN P 160 -25.02 69.71 46.10
C ASN P 160 -24.30 68.79 47.11
N TRP P 161 -25.02 67.78 47.61
CA TRP P 161 -24.45 66.79 48.51
C TRP P 161 -24.17 65.55 47.70
N PRO P 162 -23.11 64.84 48.05
CA PRO P 162 -22.23 65.23 49.15
C PRO P 162 -21.38 66.48 48.86
N ARG P 163 -21.22 67.32 49.89
CA ARG P 163 -20.58 68.63 49.79
C ARG P 163 -19.15 68.53 50.19
N GLU P 164 -18.34 69.44 49.63
CA GLU P 164 -16.93 69.58 50.01
C GLU P 164 -16.87 70.08 51.41
N THR P 165 -15.73 69.94 52.06
CA THR P 165 -15.58 70.37 53.45
C THR P 165 -14.27 71.13 53.59
N PRO P 166 -14.38 72.37 54.08
CA PRO P 166 -13.23 73.25 54.21
C PRO P 166 -12.31 72.72 55.28
N PRO P 167 -11.00 72.97 55.13
CA PRO P 167 -10.00 72.41 56.04
C PRO P 167 -10.12 73.00 57.46
N GLY P 168 -9.73 72.24 58.48
CA GLY P 168 -9.89 72.69 59.84
C GLY P 168 -9.16 71.83 60.85
N PRO P 169 -9.23 72.22 62.11
CA PRO P 169 -8.59 71.48 63.21
C PRO P 169 -8.97 70.01 63.34
N LYS P 170 -10.22 69.64 63.07
CA LYS P 170 -10.73 68.28 63.21
C LYS P 170 -11.88 68.03 62.20
N ARG P 171 -11.91 66.89 61.53
CA ARG P 171 -13.02 66.59 60.65
C ARG P 171 -13.05 67.53 59.43
N GLY P 172 -11.88 68.11 59.11
CA GLY P 172 -11.77 69.04 58.00
C GLY P 172 -11.45 68.38 56.67
N GLY P 173 -11.52 69.16 55.61
CA GLY P 173 -11.15 68.72 54.28
C GLY P 173 -9.65 68.64 54.14
N PHE P 174 -9.17 67.97 53.09
CA PHE P 174 -7.75 67.86 52.86
C PHE P 174 -7.29 69.00 51.97
N GLU P 175 -6.28 69.71 52.45
CA GLU P 175 -5.63 70.72 51.63
C GLU P 175 -4.14 70.57 51.84
N SER P 176 -3.40 70.53 50.72
CA SER P 176 -1.94 70.37 50.73
C SER P 176 -1.24 71.54 51.41
N TYR P 177 -0.11 71.25 52.03
CA TYR P 177 0.73 72.31 52.59
C TYR P 177 1.30 73.17 51.48
N GLN P 178 1.11 74.49 51.57
CA GLN P 178 1.47 75.42 50.47
C GLN P 178 3.00 75.66 50.31
N GLU P 179 3.77 74.58 50.30
CA GLU P 179 5.20 74.65 50.07
C GLU P 179 5.48 75.50 48.83
N ARG P 180 6.44 76.44 48.98
CA ARG P 180 6.86 77.26 47.86
C ARG P 180 7.71 76.45 46.85
N VAL P 181 7.39 76.56 45.58
CA VAL P 181 8.10 75.85 44.56
C VAL P 181 8.73 76.88 43.63
N GLU P 182 10.01 76.70 43.35
CA GLU P 182 10.72 77.59 42.41
C GLU P 182 11.72 76.76 41.65
N GLY P 183 11.67 76.82 40.35
CA GLY P 183 12.64 76.05 39.58
C GLY P 183 12.17 75.83 38.19
N ASN P 184 13.05 75.24 37.39
CA ASN P 184 12.76 75.06 35.97
C ASN P 184 12.26 73.63 35.77
N LYS P 185 11.43 73.43 34.77
CA LYS P 185 11.07 72.06 34.40
C LYS P 185 12.32 71.32 33.97
N VAL P 186 12.66 70.26 34.68
CA VAL P 186 13.93 69.58 34.44
C VAL P 186 13.98 68.13 34.95
N ARG P 187 14.51 67.25 34.08
CA ARG P 187 14.95 65.92 34.44
C ARG P 187 16.40 65.91 34.93
N GLU P 188 16.60 66.13 36.23
CA GLU P 188 17.95 66.34 36.71
C GLU P 188 18.07 65.91 38.19
N ARG P 189 19.14 65.21 38.55
CA ARG P 189 19.27 64.79 39.93
C ARG P 189 19.82 65.90 40.82
N SER P 190 19.20 66.14 41.96
CA SER P 190 19.71 67.21 42.81
C SER P 190 21.15 66.89 43.23
N PRO P 191 22.06 67.83 42.97
CA PRO P 191 23.46 67.64 43.39
C PRO P 191 23.62 67.43 44.92
N SER P 192 22.61 67.72 45.74
CA SER P 192 22.72 67.40 47.18
C SER P 192 22.66 65.89 47.38
N PHE P 193 22.13 65.21 46.36
CA PHE P 193 22.00 63.74 46.36
C PHE P 193 23.24 62.98 45.90
N GLY P 194 24.26 63.70 45.46
CA GLY P 194 25.44 63.11 44.85
C GLY P 194 26.49 62.42 45.72
N GLU P 195 26.39 62.45 47.04
CA GLU P 195 27.38 61.73 47.86
C GLU P 195 26.96 60.31 48.30
N TYR P 196 27.64 59.26 47.81
CA TYR P 196 27.20 57.89 48.02
C TYR P 196 27.83 57.09 49.18
N TYR P 197 29.07 57.40 49.54
CA TYR P 197 29.84 56.45 50.36
C TYR P 197 29.87 56.65 51.87
N SER P 198 29.82 57.90 52.34
CA SER P 198 30.03 58.12 53.77
C SER P 198 28.90 57.54 54.61
N HIS P 199 27.71 57.38 54.00
CA HIS P 199 26.61 56.75 54.75
C HIS P 199 26.89 55.25 54.90
N PRO P 200 27.11 54.56 53.80
CA PRO P 200 27.60 53.17 53.87
C PRO P 200 28.71 53.03 54.94
N ARG P 201 29.65 53.96 54.90
CA ARG P 201 30.82 53.94 55.77
C ARG P 201 30.46 54.13 57.25
N LEU P 202 29.54 55.05 57.54
CA LEU P 202 29.13 55.23 58.93
C LEU P 202 28.52 53.91 59.44
N PHE P 203 27.70 53.28 58.59
CA PHE P 203 27.08 52.01 58.91
C PHE P 203 28.13 50.98 59.33
N TRP P 204 28.99 50.64 58.38
CA TRP P 204 30.05 49.69 58.66
C TRP P 204 30.75 50.07 59.96
N LEU P 205 31.20 51.31 60.05
CA LEU P 205 32.00 51.68 61.21
C LEU P 205 31.32 51.37 62.53
N SER P 206 30.03 51.11 62.54
CA SER P 206 29.40 50.98 63.86
C SER P 206 29.01 49.55 64.13
N GLN P 207 29.43 48.65 63.25
CA GLN P 207 29.18 47.23 63.45
C GLN P 207 30.28 46.60 64.31
N THR P 208 29.90 45.67 65.20
CA THR P 208 30.88 44.91 65.97
C THR P 208 31.79 44.10 65.02
N PRO P 209 33.02 43.83 65.44
CA PRO P 209 33.94 43.06 64.62
C PRO P 209 33.25 41.78 64.11
N PHE P 210 32.43 41.11 64.92
CA PHE P 210 31.78 39.93 64.37
C PHE P 210 30.62 40.23 63.36
N GLU P 211 29.89 41.32 63.55
CA GLU P 211 28.90 41.75 62.53
C GLU P 211 29.54 42.11 61.18
N GLN P 212 30.73 42.68 61.24
CA GLN P 212 31.45 43.08 60.05
C GLN P 212 31.83 41.85 59.25
N ARG P 213 32.25 40.80 59.96
CA ARG P 213 32.66 39.57 59.29
C ARG P 213 31.48 39.11 58.44
N HIS P 214 30.30 39.21 59.04
CA HIS P 214 29.06 38.73 58.42
C HIS P 214 28.76 39.48 57.14
N ILE P 215 28.99 40.78 57.15
CA ILE P 215 28.79 41.52 55.93
C ILE P 215 29.75 41.05 54.85
N VAL P 216 31.01 40.87 55.21
CA VAL P 216 32.00 40.38 54.26
C VAL P 216 31.51 39.08 53.64
N ASP P 217 31.06 38.16 54.50
CA ASP P 217 30.58 36.83 54.05
C ASP P 217 29.38 36.91 53.11
N GLY P 218 28.43 37.79 53.46
CA GLY P 218 27.31 38.09 52.60
C GLY P 218 27.82 38.52 51.24
N PHE P 219 28.63 39.58 51.22
CA PHE P 219 29.20 40.10 49.98
C PHE P 219 29.92 39.00 49.22
N SER P 220 30.69 38.22 49.98
CA SER P 220 31.58 37.20 49.43
C SER P 220 30.72 36.15 48.77
N PHE P 221 29.75 35.66 49.54
CA PHE P 221 28.88 34.63 49.03
C PHE P 221 28.17 35.07 47.75
N GLU P 222 27.57 36.25 47.78
CA GLU P 222 26.76 36.74 46.65
C GLU P 222 27.59 37.00 45.40
N LEU P 223 28.77 37.59 45.59
CA LEU P 223 29.59 37.96 44.45
C LEU P 223 30.11 36.66 43.86
N SER P 224 30.39 35.71 44.76
CA SER P 224 30.89 34.42 44.36
C SER P 224 29.97 33.75 43.34
N LYS P 225 28.69 34.09 43.37
CA LYS P 225 27.77 33.42 42.48
C LYS P 225 27.59 34.23 41.20
N VAL P 226 28.35 35.32 41.07
CA VAL P 226 28.27 36.10 39.84
C VAL P 226 29.20 35.54 38.80
N VAL P 227 28.63 35.11 37.69
CA VAL P 227 29.38 34.48 36.61
C VAL P 227 30.51 35.38 36.12
N ARG P 228 30.15 36.54 35.56
CA ARG P 228 31.08 37.46 34.90
C ARG P 228 32.08 38.11 35.86
N PRO P 229 33.36 37.79 35.70
CA PRO P 229 34.37 38.13 36.72
C PRO P 229 34.56 39.65 36.90
N TYR P 230 34.57 40.40 35.79
CA TYR P 230 34.79 41.85 35.88
C TYR P 230 33.77 42.52 36.80
N ILE P 231 32.54 42.00 36.79
CA ILE P 231 31.51 42.51 37.69
C ILE P 231 32.02 42.44 39.12
N ARG P 232 32.40 41.25 39.53
CA ARG P 232 32.94 41.04 40.86
C ARG P 232 33.94 42.16 41.16
N GLU P 233 34.85 42.42 40.21
CA GLU P 233 35.96 43.33 40.56
C GLU P 233 35.46 44.75 40.73
N ARG P 234 34.58 45.20 39.83
CA ARG P 234 34.02 46.56 39.92
C ARG P 234 33.32 46.79 41.26
N VAL P 235 32.63 45.75 41.72
CA VAL P 235 31.89 45.86 42.97
C VAL P 235 32.90 46.07 44.07
N VAL P 236 33.85 45.14 44.15
CA VAL P 236 34.87 45.19 45.19
C VAL P 236 35.54 46.56 45.09
N ASP P 237 35.60 47.05 43.86
CA ASP P 237 36.13 48.38 43.59
C ASP P 237 35.33 49.42 44.37
N GLN P 238 34.01 49.50 44.10
CA GLN P 238 33.11 50.37 44.87
C GLN P 238 33.33 50.18 46.36
N LEU P 239 33.35 48.93 46.81
CA LEU P 239 33.53 48.61 48.23
C LEU P 239 34.75 49.31 48.81
N ALA P 240 35.76 49.47 47.93
CA ALA P 240 36.99 50.20 48.26
C ALA P 240 36.64 51.59 48.72
N HIS P 241 36.00 52.39 47.86
CA HIS P 241 35.56 53.73 48.23
C HIS P 241 34.69 53.82 49.49
N ILE P 242 34.48 52.69 50.19
CA ILE P 242 33.73 52.70 51.44
C ILE P 242 34.65 52.52 52.62
N ASP P 243 35.33 51.37 52.64
CA ASP P 243 36.34 51.04 53.68
C ASP P 243 37.35 50.01 53.14
N LEU P 244 38.64 50.23 53.41
CA LEU P 244 39.70 49.40 52.81
C LEU P 244 39.73 48.00 53.42
N THR P 245 39.54 47.88 54.72
CA THR P 245 39.44 46.53 55.30
C THR P 245 38.39 45.65 54.60
N LEU P 246 37.14 46.14 54.59
CA LEU P 246 36.01 45.46 53.97
C LEU P 246 36.34 45.04 52.55
N ALA P 247 36.91 45.97 51.79
CA ALA P 247 37.20 45.73 50.38
C ALA P 247 38.18 44.59 50.23
N GLN P 248 39.21 44.61 51.06
CA GLN P 248 40.24 43.57 51.00
C GLN P 248 39.69 42.23 51.45
N ALA P 249 39.18 42.18 52.68
CA ALA P 249 38.71 40.88 53.18
C ALA P 249 37.91 40.17 52.07
N VAL P 250 36.98 40.90 51.46
CA VAL P 250 36.13 40.38 50.39
C VAL P 250 36.92 39.92 49.13
N ALA P 251 37.74 40.83 48.62
CA ALA P 251 38.60 40.53 47.48
C ALA P 251 39.44 39.27 47.73
N LYS P 252 39.94 39.12 48.96
CA LYS P 252 40.71 37.94 49.30
C LYS P 252 39.87 36.71 48.94
N ASN P 253 38.63 36.69 49.43
CA ASN P 253 37.82 35.50 49.34
C ASN P 253 37.51 35.16 47.90
N LEU P 254 37.43 36.17 47.04
CA LEU P 254 37.20 35.92 45.62
C LEU P 254 38.51 35.85 44.84
N GLY P 255 39.62 36.12 45.54
CA GLY P 255 40.96 36.20 44.95
C GLY P 255 41.26 37.40 44.01
N ILE P 256 41.62 38.54 44.60
CA ILE P 256 42.21 39.65 43.82
C ILE P 256 43.23 40.49 44.64
#